data_7FAE
#
_entry.id   7FAE
#
_cell.length_a   1.00
_cell.length_b   1.00
_cell.length_c   1.00
_cell.angle_alpha   90.00
_cell.angle_beta   90.00
_cell.angle_gamma   90.00
#
_symmetry.space_group_name_H-M   'P 1'
#
loop_
_entity.id
_entity.type
_entity.pdbx_description
1 polymer 'Spike glycoprotein'
2 polymer 'P36-5D2 heavy chain'
3 polymer 'P36-5D2 light chain'
4 branched 2-acetamido-2-deoxy-beta-D-glucopyranose-(1-4)-2-acetamido-2-deoxy-beta-D-glucopyranose
5 non-polymer 2-acetamido-2-deoxy-beta-D-glucopyranose
#
loop_
_entity_poly.entity_id
_entity_poly.type
_entity_poly.pdbx_seq_one_letter_code
_entity_poly.pdbx_strand_id
1 'polypeptide(L)'
;MFVFLVLLPLVSSQCVNLTTRTQLPPAYTNSFTRGVYYPDKVFRSSVLHSTQDLFLPFFSNVTWFHAIHVSGTNGTKRFD
NPVLPFNDGVYFASTEKSNIIRGWIFGTTLDSKTQSLLIVNNATNVVIKVCEFQFCNDPFLGVYYHKNNKSWMESEFRVY
SSANNCTFEYVSQPFLMDLEGKQGNFKNLREFVFKNIDGYFKIYSKHTPINLVRDLPQGFSALEPLVDLPIGINITRFQT
LLALHRSYLTPGDSSSGWTAGAAAYYVGYLQPRTFLLKYNENGTITDAVDCALDPLSETKCTLKSFTVEKGIYQTSNFRV
QPTESIVRFPNITNLCPFGEVFNATRFASVYAWNRKRISNCVADYSVLYNSASFSTFKCYGVSPTKLNDLCFTNVYADSF
VIRGDEVRQIAPGQTGKIADYNYKLPDDFTGCVIAWNSNNLDSKVGGNYNYLYRLFRKSNLKPFERDISTEIYQAGSTPC
NGVEGFNCYFPLQSYGFQPTNGVGYQPYRVVVLSFELLHAPATVCGPKKSTNLVKNKCVNFNFNGLTGTGVLTESNKKFL
PFQQFGRDIADTTDAVRDPQTLEILDITPCSFGGVSVITPGTNTSNQVAVLYQDVNCTEVPVAIHADQLTPTWRVYSTGS
NVFQTRAGCLIGAEHVNNSYECDIPIGAGICASYQTQTNSPGSASSVASQSIIAYTMSLGAENSVAYSNNSIAIPTNFTI
SVTTEILPVSMTKTSVDCTMYICGDSTECSNLLLQYGSFCTQLNRALTGIAVEQDKNTQEVFAQVKQIYKTPPIKDFGGF
NFSQILPDPSKPSKRSPIEDLLFNKVTLADAGFIKQYGDCLGDIAARDLICAQKFNGLTVLPPLLTDEMIAQYTSALLAG
TITSGWTFGAGPALQIPFPMQMAYRFNGIGVTQNVLYENQKLIANQFNSAIGKIQDSLSSTPSALGKLQDVVNQNAQALN
TLVKQLSSNFGAISSVLNDILSRLDPPEAEVQIDRLITGRLQSLQTYVTQQLIRAAEIRASANLAATKMSECVLGQSKRV
DFCGKGYHLMSFPQSAPHGVVFLHVTYVPAQEKNFTTAPAICHDGKAHFPREGVFVSNGTHWFVTQRNFYEPQIITTDNT
FVSGNCDVVIGIVNNTVYDPLQPELDSFKEELDKYFKNHTSPDVDLGDISGINASVVNIQKEIDRLNEVAKNLNESLIDL
QELGKYEQGSGYIPEAPRDGQAYVRKDGEWVLLSTFLGRSLEVLFQGPGHHHHHHHHSAWSHPQFEKGGGSGGGGSGGSA
WSHPQFEKGSDYKDDDDK
;
A,B,C
2 'polypeptide(L)'
;MGWSCIILFLVATATGVHSQVQLVQSGAEVKKPGASVKVSCKASGYTFTTYAMHWVRQAPGQRLEWMGWINAGNGNTKYS
QKFQGRVTITRDTSASTAYMELSSLRSEDTAVYYCAGGGGRRLQFDYFDYWGQGTLVTVSSASTKGPSVFPLAPSSKSTS
GGTAALGCLVKDYFPEPVTVSWNSGALTSGVHTFPAVLQSSGLYSLSSVVTVPSSSLGTQTYICNVNHKPSNTKVDKKVE
PKSCDKTHTCPPCPAPELLGGPSVFLFPPKPKDTLMISRTPEVTCVVVDVSHEDPEVKFNWYVDGVEVHNAKTKPREEQY
NSTYRVVSVLTVLHQDWLNGKEYKCKVSNKALPAPIEKTISKAKGQPREPQVYTLPPSRDELTKNQVSLTCLVKGFYPSD
IAVEWESNGQPENNYKTTPPVLDSDGSFFLYSKLTVDKSRWQQGNVFSCSVMHEALHNHYTQKSLSLSPGK
;
H,e,h
3 'polypeptide(L)'
;MGWSCIILFLVATATGVHSDIQMTQSPSTLSASVGDRVTITCRASQSISSWLAWYQQKPGKAPKLLIYDASSLESGVPSR
FSGSGSGTEFTLTISSLQPDDFATYYCQQYNGYPWTFGQGTKVEIKRTVAAPSVFIFPPSDEQLKSGTASVVCLLNNFYP
REAKVQWKVDNALQSGNSQESVTEQDSKDSTYSLSSTLTLSKADYEKHKVYACEVTHQGLSSPVTKSFNRGEC
;
d,g,L
#
loop_
_chem_comp.id
_chem_comp.type
_chem_comp.name
_chem_comp.formula
NAG D-saccharide, beta linking 2-acetamido-2-deoxy-beta-D-glucopyranose 'C8 H15 N O6'
#
# COMPACT_ATOMS: atom_id res chain seq x y z
N ALA A 27 -9.27 -9.40 62.04
CA ALA A 27 -9.90 -9.69 60.75
C ALA A 27 -9.13 -9.05 59.60
N TYR A 28 -8.24 -8.11 59.91
CA TYR A 28 -7.44 -7.47 58.87
C TYR A 28 -6.07 -7.07 59.42
N THR A 29 -5.11 -6.95 58.51
CA THR A 29 -3.80 -6.41 58.81
C THR A 29 -3.32 -5.62 57.60
N ASN A 30 -2.08 -5.15 57.68
CA ASN A 30 -1.47 -4.33 56.65
C ASN A 30 -0.27 -5.07 56.05
N SER A 31 -0.32 -5.31 54.74
CA SER A 31 0.87 -5.78 54.02
C SER A 31 1.75 -4.58 53.72
N PHE A 32 2.90 -4.53 54.37
CA PHE A 32 3.70 -3.32 54.28
C PHE A 32 4.55 -3.30 53.02
N THR A 33 5.52 -4.20 52.92
CA THR A 33 6.28 -4.38 51.70
C THR A 33 6.23 -5.81 51.20
N ARG A 34 5.48 -6.67 51.88
CA ARG A 34 5.46 -8.09 51.59
C ARG A 34 4.95 -8.37 50.19
N GLY A 35 5.46 -9.44 49.60
CA GLY A 35 4.90 -9.97 48.37
C GLY A 35 5.67 -9.71 47.10
N VAL A 36 6.97 -9.55 47.16
CA VAL A 36 7.77 -9.29 45.97
C VAL A 36 8.41 -10.59 45.53
N TYR A 37 8.48 -10.82 44.23
CA TYR A 37 9.10 -12.04 43.72
C TYR A 37 10.03 -11.68 42.56
N TYR A 38 10.93 -12.62 42.24
CA TYR A 38 11.76 -12.50 41.05
C TYR A 38 10.89 -12.79 39.84
N PRO A 39 10.63 -11.82 38.96
CA PRO A 39 9.65 -12.02 37.89
C PRO A 39 10.16 -12.82 36.70
N ASP A 40 11.47 -13.05 36.55
CA ASP A 40 11.96 -13.80 35.41
C ASP A 40 13.33 -14.39 35.74
N LYS A 41 13.85 -15.16 34.79
CA LYS A 41 15.03 -15.99 34.98
C LYS A 41 16.34 -15.33 34.59
N VAL A 42 16.36 -14.01 34.47
CA VAL A 42 17.56 -13.30 34.05
C VAL A 42 18.34 -12.85 35.29
N PHE A 43 19.61 -13.20 35.36
CA PHE A 43 20.47 -12.68 36.40
C PHE A 43 20.78 -11.20 36.12
N ARG A 44 20.86 -10.40 37.18
CA ARG A 44 21.15 -8.98 37.02
C ARG A 44 22.13 -8.50 38.09
N SER A 45 23.19 -7.83 37.63
CA SER A 45 24.32 -7.52 38.50
C SER A 45 23.98 -6.53 39.62
N SER A 46 23.75 -5.27 39.26
CA SER A 46 23.48 -4.23 40.24
C SER A 46 22.49 -3.21 39.69
N VAL A 47 21.76 -3.57 38.64
CA VAL A 47 20.80 -2.69 37.99
C VAL A 47 19.71 -2.29 38.97
N LEU A 48 19.17 -1.09 38.79
CA LEU A 48 17.83 -0.74 39.22
C LEU A 48 16.91 -1.06 38.06
N HIS A 49 16.06 -2.06 38.21
CA HIS A 49 15.30 -2.54 37.07
C HIS A 49 13.82 -2.30 37.30
N SER A 50 13.15 -1.75 36.30
CA SER A 50 11.72 -1.46 36.42
C SER A 50 10.93 -2.49 35.64
N THR A 51 9.81 -2.92 36.21
CA THR A 51 9.02 -3.99 35.59
C THR A 51 7.53 -3.77 35.82
N GLN A 52 6.75 -4.14 34.83
CA GLN A 52 5.30 -4.21 34.93
C GLN A 52 4.89 -5.66 35.13
N ASP A 53 4.25 -5.95 36.26
CA ASP A 53 3.87 -7.32 36.56
C ASP A 53 2.75 -7.30 37.59
N LEU A 54 2.18 -8.48 37.84
CA LEU A 54 1.10 -8.62 38.82
C LEU A 54 1.69 -8.70 40.21
N PHE A 55 1.43 -7.70 41.06
CA PHE A 55 2.03 -7.62 42.37
C PHE A 55 0.97 -7.34 43.41
N LEU A 56 1.39 -7.34 44.67
CA LEU A 56 0.53 -7.02 45.79
C LEU A 56 0.90 -5.65 46.29
N PRO A 57 0.10 -4.61 46.04
CA PRO A 57 0.54 -3.24 46.29
C PRO A 57 0.96 -3.02 47.73
N PHE A 58 1.98 -2.17 47.91
CA PHE A 58 2.48 -1.89 49.24
C PHE A 58 1.37 -1.34 50.12
N PHE A 59 1.49 -1.60 51.42
CA PHE A 59 0.54 -1.12 52.41
C PHE A 59 -0.89 -1.41 51.98
N SER A 60 -1.19 -2.70 51.87
CA SER A 60 -2.52 -3.13 51.49
C SER A 60 -3.25 -3.71 52.69
N ASN A 61 -4.54 -3.93 52.49
CA ASN A 61 -5.46 -4.39 53.52
C ASN A 61 -5.70 -5.88 53.33
N VAL A 62 -5.02 -6.72 54.11
CA VAL A 62 -5.03 -8.16 53.88
C VAL A 62 -5.88 -8.84 54.94
N THR A 63 -6.72 -9.79 54.50
CA THR A 63 -7.63 -10.53 55.37
C THR A 63 -6.86 -11.36 56.38
N TRP A 64 -7.54 -11.79 57.43
CA TRP A 64 -6.88 -12.49 58.52
C TRP A 64 -7.81 -13.60 58.99
N PHE A 65 -7.39 -14.85 58.80
CA PHE A 65 -8.24 -16.00 59.03
C PHE A 65 -7.73 -16.79 60.23
N HIS A 66 -8.60 -17.67 60.74
CA HIS A 66 -8.31 -18.43 61.95
C HIS A 66 -8.88 -19.83 61.80
N ALA A 67 -8.71 -20.64 62.84
CA ALA A 67 -9.20 -22.01 62.87
C ALA A 67 -10.71 -22.10 62.63
N ASN A 81 -12.18 -21.81 57.70
CA ASN A 81 -11.73 -22.25 56.39
C ASN A 81 -12.75 -21.95 55.30
N PRO A 82 -12.95 -20.67 55.02
CA PRO A 82 -13.99 -20.27 54.07
C PRO A 82 -13.63 -20.56 52.63
N VAL A 83 -14.42 -20.05 51.70
CA VAL A 83 -14.10 -20.15 50.29
C VAL A 83 -14.11 -18.75 49.67
N LEU A 84 -13.08 -18.43 48.90
CA LEU A 84 -12.86 -17.11 48.32
C LEU A 84 -12.45 -17.28 46.86
N PRO A 85 -12.46 -16.21 46.07
CA PRO A 85 -12.00 -16.32 44.69
C PRO A 85 -10.49 -16.13 44.57
N PHE A 86 -10.00 -16.43 43.35
CA PHE A 86 -8.60 -16.17 42.99
C PHE A 86 -8.41 -14.73 42.55
N ASN A 87 -9.19 -14.29 41.58
CA ASN A 87 -9.43 -12.92 41.12
C ASN A 87 -8.31 -12.29 40.29
N ASP A 88 -7.06 -12.64 40.54
CA ASP A 88 -5.99 -12.62 39.54
C ASP A 88 -4.94 -13.67 39.86
N GLY A 89 -4.64 -13.79 41.14
CA GLY A 89 -3.52 -14.51 41.72
C GLY A 89 -3.64 -14.21 43.19
N VAL A 90 -2.84 -14.86 44.00
CA VAL A 90 -3.02 -14.76 45.43
C VAL A 90 -1.67 -14.73 46.12
N TYR A 91 -1.52 -13.79 47.03
CA TYR A 91 -0.50 -13.85 48.06
C TYR A 91 -1.09 -14.54 49.29
N PHE A 92 -0.29 -15.42 49.89
CA PHE A 92 -0.81 -16.30 50.93
C PHE A 92 0.33 -16.50 51.95
N ALA A 93 0.17 -15.93 53.13
CA ALA A 93 1.19 -16.13 54.14
C ALA A 93 0.67 -16.99 55.27
N SER A 94 1.51 -17.90 55.74
CA SER A 94 1.12 -18.78 56.82
C SER A 94 2.17 -18.71 57.92
N THR A 95 1.75 -19.08 59.13
CA THR A 95 2.54 -18.91 60.33
C THR A 95 2.33 -20.13 61.23
N GLU A 96 2.61 -20.00 62.53
CA GLU A 96 2.45 -21.10 63.47
C GLU A 96 3.43 -22.23 63.20
N LYS A 97 4.69 -22.02 63.59
CA LYS A 97 5.78 -22.99 63.39
C LYS A 97 5.34 -24.44 63.57
N SER A 98 4.48 -24.73 64.55
CA SER A 98 3.96 -26.08 64.72
C SER A 98 3.02 -26.39 63.57
N ASN A 99 3.36 -27.42 62.79
CA ASN A 99 2.66 -27.74 61.55
C ASN A 99 1.15 -27.86 61.75
N ILE A 100 0.40 -26.97 61.10
CA ILE A 100 -1.05 -27.06 61.05
C ILE A 100 -1.55 -26.93 59.62
N ILE A 101 -0.79 -26.27 58.77
CA ILE A 101 -1.26 -25.85 57.45
C ILE A 101 -0.85 -26.88 56.42
N ARG A 102 -1.82 -27.37 55.63
CA ARG A 102 -1.61 -28.53 54.76
C ARG A 102 -2.28 -28.29 53.41
N GLY A 103 -1.55 -27.67 52.48
CA GLY A 103 -1.97 -27.63 51.10
C GLY A 103 -3.23 -26.81 50.84
N TRP A 104 -3.63 -26.79 49.57
CA TRP A 104 -4.76 -25.99 49.13
C TRP A 104 -5.53 -26.76 48.07
N ILE A 105 -6.68 -26.21 47.68
CA ILE A 105 -7.44 -26.69 46.54
C ILE A 105 -7.94 -25.48 45.77
N PHE A 106 -8.03 -25.60 44.46
CA PHE A 106 -8.47 -24.49 43.61
C PHE A 106 -9.54 -24.99 42.64
N GLY A 107 -10.29 -24.05 42.08
CA GLY A 107 -11.28 -24.37 41.07
C GLY A 107 -12.46 -23.41 41.10
N THR A 108 -13.42 -23.69 40.20
CA THR A 108 -14.59 -22.85 40.05
C THR A 108 -15.78 -23.32 40.90
N THR A 109 -15.93 -24.63 41.10
CA THR A 109 -17.02 -25.13 41.92
C THR A 109 -16.61 -26.14 42.98
N LEU A 110 -15.39 -26.67 42.94
CA LEU A 110 -14.91 -27.65 43.90
C LEU A 110 -15.83 -28.87 43.96
N ASP A 111 -16.35 -29.24 42.78
CA ASP A 111 -17.49 -30.14 42.73
C ASP A 111 -17.20 -31.22 41.69
N SER A 112 -18.23 -32.00 41.38
CA SER A 112 -18.09 -33.13 40.47
C SER A 112 -18.12 -32.68 39.02
N LYS A 113 -17.34 -33.38 38.19
CA LYS A 113 -17.44 -33.38 36.74
C LYS A 113 -16.84 -32.11 36.12
N THR A 114 -16.07 -31.37 36.90
CA THR A 114 -15.29 -30.24 36.42
C THR A 114 -13.91 -30.27 37.06
N GLN A 115 -12.97 -29.57 36.45
CA GLN A 115 -11.58 -29.66 36.87
C GLN A 115 -11.32 -28.85 38.13
N SER A 116 -10.53 -29.45 39.02
CA SER A 116 -10.15 -28.87 40.30
C SER A 116 -8.90 -29.55 40.77
N LEU A 117 -7.93 -28.78 41.25
CA LEU A 117 -6.61 -29.29 41.54
C LEU A 117 -6.30 -29.15 43.02
N LEU A 118 -5.29 -29.89 43.47
CA LEU A 118 -5.03 -30.08 44.89
C LEU A 118 -3.54 -30.29 45.10
N ILE A 119 -2.95 -29.42 45.92
CA ILE A 119 -1.64 -29.62 46.51
C ILE A 119 -1.86 -30.02 47.96
N VAL A 120 -1.10 -30.97 48.45
CA VAL A 120 -1.30 -31.49 49.79
C VAL A 120 0.06 -31.74 50.45
N ASN A 121 0.04 -31.84 51.77
CA ASN A 121 1.15 -32.40 52.52
C ASN A 121 0.62 -33.51 53.41
N ASN A 122 1.51 -34.38 53.86
CA ASN A 122 1.22 -35.51 54.72
C ASN A 122 2.28 -35.55 55.79
N ALA A 123 2.43 -36.72 56.42
CA ALA A 123 3.68 -37.01 57.12
C ALA A 123 4.89 -36.61 56.26
N THR A 124 4.96 -37.12 55.02
CA THR A 124 6.05 -36.74 54.12
C THR A 124 5.57 -36.40 52.71
N ASN A 125 4.43 -36.93 52.29
CA ASN A 125 4.07 -36.89 50.87
C ASN A 125 3.58 -35.53 50.45
N VAL A 126 3.80 -35.21 49.18
CA VAL A 126 3.39 -33.95 48.57
C VAL A 126 2.68 -34.30 47.28
N VAL A 127 1.36 -34.42 47.33
CA VAL A 127 0.56 -34.92 46.23
C VAL A 127 -0.09 -33.73 45.52
N ILE A 128 0.11 -33.66 44.21
CA ILE A 128 -0.51 -32.63 43.40
C ILE A 128 -1.29 -33.30 42.29
N LYS A 129 -2.60 -33.09 42.29
CA LYS A 129 -3.46 -33.84 41.38
C LYS A 129 -4.58 -32.93 40.89
N VAL A 130 -5.06 -33.20 39.67
CA VAL A 130 -6.09 -32.38 39.06
C VAL A 130 -7.22 -33.25 38.53
N CYS A 131 -8.32 -33.35 39.28
CA CYS A 131 -9.38 -34.28 38.92
C CYS A 131 -10.74 -33.58 39.00
N GLU A 132 -11.79 -34.40 38.99
CA GLU A 132 -13.15 -33.95 39.28
C GLU A 132 -13.62 -34.59 40.57
N PHE A 133 -13.59 -33.83 41.67
CA PHE A 133 -13.82 -34.40 42.98
C PHE A 133 -15.27 -34.19 43.39
N GLN A 134 -15.61 -34.54 44.62
CA GLN A 134 -16.88 -34.12 45.21
C GLN A 134 -16.56 -33.73 46.65
N PHE A 135 -16.24 -32.46 46.85
CA PHE A 135 -15.60 -32.00 48.08
C PHE A 135 -16.62 -31.84 49.19
N CYS A 136 -16.14 -32.02 50.42
CA CYS A 136 -16.99 -32.11 51.61
C CYS A 136 -17.68 -30.79 51.93
N ASN A 137 -18.51 -30.80 52.97
CA ASN A 137 -19.00 -29.54 53.54
C ASN A 137 -17.88 -28.81 54.29
N ASP A 138 -17.06 -29.56 55.02
CA ASP A 138 -15.91 -29.01 55.73
C ASP A 138 -14.71 -29.89 55.41
N PRO A 139 -14.21 -29.83 54.17
CA PRO A 139 -13.11 -30.75 53.79
C PRO A 139 -11.78 -30.41 54.45
N PHE A 140 -11.63 -30.84 55.69
CA PHE A 140 -10.41 -30.67 56.46
C PHE A 140 -9.93 -32.02 56.96
N LEU A 141 -8.64 -32.29 56.77
CA LEU A 141 -8.05 -33.59 57.10
C LEU A 141 -8.10 -33.90 58.59
N GLY A 142 -7.37 -33.12 59.38
CA GLY A 142 -7.30 -33.36 60.81
C GLY A 142 -6.37 -34.47 61.21
N VAL A 143 -5.93 -34.47 62.47
CA VAL A 143 -5.13 -35.56 62.99
C VAL A 143 -5.92 -36.27 64.08
N MET A 153 -6.69 -40.66 69.58
CA MET A 153 -7.48 -40.86 68.36
C MET A 153 -6.61 -40.64 67.13
N GLU A 154 -6.41 -39.38 66.77
CA GLU A 154 -5.40 -38.97 65.79
C GLU A 154 -5.55 -39.62 64.42
N SER A 155 -6.65 -39.37 63.71
CA SER A 155 -6.85 -39.92 62.37
C SER A 155 -7.07 -38.81 61.35
N GLU A 156 -7.32 -39.14 60.08
CA GLU A 156 -7.20 -38.09 59.06
C GLU A 156 -8.05 -38.29 57.82
N PHE A 157 -7.84 -37.40 56.83
CA PHE A 157 -8.50 -37.43 55.53
C PHE A 157 -10.01 -37.29 55.56
N ARG A 158 -10.52 -36.11 55.86
CA ARG A 158 -11.87 -35.80 55.41
C ARG A 158 -11.80 -34.71 54.35
N VAL A 159 -11.60 -35.08 53.09
CA VAL A 159 -11.36 -34.11 52.04
C VAL A 159 -12.36 -34.25 50.89
N TYR A 160 -12.31 -35.39 50.19
CA TYR A 160 -13.10 -35.58 48.97
C TYR A 160 -13.60 -37.01 48.88
N SER A 161 -14.53 -37.23 47.94
CA SER A 161 -15.08 -38.57 47.75
C SER A 161 -15.32 -38.91 46.28
N SER A 162 -14.66 -38.22 45.34
CA SER A 162 -14.73 -38.57 43.94
C SER A 162 -13.38 -38.25 43.29
N ALA A 163 -13.01 -39.07 42.31
CA ALA A 163 -11.71 -38.90 41.67
C ALA A 163 -11.79 -39.11 40.15
N ASN A 164 -13.02 -39.18 39.63
CA ASN A 164 -13.24 -39.49 38.22
C ASN A 164 -12.64 -38.42 37.32
N ASN A 165 -12.12 -38.87 36.18
CA ASN A 165 -11.59 -38.01 35.12
C ASN A 165 -10.49 -37.09 35.65
N CYS A 166 -9.41 -37.72 36.08
CA CYS A 166 -8.24 -36.97 36.49
C CYS A 166 -7.30 -36.81 35.30
N THR A 167 -7.05 -35.57 34.90
CA THR A 167 -6.25 -35.26 33.72
C THR A 167 -4.88 -34.70 34.08
N PHE A 168 -4.40 -35.04 35.27
CA PHE A 168 -3.03 -34.74 35.70
C PHE A 168 -2.72 -35.52 36.97
N GLU A 169 -1.46 -35.88 37.16
CA GLU A 169 -1.05 -36.59 38.37
C GLU A 169 0.34 -36.12 38.78
N TYR A 170 0.65 -36.33 40.06
CA TYR A 170 1.99 -36.17 40.60
C TYR A 170 2.00 -36.66 42.04
N VAL A 171 3.12 -37.23 42.48
CA VAL A 171 3.31 -37.63 43.86
C VAL A 171 4.77 -37.38 44.21
N SER A 172 5.00 -36.90 45.44
CA SER A 172 6.34 -36.79 46.01
C SER A 172 7.19 -35.78 45.22
N LYS A 187 7.56 -18.80 65.89
CA LYS A 187 6.83 -19.21 64.71
C LYS A 187 7.73 -19.28 63.49
N ASN A 188 7.20 -19.79 62.38
CA ASN A 188 7.93 -19.89 61.12
C ASN A 188 7.00 -19.47 59.99
N LEU A 189 7.42 -18.44 59.26
CA LEU A 189 6.59 -17.79 58.24
C LEU A 189 6.84 -18.43 56.88
N ARG A 190 5.77 -18.72 56.15
CA ARG A 190 5.86 -19.32 54.83
C ARG A 190 4.97 -18.53 53.88
N GLU A 191 5.60 -17.80 52.97
CA GLU A 191 4.89 -16.98 52.00
C GLU A 191 4.74 -17.74 50.70
N PHE A 192 3.67 -17.44 49.98
CA PHE A 192 3.40 -18.09 48.70
C PHE A 192 2.70 -17.12 47.78
N VAL A 193 3.13 -17.10 46.53
CA VAL A 193 2.39 -16.41 45.47
C VAL A 193 1.94 -17.49 44.51
N PHE A 194 0.65 -17.56 44.25
CA PHE A 194 0.10 -18.46 43.25
C PHE A 194 -0.49 -17.63 42.13
N LYS A 195 -0.11 -17.91 40.90
CA LYS A 195 -0.73 -17.20 39.79
C LYS A 195 -1.02 -18.15 38.64
N ASN A 196 -2.23 -18.04 38.09
CA ASN A 196 -2.69 -18.87 37.00
C ASN A 196 -2.91 -17.99 35.79
N ILE A 197 -1.84 -17.78 35.03
CA ILE A 197 -1.91 -17.10 33.73
C ILE A 197 -1.14 -17.96 32.74
N ASP A 198 -1.10 -17.50 31.49
CA ASP A 198 -0.35 -18.08 30.39
C ASP A 198 -0.37 -19.61 30.35
N GLY A 199 -1.55 -20.21 30.51
CA GLY A 199 -1.67 -21.65 30.44
C GLY A 199 -0.80 -22.41 31.41
N TYR A 200 -0.55 -21.86 32.58
CA TYR A 200 0.23 -22.53 33.62
C TYR A 200 -0.43 -22.29 34.97
N PHE A 201 0.26 -22.76 36.00
CA PHE A 201 -0.04 -22.42 37.37
C PHE A 201 1.30 -22.31 38.08
N LYS A 202 1.76 -21.08 38.31
CA LYS A 202 3.09 -20.82 38.81
C LYS A 202 3.05 -20.57 40.30
N ILE A 203 4.07 -21.05 41.01
CA ILE A 203 4.12 -21.01 42.46
C ILE A 203 5.46 -20.49 42.90
N TYR A 204 5.48 -19.31 43.50
CA TYR A 204 6.67 -18.76 44.12
C TYR A 204 6.49 -18.88 45.63
N SER A 205 7.58 -19.04 46.36
CA SER A 205 7.43 -19.18 47.80
C SER A 205 8.73 -18.79 48.49
N LYS A 206 8.64 -18.66 49.81
CA LYS A 206 9.81 -18.39 50.64
C LYS A 206 9.45 -18.65 52.11
N HIS A 207 10.29 -19.42 52.78
CA HIS A 207 10.02 -19.86 54.16
C HIS A 207 11.07 -19.23 55.08
N THR A 208 10.79 -18.02 55.52
CA THR A 208 11.73 -17.35 56.41
C THR A 208 11.47 -17.78 57.86
N PRO A 209 12.46 -17.64 58.73
CA PRO A 209 12.21 -17.81 60.16
C PRO A 209 11.69 -16.53 60.77
N ILE A 210 10.91 -16.62 61.85
CA ILE A 210 10.45 -15.47 62.59
C ILE A 210 10.51 -15.77 64.08
N ASN A 211 10.36 -14.72 64.88
CA ASN A 211 10.25 -14.83 66.32
C ASN A 211 9.12 -13.95 66.83
N LEU A 212 8.05 -13.85 66.04
CA LEU A 212 6.90 -13.02 66.36
C LEU A 212 5.85 -13.81 67.11
N VAL A 213 4.82 -13.10 67.56
CA VAL A 213 3.83 -13.67 68.45
C VAL A 213 2.58 -14.07 67.69
N ARG A 214 1.85 -13.08 67.15
CA ARG A 214 0.68 -13.35 66.32
C ARG A 214 0.60 -12.33 65.19
N ASP A 215 1.75 -11.84 64.75
CA ASP A 215 1.81 -10.64 63.91
C ASP A 215 2.40 -10.96 62.54
N LEU A 216 1.93 -10.25 61.52
CA LEU A 216 2.54 -10.30 60.20
C LEU A 216 3.80 -9.46 60.22
N PRO A 217 4.99 -10.06 60.10
CA PRO A 217 6.24 -9.30 60.24
C PRO A 217 6.33 -8.17 59.23
N GLN A 218 7.32 -7.31 59.46
CA GLN A 218 7.48 -6.09 58.69
C GLN A 218 8.92 -6.02 58.20
N GLY A 219 9.13 -6.32 56.93
CA GLY A 219 10.47 -6.31 56.37
C GLY A 219 10.38 -6.62 54.89
N PHE A 220 11.55 -6.78 54.28
CA PHE A 220 11.59 -7.09 52.86
C PHE A 220 12.05 -8.52 52.61
N SER A 221 11.44 -9.16 51.62
CA SER A 221 11.74 -10.51 51.21
C SER A 221 11.26 -10.71 49.78
N ALA A 222 12.03 -11.47 49.00
CA ALA A 222 11.66 -11.76 47.62
C ALA A 222 11.45 -13.26 47.46
N LEU A 223 10.51 -13.63 46.60
CA LEU A 223 9.98 -14.99 46.54
C LEU A 223 10.43 -15.66 45.25
N GLU A 224 11.26 -16.65 45.36
CA GLU A 224 11.83 -17.30 44.19
C GLU A 224 10.91 -18.42 43.73
N PRO A 225 10.70 -18.55 42.42
CA PRO A 225 9.74 -19.54 41.93
C PRO A 225 10.17 -20.95 42.31
N LEU A 226 9.21 -21.73 42.80
CA LEU A 226 9.51 -23.12 43.14
C LEU A 226 9.19 -24.05 41.98
N VAL A 227 7.94 -24.05 41.54
CA VAL A 227 7.51 -24.89 40.44
C VAL A 227 6.56 -24.12 39.54
N ASP A 228 6.35 -24.67 38.35
CA ASP A 228 5.31 -24.23 37.45
C ASP A 228 4.63 -25.47 36.93
N LEU A 229 3.30 -25.53 37.09
CA LEU A 229 2.52 -26.72 36.64
C LEU A 229 1.85 -26.38 35.31
N PRO A 230 2.12 -27.13 34.21
CA PRO A 230 1.41 -26.91 32.94
C PRO A 230 -0.02 -27.45 33.06
N ILE A 231 -1.01 -26.58 33.27
CA ILE A 231 -2.39 -27.10 33.51
C ILE A 231 -3.37 -26.68 32.41
N GLY A 232 -3.64 -25.38 32.26
CA GLY A 232 -4.73 -24.97 31.34
C GLY A 232 -6.00 -25.26 32.11
N ILE A 233 -6.41 -24.36 33.01
CA ILE A 233 -7.48 -24.69 33.94
C ILE A 233 -8.56 -23.60 33.98
N ASN A 234 -9.54 -23.78 34.85
CA ASN A 234 -10.54 -22.76 35.17
C ASN A 234 -10.61 -22.53 36.68
N ILE A 235 -9.83 -21.60 37.23
CA ILE A 235 -9.86 -21.28 38.65
C ILE A 235 -10.55 -19.94 38.86
N THR A 236 -11.64 -19.95 39.62
CA THR A 236 -12.25 -18.71 40.08
C THR A 236 -12.51 -18.74 41.58
N ARG A 237 -11.92 -19.68 42.31
CA ARG A 237 -12.12 -19.83 43.74
C ARG A 237 -11.03 -20.75 44.27
N PHE A 238 -10.86 -20.75 45.59
CA PHE A 238 -9.92 -21.68 46.21
C PHE A 238 -10.27 -21.85 47.68
N GLN A 239 -9.73 -22.92 48.27
CA GLN A 239 -9.90 -23.20 49.68
C GLN A 239 -8.57 -23.66 50.26
N THR A 240 -8.43 -23.48 51.57
CA THR A 240 -7.34 -24.02 52.35
C THR A 240 -7.75 -25.35 52.96
N LEU A 241 -6.76 -26.17 53.30
CA LEU A 241 -6.99 -27.44 53.98
C LEU A 241 -6.11 -27.49 55.21
N LEU A 242 -6.74 -27.55 56.38
CA LEU A 242 -6.04 -27.56 57.66
C LEU A 242 -6.11 -28.95 58.27
N ALA A 243 -5.40 -29.11 59.39
CA ALA A 243 -5.43 -30.35 60.16
C ALA A 243 -5.91 -30.00 61.56
N LEU A 244 -7.23 -30.07 61.77
CA LEU A 244 -7.85 -29.71 63.04
C LEU A 244 -8.19 -30.99 63.79
N HIS A 245 -7.73 -31.08 65.05
CA HIS A 245 -7.77 -32.30 65.83
C HIS A 245 -9.12 -33.01 65.79
N ARG A 246 -9.10 -34.33 65.56
CA ARG A 246 -10.29 -35.16 65.73
C ARG A 246 -10.24 -36.00 67.00
N SER A 247 -9.53 -35.55 68.02
CA SER A 247 -9.42 -36.24 69.29
C SER A 247 -10.79 -36.36 69.98
N ALA A 264 -2.51 -18.98 62.06
CA ALA A 264 -3.32 -18.09 61.23
C ALA A 264 -2.74 -17.94 59.83
N TYR A 265 -3.56 -17.53 58.88
CA TYR A 265 -3.10 -17.36 57.52
C TYR A 265 -3.75 -16.13 56.87
N TYR A 266 -2.93 -15.37 56.13
CA TYR A 266 -3.33 -14.09 55.58
C TYR A 266 -3.44 -14.21 54.07
N VAL A 267 -4.48 -13.63 53.51
CA VAL A 267 -4.72 -13.68 52.07
C VAL A 267 -4.65 -12.26 51.52
N GLY A 268 -4.07 -12.13 50.33
CA GLY A 268 -4.00 -10.86 49.64
C GLY A 268 -4.14 -11.08 48.15
N TYR A 269 -4.56 -10.04 47.46
CA TYR A 269 -4.82 -10.15 46.03
C TYR A 269 -3.81 -9.31 45.26
N LEU A 270 -3.62 -9.64 43.99
CA LEU A 270 -2.66 -8.96 43.13
C LEU A 270 -3.37 -8.13 42.09
N GLN A 271 -2.72 -7.04 41.70
CA GLN A 271 -3.14 -6.19 40.61
C GLN A 271 -1.93 -5.91 39.75
N PRO A 272 -2.11 -5.46 38.51
CA PRO A 272 -0.96 -5.07 37.69
C PRO A 272 -0.37 -3.76 38.22
N ARG A 273 0.93 -3.76 38.47
CA ARG A 273 1.62 -2.60 39.00
C ARG A 273 2.92 -2.41 38.25
N THR A 274 3.66 -1.38 38.62
CA THR A 274 5.00 -1.14 38.10
C THR A 274 5.93 -0.95 39.28
N PHE A 275 6.97 -1.77 39.35
CA PHE A 275 7.88 -1.73 40.47
C PHE A 275 9.29 -1.41 39.98
N LEU A 276 10.13 -1.00 40.93
CA LEU A 276 11.52 -0.66 40.69
C LEU A 276 12.37 -1.48 41.65
N LEU A 277 12.91 -2.59 41.15
CA LEU A 277 13.69 -3.49 41.98
C LEU A 277 15.14 -3.03 42.09
N LYS A 278 15.64 -3.04 43.33
CA LYS A 278 17.00 -2.65 43.64
C LYS A 278 17.87 -3.89 43.84
N TYR A 279 18.26 -4.49 42.73
CA TYR A 279 19.14 -5.66 42.77
C TYR A 279 20.45 -5.33 43.49
N ASN A 280 21.13 -6.37 43.92
CA ASN A 280 22.37 -6.22 44.65
C ASN A 280 23.43 -7.10 44.00
N GLU A 281 24.67 -6.97 44.46
CA GLU A 281 25.78 -7.59 43.74
C GLU A 281 25.92 -9.07 44.06
N ASN A 282 24.79 -9.78 44.06
CA ASN A 282 24.79 -11.24 44.05
C ASN A 282 23.66 -11.69 43.16
N GLY A 283 22.96 -10.71 42.56
CA GLY A 283 21.76 -11.00 41.82
C GLY A 283 20.53 -11.21 42.67
N THR A 284 20.44 -10.53 43.82
CA THR A 284 19.33 -10.73 44.75
C THR A 284 18.63 -9.41 45.01
N ILE A 285 17.29 -9.44 45.01
CA ILE A 285 16.45 -8.28 45.22
C ILE A 285 16.42 -7.92 46.70
N THR A 286 16.79 -6.69 47.03
CA THR A 286 16.87 -6.31 48.44
C THR A 286 15.96 -5.12 48.76
N ASP A 287 15.46 -4.44 47.75
CA ASP A 287 14.52 -3.36 47.96
C ASP A 287 13.69 -3.14 46.72
N ALA A 288 12.58 -2.44 46.89
CA ALA A 288 11.67 -2.18 45.77
C ALA A 288 10.88 -0.92 46.06
N VAL A 289 10.42 -0.29 44.99
CA VAL A 289 9.58 0.90 45.07
C VAL A 289 8.28 0.60 44.34
N ASP A 290 7.17 0.81 45.02
CA ASP A 290 5.85 0.70 44.41
C ASP A 290 5.42 2.09 44.03
N CYS A 291 5.85 2.57 42.88
CA CYS A 291 5.31 3.81 42.38
C CYS A 291 3.90 3.56 41.88
N ALA A 292 3.07 4.61 41.96
CA ALA A 292 1.61 4.58 42.00
C ALA A 292 1.12 4.36 43.43
N LEU A 293 2.00 4.45 44.41
CA LEU A 293 1.60 4.54 45.81
C LEU A 293 1.36 5.99 46.23
N ASP A 294 2.37 6.83 46.09
CA ASP A 294 2.29 8.22 46.49
C ASP A 294 3.17 9.03 45.54
N PRO A 295 3.11 10.37 45.61
CA PRO A 295 3.89 11.17 44.64
C PRO A 295 5.40 10.98 44.72
N LEU A 296 5.94 10.80 45.92
CA LEU A 296 7.37 10.59 46.06
C LEU A 296 7.82 9.32 45.34
N SER A 297 6.98 8.29 45.35
CA SER A 297 7.29 7.06 44.66
C SER A 297 7.29 7.28 43.15
N GLU A 298 6.38 8.10 42.64
CA GLU A 298 6.40 8.44 41.23
C GLU A 298 7.69 9.16 40.86
N THR A 299 8.13 10.08 41.73
CA THR A 299 9.42 10.72 41.49
C THR A 299 10.53 9.69 41.40
N LYS A 300 10.57 8.75 42.34
CA LYS A 300 11.63 7.75 42.34
C LYS A 300 11.57 6.88 41.09
N CYS A 301 10.36 6.62 40.58
CA CYS A 301 10.24 5.85 39.34
C CYS A 301 10.75 6.65 38.14
N THR A 302 10.35 7.91 38.02
CA THR A 302 10.69 8.65 36.81
C THR A 302 12.14 9.10 36.83
N LEU A 303 12.74 9.18 38.02
CA LEU A 303 14.14 9.53 38.14
C LEU A 303 15.06 8.34 38.16
N LYS A 304 14.51 7.13 38.26
CA LYS A 304 15.24 5.87 38.35
C LYS A 304 16.32 5.96 39.44
N SER A 305 15.86 6.18 40.67
CA SER A 305 16.76 6.29 41.80
C SER A 305 16.00 6.32 43.11
N PHE A 306 16.60 5.73 44.13
CA PHE A 306 16.01 5.66 45.46
C PHE A 306 16.27 6.92 46.26
N THR A 307 17.19 7.76 45.81
CA THR A 307 17.45 9.07 46.38
C THR A 307 17.02 10.13 45.39
N VAL A 308 16.39 11.19 45.89
CA VAL A 308 16.11 12.36 45.06
C VAL A 308 16.61 13.58 45.82
N GLU A 309 17.02 14.58 45.06
CA GLU A 309 17.52 15.84 45.60
C GLU A 309 16.46 16.91 45.47
N LYS A 310 16.61 17.98 46.25
CA LYS A 310 15.56 19.00 46.28
C LYS A 310 15.39 19.61 44.91
N GLY A 311 14.16 19.97 44.61
CA GLY A 311 13.85 20.50 43.30
C GLY A 311 12.37 20.34 43.02
N ILE A 312 12.02 20.61 41.77
CA ILE A 312 10.67 20.39 41.28
C ILE A 312 10.79 19.50 40.05
N TYR A 313 9.95 18.48 39.97
CA TYR A 313 10.13 17.43 38.97
C TYR A 313 8.80 17.13 38.30
N GLN A 314 8.78 17.22 36.98
CA GLN A 314 7.62 16.80 36.20
C GLN A 314 7.55 15.28 36.20
N THR A 315 6.46 14.74 36.68
CA THR A 315 6.36 13.31 36.86
C THR A 315 5.32 12.66 35.97
N SER A 316 4.18 13.31 35.75
CA SER A 316 3.14 12.72 34.92
C SER A 316 2.28 13.84 34.35
N ASN A 317 1.33 13.47 33.52
CA ASN A 317 0.32 14.38 33.04
C ASN A 317 -1.00 14.06 33.72
N PHE A 318 -1.98 14.90 33.48
CA PHE A 318 -3.28 14.77 34.08
C PHE A 318 -4.31 15.29 33.10
N ARG A 319 -5.48 14.68 33.10
CA ARG A 319 -6.54 15.12 32.22
C ARG A 319 -7.88 14.62 32.73
N VAL A 320 -8.92 15.43 32.49
CA VAL A 320 -10.27 15.05 32.87
C VAL A 320 -10.86 14.14 31.81
N GLN A 321 -11.61 13.13 32.25
CA GLN A 321 -12.22 12.10 31.41
C GLN A 321 -13.66 12.43 31.10
N PRO A 322 -14.13 12.06 29.91
CA PRO A 322 -15.53 12.34 29.53
C PRO A 322 -16.52 11.60 30.42
N THR A 323 -17.47 12.34 30.96
CA THR A 323 -18.46 11.74 31.84
C THR A 323 -19.37 10.78 31.09
N GLU A 324 -19.90 11.21 29.95
CA GLU A 324 -20.88 10.42 29.21
C GLU A 324 -20.71 10.69 27.73
N SER A 325 -21.72 10.32 26.94
CA SER A 325 -21.73 10.55 25.51
C SER A 325 -23.09 11.12 25.14
N ILE A 326 -23.12 12.01 24.15
CA ILE A 326 -24.37 12.57 23.64
C ILE A 326 -24.35 12.52 22.13
N VAL A 327 -25.54 12.57 21.54
CA VAL A 327 -25.72 12.50 20.10
C VAL A 327 -26.83 13.47 19.73
N ARG A 328 -26.60 14.25 18.66
CA ARG A 328 -27.62 15.15 18.17
C ARG A 328 -27.83 14.90 16.68
N PHE A 329 -29.05 15.13 16.23
CA PHE A 329 -29.46 14.82 14.87
C PHE A 329 -30.72 15.61 14.58
N PRO A 330 -31.04 15.76 13.29
CA PRO A 330 -32.23 16.50 12.88
C PRO A 330 -33.52 15.73 13.19
N ASN A 331 -34.64 16.44 13.33
CA ASN A 331 -35.95 15.75 13.52
C ASN A 331 -36.23 14.84 12.31
N ILE A 332 -36.88 13.69 12.53
CA ILE A 332 -37.19 12.72 11.42
C ILE A 332 -37.84 13.44 10.25
N THR A 333 -37.46 13.10 9.01
CA THR A 333 -37.99 13.84 7.83
C THR A 333 -38.95 12.97 7.00
N ASN A 334 -38.51 12.43 5.85
CA ASN A 334 -39.43 11.69 4.94
C ASN A 334 -39.32 10.18 5.12
N LEU A 335 -40.23 9.56 5.87
CA LEU A 335 -40.26 8.12 6.05
C LEU A 335 -40.55 7.45 4.72
N CYS A 336 -39.86 6.35 4.47
CA CYS A 336 -40.11 5.61 3.24
C CYS A 336 -41.53 5.04 3.26
N PRO A 337 -42.25 5.15 2.16
CA PRO A 337 -43.65 4.72 2.11
C PRO A 337 -43.78 3.20 2.18
N PHE A 338 -43.11 2.60 3.16
CA PHE A 338 -43.23 1.17 3.36
C PHE A 338 -44.62 0.81 3.85
N GLY A 339 -45.22 1.70 4.64
CA GLY A 339 -46.46 1.36 5.31
C GLY A 339 -47.60 1.04 4.36
N GLU A 340 -47.66 1.73 3.23
CA GLU A 340 -48.80 1.55 2.34
C GLU A 340 -48.64 0.33 1.45
N VAL A 341 -47.43 0.06 0.96
CA VAL A 341 -47.25 -1.14 0.15
C VAL A 341 -47.60 -2.38 0.94
N PHE A 342 -47.16 -2.44 2.18
CA PHE A 342 -47.49 -3.59 3.01
C PHE A 342 -48.97 -3.62 3.36
N ASN A 343 -49.65 -2.49 3.22
CA ASN A 343 -51.07 -2.43 3.49
C ASN A 343 -51.90 -2.02 2.28
N ALA A 344 -51.36 -2.11 1.08
CA ALA A 344 -52.18 -1.93 -0.10
C ALA A 344 -53.27 -2.97 -0.11
N THR A 345 -54.46 -2.59 -0.60
CA THR A 345 -55.61 -3.47 -0.45
C THR A 345 -55.65 -4.52 -1.54
N ARG A 346 -55.16 -4.21 -2.74
CA ARG A 346 -55.17 -5.15 -3.85
C ARG A 346 -53.76 -5.36 -4.38
N PHE A 347 -53.23 -6.57 -4.20
CA PHE A 347 -51.96 -7.00 -4.74
C PHE A 347 -52.14 -7.66 -6.10
N ALA A 348 -51.17 -7.46 -6.96
CA ALA A 348 -51.21 -8.04 -8.30
C ALA A 348 -50.79 -9.50 -8.26
N SER A 349 -51.11 -10.22 -9.33
CA SER A 349 -50.74 -11.61 -9.46
C SER A 349 -49.30 -11.72 -9.93
N VAL A 350 -48.75 -12.93 -9.81
CA VAL A 350 -47.30 -13.09 -9.96
C VAL A 350 -46.85 -12.54 -11.29
N TYR A 351 -47.52 -12.93 -12.37
CA TYR A 351 -47.01 -12.58 -13.69
C TYR A 351 -47.02 -11.08 -13.89
N ALA A 352 -48.02 -10.39 -13.35
CA ALA A 352 -48.03 -8.93 -13.41
C ALA A 352 -47.52 -8.33 -12.11
N TRP A 353 -46.34 -8.72 -11.64
CA TRP A 353 -45.79 -8.06 -10.46
C TRP A 353 -45.35 -6.65 -10.79
N ASN A 354 -45.47 -5.74 -9.83
CA ASN A 354 -45.20 -4.33 -10.05
C ASN A 354 -44.07 -3.85 -9.16
N ARG A 355 -43.44 -2.75 -9.56
CA ARG A 355 -42.30 -2.19 -8.87
C ARG A 355 -42.64 -0.84 -8.28
N LYS A 356 -41.70 -0.29 -7.51
CA LYS A 356 -41.75 1.10 -7.05
C LYS A 356 -40.33 1.64 -6.97
N ARG A 357 -40.00 2.60 -7.83
CA ARG A 357 -38.69 3.22 -7.84
C ARG A 357 -38.61 4.08 -6.59
N ILE A 358 -38.54 3.41 -5.44
CA ILE A 358 -38.59 4.06 -4.14
C ILE A 358 -37.19 4.55 -3.77
N SER A 359 -37.09 5.82 -3.43
CA SER A 359 -35.79 6.42 -3.16
C SER A 359 -35.99 7.73 -2.41
N ASN A 360 -34.90 8.24 -1.85
CA ASN A 360 -34.86 9.54 -1.18
C ASN A 360 -35.87 9.57 -0.02
N CYS A 361 -35.62 8.72 0.96
CA CYS A 361 -36.55 8.57 2.06
C CYS A 361 -35.79 8.03 3.27
N VAL A 362 -36.52 7.67 4.32
CA VAL A 362 -35.95 7.27 5.60
C VAL A 362 -36.62 5.96 6.01
N ALA A 363 -35.98 4.84 5.72
CA ALA A 363 -36.53 3.55 6.10
C ALA A 363 -36.45 3.36 7.60
N ASP A 364 -37.21 2.40 8.10
CA ASP A 364 -37.13 2.04 9.52
C ASP A 364 -37.63 0.61 9.66
N TYR A 365 -36.71 -0.33 9.80
CA TYR A 365 -37.07 -1.73 9.72
C TYR A 365 -37.46 -2.33 11.06
N SER A 366 -37.52 -1.53 12.11
CA SER A 366 -37.81 -2.07 13.43
C SER A 366 -39.15 -2.81 13.43
N VAL A 367 -40.23 -2.06 13.25
CA VAL A 367 -41.56 -2.67 13.29
C VAL A 367 -41.71 -3.69 12.19
N LEU A 368 -41.20 -3.37 10.99
CA LEU A 368 -41.21 -4.32 9.89
C LEU A 368 -40.54 -5.61 10.27
N TYR A 369 -39.56 -5.57 11.15
CA TYR A 369 -38.89 -6.79 11.58
C TYR A 369 -39.72 -7.51 12.63
N ASN A 370 -40.25 -6.75 13.60
CA ASN A 370 -40.93 -7.35 14.73
C ASN A 370 -42.41 -7.01 14.76
N SER A 371 -43.06 -7.01 13.59
CA SER A 371 -44.50 -6.85 13.56
C SER A 371 -45.23 -8.08 14.08
N ALA A 372 -44.51 -9.18 14.32
CA ALA A 372 -45.07 -10.38 14.95
C ALA A 372 -46.21 -10.99 14.15
N SER A 373 -46.19 -10.78 12.84
CA SER A 373 -47.26 -11.29 11.99
C SER A 373 -46.76 -11.95 10.72
N PHE A 374 -45.49 -11.84 10.39
CA PHE A 374 -44.98 -12.25 9.09
C PHE A 374 -44.54 -13.70 9.18
N SER A 375 -45.26 -14.58 8.50
CA SER A 375 -44.97 -15.99 8.59
C SER A 375 -43.62 -16.35 7.96
N THR A 376 -43.04 -15.49 7.15
CA THR A 376 -41.80 -15.83 6.47
C THR A 376 -41.01 -14.57 6.20
N PHE A 377 -40.05 -14.27 7.07
CA PHE A 377 -39.09 -13.20 6.84
C PHE A 377 -37.73 -13.87 6.75
N LYS A 378 -37.00 -13.55 5.70
CA LYS A 378 -35.71 -14.15 5.42
C LYS A 378 -35.04 -13.35 4.33
N CYS A 379 -33.73 -13.30 4.35
CA CYS A 379 -33.04 -12.73 3.21
C CYS A 379 -31.57 -13.06 3.23
N TYR A 380 -30.87 -12.48 2.27
CA TYR A 380 -29.56 -12.91 1.82
C TYR A 380 -28.66 -11.70 1.74
N GLY A 381 -27.37 -11.93 1.51
CA GLY A 381 -26.51 -10.83 1.14
C GLY A 381 -26.28 -9.87 2.28
N VAL A 382 -27.35 -9.51 2.98
CA VAL A 382 -27.33 -8.58 4.09
C VAL A 382 -27.94 -9.26 5.29
N SER A 383 -27.29 -9.11 6.44
CA SER A 383 -27.80 -9.70 7.66
C SER A 383 -29.12 -9.04 8.07
N PRO A 384 -30.00 -9.77 8.74
CA PRO A 384 -31.30 -9.20 9.09
C PRO A 384 -31.23 -8.03 10.06
N THR A 385 -30.12 -7.87 10.78
CA THR A 385 -30.05 -6.85 11.82
C THR A 385 -29.21 -5.65 11.42
N LYS A 386 -28.09 -5.87 10.74
CA LYS A 386 -27.28 -4.73 10.30
C LYS A 386 -28.13 -3.75 9.52
N LEU A 387 -29.09 -4.27 8.77
CA LEU A 387 -29.79 -3.52 7.73
C LEU A 387 -30.51 -2.30 8.28
N ASN A 388 -30.44 -2.10 9.59
CA ASN A 388 -31.04 -0.91 10.17
C ASN A 388 -30.37 0.37 9.68
N ASP A 389 -29.10 0.31 9.28
CA ASP A 389 -28.35 1.53 9.01
C ASP A 389 -27.54 1.57 7.73
N LEU A 390 -27.25 0.43 7.10
CA LEU A 390 -26.39 0.43 5.92
C LEU A 390 -27.08 1.24 4.84
N CYS A 391 -26.58 2.44 4.58
CA CYS A 391 -27.26 3.31 3.64
C CYS A 391 -27.15 2.76 2.23
N PHE A 392 -28.26 2.88 1.49
CA PHE A 392 -28.42 2.19 0.21
C PHE A 392 -28.47 3.19 -0.93
N THR A 393 -27.97 2.78 -2.09
CA THR A 393 -28.02 3.63 -3.27
C THR A 393 -29.45 3.78 -3.77
N ASN A 394 -30.04 2.69 -4.25
CA ASN A 394 -31.41 2.68 -4.70
C ASN A 394 -32.03 1.34 -4.38
N VAL A 395 -33.30 1.36 -4.02
CA VAL A 395 -34.01 0.19 -3.52
C VAL A 395 -35.29 0.03 -4.31
N TYR A 396 -35.61 -1.22 -4.66
CA TYR A 396 -36.80 -1.54 -5.43
C TYR A 396 -37.67 -2.51 -4.64
N ALA A 397 -38.97 -2.28 -4.67
CA ALA A 397 -39.93 -3.11 -3.97
C ALA A 397 -40.89 -3.73 -4.97
N ASP A 398 -41.08 -5.03 -4.86
CA ASP A 398 -41.98 -5.77 -5.74
C ASP A 398 -42.99 -6.51 -4.89
N SER A 399 -44.11 -6.89 -5.49
CA SER A 399 -45.13 -7.60 -4.74
C SER A 399 -45.99 -8.41 -5.68
N PHE A 400 -46.58 -9.46 -5.14
CA PHE A 400 -47.49 -10.31 -5.89
C PHE A 400 -48.22 -11.22 -4.91
N VAL A 401 -48.92 -12.22 -5.43
CA VAL A 401 -49.59 -13.22 -4.62
C VAL A 401 -49.35 -14.59 -5.21
N ILE A 402 -48.94 -15.54 -4.39
CA ILE A 402 -48.55 -16.86 -4.84
C ILE A 402 -49.34 -17.90 -4.05
N ARG A 403 -49.26 -19.14 -4.51
CA ARG A 403 -49.81 -20.23 -3.74
C ARG A 403 -48.98 -20.42 -2.47
N GLY A 404 -49.58 -21.04 -1.48
CA GLY A 404 -48.98 -21.16 -0.17
C GLY A 404 -47.66 -21.91 -0.13
N ASP A 405 -47.74 -23.21 -0.42
CA ASP A 405 -46.54 -24.05 -0.37
C ASP A 405 -45.45 -23.55 -1.29
N GLU A 406 -45.83 -22.94 -2.40
CA GLU A 406 -44.88 -22.50 -3.41
C GLU A 406 -43.94 -21.40 -2.92
N VAL A 407 -44.09 -20.95 -1.68
CA VAL A 407 -43.39 -19.75 -1.24
C VAL A 407 -41.89 -19.95 -1.35
N ARG A 408 -41.41 -21.15 -1.05
CA ARG A 408 -39.98 -21.39 -1.04
C ARG A 408 -39.37 -21.08 -2.41
N GLN A 409 -40.14 -21.27 -3.47
CA GLN A 409 -39.56 -21.10 -4.78
C GLN A 409 -39.18 -19.66 -5.07
N ILE A 410 -39.60 -18.71 -4.24
CA ILE A 410 -39.10 -17.33 -4.36
C ILE A 410 -37.83 -17.29 -3.53
N ALA A 411 -36.74 -17.75 -4.14
CA ALA A 411 -35.40 -17.71 -3.57
C ALA A 411 -34.43 -18.12 -4.65
N PRO A 412 -33.19 -17.66 -4.59
CA PRO A 412 -32.25 -17.95 -5.68
C PRO A 412 -31.90 -19.42 -5.70
N GLY A 413 -31.89 -20.01 -6.90
CA GLY A 413 -31.27 -21.30 -7.07
C GLY A 413 -32.17 -22.50 -6.85
N GLN A 414 -33.41 -22.43 -7.28
CA GLN A 414 -34.28 -23.60 -7.30
C GLN A 414 -35.34 -23.41 -8.36
N THR A 415 -36.21 -24.40 -8.48
CA THR A 415 -37.20 -24.41 -9.54
C THR A 415 -38.58 -24.69 -8.96
N GLY A 416 -39.57 -24.52 -9.80
CA GLY A 416 -40.96 -24.61 -9.42
C GLY A 416 -41.76 -23.79 -10.41
N LYS A 417 -42.88 -24.36 -10.85
CA LYS A 417 -43.64 -23.85 -11.99
C LYS A 417 -43.82 -22.34 -11.92
N ILE A 418 -43.87 -21.80 -10.71
CA ILE A 418 -44.07 -20.39 -10.48
C ILE A 418 -42.75 -19.62 -10.54
N ALA A 419 -41.69 -20.18 -9.99
CA ALA A 419 -40.39 -19.56 -10.12
C ALA A 419 -39.76 -19.83 -11.46
N ASP A 420 -40.37 -20.70 -12.26
CA ASP A 420 -39.81 -21.05 -13.56
C ASP A 420 -40.21 -20.06 -14.65
N TYR A 421 -41.45 -19.60 -14.63
CA TYR A 421 -42.00 -18.84 -15.73
C TYR A 421 -42.44 -17.44 -15.36
N ASN A 422 -42.54 -17.11 -14.08
CA ASN A 422 -43.20 -15.88 -13.66
C ASN A 422 -42.24 -14.92 -12.97
N TYR A 423 -41.31 -15.42 -12.16
CA TYR A 423 -40.47 -14.59 -11.34
C TYR A 423 -39.28 -15.42 -10.88
N LYS A 424 -38.06 -15.02 -11.24
CA LYS A 424 -36.92 -15.59 -10.54
C LYS A 424 -35.87 -14.52 -10.29
N LEU A 425 -35.04 -14.79 -9.29
CA LEU A 425 -34.18 -13.81 -8.67
C LEU A 425 -32.75 -14.07 -9.09
N PRO A 426 -31.99 -13.05 -9.52
CA PRO A 426 -30.60 -13.29 -9.90
C PRO A 426 -29.81 -13.84 -8.73
N ASP A 427 -28.88 -14.75 -9.02
CA ASP A 427 -28.15 -15.46 -7.97
C ASP A 427 -27.23 -14.54 -7.17
N ASP A 428 -27.01 -13.31 -7.63
CA ASP A 428 -26.28 -12.30 -6.87
C ASP A 428 -27.22 -11.36 -6.14
N PHE A 429 -28.33 -11.89 -5.64
CA PHE A 429 -29.38 -11.06 -5.06
C PHE A 429 -28.96 -10.49 -3.72
N THR A 430 -29.27 -9.22 -3.50
CA THR A 430 -28.85 -8.48 -2.32
C THR A 430 -30.00 -7.69 -1.73
N GLY A 431 -31.13 -8.36 -1.52
CA GLY A 431 -32.28 -7.70 -0.92
C GLY A 431 -32.92 -8.54 0.16
N CYS A 432 -34.24 -8.43 0.34
CA CYS A 432 -34.90 -9.26 1.32
C CYS A 432 -36.29 -9.66 0.84
N VAL A 433 -36.76 -10.79 1.35
CA VAL A 433 -38.00 -11.42 0.90
C VAL A 433 -38.92 -11.61 2.09
N ILE A 434 -40.16 -11.15 1.95
CA ILE A 434 -41.13 -11.18 3.02
C ILE A 434 -42.38 -11.90 2.53
N ALA A 435 -42.94 -12.74 3.38
CA ALA A 435 -44.16 -13.43 3.02
C ALA A 435 -44.98 -13.68 4.27
N TRP A 436 -46.29 -13.50 4.18
CA TRP A 436 -47.15 -13.78 5.29
C TRP A 436 -48.49 -14.29 4.80
N ASN A 437 -49.06 -15.21 5.56
CA ASN A 437 -50.34 -15.80 5.18
C ASN A 437 -51.43 -14.75 5.19
N SER A 438 -52.30 -14.82 4.19
CA SER A 438 -53.44 -13.92 4.14
C SER A 438 -54.49 -14.55 3.25
N ASN A 439 -55.47 -15.21 3.85
CA ASN A 439 -56.72 -15.52 3.18
C ASN A 439 -57.87 -14.72 3.74
N ASN A 440 -57.74 -14.21 4.95
CA ASN A 440 -58.78 -13.40 5.54
C ASN A 440 -59.05 -12.15 4.73
N LEU A 441 -58.13 -11.76 3.85
CA LEU A 441 -58.35 -10.65 2.94
C LEU A 441 -58.51 -11.07 1.49
N ASP A 442 -57.95 -12.20 1.09
CA ASP A 442 -57.82 -12.49 -0.34
C ASP A 442 -58.70 -13.61 -0.84
N SER A 443 -59.19 -14.51 0.01
CA SER A 443 -59.93 -15.68 -0.43
C SER A 443 -61.41 -15.38 -0.31
N LYS A 444 -61.97 -14.79 -1.35
CA LYS A 444 -63.41 -14.61 -1.40
C LYS A 444 -64.07 -15.98 -1.35
N VAL A 445 -65.04 -16.12 -0.44
CA VAL A 445 -65.57 -17.45 -0.13
C VAL A 445 -66.32 -18.01 -1.33
N GLY A 446 -66.12 -19.30 -1.58
CA GLY A 446 -66.57 -19.93 -2.79
C GLY A 446 -65.54 -19.92 -3.89
N GLY A 447 -64.57 -19.01 -3.85
CA GLY A 447 -63.49 -19.01 -4.80
C GLY A 447 -63.12 -17.65 -5.35
N ASN A 448 -61.85 -17.28 -5.21
CA ASN A 448 -61.34 -16.06 -5.82
C ASN A 448 -60.77 -16.40 -7.18
N TYR A 449 -60.97 -15.50 -8.15
CA TYR A 449 -60.49 -15.71 -9.51
C TYR A 449 -59.77 -14.48 -10.06
N ASN A 450 -59.33 -13.59 -9.19
CA ASN A 450 -58.58 -12.43 -9.67
C ASN A 450 -57.11 -12.73 -9.85
N TYR A 451 -56.64 -13.92 -9.51
CA TYR A 451 -55.22 -14.22 -9.44
C TYR A 451 -54.85 -15.30 -10.44
N LEU A 452 -54.01 -14.97 -11.40
CA LEU A 452 -53.66 -15.87 -12.48
C LEU A 452 -52.14 -15.90 -12.64
N TYR A 453 -51.64 -17.04 -13.11
CA TYR A 453 -50.20 -17.23 -13.28
C TYR A 453 -49.94 -18.10 -14.50
N ARG A 454 -48.83 -17.82 -15.19
CA ARG A 454 -48.50 -18.58 -16.38
C ARG A 454 -48.16 -20.01 -16.04
N LEU A 455 -48.43 -20.90 -16.96
CA LEU A 455 -48.07 -22.30 -16.81
C LEU A 455 -47.16 -22.80 -17.91
N PHE A 456 -47.39 -22.38 -19.15
CA PHE A 456 -46.61 -22.84 -20.28
C PHE A 456 -45.94 -21.66 -20.96
N ARG A 457 -44.62 -21.72 -21.07
CA ARG A 457 -43.91 -20.78 -21.92
C ARG A 457 -42.74 -21.49 -22.57
N LYS A 458 -42.35 -20.98 -23.74
CA LYS A 458 -41.32 -21.63 -24.53
C LYS A 458 -39.97 -21.60 -23.81
N SER A 459 -39.64 -20.47 -23.19
CA SER A 459 -38.32 -20.25 -22.62
C SER A 459 -38.41 -20.09 -21.11
N ASN A 460 -37.38 -20.56 -20.42
CA ASN A 460 -37.23 -20.18 -19.03
C ASN A 460 -36.96 -18.68 -18.95
N LEU A 461 -37.30 -18.10 -17.82
CA LEU A 461 -37.53 -16.67 -17.75
C LEU A 461 -36.27 -15.97 -17.25
N LYS A 462 -35.67 -15.13 -18.09
CA LYS A 462 -34.50 -14.38 -17.68
C LYS A 462 -34.85 -13.55 -16.44
N PRO A 463 -33.94 -13.46 -15.47
CA PRO A 463 -34.28 -12.82 -14.20
C PRO A 463 -34.74 -11.38 -14.40
N PHE A 464 -35.75 -10.99 -13.63
CA PHE A 464 -36.26 -9.63 -13.59
C PHE A 464 -36.81 -9.18 -14.95
N GLU A 465 -37.85 -9.88 -15.42
CA GLU A 465 -38.61 -9.36 -16.54
C GLU A 465 -40.09 -9.69 -16.35
N ARG A 466 -40.94 -8.78 -16.77
CA ARG A 466 -42.38 -8.98 -16.79
C ARG A 466 -42.77 -9.39 -18.21
N ASP A 467 -43.48 -10.51 -18.34
CA ASP A 467 -43.94 -10.97 -19.65
C ASP A 467 -45.46 -11.08 -19.58
N ILE A 468 -46.14 -9.96 -19.79
CA ILE A 468 -47.58 -9.88 -19.61
C ILE A 468 -48.33 -10.61 -20.71
N SER A 469 -47.94 -10.37 -21.97
CA SER A 469 -48.69 -10.92 -23.15
C SER A 469 -48.87 -12.43 -23.09
N THR A 470 -50.08 -12.90 -22.77
CA THR A 470 -50.37 -14.35 -22.73
C THR A 470 -50.18 -14.93 -24.13
N GLU A 471 -49.48 -16.06 -24.25
CA GLU A 471 -49.29 -16.72 -25.56
C GLU A 471 -49.78 -18.18 -25.47
N ILE A 472 -50.61 -18.61 -26.42
CA ILE A 472 -51.06 -20.03 -26.43
C ILE A 472 -49.84 -20.91 -26.67
N TYR A 473 -49.69 -21.98 -25.89
CA TYR A 473 -48.48 -22.85 -26.00
C TYR A 473 -48.53 -23.64 -27.31
N GLN A 474 -47.36 -23.84 -27.93
CA GLN A 474 -47.28 -24.66 -29.16
C GLN A 474 -46.51 -25.94 -28.83
N ALA A 475 -47.12 -27.11 -29.04
CA ALA A 475 -46.45 -28.40 -28.69
C ALA A 475 -46.45 -29.34 -29.90
N GLY A 476 -45.25 -29.77 -30.33
CA GLY A 476 -45.16 -30.76 -31.42
C GLY A 476 -45.88 -30.34 -32.69
N SER A 477 -46.70 -31.22 -33.25
CA SER A 477 -47.46 -30.93 -34.50
C SER A 477 -48.62 -29.98 -34.19
N THR A 478 -49.18 -29.34 -35.23
CA THR A 478 -50.31 -28.38 -35.05
C THR A 478 -49.96 -27.31 -34.00
N PRO A 479 -48.85 -26.54 -34.14
CA PRO A 479 -48.54 -25.47 -33.19
C PRO A 479 -49.68 -24.44 -33.21
N CYS A 480 -50.11 -23.95 -32.04
CA CYS A 480 -51.27 -23.04 -31.99
C CYS A 480 -50.90 -21.67 -31.43
N ASN A 481 -51.27 -20.59 -32.14
CA ASN A 481 -51.03 -19.23 -31.60
C ASN A 481 -52.38 -18.48 -31.54
N GLY A 482 -52.75 -17.97 -30.38
CA GLY A 482 -54.01 -17.21 -30.22
C GLY A 482 -55.23 -18.02 -30.64
N VAL A 483 -55.23 -19.33 -30.37
CA VAL A 483 -56.40 -20.20 -30.71
C VAL A 483 -56.50 -21.33 -29.67
N GLU A 484 -57.70 -21.90 -29.50
CA GLU A 484 -57.90 -22.99 -28.50
C GLU A 484 -58.30 -24.28 -29.24
N GLY A 485 -57.65 -25.40 -28.92
CA GLY A 485 -57.94 -26.68 -29.60
C GLY A 485 -56.94 -27.74 -29.18
N PHE A 486 -56.92 -28.89 -29.88
CA PHE A 486 -55.91 -29.93 -29.57
C PHE A 486 -54.51 -29.38 -29.87
N ASN A 487 -53.54 -29.62 -28.99
CA ASN A 487 -52.13 -29.16 -29.17
C ASN A 487 -52.03 -27.65 -28.90
N CYS A 488 -53.12 -27.03 -28.41
CA CYS A 488 -53.09 -25.60 -28.04
C CYS A 488 -53.47 -25.46 -26.57
N TYR A 489 -52.64 -24.78 -25.77
CA TYR A 489 -52.92 -24.70 -24.31
C TYR A 489 -52.95 -23.23 -23.86
N PHE A 490 -54.01 -22.83 -23.17
CA PHE A 490 -54.07 -21.44 -22.61
C PHE A 490 -53.05 -21.33 -21.49
N PRO A 491 -52.24 -20.25 -21.43
CA PRO A 491 -51.19 -20.13 -20.42
C PRO A 491 -51.66 -19.65 -19.04
N LEU A 492 -52.65 -18.75 -18.97
CA LEU A 492 -53.01 -18.21 -17.67
C LEU A 492 -53.99 -19.16 -16.99
N GLN A 493 -53.52 -19.94 -16.04
CA GLN A 493 -54.42 -20.71 -15.19
C GLN A 493 -54.99 -19.79 -14.12
N SER A 494 -55.60 -20.36 -13.09
CA SER A 494 -56.23 -19.55 -12.06
C SER A 494 -56.04 -20.21 -10.70
N TYR A 495 -55.99 -19.39 -9.67
CA TYR A 495 -56.07 -19.87 -8.31
C TYR A 495 -57.52 -19.88 -7.87
N GLY A 496 -57.96 -20.98 -7.29
CA GLY A 496 -59.28 -21.02 -6.69
C GLY A 496 -59.22 -20.76 -5.19
N PHE A 497 -58.85 -19.55 -4.78
CA PHE A 497 -58.53 -19.33 -3.38
C PHE A 497 -59.81 -19.38 -2.55
N GLN A 498 -60.13 -20.56 -2.03
CA GLN A 498 -61.31 -20.74 -1.20
C GLN A 498 -60.89 -20.94 0.23
N PRO A 499 -61.56 -20.30 1.20
CA PRO A 499 -61.13 -20.45 2.59
C PRO A 499 -61.21 -21.86 3.09
N THR A 500 -62.04 -22.70 2.47
CA THR A 500 -62.14 -24.09 2.89
C THR A 500 -60.88 -24.88 2.58
N ASN A 501 -59.97 -24.31 1.79
CA ASN A 501 -58.73 -25.00 1.48
C ASN A 501 -57.91 -25.20 2.74
N GLY A 502 -56.88 -26.03 2.61
CA GLY A 502 -55.93 -26.25 3.68
C GLY A 502 -54.83 -25.20 3.69
N VAL A 503 -53.97 -25.30 4.70
CA VAL A 503 -52.87 -24.36 4.84
C VAL A 503 -51.98 -24.40 3.61
N GLY A 504 -51.78 -25.59 3.05
CA GLY A 504 -50.87 -25.72 1.93
C GLY A 504 -51.31 -24.97 0.69
N TYR A 505 -52.59 -24.63 0.58
CA TYR A 505 -53.11 -23.96 -0.60
C TYR A 505 -53.68 -22.59 -0.30
N GLN A 506 -53.43 -22.05 0.88
CA GLN A 506 -53.89 -20.70 1.20
C GLN A 506 -53.16 -19.73 0.27
N PRO A 507 -53.65 -18.52 0.11
CA PRO A 507 -52.90 -17.52 -0.65
C PRO A 507 -51.94 -16.75 0.25
N TYR A 508 -50.84 -16.28 -0.30
CA TYR A 508 -49.82 -15.55 0.44
C TYR A 508 -49.48 -14.27 -0.29
N ARG A 509 -49.51 -13.16 0.41
CA ARG A 509 -49.06 -11.90 -0.16
C ARG A 509 -47.58 -11.79 0.09
N VAL A 510 -46.81 -11.70 -0.96
CA VAL A 510 -45.36 -11.67 -0.86
C VAL A 510 -44.86 -10.32 -1.35
N VAL A 511 -43.87 -9.79 -0.65
CA VAL A 511 -43.20 -8.57 -1.07
C VAL A 511 -41.70 -8.78 -0.95
N VAL A 512 -40.95 -8.28 -1.92
CA VAL A 512 -39.52 -8.54 -1.99
C VAL A 512 -38.79 -7.24 -2.25
N LEU A 513 -37.66 -7.06 -1.57
CA LEU A 513 -36.88 -5.84 -1.62
C LEU A 513 -35.55 -6.11 -2.31
N SER A 514 -34.83 -5.04 -2.61
CA SER A 514 -33.55 -5.15 -3.31
C SER A 514 -32.65 -3.99 -2.93
N PHE A 515 -31.39 -4.28 -2.67
CA PHE A 515 -30.43 -3.27 -2.28
C PHE A 515 -29.12 -3.48 -3.04
N GLU A 516 -28.41 -2.40 -3.30
CA GLU A 516 -27.18 -2.48 -4.08
C GLU A 516 -26.27 -1.32 -3.74
N LEU A 517 -24.97 -1.51 -4.02
CA LEU A 517 -23.92 -0.54 -3.68
C LEU A 517 -23.30 -0.03 -4.97
N LEU A 518 -23.29 1.29 -5.16
CA LEU A 518 -22.90 1.89 -6.43
C LEU A 518 -22.02 3.11 -6.17
N HIS A 519 -21.68 3.84 -7.25
CA HIS A 519 -20.76 4.97 -7.20
C HIS A 519 -21.37 6.20 -6.54
N ALA A 520 -22.41 6.76 -7.16
CA ALA A 520 -22.93 8.03 -6.73
C ALA A 520 -23.40 7.93 -5.28
N PRO A 521 -23.30 9.02 -4.51
CA PRO A 521 -23.64 8.94 -3.09
C PRO A 521 -25.06 8.46 -2.88
N ALA A 522 -25.24 7.64 -1.85
CA ALA A 522 -26.51 6.96 -1.58
C ALA A 522 -27.60 7.97 -1.24
N THR A 523 -28.84 7.47 -1.15
CA THR A 523 -29.95 8.39 -0.90
C THR A 523 -30.96 7.83 0.10
N VAL A 524 -30.78 6.62 0.62
CA VAL A 524 -31.71 6.06 1.59
C VAL A 524 -30.95 5.44 2.75
N CYS A 525 -30.84 6.18 3.85
CA CYS A 525 -30.01 5.68 4.98
C CYS A 525 -30.92 5.23 6.13
N GLY A 526 -30.33 4.56 7.13
CA GLY A 526 -31.10 4.10 8.29
C GLY A 526 -31.47 5.23 9.24
N PRO A 527 -32.46 5.04 10.13
CA PRO A 527 -32.83 6.06 11.11
C PRO A 527 -31.67 6.32 12.08
N LYS A 528 -31.50 7.58 12.48
CA LYS A 528 -30.28 7.98 13.25
C LYS A 528 -30.67 8.17 14.72
N LYS A 529 -29.99 7.46 15.63
CA LYS A 529 -30.30 7.55 17.08
C LYS A 529 -29.92 8.95 17.57
N SER A 530 -30.70 9.53 18.49
CA SER A 530 -30.46 10.88 18.97
C SER A 530 -30.66 10.92 20.49
N THR A 531 -30.20 11.98 21.13
CA THR A 531 -30.34 12.11 22.58
C THR A 531 -30.26 13.55 23.06
N ASN A 532 -30.52 13.75 24.36
CA ASN A 532 -30.49 15.08 24.96
C ASN A 532 -29.08 15.65 24.98
N LEU A 533 -28.94 16.92 25.38
CA LEU A 533 -27.62 17.54 25.40
C LEU A 533 -27.32 18.15 26.77
N VAL A 534 -26.22 17.73 27.37
CA VAL A 534 -25.81 18.24 28.68
C VAL A 534 -24.69 19.24 28.47
N LYS A 535 -24.61 20.23 29.34
CA LYS A 535 -23.66 21.32 29.20
C LYS A 535 -22.81 21.41 30.45
N ASN A 536 -21.58 21.91 30.28
CA ASN A 536 -20.63 22.14 31.36
C ASN A 536 -20.05 20.84 31.94
N LYS A 537 -19.89 19.82 31.11
CA LYS A 537 -19.20 18.60 31.51
C LYS A 537 -18.40 18.08 30.33
N CYS A 538 -17.24 17.48 30.62
CA CYS A 538 -16.48 16.83 29.56
C CYS A 538 -17.28 15.62 29.09
N VAL A 539 -17.67 15.65 27.82
CA VAL A 539 -18.50 14.62 27.22
C VAL A 539 -17.83 14.20 25.91
N ASN A 540 -18.36 13.13 25.33
CA ASN A 540 -18.06 12.75 23.95
C ASN A 540 -19.26 13.18 23.13
N PHE A 541 -19.11 14.23 22.34
CA PHE A 541 -20.26 14.68 21.58
C PHE A 541 -20.21 14.12 20.17
N ASN A 542 -21.35 14.24 19.49
CA ASN A 542 -21.44 13.90 18.07
C ASN A 542 -22.64 14.68 17.52
N PHE A 543 -22.34 15.64 16.66
CA PHE A 543 -23.36 16.43 15.98
C PHE A 543 -23.24 16.12 14.50
N ASN A 544 -24.13 15.27 14.00
CA ASN A 544 -24.34 14.97 12.59
C ASN A 544 -23.16 14.23 11.97
N GLY A 545 -22.06 14.05 12.68
CA GLY A 545 -20.87 13.49 12.09
C GLY A 545 -19.64 14.21 12.57
N LEU A 546 -19.84 15.46 13.01
CA LEU A 546 -18.84 16.17 13.80
C LEU A 546 -18.63 15.41 15.10
N THR A 547 -17.46 14.82 15.25
CA THR A 547 -17.14 13.96 16.39
C THR A 547 -15.97 14.54 17.17
N GLY A 548 -16.15 14.70 18.47
CA GLY A 548 -15.07 15.12 19.32
C GLY A 548 -15.44 14.95 20.77
N THR A 549 -14.60 15.52 21.64
CA THR A 549 -14.84 15.43 23.07
C THR A 549 -14.45 16.75 23.71
N GLY A 550 -15.18 17.13 24.76
CA GLY A 550 -14.93 18.39 25.41
C GLY A 550 -16.14 18.83 26.19
N VAL A 551 -16.13 20.10 26.61
CA VAL A 551 -17.23 20.65 27.38
C VAL A 551 -17.92 21.74 26.56
N LEU A 552 -19.25 21.67 26.54
CA LEU A 552 -20.09 22.51 25.70
C LEU A 552 -20.76 23.56 26.57
N THR A 553 -20.63 24.81 26.18
CA THR A 553 -21.31 25.90 26.86
C THR A 553 -22.13 26.68 25.85
N GLU A 554 -22.98 27.58 26.34
CA GLU A 554 -23.72 28.46 25.45
C GLU A 554 -22.91 29.71 25.14
N SER A 555 -23.15 30.28 23.96
CA SER A 555 -22.22 31.22 23.37
C SER A 555 -22.83 32.58 23.05
N ASN A 556 -22.03 33.48 22.48
CA ASN A 556 -22.50 34.79 22.02
C ASN A 556 -22.11 35.00 20.56
N LYS A 557 -22.04 33.91 19.81
CA LYS A 557 -21.79 34.03 18.39
C LYS A 557 -23.11 34.08 17.65
N LYS A 558 -23.03 34.45 16.37
CA LYS A 558 -24.19 34.45 15.49
C LYS A 558 -23.76 33.94 14.13
N PHE A 559 -24.14 32.70 13.82
CA PHE A 559 -23.77 32.12 12.54
C PHE A 559 -24.57 32.77 11.43
N LEU A 560 -24.46 32.24 10.23
CA LEU A 560 -25.38 32.57 9.16
C LEU A 560 -26.29 31.39 8.95
N PRO A 561 -27.56 31.64 8.65
CA PRO A 561 -28.56 30.56 8.66
C PRO A 561 -28.12 29.27 8.01
N PHE A 562 -27.25 29.31 7.03
CA PHE A 562 -26.79 28.10 6.37
C PHE A 562 -25.53 27.52 7.01
N GLN A 563 -24.91 28.23 7.96
CA GLN A 563 -23.66 27.77 8.56
C GLN A 563 -23.94 26.83 9.73
N GLN A 564 -23.20 25.72 9.76
CA GLN A 564 -23.52 24.63 10.67
C GLN A 564 -22.51 24.45 11.80
N PHE A 565 -21.30 24.95 11.65
CA PHE A 565 -20.33 24.93 12.74
C PHE A 565 -19.21 25.90 12.43
N GLY A 566 -18.52 26.34 13.48
CA GLY A 566 -17.44 27.29 13.36
C GLY A 566 -16.10 26.67 13.68
N ARG A 567 -15.06 27.29 13.13
CA ARG A 567 -13.71 26.89 13.46
C ARG A 567 -12.83 28.13 13.40
N ASP A 568 -11.72 28.07 14.14
CA ASP A 568 -10.83 29.20 14.34
C ASP A 568 -9.58 29.05 13.48
N ILE A 569 -8.63 29.96 13.72
CA ILE A 569 -7.31 29.84 13.12
C ILE A 569 -6.71 28.52 13.60
N ALA A 570 -5.84 27.92 12.79
CA ALA A 570 -5.31 26.57 13.01
C ALA A 570 -6.36 25.52 12.72
N ASP A 571 -7.57 25.95 12.35
CA ASP A 571 -8.65 25.07 11.92
C ASP A 571 -8.95 23.98 12.95
N THR A 572 -9.35 24.40 14.15
CA THR A 572 -9.95 23.51 15.12
C THR A 572 -11.39 23.94 15.32
N THR A 573 -12.27 22.99 15.55
CA THR A 573 -13.68 23.32 15.76
C THR A 573 -13.86 23.90 17.15
N ASP A 574 -14.42 25.11 17.21
CA ASP A 574 -14.58 25.77 18.50
C ASP A 574 -16.02 26.20 18.73
N ALA A 575 -16.91 25.89 17.81
CA ALA A 575 -18.33 26.10 17.99
C ALA A 575 -19.10 25.07 17.17
N VAL A 576 -20.40 24.99 17.41
CA VAL A 576 -21.23 24.06 16.66
C VAL A 576 -22.66 24.56 16.76
N ARG A 577 -23.50 24.09 15.84
CA ARG A 577 -24.94 24.33 15.89
C ARG A 577 -25.64 22.99 16.13
N ASP A 578 -26.56 22.97 17.07
CA ASP A 578 -27.14 21.65 17.18
C ASP A 578 -28.42 21.56 16.37
N PRO A 579 -28.64 20.44 15.72
CA PRO A 579 -29.64 20.38 14.64
C PRO A 579 -31.09 20.31 15.07
N GLN A 580 -31.40 20.56 16.33
CA GLN A 580 -32.79 20.56 16.79
C GLN A 580 -33.21 21.82 17.50
N THR A 581 -32.36 22.42 18.31
CA THR A 581 -32.70 23.69 18.94
C THR A 581 -32.43 24.89 18.05
N LEU A 582 -31.48 24.74 17.13
CA LEU A 582 -30.95 25.83 16.30
C LEU A 582 -30.26 26.85 17.18
N GLU A 583 -29.46 26.35 18.11
CA GLU A 583 -28.65 27.19 19.00
C GLU A 583 -27.20 26.82 18.81
N ILE A 584 -26.32 27.80 18.87
CA ILE A 584 -24.89 27.56 18.69
C ILE A 584 -24.23 27.47 20.06
N LEU A 585 -23.28 26.55 20.17
CA LEU A 585 -22.64 26.19 21.42
C LEU A 585 -21.13 26.28 21.26
N ASP A 586 -20.48 26.86 22.27
CA ASP A 586 -19.04 26.89 22.35
C ASP A 586 -18.51 25.54 22.79
N ILE A 587 -17.36 25.17 22.24
CA ILE A 587 -16.67 23.93 22.57
C ILE A 587 -15.35 24.30 23.20
N THR A 588 -15.06 23.73 24.37
CA THR A 588 -13.81 23.99 25.07
C THR A 588 -13.15 22.67 25.45
N PRO A 589 -11.82 22.53 25.10
CA PRO A 589 -11.23 21.23 25.48
C PRO A 589 -11.33 20.99 26.98
N CYS A 590 -11.44 19.72 27.36
CA CYS A 590 -11.53 19.32 28.76
C CYS A 590 -10.17 19.40 29.46
N SER A 591 -10.08 20.28 30.45
CA SER A 591 -8.85 20.48 31.23
C SER A 591 -7.82 19.36 31.24
N PHE A 592 -6.56 19.75 31.12
CA PHE A 592 -5.43 18.83 31.14
C PHE A 592 -4.22 19.62 31.60
N GLY A 593 -3.11 18.95 31.87
CA GLY A 593 -1.94 19.66 32.33
C GLY A 593 -0.89 18.69 32.77
N GLY A 594 0.19 19.25 33.33
CA GLY A 594 1.25 18.46 33.91
C GLY A 594 1.15 18.45 35.42
N VAL A 595 1.87 17.52 36.02
CA VAL A 595 1.92 17.38 37.46
C VAL A 595 3.37 17.42 37.87
N SER A 596 3.72 18.33 38.77
CA SER A 596 5.08 18.40 39.29
C SER A 596 5.06 18.18 40.79
N VAL A 597 6.07 17.52 41.30
CA VAL A 597 6.17 17.33 42.74
C VAL A 597 7.36 18.13 43.25
N ILE A 598 7.13 18.85 44.34
CA ILE A 598 8.11 19.69 45.00
C ILE A 598 8.62 18.91 46.19
N THR A 599 9.91 18.60 46.19
CA THR A 599 10.57 17.80 47.19
C THR A 599 11.62 18.63 47.91
N PRO A 600 11.64 18.62 49.24
CA PRO A 600 12.71 19.31 49.95
C PRO A 600 13.99 18.51 50.01
N GLY A 601 14.08 17.46 49.19
CA GLY A 601 15.20 16.55 49.23
C GLY A 601 14.88 15.35 50.08
N THR A 602 15.05 14.14 49.54
CA THR A 602 14.73 12.94 50.30
C THR A 602 15.67 12.72 51.46
N ASN A 603 16.84 13.35 51.44
CA ASN A 603 17.82 13.31 52.51
C ASN A 603 17.48 14.25 53.65
N THR A 604 16.31 14.88 53.60
CA THR A 604 15.90 15.84 54.61
C THR A 604 14.52 15.50 55.14
N SER A 605 13.69 14.92 54.28
CA SER A 605 12.31 14.64 54.64
C SER A 605 11.71 13.69 53.62
N ASN A 606 10.45 13.33 53.84
CA ASN A 606 9.66 12.57 52.88
C ASN A 606 8.41 13.33 52.47
N GLN A 607 8.22 14.54 52.98
CA GLN A 607 7.10 15.38 52.60
C GLN A 607 7.26 15.89 51.17
N VAL A 608 6.13 16.08 50.50
CA VAL A 608 6.13 16.62 49.14
C VAL A 608 4.94 17.55 49.00
N ALA A 609 5.02 18.46 48.04
CA ALA A 609 3.88 19.22 47.58
C ALA A 609 3.67 18.93 46.10
N VAL A 610 2.47 19.22 45.60
CA VAL A 610 2.15 18.90 44.21
C VAL A 610 1.56 20.11 43.53
N LEU A 611 2.04 20.40 42.33
CA LEU A 611 1.52 21.46 41.49
C LEU A 611 0.84 20.84 40.28
N TYR A 612 -0.39 21.27 40.04
CA TYR A 612 -1.17 20.91 38.86
C TYR A 612 -1.13 22.12 37.95
N GLN A 613 -0.43 22.00 36.83
CA GLN A 613 -0.06 23.18 36.06
C GLN A 613 -1.23 23.74 35.28
N ASP A 614 -1.42 25.05 35.39
CA ASP A 614 -2.51 25.83 34.80
C ASP A 614 -3.85 25.12 34.87
N VAL A 615 -4.19 24.65 36.06
CA VAL A 615 -5.50 24.06 36.33
C VAL A 615 -6.12 24.81 37.50
N ASN A 616 -7.39 25.14 37.36
CA ASN A 616 -8.12 25.70 38.48
C ASN A 616 -8.26 24.67 39.58
N CYS A 617 -8.30 25.14 40.82
CA CYS A 617 -8.23 24.23 41.96
C CYS A 617 -9.47 23.38 42.12
N THR A 618 -10.61 23.80 41.56
CA THR A 618 -11.85 23.04 41.74
C THR A 618 -11.80 21.68 41.06
N GLU A 619 -11.01 21.53 40.01
CA GLU A 619 -11.06 20.33 39.17
C GLU A 619 -10.07 19.26 39.58
N VAL A 620 -9.59 19.29 40.82
CA VAL A 620 -8.72 18.23 41.29
C VAL A 620 -9.34 17.57 42.50
N ASN A 641 -3.21 24.70 52.89
CA ASN A 641 -3.62 23.48 52.24
C ASN A 641 -3.59 23.60 50.72
N VAL A 642 -4.63 24.23 50.16
CA VAL A 642 -4.84 24.31 48.72
C VAL A 642 -4.72 25.78 48.34
N PHE A 643 -3.85 26.09 47.37
CA PHE A 643 -3.49 27.47 47.10
C PHE A 643 -3.42 27.68 45.59
N GLN A 644 -4.01 28.76 45.11
CA GLN A 644 -4.08 29.01 43.68
C GLN A 644 -3.03 30.04 43.29
N THR A 645 -2.07 29.61 42.47
CA THR A 645 -1.08 30.49 41.90
C THR A 645 -1.47 30.80 40.46
N ARG A 646 -0.61 31.51 39.76
CA ARG A 646 -0.75 31.71 38.33
C ARG A 646 -0.06 30.59 37.55
N ALA A 647 0.79 29.81 38.20
CA ALA A 647 1.40 28.62 37.62
C ALA A 647 0.50 27.40 37.69
N GLY A 648 -0.61 27.47 38.40
CA GLY A 648 -1.48 26.33 38.60
C GLY A 648 -1.99 26.20 40.01
N CYS A 649 -2.49 25.03 40.38
CA CYS A 649 -3.04 24.79 41.71
C CYS A 649 -2.03 24.00 42.50
N LEU A 650 -1.76 24.45 43.73
CA LEU A 650 -0.67 23.89 44.53
C LEU A 650 -1.27 23.30 45.80
N ILE A 651 -1.00 22.03 46.06
CA ILE A 651 -1.57 21.28 47.17
C ILE A 651 -0.44 20.75 48.06
N GLY A 652 -0.57 20.97 49.36
CA GLY A 652 0.39 20.49 50.31
C GLY A 652 1.43 21.47 50.78
N ALA A 653 1.23 22.77 50.55
CA ALA A 653 2.16 23.81 50.94
C ALA A 653 1.36 24.96 51.52
N GLU A 654 1.87 25.53 52.61
CA GLU A 654 1.24 26.65 53.28
C GLU A 654 1.71 27.95 52.68
N HIS A 655 0.80 28.89 52.51
CA HIS A 655 1.14 30.20 51.95
C HIS A 655 1.42 31.17 53.08
N VAL A 656 2.70 31.42 53.35
CA VAL A 656 3.15 32.41 54.32
C VAL A 656 3.13 33.80 53.69
N ASN A 657 3.35 34.82 54.52
CA ASN A 657 3.30 36.21 54.08
C ASN A 657 4.66 36.88 53.99
N ASN A 658 5.72 36.24 54.45
CA ASN A 658 7.04 36.85 54.38
C ASN A 658 7.71 36.48 53.06
N SER A 659 8.76 37.23 52.73
CA SER A 659 9.46 37.04 51.47
C SER A 659 10.90 36.66 51.74
N TYR A 660 11.30 35.51 51.27
CA TYR A 660 12.68 35.08 51.35
C TYR A 660 13.31 35.07 49.97
N GLU A 661 14.59 34.75 49.93
CA GLU A 661 15.24 34.44 48.66
C GLU A 661 14.59 33.20 48.06
N CYS A 662 14.66 33.08 46.74
CA CYS A 662 14.01 31.95 46.10
C CYS A 662 14.80 30.67 46.38
N ASP A 663 14.07 29.59 46.69
CA ASP A 663 14.70 28.30 47.00
C ASP A 663 14.36 27.27 45.94
N ILE A 664 13.09 26.97 45.72
CA ILE A 664 12.64 26.14 44.60
C ILE A 664 11.67 26.99 43.78
N PRO A 665 11.95 27.25 42.51
CA PRO A 665 11.06 28.10 41.73
C PRO A 665 9.78 27.40 41.35
N ILE A 666 8.66 27.98 41.75
CA ILE A 666 7.35 27.54 41.32
C ILE A 666 6.94 28.23 40.03
N GLY A 667 7.06 29.54 39.99
CA GLY A 667 6.79 30.28 38.78
C GLY A 667 5.95 31.49 39.07
N ALA A 668 5.89 32.41 38.11
CA ALA A 668 5.12 33.64 38.18
C ALA A 668 5.36 34.40 39.50
N GLY A 669 6.56 34.29 40.05
CA GLY A 669 6.93 35.02 41.23
C GLY A 669 6.87 34.26 42.51
N ILE A 670 6.45 33.00 42.49
CA ILE A 670 6.27 32.20 43.70
C ILE A 670 7.37 31.17 43.77
N CYS A 671 7.87 30.93 44.98
CA CYS A 671 8.88 29.93 45.31
C CYS A 671 8.42 29.15 46.53
N ALA A 672 9.05 28.01 46.78
CA ALA A 672 8.73 27.16 47.91
C ALA A 672 9.98 26.78 48.68
N SER A 673 9.80 26.40 49.96
CA SER A 673 10.93 26.02 50.79
C SER A 673 10.51 25.22 52.03
N TYR A 674 11.44 24.42 52.55
CA TYR A 674 11.20 23.61 53.72
C TYR A 674 11.65 24.37 54.97
N GLN A 675 10.69 24.94 55.70
CA GLN A 675 11.00 25.71 56.89
C GLN A 675 10.68 24.96 58.18
N THR A 676 10.35 25.70 59.23
CA THR A 676 10.01 25.12 60.52
C THR A 676 8.81 25.82 61.15
N GLN A 690 10.08 21.20 58.70
CA GLN A 690 8.96 21.07 59.62
C GLN A 690 7.65 21.25 58.87
N SER A 691 7.74 21.88 57.69
CA SER A 691 6.61 22.00 56.78
C SER A 691 7.10 22.59 55.46
N ILE A 692 6.24 22.64 54.45
CA ILE A 692 6.57 23.19 53.14
C ILE A 692 5.76 24.46 52.93
N ILE A 693 6.44 25.57 52.68
CA ILE A 693 5.80 26.87 52.59
C ILE A 693 6.04 27.46 51.20
N ALA A 694 5.11 28.31 50.79
CA ALA A 694 5.13 28.95 49.49
C ALA A 694 4.96 30.45 49.65
N TYR A 695 5.80 31.23 48.97
CA TYR A 695 5.88 32.67 49.21
C TYR A 695 6.29 33.38 47.93
N THR A 696 6.00 34.68 47.90
CA THR A 696 6.57 35.56 46.88
C THR A 696 8.03 35.83 47.20
N MET A 697 8.89 35.67 46.19
CA MET A 697 10.31 35.86 46.40
C MET A 697 10.62 37.32 46.69
N SER A 698 11.74 37.56 47.36
CA SER A 698 12.23 38.90 47.58
C SER A 698 13.42 39.16 46.68
N LEU A 699 13.51 40.39 46.18
CA LEU A 699 14.61 40.76 45.32
C LEU A 699 15.86 41.14 46.10
N GLY A 700 15.69 41.66 47.29
CA GLY A 700 16.82 42.04 48.13
C GLY A 700 16.37 43.04 49.16
N ALA A 701 17.31 43.42 50.00
CA ALA A 701 17.02 44.39 51.05
C ALA A 701 17.02 45.80 50.48
N GLU A 702 16.17 46.64 51.03
CA GLU A 702 16.04 47.99 50.51
C GLU A 702 17.10 48.91 51.08
N ASN A 703 17.36 50.01 50.38
CA ASN A 703 18.49 50.86 50.65
C ASN A 703 18.25 52.23 50.04
N SER A 704 18.16 53.25 50.86
CA SER A 704 18.19 54.62 50.40
C SER A 704 19.60 55.15 50.60
N VAL A 705 20.12 55.80 49.58
CA VAL A 705 21.45 56.38 49.63
C VAL A 705 21.29 57.83 50.06
N ALA A 706 22.14 58.27 50.98
CA ALA A 706 22.03 59.61 51.56
C ALA A 706 22.52 60.65 50.56
N TYR A 707 21.82 60.75 49.44
CA TYR A 707 22.21 61.69 48.41
C TYR A 707 21.85 63.12 48.82
N SER A 708 22.80 64.02 48.67
CA SER A 708 22.56 65.45 48.64
C SER A 708 23.59 66.08 47.70
N ASN A 709 23.48 67.38 47.51
CA ASN A 709 24.32 68.03 46.52
C ASN A 709 25.63 68.58 47.06
N ASN A 710 25.99 68.31 48.30
CA ASN A 710 27.34 68.62 48.73
C ASN A 710 27.88 67.57 49.70
N SER A 711 27.43 66.33 49.59
CA SER A 711 27.88 65.26 50.45
C SER A 711 28.61 64.21 49.64
N ILE A 712 29.67 63.65 50.22
CA ILE A 712 30.44 62.62 49.56
C ILE A 712 30.89 61.58 50.58
N ALA A 713 30.96 60.33 50.15
CA ALA A 713 31.41 59.23 50.99
C ALA A 713 32.73 58.71 50.46
N ILE A 714 33.75 58.65 51.32
CA ILE A 714 35.09 58.26 50.92
C ILE A 714 35.59 57.13 51.82
N PRO A 715 36.10 56.04 51.26
CA PRO A 715 36.49 54.91 52.09
C PRO A 715 37.83 55.11 52.78
N THR A 716 37.92 54.55 53.97
CA THR A 716 39.11 54.71 54.80
C THR A 716 39.91 53.41 54.94
N ASN A 717 39.46 52.31 54.35
CA ASN A 717 40.13 51.05 54.47
C ASN A 717 39.81 50.23 53.23
N PHE A 718 40.32 49.01 53.15
CA PHE A 718 40.03 48.15 52.02
C PHE A 718 40.12 46.71 52.47
N THR A 719 39.59 45.83 51.64
CA THR A 719 39.81 44.40 51.77
C THR A 719 40.37 43.85 50.47
N ILE A 720 41.18 42.81 50.59
CA ILE A 720 41.61 41.99 49.46
C ILE A 720 40.65 40.81 49.35
N SER A 721 40.05 40.65 48.19
CA SER A 721 39.11 39.57 47.94
C SER A 721 39.66 38.60 46.90
N VAL A 722 39.43 37.32 47.10
CA VAL A 722 39.76 36.29 46.13
C VAL A 722 38.52 35.45 45.86
N THR A 723 38.12 35.35 44.60
CA THR A 723 36.96 34.55 44.25
C THR A 723 37.28 33.65 43.07
N THR A 724 36.49 32.59 42.91
CA THR A 724 36.72 31.61 41.86
C THR A 724 35.73 31.74 40.73
N GLU A 725 36.13 31.26 39.57
CA GLU A 725 35.29 31.22 38.39
C GLU A 725 35.61 29.97 37.60
N ILE A 726 34.61 29.19 37.23
CA ILE A 726 34.80 27.86 36.66
C ILE A 726 34.24 27.83 35.25
N LEU A 727 35.00 27.26 34.32
CA LEU A 727 34.58 27.25 32.92
C LEU A 727 34.88 25.93 32.23
N PRO A 728 33.90 25.33 31.57
CA PRO A 728 34.16 24.13 30.76
C PRO A 728 34.89 24.45 29.47
N VAL A 729 35.94 23.68 29.21
CA VAL A 729 36.76 23.87 28.04
C VAL A 729 36.53 22.79 26.99
N SER A 730 36.17 21.58 27.38
CA SER A 730 36.32 20.42 26.52
C SER A 730 35.23 19.43 26.88
N MET A 731 34.98 18.49 25.97
CA MET A 731 34.12 17.37 26.34
C MET A 731 34.70 16.06 25.83
N THR A 732 34.02 14.96 26.10
CA THR A 732 34.54 13.63 25.78
C THR A 732 34.46 13.36 24.28
N LYS A 733 35.56 12.89 23.72
CA LYS A 733 35.62 12.54 22.31
C LYS A 733 35.11 11.11 22.13
N THR A 734 34.02 10.97 21.40
CA THR A 734 33.42 9.67 21.17
C THR A 734 33.24 9.46 19.69
N SER A 735 33.36 8.22 19.27
CA SER A 735 33.03 7.85 17.90
C SER A 735 32.08 6.67 17.93
N VAL A 736 31.24 6.58 16.90
CA VAL A 736 30.37 5.44 16.70
C VAL A 736 30.59 4.96 15.28
N ASP A 737 30.85 3.68 15.13
CA ASP A 737 30.76 3.09 13.80
C ASP A 737 29.30 2.93 13.43
N CYS A 738 28.88 3.65 12.39
CA CYS A 738 27.47 3.65 12.01
C CYS A 738 27.03 2.27 11.56
N THR A 739 27.91 1.49 10.93
CA THR A 739 27.49 0.21 10.41
C THR A 739 27.35 -0.82 11.52
N MET A 740 28.28 -0.84 12.47
CA MET A 740 28.20 -1.81 13.55
C MET A 740 27.10 -1.48 14.55
N TYR A 741 26.69 -0.23 14.66
CA TYR A 741 25.56 0.11 15.51
C TYR A 741 24.27 -0.44 14.92
N ILE A 742 24.07 -0.25 13.62
CA ILE A 742 22.80 -0.59 12.99
C ILE A 742 22.71 -2.08 12.72
N CYS A 743 23.75 -2.66 12.13
CA CYS A 743 23.72 -4.06 11.74
C CYS A 743 24.44 -4.95 12.74
N GLY A 744 25.65 -4.57 13.11
CA GLY A 744 26.39 -5.32 14.10
C GLY A 744 26.86 -6.68 13.65
N ASP A 745 27.76 -6.75 12.67
CA ASP A 745 28.31 -8.01 12.19
C ASP A 745 27.20 -8.88 11.60
N SER A 746 26.55 -8.39 10.55
CA SER A 746 25.57 -9.17 9.81
C SER A 746 25.57 -8.70 8.37
N THR A 747 25.94 -9.57 7.44
CA THR A 747 26.04 -9.19 6.05
C THR A 747 24.69 -8.98 5.38
N GLU A 748 23.65 -9.68 5.83
CA GLU A 748 22.32 -9.45 5.26
C GLU A 748 21.88 -8.01 5.50
N CYS A 749 22.17 -7.47 6.68
CA CYS A 749 21.77 -6.10 7.01
C CYS A 749 22.66 -5.10 6.30
N SER A 750 23.94 -5.43 6.15
CA SER A 750 24.90 -4.47 5.59
C SER A 750 24.61 -4.14 4.14
N ASN A 751 24.19 -5.12 3.34
CA ASN A 751 23.91 -4.85 1.94
C ASN A 751 22.63 -4.08 1.75
N LEU A 752 21.66 -4.26 2.64
CA LEU A 752 20.47 -3.44 2.65
C LEU A 752 20.76 -2.02 3.11
N LEU A 753 21.74 -1.84 3.98
CA LEU A 753 22.13 -0.51 4.40
C LEU A 753 22.79 0.29 3.28
N LEU A 754 23.28 -0.38 2.27
CA LEU A 754 23.90 0.30 1.15
C LEU A 754 22.91 1.03 0.26
N GLN A 755 21.63 0.78 0.45
CA GLN A 755 20.60 1.40 -0.38
C GLN A 755 20.21 2.78 0.10
N TYR A 756 20.85 3.30 1.14
CA TYR A 756 20.58 4.63 1.64
C TYR A 756 21.68 5.61 1.30
N GLY A 757 22.77 5.13 0.73
CA GLY A 757 23.80 6.03 0.26
C GLY A 757 24.84 6.35 1.30
N SER A 758 25.08 7.63 1.51
CA SER A 758 26.19 8.10 2.32
C SER A 758 25.74 8.62 3.67
N PHE A 759 24.78 7.95 4.33
CA PHE A 759 24.35 8.40 5.64
C PHE A 759 25.42 8.13 6.70
N CYS A 760 26.05 6.97 6.64
CA CYS A 760 27.03 6.63 7.68
C CYS A 760 28.34 7.37 7.48
N THR A 761 28.71 7.65 6.23
CA THR A 761 29.87 8.47 5.99
C THR A 761 29.67 9.88 6.52
N GLN A 762 28.46 10.42 6.31
CA GLN A 762 28.12 11.72 6.86
C GLN A 762 28.17 11.72 8.38
N LEU A 763 27.63 10.68 9.01
CA LEU A 763 27.60 10.65 10.46
C LEU A 763 29.00 10.55 11.05
N ASN A 764 29.86 9.70 10.49
CA ASN A 764 31.22 9.63 10.99
C ASN A 764 31.97 10.92 10.76
N ARG A 765 31.76 11.57 9.61
CA ARG A 765 32.41 12.85 9.36
C ARG A 765 31.97 13.92 10.33
N ALA A 766 30.69 13.94 10.70
CA ALA A 766 30.23 14.91 11.69
C ALA A 766 30.82 14.64 13.05
N LEU A 767 30.86 13.39 13.48
CA LEU A 767 31.38 13.09 14.81
C LEU A 767 32.87 13.27 14.92
N THR A 768 33.61 13.10 13.84
CA THR A 768 35.06 13.26 13.89
C THR A 768 35.48 14.72 13.93
N GLY A 769 34.73 15.58 13.26
CA GLY A 769 35.02 17.00 13.26
C GLY A 769 34.83 17.64 14.61
N ILE A 770 33.98 17.09 15.46
CA ILE A 770 33.82 17.63 16.80
C ILE A 770 34.74 16.96 17.80
N ALA A 771 35.40 15.88 17.42
CA ALA A 771 36.49 15.34 18.22
C ALA A 771 37.78 16.08 17.94
N VAL A 772 37.95 16.58 16.72
CA VAL A 772 39.11 17.40 16.42
C VAL A 772 39.00 18.77 17.09
N GLU A 773 37.79 19.33 17.17
CA GLU A 773 37.59 20.63 17.78
C GLU A 773 37.92 20.63 19.27
N GLN A 774 37.84 19.48 19.93
CA GLN A 774 38.06 19.45 21.37
C GLN A 774 39.51 19.64 21.74
N ASP A 775 40.44 19.18 20.90
CA ASP A 775 41.85 19.41 21.18
C ASP A 775 42.27 20.83 20.89
N LYS A 776 41.70 21.44 19.85
CA LYS A 776 41.83 22.85 19.57
C LYS A 776 41.32 23.70 20.72
N ASN A 777 40.22 23.29 21.34
CA ASN A 777 39.67 24.01 22.47
C ASN A 777 40.67 24.15 23.61
N THR A 778 41.40 23.07 23.95
CA THR A 778 42.28 23.18 25.09
C THR A 778 43.66 23.68 24.71
N GLN A 779 44.07 23.52 23.46
CA GLN A 779 45.23 24.25 22.98
C GLN A 779 45.04 25.75 23.02
N GLU A 780 43.84 26.24 22.75
CA GLU A 780 43.61 27.67 22.74
C GLU A 780 43.52 28.27 24.13
N VAL A 781 43.23 27.48 25.16
CA VAL A 781 43.18 28.00 26.52
C VAL A 781 44.53 27.87 27.21
N PHE A 782 45.19 26.72 27.08
CA PHE A 782 46.33 26.51 27.98
C PHE A 782 47.69 26.81 27.36
N ALA A 783 47.89 26.56 26.07
CA ALA A 783 49.19 26.78 25.44
C ALA A 783 49.29 28.23 24.96
N GLN A 784 49.24 29.14 25.92
CA GLN A 784 49.32 30.57 25.68
C GLN A 784 50.66 31.13 26.11
N VAL A 785 51.63 30.25 26.31
CA VAL A 785 52.94 30.65 26.82
C VAL A 785 54.00 29.94 25.99
N LYS A 786 55.07 30.66 25.67
CA LYS A 786 56.11 30.13 24.80
C LYS A 786 57.11 29.26 25.55
N GLN A 787 57.58 29.72 26.70
CA GLN A 787 58.53 29.00 27.52
C GLN A 787 57.84 28.37 28.71
N ILE A 788 58.50 27.38 29.28
CA ILE A 788 58.07 26.80 30.54
C ILE A 788 58.85 27.48 31.64
N TYR A 789 58.26 28.49 32.27
CA TYR A 789 58.91 29.23 33.33
C TYR A 789 58.83 28.47 34.64
N LYS A 790 59.88 28.63 35.45
CA LYS A 790 59.97 28.04 36.78
C LYS A 790 60.15 29.12 37.83
N THR A 791 59.63 28.86 39.03
CA THR A 791 59.86 29.76 40.14
C THR A 791 61.21 29.47 40.78
N PRO A 792 61.81 30.43 41.48
CA PRO A 792 63.06 30.18 42.17
C PRO A 792 62.85 29.26 43.35
N PRO A 793 63.91 28.64 43.85
CA PRO A 793 63.76 27.85 45.08
C PRO A 793 63.49 28.69 46.31
N ILE A 794 64.04 29.91 46.37
CA ILE A 794 63.84 30.81 47.49
C ILE A 794 62.67 31.73 47.17
N LYS A 795 61.58 31.54 47.91
CA LYS A 795 60.31 32.18 47.59
C LYS A 795 60.08 33.43 48.43
N ASP A 796 60.84 34.48 48.13
CA ASP A 796 60.72 35.76 48.82
C ASP A 796 59.80 36.67 48.01
N PHE A 797 58.53 36.75 48.41
CA PHE A 797 57.54 37.49 47.66
C PHE A 797 56.87 38.57 48.50
N GLY A 798 57.66 39.28 49.30
CA GLY A 798 57.13 40.37 50.08
C GLY A 798 56.19 39.97 51.18
N GLY A 799 56.09 38.69 51.49
CA GLY A 799 55.19 38.18 52.49
C GLY A 799 54.05 37.36 51.94
N PHE A 800 53.80 37.42 50.64
CA PHE A 800 52.70 36.72 50.02
C PHE A 800 53.03 35.23 49.87
N ASN A 801 52.13 34.37 50.30
CA ASN A 801 52.35 32.93 50.37
C ASN A 801 51.52 32.27 49.27
N PHE A 802 52.20 31.68 48.28
CA PHE A 802 51.57 31.09 47.11
C PHE A 802 51.63 29.57 47.11
N SER A 803 51.75 28.94 48.27
CA SER A 803 52.15 27.55 48.29
C SER A 803 51.01 26.58 47.99
N GLN A 804 49.76 26.98 48.20
CA GLN A 804 48.63 26.11 47.91
C GLN A 804 48.26 26.10 46.44
N ILE A 805 48.82 27.00 45.63
CA ILE A 805 48.54 27.03 44.20
C ILE A 805 49.77 26.75 43.37
N LEU A 806 50.89 26.51 43.95
CA LEU A 806 52.10 26.15 43.26
C LEU A 806 52.21 24.63 43.20
N PRO A 807 52.90 24.08 42.21
CA PRO A 807 53.00 22.63 42.10
C PRO A 807 53.66 22.04 43.34
N ASP A 808 53.20 20.87 43.72
CA ASP A 808 53.79 20.13 44.85
C ASP A 808 54.50 18.91 44.30
N PRO A 809 55.82 19.03 44.15
CA PRO A 809 56.66 17.98 43.58
C PRO A 809 56.77 16.69 44.39
N SER A 810 55.64 16.09 44.73
CA SER A 810 55.70 14.84 45.47
C SER A 810 54.31 14.21 45.62
N LYS A 811 53.51 14.30 44.56
CA LYS A 811 52.16 13.75 44.57
C LYS A 811 51.76 13.26 43.18
N PRO A 812 50.46 13.07 42.95
CA PRO A 812 50.01 12.61 41.63
C PRO A 812 50.59 13.51 40.53
N SER A 813 51.66 13.05 39.87
CA SER A 813 52.28 13.83 38.81
C SER A 813 52.95 15.08 39.37
N LYS A 814 52.16 16.14 39.53
CA LYS A 814 52.66 17.40 40.05
C LYS A 814 51.62 18.50 39.97
N ARG A 815 50.63 18.43 40.84
CA ARG A 815 49.57 19.42 40.87
C ARG A 815 49.66 20.21 42.16
N SER A 816 49.11 21.40 42.13
CA SER A 816 49.02 22.16 43.35
C SER A 816 48.09 21.46 44.33
N PRO A 817 48.07 21.95 45.55
CA PRO A 817 47.13 21.45 46.53
C PRO A 817 45.69 21.73 46.13
N ILE A 818 45.44 22.87 45.48
CA ILE A 818 44.08 23.23 45.07
C ILE A 818 43.62 22.38 43.89
N GLU A 819 44.51 22.02 42.98
CA GLU A 819 44.12 21.22 41.84
C GLU A 819 43.72 19.81 42.23
N ASP A 820 44.27 19.30 43.33
CA ASP A 820 43.90 17.96 43.80
C ASP A 820 42.49 17.91 44.36
N LEU A 821 42.08 18.91 45.14
CA LEU A 821 40.68 18.96 45.51
C LEU A 821 39.77 19.03 44.31
N LEU A 822 40.15 19.74 43.25
CA LEU A 822 39.29 19.86 42.09
C LEU A 822 39.22 18.57 41.30
N PHE A 823 40.30 17.82 41.25
CA PHE A 823 40.27 16.53 40.56
C PHE A 823 39.67 15.43 41.40
N ASN A 824 39.52 15.64 42.70
CA ASN A 824 38.74 14.72 43.53
C ASN A 824 37.28 15.11 43.65
N LYS A 825 36.91 16.34 43.30
CA LYS A 825 35.53 16.76 43.44
C LYS A 825 34.65 16.27 42.29
N VAL A 826 35.19 16.23 41.08
CA VAL A 826 34.42 15.79 39.92
C VAL A 826 34.61 14.29 39.68
N LYS A 854 32.74 0.49 25.59
CA LYS A 854 32.99 -0.25 24.35
C LYS A 854 32.01 -1.40 24.23
N PHE A 855 30.89 -1.14 23.57
CA PHE A 855 29.89 -2.21 23.46
C PHE A 855 29.61 -2.62 22.03
N ASN A 856 29.11 -1.69 21.21
CA ASN A 856 28.83 -2.02 19.82
C ASN A 856 28.97 -0.75 18.98
N GLY A 857 30.18 -0.54 18.48
CA GLY A 857 30.51 0.64 17.70
C GLY A 857 30.98 1.83 18.50
N LEU A 858 30.77 1.83 19.82
CA LEU A 858 31.01 3.03 20.61
C LEU A 858 32.43 3.04 21.17
N THR A 859 33.12 4.16 20.97
CA THR A 859 34.50 4.30 21.37
C THR A 859 34.70 5.67 22.00
N VAL A 860 35.67 5.76 22.89
CA VAL A 860 36.14 7.02 23.46
C VAL A 860 37.61 7.17 23.12
N LEU A 861 37.94 8.26 22.44
CA LEU A 861 39.32 8.59 22.13
C LEU A 861 39.94 9.40 23.25
N PRO A 862 41.23 9.21 23.54
CA PRO A 862 41.86 9.99 24.60
C PRO A 862 42.23 11.38 24.10
N PRO A 863 42.14 12.39 24.96
CA PRO A 863 42.65 13.70 24.59
C PRO A 863 44.14 13.65 24.29
N LEU A 864 44.58 14.58 23.45
CA LEU A 864 45.96 14.61 23.03
C LEU A 864 46.89 15.03 24.17
N LEU A 865 46.56 16.10 24.85
CA LEU A 865 47.33 16.50 26.03
C LEU A 865 46.85 15.72 27.24
N THR A 866 47.79 15.13 27.95
CA THR A 866 47.46 14.50 29.21
C THR A 866 47.21 15.56 30.28
N ASP A 867 46.69 15.13 31.41
CA ASP A 867 46.45 16.07 32.50
C ASP A 867 47.74 16.48 33.18
N GLU A 868 48.76 15.63 33.14
CA GLU A 868 50.08 16.04 33.58
C GLU A 868 50.64 17.15 32.72
N MET A 869 50.26 17.22 31.44
CA MET A 869 50.75 18.28 30.57
C MET A 869 49.99 19.58 30.78
N ILE A 870 48.69 19.49 31.06
CA ILE A 870 47.92 20.70 31.36
C ILE A 870 48.32 21.28 32.69
N ALA A 871 48.64 20.45 33.68
CA ALA A 871 49.15 20.99 34.93
C ALA A 871 50.47 21.72 34.72
N GLN A 872 51.31 21.21 33.84
CA GLN A 872 52.59 21.85 33.55
C GLN A 872 52.44 23.15 32.76
N TYR A 873 51.41 23.28 31.94
CA TYR A 873 51.13 24.58 31.32
C TYR A 873 50.67 25.60 32.35
N THR A 874 49.70 25.22 33.19
CA THR A 874 49.24 26.18 34.18
C THR A 874 50.29 26.52 35.22
N SER A 875 51.27 25.66 35.45
CA SER A 875 52.33 26.06 36.38
C SER A 875 53.31 27.06 35.79
N ALA A 876 53.56 27.01 34.49
CA ALA A 876 54.38 28.01 33.84
C ALA A 876 53.67 29.34 33.67
N LEU A 877 52.35 29.34 33.48
CA LEU A 877 51.62 30.61 33.50
C LEU A 877 51.69 31.29 34.87
N LEU A 878 51.54 30.51 35.93
CA LEU A 878 51.66 31.00 37.28
C LEU A 878 53.05 31.50 37.62
N ALA A 879 54.08 30.76 37.27
CA ALA A 879 55.43 31.24 37.48
C ALA A 879 55.76 32.46 36.66
N GLY A 880 55.22 32.59 35.46
CA GLY A 880 55.41 33.80 34.70
C GLY A 880 54.75 35.01 35.30
N THR A 881 53.58 34.86 35.90
CA THR A 881 52.93 36.05 36.43
C THR A 881 53.48 36.48 37.78
N ILE A 882 54.12 35.60 38.53
CA ILE A 882 54.58 35.92 39.87
C ILE A 882 55.96 36.54 39.86
N THR A 883 56.78 36.22 38.86
CA THR A 883 58.14 36.75 38.82
C THR A 883 58.26 37.93 37.86
N SER A 884 57.35 38.03 36.91
CA SER A 884 57.52 38.90 35.77
C SER A 884 56.39 39.87 35.54
N GLY A 885 55.35 39.84 36.34
CA GLY A 885 54.23 40.73 36.11
C GLY A 885 53.50 40.41 34.84
N TRP A 886 53.30 41.43 34.01
CA TRP A 886 52.58 41.31 32.76
C TRP A 886 53.49 41.41 31.54
N THR A 887 54.79 41.19 31.71
CA THR A 887 55.72 41.38 30.61
C THR A 887 55.94 40.12 29.79
N PHE A 888 55.78 38.95 30.39
CA PHE A 888 55.97 37.72 29.62
C PHE A 888 54.87 37.52 28.60
N GLY A 889 53.75 38.23 28.73
CA GLY A 889 52.68 38.12 27.77
C GLY A 889 52.74 39.15 26.67
N ALA A 890 53.84 39.90 26.60
CA ALA A 890 54.00 40.93 25.58
C ALA A 890 55.39 40.89 25.00
N GLY A 891 56.14 39.85 25.30
CA GLY A 891 57.51 39.75 24.87
C GLY A 891 58.30 38.81 25.76
N PRO A 892 59.48 39.24 26.17
CA PRO A 892 60.31 38.45 27.06
C PRO A 892 59.99 38.78 28.51
N ALA A 893 60.08 37.76 29.35
CA ALA A 893 59.81 37.93 30.77
C ALA A 893 60.90 38.78 31.40
N LEU A 894 60.52 39.90 32.01
CA LEU A 894 61.44 40.76 32.73
C LEU A 894 61.12 40.70 34.21
N GLN A 895 62.11 40.37 35.03
CA GLN A 895 61.86 40.22 36.45
C GLN A 895 61.63 41.57 37.12
N ILE A 896 60.85 41.54 38.19
CA ILE A 896 60.56 42.70 39.03
C ILE A 896 60.20 42.13 40.38
N PRO A 897 60.52 42.77 41.50
CA PRO A 897 60.10 42.22 42.80
C PRO A 897 58.60 42.32 42.98
N PHE A 898 58.05 41.40 43.77
CA PHE A 898 56.61 41.20 43.74
C PHE A 898 55.84 42.33 44.41
N PRO A 899 56.36 42.89 45.49
CA PRO A 899 55.72 44.06 46.08
C PRO A 899 55.72 45.25 45.14
N MET A 900 56.75 45.40 44.32
CA MET A 900 56.77 46.46 43.33
C MET A 900 55.81 46.20 42.18
N GLN A 901 55.51 44.94 41.89
CA GLN A 901 54.48 44.61 40.91
C GLN A 901 53.09 44.91 41.47
N MET A 902 52.89 44.59 42.74
CA MET A 902 51.67 44.92 43.44
C MET A 902 51.44 46.42 43.50
N ALA A 903 52.49 47.21 43.59
CA ALA A 903 52.32 48.65 43.60
C ALA A 903 51.92 49.20 42.23
N TYR A 904 52.51 48.70 41.15
CA TYR A 904 52.03 49.02 39.81
C TYR A 904 50.57 48.70 39.66
N ARG A 905 50.16 47.55 40.15
CA ARG A 905 48.78 47.16 40.02
C ARG A 905 47.84 48.02 40.86
N PHE A 906 48.26 48.48 42.04
CA PHE A 906 47.48 49.48 42.77
C PHE A 906 47.37 50.79 42.00
N ASN A 907 48.45 51.23 41.36
CA ASN A 907 48.36 52.38 40.47
C ASN A 907 47.32 52.19 39.39
N GLY A 908 47.24 50.98 38.82
CA GLY A 908 46.31 50.71 37.74
C GLY A 908 44.85 50.75 38.12
N ILE A 909 44.51 50.86 39.40
CA ILE A 909 43.13 51.06 39.80
C ILE A 909 42.89 52.41 40.45
N GLY A 910 43.88 53.28 40.49
CA GLY A 910 43.68 54.62 40.99
C GLY A 910 44.13 54.91 42.39
N VAL A 911 44.91 54.05 43.00
CA VAL A 911 45.43 54.25 44.35
C VAL A 911 46.92 54.50 44.25
N THR A 912 47.42 55.47 45.01
CA THR A 912 48.86 55.71 44.98
C THR A 912 49.60 54.55 45.62
N GLN A 913 50.87 54.42 45.29
CA GLN A 913 51.58 53.21 45.66
C GLN A 913 52.15 53.26 47.07
N ASN A 914 52.29 54.45 47.64
CA ASN A 914 52.57 54.53 49.06
C ASN A 914 51.50 53.83 49.90
N VAL A 915 50.26 53.78 49.44
CA VAL A 915 49.21 53.06 50.16
C VAL A 915 49.50 51.57 50.19
N LEU A 916 50.19 51.04 49.19
CA LEU A 916 50.61 49.64 49.26
C LEU A 916 51.83 49.48 50.15
N TYR A 917 52.85 50.31 49.95
CA TYR A 917 54.07 50.11 50.70
C TYR A 917 53.91 50.36 52.18
N GLU A 918 52.97 51.20 52.59
CA GLU A 918 52.76 51.45 54.01
C GLU A 918 51.78 50.49 54.65
N ASN A 919 51.28 49.50 53.92
CA ASN A 919 50.33 48.54 54.40
C ASN A 919 50.70 47.11 54.01
N GLN A 920 51.89 46.95 53.43
CA GLN A 920 52.33 45.69 52.86
C GLN A 920 51.98 44.48 53.73
N LYS A 921 52.26 44.53 55.02
CA LYS A 921 52.04 43.37 55.88
C LYS A 921 50.57 43.04 56.05
N LEU A 922 49.73 44.05 56.20
CA LEU A 922 48.30 43.81 56.30
C LEU A 922 47.73 43.29 54.99
N ILE A 923 48.18 43.85 53.86
CA ILE A 923 47.69 43.41 52.57
C ILE A 923 48.08 41.96 52.32
N ALA A 924 49.28 41.57 52.73
CA ALA A 924 49.69 40.18 52.54
C ALA A 924 48.96 39.23 53.48
N ASN A 925 48.75 39.63 54.74
CA ASN A 925 47.90 38.85 55.63
C ASN A 925 46.51 38.64 55.06
N GLN A 926 45.91 39.67 54.48
CA GLN A 926 44.57 39.54 53.93
C GLN A 926 44.54 38.63 52.73
N PHE A 927 45.54 38.73 51.84
CA PHE A 927 45.60 37.81 50.72
C PHE A 927 45.77 36.37 51.19
N ASN A 928 46.56 36.14 52.23
CA ASN A 928 46.79 34.78 52.69
C ASN A 928 45.56 34.18 53.34
N SER A 929 44.84 34.95 54.14
CA SER A 929 43.58 34.45 54.67
C SER A 929 42.56 34.19 53.58
N ALA A 930 42.52 35.04 52.56
CA ALA A 930 41.57 34.83 51.48
C ALA A 930 41.88 33.59 50.69
N ILE A 931 43.16 33.27 50.48
CA ILE A 931 43.51 32.05 49.77
C ILE A 931 43.25 30.83 50.63
N GLY A 932 43.46 30.95 51.94
CA GLY A 932 43.18 29.84 52.83
C GLY A 932 41.71 29.55 53.02
N LYS A 933 40.85 30.52 52.73
CA LYS A 933 39.42 30.29 52.76
C LYS A 933 38.89 29.56 51.54
N ILE A 934 39.61 29.56 50.43
CA ILE A 934 39.12 28.92 49.21
C ILE A 934 39.23 27.41 49.31
N GLN A 935 40.35 26.92 49.82
CA GLN A 935 40.54 25.50 49.99
C GLN A 935 39.65 24.94 51.08
N ASP A 936 39.21 25.77 52.01
CA ASP A 936 38.26 25.32 53.01
C ASP A 936 36.89 25.11 52.41
N SER A 937 36.46 26.02 51.54
CA SER A 937 35.21 25.83 50.85
C SER A 937 35.30 24.71 49.82
N LEU A 938 36.51 24.38 49.34
CA LEU A 938 36.62 23.31 48.36
C LEU A 938 36.72 21.94 49.01
N SER A 939 37.43 21.80 50.11
CA SER A 939 37.49 20.53 50.81
C SER A 939 36.48 20.47 51.95
N ALA A 944 29.61 23.61 43.89
CA ALA A 944 30.89 24.15 43.47
C ALA A 944 31.15 23.87 41.99
N LEU A 945 31.47 22.61 41.69
CA LEU A 945 31.87 22.19 40.35
C LEU A 945 30.72 21.63 39.55
N GLY A 946 29.50 22.09 39.79
CA GLY A 946 28.35 21.63 39.04
C GLY A 946 28.34 22.03 37.59
N LYS A 947 28.98 23.14 37.23
CA LYS A 947 29.03 23.54 35.84
C LYS A 947 29.89 22.62 35.00
N LEU A 948 30.77 21.84 35.63
CA LEU A 948 31.53 20.83 34.93
C LEU A 948 30.86 19.48 35.00
N GLN A 949 30.15 19.19 36.08
CA GLN A 949 29.41 17.94 36.20
C GLN A 949 28.21 17.91 35.28
N ASP A 950 27.64 19.07 34.94
CA ASP A 950 26.55 19.12 33.97
C ASP A 950 26.94 18.61 32.60
N VAL A 951 28.14 18.92 32.12
CA VAL A 951 28.56 18.43 30.82
C VAL A 951 28.75 16.92 30.85
N VAL A 952 29.44 16.40 31.88
CA VAL A 952 29.62 14.96 32.02
C VAL A 952 28.27 14.24 32.06
N ASN A 953 27.33 14.77 32.83
CA ASN A 953 26.03 14.12 32.97
C ASN A 953 25.23 14.17 31.67
N GLN A 954 25.18 15.31 31.00
CA GLN A 954 24.44 15.38 29.74
C GLN A 954 25.01 14.43 28.69
N ASN A 955 26.32 14.29 28.61
CA ASN A 955 26.86 13.40 27.60
C ASN A 955 26.60 11.93 27.94
N ALA A 956 26.74 11.55 29.21
CA ALA A 956 26.41 10.18 29.57
C ALA A 956 24.93 9.88 29.37
N GLN A 957 24.08 10.85 29.63
CA GLN A 957 22.64 10.67 29.45
C GLN A 957 22.27 10.53 27.98
N ALA A 958 23.06 11.12 27.08
CA ALA A 958 22.79 10.90 25.66
C ALA A 958 23.29 9.55 25.18
N LEU A 959 24.48 9.14 25.60
CA LEU A 959 24.99 7.84 25.18
C LEU A 959 24.13 6.70 25.72
N ASN A 960 23.56 6.85 26.91
CA ASN A 960 22.69 5.81 27.45
C ASN A 960 21.44 5.64 26.62
N THR A 961 20.83 6.73 26.18
CA THR A 961 19.66 6.64 25.34
C THR A 961 19.97 6.01 24.00
N LEU A 962 21.14 6.34 23.43
CA LEU A 962 21.52 5.71 22.18
C LEU A 962 21.69 4.20 22.35
N VAL A 963 22.36 3.78 23.41
CA VAL A 963 22.49 2.35 23.68
C VAL A 963 21.13 1.70 23.86
N LYS A 964 20.23 2.32 24.62
CA LYS A 964 18.98 1.66 24.96
C LYS A 964 18.00 1.61 23.82
N GLN A 965 18.12 2.46 22.82
CA GLN A 965 17.23 2.33 21.67
C GLN A 965 17.52 1.11 20.82
N LEU A 966 18.54 0.33 21.15
CA LEU A 966 18.83 -0.89 20.43
C LEU A 966 17.96 -2.06 20.85
N SER A 967 16.91 -1.81 21.60
CA SER A 967 16.05 -2.88 22.09
C SER A 967 14.58 -2.56 21.83
N SER A 968 14.31 -1.67 20.88
CA SER A 968 12.98 -1.42 20.38
C SER A 968 12.77 -2.16 19.09
N ASN A 969 11.54 -2.62 18.86
CA ASN A 969 11.19 -3.34 17.64
C ASN A 969 10.94 -2.42 16.46
N PHE A 970 10.50 -1.19 16.73
CA PHE A 970 10.08 -0.26 15.69
C PHE A 970 9.03 -0.90 14.78
N GLY A 971 8.24 -1.81 15.34
CA GLY A 971 7.21 -2.47 14.57
C GLY A 971 7.63 -3.73 13.85
N ALA A 972 8.67 -4.40 14.31
CA ALA A 972 9.11 -5.67 13.75
C ALA A 972 8.72 -6.76 14.73
N ILE A 973 9.08 -8.00 14.39
CA ILE A 973 8.73 -9.14 15.25
C ILE A 973 9.69 -9.29 16.42
N SER A 974 10.97 -9.03 16.22
CA SER A 974 11.96 -9.15 17.27
C SER A 974 12.79 -7.88 17.28
N SER A 975 13.44 -7.64 18.40
CA SER A 975 14.40 -6.57 18.51
C SER A 975 15.81 -7.00 18.15
N VAL A 976 16.09 -8.29 18.18
CA VAL A 976 17.40 -8.82 17.87
C VAL A 976 17.38 -9.35 16.45
N LEU A 977 18.28 -8.77 15.63
CA LEU A 977 18.35 -9.10 14.17
C LEU A 977 18.81 -10.55 14.01
N ASN A 978 19.51 -11.10 14.99
CA ASN A 978 19.86 -12.55 14.92
C ASN A 978 18.55 -13.32 15.05
N ASP A 979 17.58 -12.81 15.81
CA ASP A 979 16.25 -13.47 15.93
C ASP A 979 15.27 -12.89 14.90
N ILE A 980 15.67 -11.86 14.15
CA ILE A 980 14.81 -11.38 13.03
C ILE A 980 15.22 -12.27 11.87
N LEU A 981 16.52 -12.52 11.72
CA LEU A 981 17.01 -13.48 10.69
C LEU A 981 16.70 -14.89 11.22
N SER A 982 16.28 -15.06 12.47
CA SER A 982 16.03 -16.45 12.90
C SER A 982 14.57 -16.76 12.58
N ARG A 983 13.72 -15.74 12.65
CA ARG A 983 12.27 -15.98 12.42
C ARG A 983 11.95 -15.60 10.97
N LEU A 984 11.78 -14.31 10.65
CA LEU A 984 11.37 -13.95 9.26
C LEU A 984 12.60 -13.82 8.36
N ASP A 985 12.68 -14.60 7.28
CA ASP A 985 13.91 -14.70 6.42
C ASP A 985 13.83 -13.85 5.13
N PRO A 986 14.95 -13.54 4.43
CA PRO A 986 14.99 -12.71 3.21
C PRO A 986 13.72 -12.20 2.52
N PRO A 987 12.81 -13.00 1.90
CA PRO A 987 11.58 -12.44 1.34
C PRO A 987 10.87 -11.59 2.39
N GLU A 988 10.83 -12.06 3.64
CA GLU A 988 10.16 -11.32 4.74
C GLU A 988 11.19 -10.61 5.61
N ALA A 989 12.49 -10.89 5.48
CA ALA A 989 13.50 -10.12 6.24
C ALA A 989 13.70 -8.79 5.53
N GLU A 990 13.52 -8.75 4.21
CA GLU A 990 13.56 -7.43 3.51
C GLU A 990 12.47 -6.56 4.11
N VAL A 991 11.46 -7.19 4.75
CA VAL A 991 10.41 -6.43 5.46
C VAL A 991 10.81 -6.18 6.92
N GLN A 992 11.23 -7.23 7.68
CA GLN A 992 11.45 -6.98 9.09
C GLN A 992 12.77 -6.28 9.37
N ILE A 993 13.81 -6.58 8.60
CA ILE A 993 15.10 -5.94 8.80
C ILE A 993 15.04 -4.47 8.43
N ASP A 994 14.20 -4.12 7.44
CA ASP A 994 14.13 -2.74 7.03
C ASP A 994 13.54 -1.82 8.09
N ARG A 995 12.59 -2.29 8.90
CA ARG A 995 12.06 -1.45 9.96
C ARG A 995 13.09 -1.21 11.05
N LEU A 996 13.90 -2.21 11.37
CA LEU A 996 14.98 -2.00 12.32
C LEU A 996 16.01 -1.02 11.78
N ILE A 997 16.34 -1.13 10.50
CA ILE A 997 17.28 -0.19 9.91
C ILE A 997 16.72 1.23 9.98
N THR A 998 15.47 1.40 9.61
CA THR A 998 14.84 2.71 9.67
C THR A 998 14.84 3.30 11.09
N GLY A 999 14.50 2.52 12.11
CA GLY A 999 14.49 3.05 13.45
C GLY A 999 15.86 3.39 13.99
N ARG A 1000 16.83 2.53 13.76
CA ARG A 1000 18.16 2.75 14.30
C ARG A 1000 18.87 3.89 13.60
N LEU A 1001 18.67 4.07 12.30
CA LEU A 1001 19.22 5.23 11.61
C LEU A 1001 18.72 6.54 12.21
N GLN A 1002 17.42 6.64 12.48
CA GLN A 1002 16.87 7.83 13.08
C GLN A 1002 17.40 8.08 14.49
N SER A 1003 17.52 7.02 15.30
CA SER A 1003 18.18 7.16 16.60
C SER A 1003 19.55 7.79 16.46
N LEU A 1004 20.39 7.24 15.59
CA LEU A 1004 21.75 7.73 15.42
C LEU A 1004 21.80 9.16 14.93
N GLN A 1005 20.90 9.54 14.02
CA GLN A 1005 20.87 10.91 13.54
C GLN A 1005 20.48 11.90 14.63
N THR A 1006 19.53 11.53 15.49
CA THR A 1006 19.20 12.41 16.60
C THR A 1006 20.38 12.60 17.53
N TYR A 1007 21.10 11.53 17.82
CA TYR A 1007 22.29 11.65 18.66
C TYR A 1007 23.32 12.59 18.05
N VAL A 1008 23.59 12.45 16.75
CA VAL A 1008 24.62 13.30 16.15
C VAL A 1008 24.20 14.76 16.07
N THR A 1009 22.93 15.04 15.78
CA THR A 1009 22.51 16.44 15.75
C THR A 1009 22.60 17.09 17.12
N GLN A 1010 22.22 16.36 18.17
CA GLN A 1010 22.32 16.98 19.47
C GLN A 1010 23.74 17.06 19.99
N GLN A 1011 24.66 16.25 19.49
CA GLN A 1011 26.06 16.49 19.79
C GLN A 1011 26.61 17.70 19.08
N LEU A 1012 26.17 17.96 17.85
CA LEU A 1012 26.65 19.14 17.13
C LEU A 1012 26.15 20.42 17.78
N ILE A 1013 24.97 20.40 18.36
CA ILE A 1013 24.45 21.62 18.98
C ILE A 1013 25.16 21.89 20.31
N ARG A 1014 25.60 20.84 20.98
CA ARG A 1014 26.26 20.94 22.28
C ARG A 1014 27.75 21.27 22.15
N ALA A 1015 28.40 20.78 21.11
CA ALA A 1015 29.78 21.17 20.85
C ALA A 1015 29.91 22.65 20.55
N ALA A 1016 28.92 23.26 19.92
CA ALA A 1016 28.94 24.68 19.65
C ALA A 1016 28.78 25.52 20.90
N GLU A 1017 28.15 24.98 21.92
CA GLU A 1017 28.05 25.65 23.20
C GLU A 1017 29.34 25.51 24.00
N ILE A 1018 30.01 24.38 23.86
CA ILE A 1018 31.30 24.21 24.51
C ILE A 1018 32.36 25.09 23.86
N ARG A 1019 32.25 25.34 22.56
CA ARG A 1019 33.22 26.20 21.90
C ARG A 1019 33.10 27.65 22.33
N ALA A 1020 31.90 28.14 22.55
CA ALA A 1020 31.73 29.49 23.05
C ALA A 1020 32.35 29.65 24.44
N SER A 1021 32.16 28.68 25.31
CA SER A 1021 32.77 28.65 26.62
C SER A 1021 34.29 28.65 26.56
N ALA A 1022 34.88 27.82 25.72
CA ALA A 1022 36.32 27.78 25.56
C ALA A 1022 36.89 29.04 24.93
N ASN A 1023 36.16 29.71 24.05
CA ASN A 1023 36.62 31.01 23.57
C ASN A 1023 36.58 32.06 24.65
N LEU A 1024 35.54 32.06 25.48
CA LEU A 1024 35.50 32.98 26.61
C LEU A 1024 36.62 32.69 27.61
N ALA A 1025 36.96 31.43 27.83
CA ALA A 1025 38.04 31.12 28.76
C ALA A 1025 39.40 31.49 28.20
N ALA A 1026 39.60 31.35 26.90
CA ALA A 1026 40.80 31.88 26.27
C ALA A 1026 40.91 33.39 26.42
N THR A 1027 39.80 34.10 26.26
CA THR A 1027 39.84 35.56 26.39
C THR A 1027 40.12 36.00 27.83
N LYS A 1028 39.57 35.30 28.81
CA LYS A 1028 39.91 35.55 30.20
C LYS A 1028 41.34 35.21 30.55
N MET A 1029 41.89 34.14 30.00
CA MET A 1029 43.29 33.86 30.21
C MET A 1029 44.19 34.96 29.68
N SER A 1030 43.87 35.53 28.52
CA SER A 1030 44.70 36.61 27.99
C SER A 1030 44.51 37.91 28.75
N GLU A 1031 43.30 38.22 29.16
CA GLU A 1031 43.00 39.54 29.68
C GLU A 1031 43.00 39.62 31.20
N CYS A 1032 42.94 38.48 31.87
CA CYS A 1032 42.92 38.46 33.33
C CYS A 1032 44.18 37.87 33.97
N VAL A 1033 44.87 36.98 33.27
CA VAL A 1033 46.07 36.36 33.82
C VAL A 1033 47.31 37.00 33.22
N LEU A 1034 47.29 37.35 31.95
CA LEU A 1034 48.43 37.97 31.31
C LEU A 1034 48.33 39.49 31.28
N GLY A 1035 47.36 40.07 31.96
CA GLY A 1035 47.27 41.50 32.09
C GLY A 1035 46.39 41.89 33.26
N GLN A 1036 46.17 43.19 33.38
CA GLN A 1036 45.22 43.75 34.32
C GLN A 1036 44.08 44.39 33.54
N SER A 1037 42.84 44.03 33.85
CA SER A 1037 41.71 44.47 33.07
C SER A 1037 41.00 45.63 33.73
N LYS A 1038 40.40 46.49 32.90
CA LYS A 1038 39.53 47.56 33.36
C LYS A 1038 38.06 47.30 33.08
N ARG A 1039 37.73 46.25 32.35
CA ARG A 1039 36.34 45.90 32.09
C ARG A 1039 35.65 45.49 33.38
N VAL A 1040 34.55 46.18 33.71
CA VAL A 1040 33.88 45.94 34.98
C VAL A 1040 33.26 44.55 34.99
N ASP A 1041 33.51 43.81 36.07
CA ASP A 1041 32.96 42.47 36.26
C ASP A 1041 33.55 41.37 35.38
N PHE A 1042 34.49 41.71 34.51
CA PHE A 1042 35.07 40.69 33.64
C PHE A 1042 35.96 39.72 34.41
N CYS A 1043 36.68 40.23 35.39
CA CYS A 1043 37.57 39.40 36.19
C CYS A 1043 37.25 39.47 37.68
N GLY A 1044 36.00 39.14 38.03
CA GLY A 1044 35.57 39.17 39.42
C GLY A 1044 34.88 40.47 39.82
N LYS A 1045 34.31 40.49 41.03
CA LYS A 1045 33.63 41.68 41.53
C LYS A 1045 34.56 42.57 42.35
N GLY A 1046 34.79 43.78 41.86
CA GLY A 1046 35.67 44.74 42.52
C GLY A 1046 36.70 45.17 41.50
N TYR A 1047 37.68 45.95 41.92
CA TYR A 1047 38.74 46.41 41.02
C TYR A 1047 39.78 45.31 40.86
N HIS A 1048 39.86 44.76 39.64
CA HIS A 1048 40.77 43.64 39.37
C HIS A 1048 42.20 44.00 39.71
N LEU A 1049 42.87 43.14 40.49
CA LEU A 1049 44.30 43.24 40.66
C LEU A 1049 45.03 42.15 39.89
N MET A 1050 44.73 40.88 40.12
CA MET A 1050 45.39 39.85 39.33
C MET A 1050 44.57 38.58 39.35
N SER A 1051 44.97 37.61 38.54
CA SER A 1051 44.27 36.33 38.42
C SER A 1051 45.28 35.22 38.28
N PHE A 1052 44.92 34.03 38.78
CA PHE A 1052 45.74 32.82 38.70
C PHE A 1052 44.91 31.69 38.12
N PRO A 1053 45.42 30.96 37.14
CA PRO A 1053 44.72 29.79 36.61
C PRO A 1053 45.01 28.48 37.33
N GLN A 1054 44.03 27.59 37.32
CA GLN A 1054 44.16 26.24 37.85
C GLN A 1054 43.44 25.30 36.90
N SER A 1055 43.97 24.09 36.74
CA SER A 1055 43.33 23.16 35.84
C SER A 1055 42.29 22.31 36.57
N ALA A 1056 41.25 21.95 35.85
CA ALA A 1056 40.16 21.14 36.36
C ALA A 1056 39.97 19.99 35.38
N PRO A 1057 39.14 19.00 35.73
CA PRO A 1057 38.99 17.82 34.85
C PRO A 1057 38.64 18.10 33.38
N HIS A 1058 37.72 18.98 33.07
CA HIS A 1058 37.50 19.33 31.66
C HIS A 1058 37.34 20.84 31.52
N GLY A 1059 38.05 21.59 32.34
CA GLY A 1059 37.81 23.00 32.43
C GLY A 1059 38.94 23.71 33.06
N VAL A 1060 38.63 24.90 33.59
CA VAL A 1060 39.65 25.75 34.18
C VAL A 1060 38.99 26.56 35.28
N VAL A 1061 39.73 26.79 36.36
CA VAL A 1061 39.29 27.62 37.47
C VAL A 1061 40.19 28.84 37.54
N PHE A 1062 39.61 30.02 37.47
CA PHE A 1062 40.34 31.26 37.69
C PHE A 1062 40.14 31.73 39.11
N LEU A 1063 41.23 32.06 39.78
CA LEU A 1063 41.24 32.72 41.08
C LEU A 1063 41.51 34.20 40.85
N HIS A 1064 40.51 35.03 41.08
CA HIS A 1064 40.56 36.46 40.86
C HIS A 1064 40.84 37.18 42.18
N VAL A 1065 41.89 37.99 42.20
CA VAL A 1065 42.22 38.87 43.31
C VAL A 1065 41.79 40.29 42.96
N THR A 1066 40.90 40.84 43.78
CA THR A 1066 40.35 42.17 43.60
C THR A 1066 40.50 43.00 44.87
N TYR A 1067 40.37 44.29 44.69
CA TYR A 1067 40.43 45.28 45.74
C TYR A 1067 39.01 45.75 46.01
N VAL A 1068 38.59 45.76 47.28
CA VAL A 1068 37.24 46.16 47.63
C VAL A 1068 37.32 47.25 48.69
N PRO A 1069 36.87 48.47 48.41
CA PRO A 1069 36.97 49.53 49.41
C PRO A 1069 36.02 49.34 50.58
N ALA A 1070 36.40 49.85 51.75
CA ALA A 1070 35.73 49.54 53.01
C ALA A 1070 35.75 50.74 53.96
N GLN A 1071 34.75 50.77 54.84
CA GLN A 1071 34.66 51.70 55.97
C GLN A 1071 34.65 53.16 55.51
N GLU A 1072 33.60 53.50 54.78
CA GLU A 1072 33.44 54.83 54.21
C GLU A 1072 32.98 55.82 55.27
N LYS A 1073 33.44 57.06 55.11
CA LYS A 1073 33.01 58.17 55.96
C LYS A 1073 32.38 59.26 55.12
N ASN A 1074 31.58 60.09 55.79
CA ASN A 1074 30.88 61.23 55.23
C ASN A 1074 31.74 62.49 55.25
N PHE A 1075 31.62 63.31 54.21
CA PHE A 1075 32.31 64.58 54.15
C PHE A 1075 31.46 65.55 53.33
N THR A 1076 31.82 66.83 53.43
CA THR A 1076 31.28 67.91 52.61
C THR A 1076 32.21 68.16 51.43
N THR A 1077 31.66 68.38 50.25
CA THR A 1077 32.44 68.59 49.04
C THR A 1077 32.15 69.96 48.44
N ALA A 1078 33.01 70.36 47.52
CA ALA A 1078 32.86 71.54 46.70
C ALA A 1078 33.50 71.27 45.34
N PRO A 1079 32.93 71.78 44.26
CA PRO A 1079 33.56 71.63 42.94
C PRO A 1079 34.88 72.36 42.82
N ALA A 1080 34.98 73.57 43.35
CA ALA A 1080 36.14 74.40 43.15
C ALA A 1080 36.35 75.24 44.40
N ILE A 1081 37.55 75.79 44.54
CA ILE A 1081 37.89 76.72 45.62
C ILE A 1081 37.99 78.10 44.99
N CYS A 1082 37.61 79.14 45.72
CA CYS A 1082 37.83 80.49 45.26
C CYS A 1082 38.88 81.17 46.11
N HIS A 1083 39.90 81.71 45.46
CA HIS A 1083 40.98 82.40 46.16
C HIS A 1083 41.54 83.47 45.25
N ASP A 1084 41.60 84.70 45.75
CA ASP A 1084 42.10 85.85 44.98
C ASP A 1084 41.29 86.08 43.71
N GLY A 1085 39.98 85.86 43.78
CA GLY A 1085 39.19 85.97 42.58
C GLY A 1085 39.50 84.96 41.51
N LYS A 1086 39.99 83.78 41.89
CA LYS A 1086 40.32 82.74 40.93
C LYS A 1086 39.67 81.44 41.37
N ALA A 1087 39.32 80.61 40.39
CA ALA A 1087 38.74 79.30 40.64
C ALA A 1087 39.81 78.23 40.55
N HIS A 1088 39.89 77.38 41.56
CA HIS A 1088 40.92 76.35 41.66
C HIS A 1088 40.23 75.00 41.63
N PHE A 1089 40.77 74.10 40.84
CA PHE A 1089 40.28 72.76 40.66
C PHE A 1089 41.35 71.78 41.07
N PRO A 1090 40.99 70.62 41.61
CA PRO A 1090 42.01 69.63 41.98
C PRO A 1090 42.62 68.96 40.76
N ARG A 1091 43.91 68.68 40.85
CA ARG A 1091 44.59 67.97 39.77
C ARG A 1091 44.13 66.53 39.68
N GLU A 1092 44.12 65.82 40.80
CA GLU A 1092 43.61 64.46 40.84
C GLU A 1092 43.09 64.19 42.26
N GLY A 1093 41.80 64.37 42.45
CA GLY A 1093 41.23 64.16 43.76
C GLY A 1093 39.96 64.95 43.91
N VAL A 1094 39.58 65.14 45.17
CA VAL A 1094 38.41 65.90 45.52
C VAL A 1094 38.75 66.77 46.71
N PHE A 1095 38.09 67.93 46.77
CA PHE A 1095 38.10 68.79 47.94
C PHE A 1095 37.11 68.25 48.95
N VAL A 1096 37.54 68.05 50.19
CA VAL A 1096 36.67 67.56 51.23
C VAL A 1096 36.85 68.41 52.48
N SER A 1097 35.79 68.47 53.29
CA SER A 1097 35.84 69.21 54.54
C SER A 1097 35.51 68.27 55.69
N ASN A 1098 36.30 68.33 56.76
CA ASN A 1098 35.98 67.58 57.97
C ASN A 1098 35.01 68.31 58.88
N GLY A 1099 34.42 69.41 58.42
CA GLY A 1099 33.61 70.26 59.24
C GLY A 1099 34.17 71.66 59.42
N THR A 1100 35.50 71.82 59.46
CA THR A 1100 36.08 73.13 59.69
C THR A 1100 37.23 73.44 58.74
N HIS A 1101 37.83 72.40 58.16
CA HIS A 1101 39.03 72.56 57.34
C HIS A 1101 38.84 71.86 56.01
N TRP A 1102 39.48 72.39 54.97
CA TRP A 1102 39.39 71.86 53.62
C TRP A 1102 40.69 71.19 53.22
N PHE A 1103 40.56 70.02 52.59
CA PHE A 1103 41.69 69.20 52.17
C PHE A 1103 41.45 68.73 50.75
N VAL A 1104 42.49 68.21 50.12
CA VAL A 1104 42.37 67.42 48.89
C VAL A 1104 42.67 65.99 49.26
N THR A 1105 41.95 65.06 48.68
CA THR A 1105 42.20 63.64 48.88
C THR A 1105 42.06 62.93 47.55
N GLN A 1106 42.74 61.80 47.42
CA GLN A 1106 42.47 60.91 46.31
C GLN A 1106 41.15 60.21 46.51
N ARG A 1107 40.51 59.84 45.41
CA ARG A 1107 39.08 59.53 45.45
C ARG A 1107 38.75 58.16 46.01
N ASN A 1108 39.71 57.25 46.12
CA ASN A 1108 39.41 55.88 46.54
C ASN A 1108 39.96 55.54 47.92
N PHE A 1109 40.80 56.39 48.49
CA PHE A 1109 41.38 56.15 49.78
C PHE A 1109 41.44 57.49 50.47
N TYR A 1110 41.04 57.56 51.72
CA TYR A 1110 41.04 58.85 52.42
C TYR A 1110 42.43 59.14 52.93
N GLU A 1111 43.01 60.21 52.42
CA GLU A 1111 44.37 60.61 52.77
C GLU A 1111 44.49 62.11 52.58
N PRO A 1112 44.03 62.89 53.56
CA PRO A 1112 43.86 64.33 53.35
C PRO A 1112 45.15 65.13 53.37
N GLN A 1113 45.23 66.10 52.46
CA GLN A 1113 46.41 66.95 52.34
C GLN A 1113 45.99 68.39 52.21
N ILE A 1114 46.94 69.28 52.41
CA ILE A 1114 46.69 70.71 52.30
C ILE A 1114 46.48 71.09 50.84
N ILE A 1115 45.63 72.08 50.62
CA ILE A 1115 45.37 72.61 49.28
C ILE A 1115 46.45 73.63 48.97
N THR A 1116 47.32 73.32 48.01
CA THR A 1116 48.39 74.20 47.60
C THR A 1116 48.31 74.43 46.10
N THR A 1117 49.21 75.25 45.59
CA THR A 1117 49.28 75.51 44.16
C THR A 1117 49.96 74.39 43.39
N ASP A 1118 50.32 73.30 44.05
CA ASP A 1118 50.93 72.15 43.42
C ASP A 1118 49.97 70.98 43.21
N ASN A 1119 48.84 70.96 43.90
CA ASN A 1119 47.85 69.93 43.65
C ASN A 1119 46.57 70.49 43.04
N THR A 1120 46.56 71.76 42.65
CA THR A 1120 45.41 72.37 42.01
C THR A 1120 45.85 73.02 40.70
N PHE A 1121 44.88 73.43 39.89
CA PHE A 1121 45.13 74.32 38.77
C PHE A 1121 44.02 75.37 38.72
N VAL A 1122 44.27 76.44 37.98
CA VAL A 1122 43.38 77.59 37.94
C VAL A 1122 42.69 77.66 36.60
N SER A 1123 41.42 78.07 36.61
CA SER A 1123 40.71 78.35 35.37
C SER A 1123 39.54 79.30 35.67
N GLY A 1124 39.72 80.58 35.39
CA GLY A 1124 38.64 81.53 35.38
C GLY A 1124 38.45 82.29 36.68
N ASN A 1125 37.26 82.85 36.81
CA ASN A 1125 36.80 83.55 38.01
C ASN A 1125 35.94 82.62 38.85
N CYS A 1126 35.73 83.02 40.10
CA CYS A 1126 34.82 82.27 40.97
C CYS A 1126 33.43 82.89 40.94
N ASP A 1127 32.88 83.00 39.74
CA ASP A 1127 31.53 83.53 39.60
C ASP A 1127 30.72 82.83 38.52
N VAL A 1128 31.22 81.71 38.01
CA VAL A 1128 30.55 81.01 36.92
C VAL A 1128 30.20 79.59 37.33
N VAL A 1129 30.97 79.01 38.21
CA VAL A 1129 30.77 77.61 38.60
C VAL A 1129 29.83 77.57 39.80
N ILE A 1130 28.93 76.60 39.79
CA ILE A 1130 27.84 76.51 40.76
C ILE A 1130 28.32 75.70 41.96
N GLY A 1131 28.62 76.38 43.06
CA GLY A 1131 29.04 75.71 44.27
C GLY A 1131 30.44 76.00 44.74
N ILE A 1132 31.13 77.02 44.20
CA ILE A 1132 32.43 77.41 44.70
C ILE A 1132 32.34 77.74 46.19
N VAL A 1133 33.38 77.39 46.93
CA VAL A 1133 33.50 77.84 48.31
C VAL A 1133 34.79 78.63 48.44
N ASN A 1134 34.82 79.51 49.44
CA ASN A 1134 35.97 80.36 49.70
C ASN A 1134 36.94 79.73 50.68
N ASN A 1135 38.20 79.64 50.27
CA ASN A 1135 39.24 79.09 51.11
C ASN A 1135 40.57 79.54 50.54
N THR A 1136 41.65 79.24 51.25
CA THR A 1136 42.96 79.75 50.88
C THR A 1136 43.79 78.64 50.25
N VAL A 1137 44.51 78.99 49.20
CA VAL A 1137 45.38 78.06 48.50
C VAL A 1137 46.80 78.46 48.82
N TYR A 1138 47.50 77.63 49.56
CA TYR A 1138 48.79 77.96 50.11
C TYR A 1138 49.86 77.83 49.04
N ASP A 1139 50.67 78.86 48.87
CA ASP A 1139 51.79 78.84 47.96
C ASP A 1139 53.08 78.56 48.73
N PRO A 1140 53.82 77.51 48.42
CA PRO A 1140 55.03 77.18 49.20
C PRO A 1140 56.18 78.14 48.99
N LEU A 1141 56.29 78.66 47.76
CA LEU A 1141 57.44 79.48 47.40
C LEU A 1141 57.56 80.72 48.27
N GLN A 1142 56.44 81.29 48.69
CA GLN A 1142 56.53 82.57 49.39
C GLN A 1142 57.18 82.38 50.76
N PRO A 1143 56.71 81.48 51.62
CA PRO A 1143 57.46 81.22 52.84
C PRO A 1143 58.81 80.58 52.58
N GLU A 1144 59.05 80.07 51.36
CA GLU A 1144 60.39 79.61 51.03
C GLU A 1144 61.36 80.79 50.96
N LEU A 1145 61.11 81.71 50.04
CA LEU A 1145 62.01 82.84 49.86
C LEU A 1145 61.71 84.00 50.80
N ASP A 1146 60.66 83.90 51.61
CA ASP A 1146 60.25 84.96 52.52
C ASP A 1146 59.97 86.25 51.75
N ALA B 27 -22.79 39.92 -28.15
CA ALA B 27 -21.96 40.80 -27.35
C ALA B 27 -21.22 40.02 -26.27
N TYR B 28 -20.15 40.61 -25.75
CA TYR B 28 -19.41 40.06 -24.63
C TYR B 28 -19.17 41.20 -23.66
N THR B 29 -19.02 40.85 -22.38
CA THR B 29 -18.84 41.86 -21.35
C THR B 29 -17.82 41.33 -20.35
N ASN B 30 -17.43 42.20 -19.43
CA ASN B 30 -16.39 41.95 -18.46
C ASN B 30 -17.00 41.94 -17.07
N SER B 31 -16.93 40.79 -16.40
CA SER B 31 -17.20 40.73 -14.97
C SER B 31 -16.13 41.52 -14.27
N PHE B 32 -16.37 41.94 -13.03
CA PHE B 32 -15.23 42.55 -12.36
C PHE B 32 -14.80 41.69 -11.19
N THR B 33 -15.67 41.55 -10.20
CA THR B 33 -15.45 40.64 -9.08
C THR B 33 -16.82 40.04 -8.78
N ARG B 34 -17.11 38.93 -9.43
CA ARG B 34 -18.46 38.38 -9.43
C ARG B 34 -18.37 36.86 -9.43
N GLY B 35 -19.32 36.23 -8.77
CA GLY B 35 -19.37 34.77 -8.77
C GLY B 35 -18.56 34.15 -7.66
N VAL B 36 -18.63 34.73 -6.47
CA VAL B 36 -18.00 34.19 -5.28
C VAL B 36 -19.10 33.59 -4.41
N TYR B 37 -18.92 32.33 -4.03
CA TYR B 37 -19.88 31.62 -3.21
C TYR B 37 -19.17 31.03 -2.00
N TYR B 38 -19.94 30.84 -0.93
CA TYR B 38 -19.42 30.19 0.26
C TYR B 38 -19.14 28.73 -0.05
N PRO B 39 -17.93 28.26 0.02
CA PRO B 39 -17.63 26.92 -0.47
C PRO B 39 -17.84 25.82 0.56
N ASP B 40 -18.35 26.18 1.73
CA ASP B 40 -18.62 25.19 2.77
C ASP B 40 -19.52 25.80 3.82
N LYS B 41 -19.93 24.99 4.78
CA LYS B 41 -20.84 25.39 5.83
C LYS B 41 -20.14 26.01 7.03
N VAL B 42 -18.83 26.20 6.95
CA VAL B 42 -18.05 26.56 8.12
C VAL B 42 -18.12 28.06 8.37
N PHE B 43 -18.47 28.43 9.59
CA PHE B 43 -18.40 29.81 10.03
C PHE B 43 -16.95 30.21 10.28
N ARG B 44 -16.64 31.47 10.04
CA ARG B 44 -15.31 32.01 10.30
C ARG B 44 -15.46 33.46 10.72
N SER B 45 -14.77 33.83 11.78
CA SER B 45 -14.75 35.21 12.25
C SER B 45 -13.66 35.95 11.49
N SER B 46 -13.19 37.08 12.01
CA SER B 46 -12.36 37.99 11.24
C SER B 46 -11.04 37.33 10.89
N VAL B 47 -10.97 36.71 9.70
CA VAL B 47 -9.78 36.02 9.23
C VAL B 47 -9.67 36.18 7.71
N LEU B 48 -8.57 35.65 7.17
CA LEU B 48 -8.33 35.56 5.74
C LEU B 48 -8.07 34.11 5.43
N HIS B 49 -8.99 33.45 4.73
CA HIS B 49 -8.93 32.02 4.51
C HIS B 49 -8.69 31.71 3.04
N SER B 50 -7.85 30.72 2.76
CA SER B 50 -7.43 30.39 1.41
C SER B 50 -8.09 29.09 0.96
N THR B 51 -8.67 29.10 -0.24
CA THR B 51 -9.37 27.93 -0.77
C THR B 51 -8.94 27.60 -2.19
N GLN B 52 -9.06 26.33 -2.54
CA GLN B 52 -8.95 25.84 -3.89
C GLN B 52 -10.30 25.26 -4.30
N ASP B 53 -10.86 25.74 -5.40
CA ASP B 53 -12.19 25.28 -5.80
C ASP B 53 -12.44 25.71 -7.24
N LEU B 54 -13.70 25.60 -7.68
CA LEU B 54 -14.11 26.03 -9.01
C LEU B 54 -14.76 27.39 -8.90
N PHE B 55 -14.12 28.39 -9.46
CA PHE B 55 -14.59 29.76 -9.37
C PHE B 55 -14.65 30.37 -10.76
N LEU B 56 -15.30 31.51 -10.85
CA LEU B 56 -15.30 32.33 -12.04
C LEU B 56 -14.17 33.34 -11.93
N PRO B 57 -13.11 33.23 -12.74
CA PRO B 57 -11.95 34.11 -12.59
C PRO B 57 -12.31 35.58 -12.67
N PHE B 58 -11.56 36.42 -11.98
CA PHE B 58 -11.86 37.84 -11.98
C PHE B 58 -11.59 38.42 -13.37
N PHE B 59 -12.38 39.42 -13.74
CA PHE B 59 -12.23 40.10 -15.02
C PHE B 59 -12.27 39.10 -16.15
N SER B 60 -13.42 38.45 -16.34
CA SER B 60 -13.57 37.38 -17.31
C SER B 60 -14.40 37.87 -18.49
N ASN B 61 -14.52 36.97 -19.47
CA ASN B 61 -15.17 37.25 -20.74
C ASN B 61 -16.52 36.54 -20.74
N VAL B 62 -17.57 37.24 -20.33
CA VAL B 62 -18.89 36.63 -20.15
C VAL B 62 -19.76 36.99 -21.35
N THR B 63 -20.37 35.97 -21.95
CA THR B 63 -21.26 36.19 -23.06
C THR B 63 -22.42 37.09 -22.66
N TRP B 64 -23.01 37.75 -23.65
CA TRP B 64 -24.16 38.59 -23.41
C TRP B 64 -25.28 38.08 -24.31
N PHE B 65 -26.49 38.00 -23.75
CA PHE B 65 -27.66 37.59 -24.50
C PHE B 65 -28.76 38.60 -24.28
N HIS B 66 -29.51 38.87 -25.35
CA HIS B 66 -30.67 39.75 -25.30
C HIS B 66 -31.92 38.96 -25.63
N ALA B 67 -33.06 39.56 -25.32
CA ALA B 67 -34.36 39.01 -25.67
C ALA B 67 -35.38 40.14 -25.62
N ASN B 81 -33.84 31.09 -26.08
CA ASN B 81 -32.47 31.38 -26.48
C ASN B 81 -31.69 30.05 -26.47
N PRO B 82 -30.47 30.02 -27.02
CA PRO B 82 -29.92 28.77 -27.55
C PRO B 82 -29.41 27.78 -26.50
N VAL B 83 -29.09 26.58 -27.00
CA VAL B 83 -28.48 25.50 -26.22
C VAL B 83 -27.02 25.85 -25.98
N LEU B 84 -26.62 25.91 -24.72
CA LEU B 84 -25.26 26.24 -24.33
C LEU B 84 -24.54 24.99 -23.84
N PRO B 85 -23.25 25.04 -23.57
CA PRO B 85 -22.60 23.92 -22.87
C PRO B 85 -22.62 24.10 -21.35
N PHE B 86 -22.16 23.09 -20.62
CA PHE B 86 -22.00 23.18 -19.18
C PHE B 86 -20.55 23.04 -18.73
N ASN B 87 -19.97 21.88 -19.00
CA ASN B 87 -18.57 21.45 -19.03
C ASN B 87 -17.86 21.58 -17.69
N ASP B 88 -18.22 22.57 -16.86
CA ASP B 88 -17.83 22.65 -15.46
C ASP B 88 -18.57 23.81 -14.83
N GLY B 89 -19.71 23.58 -14.21
CA GLY B 89 -20.40 24.66 -13.54
C GLY B 89 -20.74 25.87 -14.41
N VAL B 90 -21.50 26.82 -13.87
CA VAL B 90 -21.98 27.96 -14.64
C VAL B 90 -22.30 29.09 -13.67
N TYR B 91 -21.84 30.29 -13.99
CA TYR B 91 -22.36 31.52 -13.43
C TYR B 91 -23.47 32.03 -14.34
N PHE B 92 -24.45 32.69 -13.75
CA PHE B 92 -25.60 33.10 -14.52
C PHE B 92 -26.28 34.27 -13.82
N ALA B 93 -26.16 35.47 -14.35
CA ALA B 93 -26.88 36.61 -13.80
C ALA B 93 -28.02 37.00 -14.75
N SER B 94 -28.86 37.91 -14.28
CA SER B 94 -30.04 38.33 -15.03
C SER B 94 -30.61 39.58 -14.40
N THR B 95 -31.25 40.42 -15.21
CA THR B 95 -31.73 41.72 -14.77
C THR B 95 -33.11 42.03 -15.34
N GLU B 96 -34.04 42.42 -14.47
CA GLU B 96 -35.36 42.92 -14.86
C GLU B 96 -36.21 43.31 -13.65
N LYS B 97 -37.38 43.90 -13.90
CA LYS B 97 -38.41 44.07 -12.88
C LYS B 97 -39.57 43.11 -13.06
N SER B 98 -40.04 42.92 -14.28
CA SER B 98 -40.90 41.78 -14.63
C SER B 98 -40.10 40.50 -14.51
N ASN B 99 -40.69 39.36 -14.84
CA ASN B 99 -39.98 38.10 -14.70
C ASN B 99 -40.02 37.35 -16.04
N ILE B 100 -39.02 37.61 -16.87
CA ILE B 100 -38.93 37.00 -18.19
C ILE B 100 -38.14 35.70 -18.07
N ILE B 101 -37.15 35.69 -17.19
CA ILE B 101 -36.35 34.50 -16.94
C ILE B 101 -37.12 33.61 -15.99
N ARG B 102 -37.54 32.44 -16.49
CA ARG B 102 -38.43 31.55 -15.78
C ARG B 102 -37.78 30.17 -15.69
N GLY B 103 -36.52 30.15 -15.29
CA GLY B 103 -35.85 28.89 -15.04
C GLY B 103 -35.08 28.38 -16.21
N TRP B 104 -34.40 27.28 -15.98
CA TRP B 104 -33.45 26.69 -16.90
C TRP B 104 -33.85 25.26 -17.14
N ILE B 105 -33.21 24.60 -18.09
CA ILE B 105 -33.38 23.17 -18.29
C ILE B 105 -31.99 22.60 -18.57
N PHE B 106 -31.73 21.42 -18.03
CA PHE B 106 -30.37 20.90 -18.04
C PHE B 106 -30.34 19.53 -18.70
N GLY B 107 -29.14 18.98 -18.82
CA GLY B 107 -29.02 17.59 -19.21
C GLY B 107 -27.94 17.33 -20.24
N THR B 108 -28.00 16.17 -20.90
CA THR B 108 -27.05 15.87 -21.96
C THR B 108 -27.70 15.98 -23.33
N THR B 109 -28.92 15.45 -23.50
CA THR B 109 -29.60 15.47 -24.79
C THR B 109 -30.85 16.33 -24.83
N LEU B 110 -31.39 16.72 -23.68
CA LEU B 110 -32.58 17.57 -23.61
C LEU B 110 -33.76 16.94 -24.34
N ASP B 111 -33.87 15.62 -24.21
CA ASP B 111 -34.96 14.88 -24.84
C ASP B 111 -35.15 13.57 -24.10
N SER B 112 -35.91 12.66 -24.73
CA SER B 112 -36.02 11.31 -24.22
C SER B 112 -34.76 10.52 -24.56
N LYS B 113 -34.78 9.23 -24.20
CA LYS B 113 -33.67 8.29 -24.35
C LYS B 113 -32.57 8.57 -23.33
N THR B 114 -32.63 9.68 -22.61
CA THR B 114 -31.76 9.92 -21.47
C THR B 114 -32.42 10.96 -20.57
N GLN B 115 -32.06 10.93 -19.29
CA GLN B 115 -32.72 11.71 -18.27
C GLN B 115 -32.17 13.13 -18.19
N SER B 116 -33.01 14.04 -17.70
CA SER B 116 -32.64 15.45 -17.60
C SER B 116 -33.41 16.10 -16.45
N LEU B 117 -32.93 17.26 -16.01
CA LEU B 117 -33.58 18.06 -14.99
C LEU B 117 -34.43 19.15 -15.65
N LEU B 118 -35.39 19.68 -14.90
CA LEU B 118 -36.23 20.78 -15.38
C LEU B 118 -36.62 21.64 -14.19
N ILE B 119 -36.26 22.91 -14.25
CA ILE B 119 -36.54 23.85 -13.17
C ILE B 119 -37.36 25.01 -13.71
N VAL B 120 -38.57 25.14 -13.20
CA VAL B 120 -39.55 26.03 -13.81
C VAL B 120 -40.14 26.92 -12.74
N ASN B 121 -40.74 28.04 -13.15
CA ASN B 121 -41.47 28.91 -12.25
C ASN B 121 -42.58 29.60 -13.03
N ASN B 122 -43.83 29.15 -12.87
CA ASN B 122 -44.95 29.93 -13.38
C ASN B 122 -45.22 31.05 -12.38
N ALA B 123 -46.31 31.79 -12.54
CA ALA B 123 -46.59 32.89 -11.63
C ALA B 123 -46.91 32.40 -10.23
N THR B 124 -46.84 31.08 -10.01
CA THR B 124 -47.17 30.51 -8.70
C THR B 124 -45.94 30.35 -7.83
N ASN B 125 -45.02 29.47 -8.24
CA ASN B 125 -43.79 29.16 -7.53
C ASN B 125 -43.01 28.08 -8.27
N VAL B 126 -41.80 27.85 -7.77
CA VAL B 126 -40.81 26.96 -8.37
C VAL B 126 -41.34 25.55 -8.52
N VAL B 127 -40.93 24.87 -9.60
CA VAL B 127 -41.28 23.46 -9.81
C VAL B 127 -40.05 22.71 -10.29
N ILE B 128 -39.29 22.12 -9.37
CA ILE B 128 -38.20 21.26 -9.81
C ILE B 128 -38.81 19.93 -10.25
N LYS B 129 -38.15 19.26 -11.19
CA LYS B 129 -38.69 18.03 -11.74
C LYS B 129 -37.58 17.28 -12.44
N VAL B 130 -37.60 15.95 -12.30
CA VAL B 130 -36.64 15.12 -13.02
C VAL B 130 -37.34 13.92 -13.63
N CYS B 131 -37.62 14.00 -14.92
CA CYS B 131 -38.15 12.87 -15.70
C CYS B 131 -37.28 12.68 -16.94
N GLU B 132 -37.76 11.82 -17.84
CA GLU B 132 -37.34 11.85 -19.22
C GLU B 132 -38.39 12.64 -20.00
N PHE B 133 -37.93 13.65 -20.73
CA PHE B 133 -38.84 14.59 -21.35
C PHE B 133 -38.79 14.47 -22.87
N GLN B 134 -39.62 15.25 -23.52
CA GLN B 134 -39.47 15.58 -24.93
C GLN B 134 -39.57 17.09 -25.01
N PHE B 135 -38.43 17.75 -25.19
CA PHE B 135 -38.35 19.19 -25.11
C PHE B 135 -38.50 19.79 -26.50
N CYS B 136 -39.34 20.83 -26.59
CA CYS B 136 -39.34 21.67 -27.77
C CYS B 136 -37.94 22.18 -28.05
N ASN B 137 -37.54 22.15 -29.32
CA ASN B 137 -36.24 22.72 -29.65
C ASN B 137 -36.19 24.21 -29.37
N ASP B 138 -37.34 24.88 -29.35
CA ASP B 138 -37.44 26.25 -28.88
C ASP B 138 -38.54 26.30 -27.82
N PRO B 139 -38.22 25.89 -26.59
CA PRO B 139 -39.25 25.78 -25.56
C PRO B 139 -39.38 27.07 -24.76
N PHE B 140 -40.60 27.40 -24.39
CA PHE B 140 -40.87 28.64 -23.67
C PHE B 140 -42.24 28.55 -23.02
N LEU B 141 -42.67 29.67 -22.44
CA LEU B 141 -44.00 29.77 -21.88
C LEU B 141 -44.57 31.15 -22.20
N GLY B 142 -45.88 31.20 -22.41
CA GLY B 142 -46.54 32.41 -22.86
C GLY B 142 -46.87 33.38 -21.76
N VAL B 143 -47.83 34.26 -22.05
CA VAL B 143 -48.36 35.20 -21.08
C VAL B 143 -49.62 35.82 -21.69
N MET B 153 -56.25 35.52 -20.05
CA MET B 153 -55.55 34.49 -20.80
C MET B 153 -54.40 33.93 -19.97
N GLU B 154 -53.19 34.46 -20.19
CA GLU B 154 -52.00 34.11 -19.43
C GLU B 154 -51.77 32.61 -19.42
N SER B 155 -51.89 32.00 -20.61
CA SER B 155 -51.73 30.57 -20.80
C SER B 155 -50.43 30.30 -21.56
N GLU B 156 -49.77 29.20 -21.19
CA GLU B 156 -48.34 29.10 -21.36
C GLU B 156 -47.84 27.68 -21.52
N PHE B 157 -46.56 27.47 -21.27
CA PHE B 157 -45.94 26.15 -21.15
C PHE B 157 -46.02 25.34 -22.43
N ARG B 158 -45.38 25.85 -23.49
CA ARG B 158 -45.10 25.03 -24.66
C ARG B 158 -43.71 24.42 -24.50
N VAL B 159 -43.31 24.16 -23.26
CA VAL B 159 -41.93 23.78 -22.98
C VAL B 159 -41.63 22.37 -23.48
N TYR B 160 -42.29 21.38 -22.91
CA TYR B 160 -42.08 20.00 -23.35
C TYR B 160 -43.35 19.37 -23.91
N SER B 161 -43.29 18.08 -24.23
CA SER B 161 -44.48 17.34 -24.59
C SER B 161 -44.46 15.92 -24.02
N SER B 162 -43.65 15.69 -22.99
CA SER B 162 -43.48 14.36 -22.42
C SER B 162 -42.94 14.51 -21.00
N ALA B 163 -43.40 13.62 -20.12
CA ALA B 163 -43.00 13.64 -18.72
C ALA B 163 -42.83 12.22 -18.17
N ASN B 164 -42.12 11.36 -18.88
CA ASN B 164 -42.10 9.94 -18.58
C ASN B 164 -41.09 9.60 -17.48
N ASN B 165 -41.36 8.52 -16.75
CA ASN B 165 -40.38 7.90 -15.88
C ASN B 165 -39.84 8.80 -14.77
N CYS B 166 -40.64 9.74 -14.28
CA CYS B 166 -40.16 10.74 -13.33
C CYS B 166 -39.55 10.11 -12.08
N THR B 167 -38.33 10.54 -11.76
CA THR B 167 -37.52 9.96 -10.69
C THR B 167 -37.32 10.96 -9.55
N PHE B 168 -37.93 12.13 -9.69
CA PHE B 168 -37.85 13.18 -8.67
C PHE B 168 -38.86 14.24 -9.01
N GLU B 169 -39.67 14.65 -8.04
CA GLU B 169 -40.59 15.76 -8.27
C GLU B 169 -40.40 16.76 -7.14
N TYR B 170 -41.01 17.91 -7.31
CA TYR B 170 -41.14 18.94 -6.27
C TYR B 170 -42.08 19.99 -6.80
N VAL B 171 -42.97 20.49 -5.96
CA VAL B 171 -43.78 21.66 -6.29
C VAL B 171 -43.89 22.49 -5.02
N SER B 172 -44.67 23.57 -5.07
CA SER B 172 -44.98 24.34 -3.88
C SER B 172 -46.25 25.15 -4.06
N LYS B 187 -33.49 47.85 -11.29
CA LYS B 187 -34.49 46.79 -11.12
C LYS B 187 -34.00 45.71 -10.17
N ASN B 188 -33.70 44.54 -10.73
CA ASN B 188 -33.26 43.40 -9.94
C ASN B 188 -32.06 42.76 -10.62
N LEU B 189 -31.16 42.21 -9.81
CA LEU B 189 -30.07 41.39 -10.28
C LEU B 189 -30.11 40.07 -9.53
N ARG B 190 -30.14 38.97 -10.26
CA ARG B 190 -30.35 37.65 -9.68
C ARG B 190 -29.26 36.72 -10.21
N GLU B 191 -28.26 36.48 -9.37
CA GLU B 191 -27.14 35.63 -9.74
C GLU B 191 -27.33 34.20 -9.27
N PHE B 192 -26.75 33.26 -10.02
CA PHE B 192 -26.83 31.85 -9.70
C PHE B 192 -25.54 31.17 -10.10
N VAL B 193 -25.12 30.20 -9.29
CA VAL B 193 -23.99 29.35 -9.61
C VAL B 193 -24.49 27.92 -9.58
N PHE B 194 -24.34 27.21 -10.69
CA PHE B 194 -24.79 25.83 -10.80
C PHE B 194 -23.58 24.94 -10.93
N LYS B 195 -23.53 23.88 -10.11
CA LYS B 195 -22.46 22.90 -10.25
C LYS B 195 -23.00 21.51 -9.97
N ASN B 196 -22.24 20.48 -10.34
CA ASN B 196 -22.72 19.12 -10.38
C ASN B 196 -21.58 18.16 -10.05
N ILE B 197 -21.50 17.72 -8.79
CA ILE B 197 -20.40 16.89 -8.32
C ILE B 197 -20.95 15.68 -7.57
N ASP B 198 -20.41 14.51 -7.89
CA ASP B 198 -20.74 13.26 -7.22
C ASP B 198 -22.24 13.05 -7.08
N GLY B 199 -22.97 13.17 -8.19
CA GLY B 199 -24.40 12.93 -8.19
C GLY B 199 -25.21 13.95 -7.43
N TYR B 200 -24.58 15.02 -6.96
CA TYR B 200 -25.30 16.10 -6.31
C TYR B 200 -25.25 17.32 -7.23
N PHE B 201 -26.39 17.99 -7.35
CA PHE B 201 -26.49 19.17 -8.19
C PHE B 201 -26.70 20.36 -7.27
N LYS B 202 -25.63 21.11 -7.04
CA LYS B 202 -25.64 22.22 -6.10
C LYS B 202 -25.98 23.51 -6.81
N ILE B 203 -26.70 24.38 -6.10
CA ILE B 203 -27.19 25.64 -6.62
C ILE B 203 -26.95 26.70 -5.55
N TYR B 204 -26.13 27.70 -5.88
CA TYR B 204 -25.97 28.86 -5.04
C TYR B 204 -26.65 30.01 -5.72
N SER B 205 -27.03 31.02 -4.95
CA SER B 205 -27.81 32.11 -5.52
C SER B 205 -27.67 33.34 -4.66
N LYS B 206 -28.05 34.48 -5.24
CA LYS B 206 -28.09 35.75 -4.54
C LYS B 206 -28.97 36.70 -5.32
N HIS B 207 -29.69 37.55 -4.59
CA HIS B 207 -30.60 38.53 -5.19
C HIS B 207 -30.19 39.90 -4.67
N THR B 208 -29.51 40.64 -5.51
CA THR B 208 -29.15 42.02 -5.18
C THR B 208 -30.05 42.98 -5.96
N PRO B 209 -30.38 44.11 -5.38
CA PRO B 209 -31.12 45.12 -6.14
C PRO B 209 -30.20 46.08 -6.89
N ILE B 210 -30.32 46.16 -8.21
CA ILE B 210 -29.56 47.16 -8.96
C ILE B 210 -30.29 48.49 -8.88
N ASN B 211 -29.61 49.56 -9.26
CA ASN B 211 -30.30 50.83 -9.46
C ASN B 211 -30.26 51.19 -10.93
N LEU B 212 -30.00 50.19 -11.76
CA LEU B 212 -30.16 50.24 -13.21
C LEU B 212 -31.31 49.30 -13.57
N VAL B 213 -31.53 49.09 -14.87
CA VAL B 213 -32.56 48.15 -15.28
C VAL B 213 -31.94 46.85 -15.78
N ARG B 214 -31.08 46.90 -16.81
CA ARG B 214 -30.57 45.67 -17.42
C ARG B 214 -29.11 45.70 -17.90
N ASP B 215 -28.17 46.23 -17.11
CA ASP B 215 -26.75 46.14 -17.44
C ASP B 215 -25.98 45.56 -16.26
N LEU B 216 -24.90 44.83 -16.55
CA LEU B 216 -24.12 44.16 -15.51
C LEU B 216 -23.34 45.18 -14.69
N PRO B 217 -23.60 45.32 -13.40
CA PRO B 217 -22.91 46.33 -12.59
C PRO B 217 -21.56 45.89 -12.09
N GLN B 218 -20.98 46.67 -11.18
CA GLN B 218 -19.71 46.35 -10.56
C GLN B 218 -19.89 46.28 -9.06
N GLY B 219 -19.10 45.43 -8.41
CA GLY B 219 -19.16 45.31 -6.96
C GLY B 219 -18.87 43.92 -6.47
N PHE B 220 -18.98 43.70 -5.15
CA PHE B 220 -18.72 42.41 -4.55
C PHE B 220 -19.95 41.95 -3.78
N SER B 221 -20.35 40.70 -4.02
CA SER B 221 -21.50 40.12 -3.34
C SER B 221 -21.43 38.60 -3.38
N ALA B 222 -21.20 37.95 -2.24
CA ALA B 222 -21.01 36.51 -2.18
C ALA B 222 -22.33 35.77 -2.22
N LEU B 223 -22.32 34.60 -2.87
CA LEU B 223 -23.53 33.84 -3.15
C LEU B 223 -23.67 32.70 -2.15
N GLU B 224 -24.89 32.56 -1.52
CA GLU B 224 -25.20 31.62 -0.44
C GLU B 224 -25.90 30.38 -0.96
N PRO B 225 -25.52 29.20 -0.47
CA PRO B 225 -26.07 27.95 -1.02
C PRO B 225 -27.57 27.84 -0.80
N LEU B 226 -28.26 27.29 -1.80
CA LEU B 226 -29.71 27.23 -1.80
C LEU B 226 -30.22 25.81 -1.67
N VAL B 227 -29.79 24.94 -2.56
CA VAL B 227 -30.38 23.65 -2.79
C VAL B 227 -29.26 22.61 -2.83
N ASP B 228 -29.68 21.35 -2.85
CA ASP B 228 -28.81 20.17 -2.95
C ASP B 228 -29.71 19.03 -3.47
N LEU B 229 -29.39 18.45 -4.62
CA LEU B 229 -30.26 17.39 -5.14
C LEU B 229 -29.45 16.13 -5.42
N PRO B 230 -29.69 15.05 -4.71
CA PRO B 230 -28.98 13.78 -4.98
C PRO B 230 -29.60 13.03 -6.15
N ILE B 231 -29.29 13.50 -7.36
CA ILE B 231 -29.92 12.97 -8.57
C ILE B 231 -29.10 11.82 -9.13
N GLY B 232 -27.90 12.11 -9.60
CA GLY B 232 -27.09 11.11 -10.28
C GLY B 232 -26.97 11.40 -11.76
N ILE B 233 -27.86 12.29 -12.23
CA ILE B 233 -27.96 12.76 -13.61
C ILE B 233 -26.61 13.18 -14.18
N ASN B 234 -26.37 12.88 -15.46
CA ASN B 234 -25.26 13.42 -16.22
C ASN B 234 -25.71 14.72 -16.88
N ILE B 235 -24.80 15.69 -16.98
CA ILE B 235 -25.14 16.97 -17.60
C ILE B 235 -24.03 17.37 -18.56
N THR B 236 -24.43 17.85 -19.75
CA THR B 236 -23.48 18.36 -20.72
C THR B 236 -24.03 19.62 -21.39
N ARG B 237 -25.30 19.93 -21.21
CA ARG B 237 -25.90 21.05 -21.90
C ARG B 237 -26.99 21.67 -21.04
N PHE B 238 -27.36 22.90 -21.36
CA PHE B 238 -28.45 23.57 -20.64
C PHE B 238 -29.02 24.68 -21.51
N GLN B 239 -30.15 25.23 -21.08
CA GLN B 239 -30.88 26.23 -21.83
C GLN B 239 -31.45 27.28 -20.89
N THR B 240 -32.40 28.05 -21.38
CA THR B 240 -33.12 29.03 -20.60
C THR B 240 -34.59 29.03 -21.03
N LEU B 241 -35.44 29.67 -20.22
CA LEU B 241 -36.87 29.72 -20.46
C LEU B 241 -37.36 31.15 -20.28
N LEU B 242 -38.20 31.61 -21.21
CA LEU B 242 -38.63 33.00 -21.21
C LEU B 242 -40.14 33.08 -21.42
N ALA B 243 -40.72 34.15 -20.88
CA ALA B 243 -42.16 34.42 -20.99
C ALA B 243 -42.39 35.37 -22.15
N LEU B 244 -43.08 34.87 -23.18
CA LEU B 244 -43.26 35.58 -24.44
C LEU B 244 -44.05 36.88 -24.30
N HIS B 245 -44.18 37.58 -25.41
CA HIS B 245 -45.04 38.75 -25.57
C HIS B 245 -46.30 38.35 -26.33
N ARG B 246 -47.45 38.49 -25.66
CA ARG B 246 -48.70 38.17 -26.34
C ARG B 246 -49.79 39.21 -26.10
N SER B 247 -49.68 39.97 -25.01
CA SER B 247 -50.69 40.97 -24.69
C SER B 247 -50.08 42.35 -24.50
N ALA B 264 -32.06 40.15 -21.01
CA ALA B 264 -30.64 40.39 -20.76
C ALA B 264 -30.10 39.40 -19.75
N TYR B 265 -29.14 38.58 -20.17
CA TYR B 265 -28.53 37.61 -19.27
C TYR B 265 -27.18 37.19 -19.79
N TYR B 266 -26.34 36.71 -18.86
CA TYR B 266 -24.95 36.41 -19.08
C TYR B 266 -24.67 34.96 -18.71
N VAL B 267 -23.56 34.43 -19.23
CA VAL B 267 -23.16 33.07 -18.91
C VAL B 267 -21.65 32.99 -18.78
N GLY B 268 -21.16 32.82 -17.55
CA GLY B 268 -19.77 32.52 -17.31
C GLY B 268 -19.54 31.03 -17.09
N TYR B 269 -18.28 30.66 -17.04
CA TYR B 269 -17.92 29.28 -16.75
C TYR B 269 -16.90 29.27 -15.63
N LEU B 270 -16.79 28.13 -14.96
CA LEU B 270 -16.01 28.00 -13.75
C LEU B 270 -14.80 27.12 -14.01
N GLN B 271 -13.66 27.49 -13.42
CA GLN B 271 -12.42 26.75 -13.57
C GLN B 271 -11.82 26.56 -12.19
N PRO B 272 -10.92 25.60 -12.03
CA PRO B 272 -10.25 25.41 -10.75
C PRO B 272 -9.24 26.50 -10.46
N ARG B 273 -9.58 27.39 -9.54
CA ARG B 273 -8.72 28.48 -9.10
C ARG B 273 -8.45 28.36 -7.60
N THR B 274 -7.62 29.27 -7.12
CA THR B 274 -7.27 29.42 -5.71
C THR B 274 -7.54 30.85 -5.31
N PHE B 275 -8.37 31.04 -4.30
CA PHE B 275 -8.75 32.38 -3.88
C PHE B 275 -8.40 32.61 -2.41
N LEU B 276 -8.41 33.88 -2.03
CA LEU B 276 -8.18 34.31 -0.66
C LEU B 276 -9.38 35.14 -0.24
N LEU B 277 -10.22 34.57 0.64
CA LEU B 277 -11.45 35.21 1.06
C LEU B 277 -11.27 35.90 2.39
N LYS B 278 -11.77 37.13 2.49
CA LYS B 278 -11.73 37.90 3.71
C LYS B 278 -13.07 37.76 4.43
N TYR B 279 -13.05 37.28 5.66
CA TYR B 279 -14.26 37.06 6.41
C TYR B 279 -14.48 38.18 7.41
N ASN B 280 -15.72 38.65 7.47
CA ASN B 280 -16.15 39.65 8.44
C ASN B 280 -16.19 39.04 9.83
N GLU B 281 -16.52 39.87 10.82
CA GLU B 281 -16.72 39.37 12.17
C GLU B 281 -18.08 38.72 12.38
N ASN B 282 -19.08 39.01 11.55
CA ASN B 282 -20.30 38.23 11.54
C ASN B 282 -20.16 36.95 10.74
N GLY B 283 -19.10 36.81 9.95
CA GLY B 283 -18.88 35.60 9.22
C GLY B 283 -19.22 35.65 7.76
N THR B 284 -19.40 36.85 7.20
CA THR B 284 -19.68 36.98 5.79
C THR B 284 -18.43 37.35 5.02
N ILE B 285 -18.39 36.92 3.76
CA ILE B 285 -17.27 37.21 2.87
C ILE B 285 -17.47 38.62 2.32
N THR B 286 -16.55 39.51 2.63
CA THR B 286 -16.68 40.91 2.21
C THR B 286 -15.76 41.25 1.05
N ASP B 287 -14.62 40.58 0.94
CA ASP B 287 -13.67 40.81 -0.13
C ASP B 287 -12.96 39.52 -0.51
N ALA B 288 -12.29 39.53 -1.65
CA ALA B 288 -11.57 38.36 -2.09
C ALA B 288 -10.38 38.78 -2.94
N VAL B 289 -9.47 37.83 -3.15
CA VAL B 289 -8.32 38.01 -4.01
C VAL B 289 -8.20 36.78 -4.90
N ASP B 290 -8.15 36.99 -6.21
CA ASP B 290 -7.86 35.94 -7.18
C ASP B 290 -6.34 35.88 -7.34
N CYS B 291 -5.75 34.74 -7.04
CA CYS B 291 -4.32 34.66 -6.80
C CYS B 291 -3.56 34.29 -8.07
N ALA B 292 -4.21 34.45 -9.21
CA ALA B 292 -3.58 34.09 -10.48
C ALA B 292 -3.83 35.18 -11.50
N LEU B 293 -4.37 36.31 -11.04
CA LEU B 293 -4.55 37.44 -11.94
C LEU B 293 -3.21 38.05 -12.35
N ASP B 294 -2.47 38.59 -11.39
CA ASP B 294 -1.27 39.37 -11.69
C ASP B 294 -0.23 39.14 -10.62
N PRO B 295 1.00 39.67 -10.75
CA PRO B 295 2.01 39.45 -9.72
C PRO B 295 1.64 39.99 -8.36
N LEU B 296 0.98 41.14 -8.28
CA LEU B 296 0.55 41.67 -7.00
C LEU B 296 -0.37 40.70 -6.26
N SER B 297 -1.29 40.06 -6.96
CA SER B 297 -2.23 39.15 -6.32
C SER B 297 -1.55 37.88 -5.86
N GLU B 298 -0.62 37.36 -6.66
CA GLU B 298 0.17 36.23 -6.23
C GLU B 298 1.03 36.55 -5.01
N THR B 299 1.52 37.78 -4.89
CA THR B 299 2.23 38.17 -3.68
C THR B 299 1.30 38.23 -2.48
N LYS B 300 0.12 38.84 -2.65
CA LYS B 300 -0.85 38.90 -1.57
C LYS B 300 -1.22 37.51 -1.08
N CYS B 301 -1.31 36.56 -2.02
CA CYS B 301 -1.65 35.20 -1.66
C CYS B 301 -0.49 34.51 -0.94
N THR B 302 0.73 34.76 -1.39
CA THR B 302 1.91 34.18 -0.73
C THR B 302 2.07 34.68 0.69
N LEU B 303 1.79 35.96 0.94
CA LEU B 303 1.88 36.52 2.28
C LEU B 303 0.65 36.30 3.13
N LYS B 304 -0.49 35.95 2.53
CA LYS B 304 -1.78 35.83 3.21
C LYS B 304 -2.19 37.15 3.84
N SER B 305 -2.26 38.19 3.01
CA SER B 305 -2.64 39.50 3.49
C SER B 305 -3.22 40.31 2.34
N PHE B 306 -3.80 41.44 2.69
CA PHE B 306 -4.36 42.36 1.71
C PHE B 306 -3.51 43.62 1.56
N THR B 307 -2.53 43.82 2.43
CA THR B 307 -1.58 44.93 2.30
C THR B 307 -0.18 44.36 2.37
N VAL B 308 0.58 44.53 1.29
CA VAL B 308 2.00 44.19 1.26
C VAL B 308 2.81 45.46 1.43
N GLU B 309 3.77 45.42 2.33
CA GLU B 309 4.72 46.51 2.53
C GLU B 309 5.90 46.35 1.59
N LYS B 310 6.60 47.46 1.38
CA LYS B 310 7.67 47.45 0.39
C LYS B 310 8.70 46.40 0.72
N GLY B 311 9.25 45.80 -0.33
CA GLY B 311 10.20 44.73 -0.16
C GLY B 311 10.40 44.03 -1.48
N ILE B 312 10.88 42.80 -1.39
CA ILE B 312 10.95 41.92 -2.55
C ILE B 312 10.63 40.52 -2.05
N TYR B 313 9.74 39.85 -2.76
CA TYR B 313 9.14 38.62 -2.28
C TYR B 313 9.28 37.54 -3.33
N GLN B 314 9.68 36.35 -2.89
CA GLN B 314 9.71 35.19 -3.77
C GLN B 314 8.32 34.62 -3.84
N THR B 315 7.81 34.45 -5.05
CA THR B 315 6.39 34.25 -5.21
C THR B 315 6.09 32.90 -5.84
N SER B 316 6.99 32.42 -6.69
CA SER B 316 6.79 31.16 -7.40
C SER B 316 8.10 30.82 -8.11
N ASN B 317 8.06 29.73 -8.87
CA ASN B 317 9.16 29.36 -9.74
C ASN B 317 8.71 29.50 -11.18
N PHE B 318 9.67 29.40 -12.09
CA PHE B 318 9.45 29.51 -13.51
C PHE B 318 10.31 28.46 -14.18
N ARG B 319 9.79 27.87 -15.25
CA ARG B 319 10.53 26.84 -15.97
C ARG B 319 10.03 26.76 -17.40
N VAL B 320 10.96 26.63 -18.32
CA VAL B 320 10.63 26.47 -19.73
C VAL B 320 10.19 25.03 -19.96
N GLN B 321 9.23 24.85 -20.87
CA GLN B 321 8.66 23.54 -21.08
C GLN B 321 9.21 22.88 -22.35
N PRO B 322 9.36 21.56 -22.33
CA PRO B 322 9.91 20.86 -23.50
C PRO B 322 8.85 20.64 -24.57
N THR B 323 9.26 20.71 -25.82
CA THR B 323 8.34 20.52 -26.94
C THR B 323 8.61 19.22 -27.69
N GLU B 324 7.55 18.48 -27.99
CA GLU B 324 7.66 17.22 -28.70
C GLU B 324 8.14 16.08 -27.79
N SER B 325 8.82 15.11 -28.39
CA SER B 325 9.34 13.97 -27.65
C SER B 325 10.25 13.13 -28.54
N ILE B 326 11.09 13.81 -29.31
CA ILE B 326 12.02 13.14 -30.21
C ILE B 326 12.69 11.93 -29.58
N VAL B 327 12.59 10.79 -30.24
CA VAL B 327 13.18 9.55 -29.76
C VAL B 327 14.20 9.06 -30.77
N ARG B 328 15.17 8.22 -30.37
CA ARG B 328 16.23 7.71 -31.30
C ARG B 328 16.50 6.24 -30.99
N PHE B 329 16.56 5.39 -32.02
CA PHE B 329 16.85 3.94 -31.83
C PHE B 329 17.87 3.51 -32.89
N PRO B 330 18.58 2.37 -32.74
CA PRO B 330 19.50 1.89 -33.77
C PRO B 330 18.84 1.46 -35.10
N ASN B 331 19.58 1.54 -36.21
CA ASN B 331 19.08 1.11 -37.55
C ASN B 331 18.43 -0.26 -37.65
N ILE B 332 17.31 -0.34 -38.39
CA ILE B 332 16.63 -1.63 -38.66
C ILE B 332 17.41 -2.30 -39.80
N THR B 333 18.61 -2.79 -39.50
CA THR B 333 19.44 -3.58 -40.46
C THR B 333 19.36 -5.05 -40.03
N ASN B 334 20.28 -5.90 -40.48
CA ASN B 334 20.30 -7.35 -40.12
C ASN B 334 18.85 -7.84 -39.97
N LEU B 335 18.03 -7.67 -41.01
CA LEU B 335 16.59 -8.01 -40.88
C LEU B 335 16.41 -9.53 -40.81
N CYS B 336 15.46 -9.98 -39.99
CA CYS B 336 15.18 -11.40 -39.87
C CYS B 336 14.79 -11.97 -41.24
N PRO B 337 15.33 -13.12 -41.59
CA PRO B 337 15.09 -13.70 -42.92
C PRO B 337 13.66 -14.18 -43.10
N PHE B 338 12.72 -13.33 -42.75
CA PHE B 338 11.31 -13.66 -42.94
C PHE B 338 10.98 -13.71 -44.43
N GLY B 339 11.63 -12.88 -45.22
CA GLY B 339 11.24 -12.72 -46.61
C GLY B 339 11.36 -14.01 -47.41
N GLU B 340 12.39 -14.81 -47.12
CA GLU B 340 12.64 -15.98 -47.95
C GLU B 340 11.74 -17.15 -47.55
N VAL B 341 11.50 -17.35 -46.25
CA VAL B 341 10.62 -18.44 -45.84
C VAL B 341 9.24 -18.24 -46.44
N PHE B 342 8.80 -16.99 -46.44
CA PHE B 342 7.44 -16.66 -46.95
C PHE B 342 7.45 -16.79 -48.47
N ASN B 343 8.65 -16.80 -49.08
CA ASN B 343 8.77 -16.92 -50.52
C ASN B 343 9.64 -18.10 -50.95
N ALA B 344 9.87 -19.07 -50.06
CA ALA B 344 10.52 -20.29 -50.49
C ALA B 344 9.66 -20.96 -51.55
N THR B 345 10.30 -21.60 -52.52
CA THR B 345 9.57 -22.07 -53.68
C THR B 345 8.92 -23.43 -53.41
N ARG B 346 9.54 -24.26 -52.58
CA ARG B 346 9.00 -25.58 -52.27
C ARG B 346 8.82 -25.74 -50.77
N PHE B 347 7.56 -25.84 -50.35
CA PHE B 347 7.19 -26.11 -48.97
C PHE B 347 7.01 -27.61 -48.75
N ALA B 348 7.37 -28.05 -47.55
CA ALA B 348 7.25 -29.46 -47.20
C ALA B 348 5.82 -29.80 -46.83
N SER B 349 5.52 -31.09 -46.83
CA SER B 349 4.20 -31.57 -46.46
C SER B 349 4.08 -31.63 -44.94
N VAL B 350 2.84 -31.78 -44.47
CA VAL B 350 2.59 -31.57 -43.05
C VAL B 350 3.47 -32.47 -42.21
N TYR B 351 3.52 -33.75 -42.54
CA TYR B 351 4.21 -34.67 -41.65
C TYR B 351 5.69 -34.34 -41.58
N ALA B 352 6.27 -33.91 -42.68
CA ALA B 352 7.66 -33.47 -42.65
C ALA B 352 7.77 -31.96 -42.53
N TRP B 353 7.12 -31.34 -41.57
CA TRP B 353 7.30 -29.91 -41.38
C TRP B 353 8.69 -29.60 -40.85
N ASN B 354 9.25 -28.47 -41.25
CA ASN B 354 10.61 -28.12 -40.90
C ASN B 354 10.65 -26.84 -40.08
N ARG B 355 11.75 -26.66 -39.35
CA ARG B 355 11.93 -25.53 -38.44
C ARG B 355 13.06 -24.65 -38.93
N LYS B 356 13.21 -23.51 -38.25
CA LYS B 356 14.37 -22.63 -38.42
C LYS B 356 14.70 -22.00 -37.08
N ARG B 357 15.84 -22.36 -36.50
CA ARG B 357 16.29 -21.79 -35.23
C ARG B 357 16.70 -20.34 -35.52
N ILE B 358 15.69 -19.52 -35.81
CA ILE B 358 15.89 -18.14 -36.23
C ILE B 358 16.07 -17.26 -35.00
N SER B 359 17.15 -16.49 -34.98
CA SER B 359 17.49 -15.68 -33.82
C SER B 359 18.51 -14.64 -34.23
N ASN B 360 18.69 -13.66 -33.34
CA ASN B 360 19.68 -12.59 -33.48
C ASN B 360 19.47 -11.83 -34.80
N CYS B 361 18.32 -11.15 -34.86
CA CYS B 361 17.94 -10.47 -36.08
C CYS B 361 16.96 -9.36 -35.73
N VAL B 362 16.38 -8.74 -36.74
CA VAL B 362 15.52 -7.57 -36.58
C VAL B 362 14.24 -7.82 -37.37
N ALA B 363 13.20 -8.29 -36.69
CA ALA B 363 11.93 -8.53 -37.35
C ALA B 363 11.26 -7.21 -37.72
N ASP B 364 10.28 -7.30 -38.61
CA ASP B 364 9.49 -6.12 -38.96
C ASP B 364 8.15 -6.63 -39.51
N TYR B 365 7.12 -6.56 -38.68
CA TYR B 365 5.87 -7.20 -39.01
C TYR B 365 4.93 -6.31 -39.79
N SER B 366 5.35 -5.11 -40.16
CA SER B 366 4.45 -4.19 -40.83
C SER B 366 3.91 -4.80 -42.12
N VAL B 367 4.79 -5.01 -43.10
CA VAL B 367 4.35 -5.54 -44.38
C VAL B 367 3.77 -6.93 -44.20
N LEU B 368 4.39 -7.76 -43.35
CA LEU B 368 3.84 -9.07 -43.05
C LEU B 368 2.42 -8.98 -42.55
N TYR B 369 2.08 -7.89 -41.87
CA TYR B 369 0.73 -7.74 -41.39
C TYR B 369 -0.19 -7.26 -42.49
N ASN B 370 0.27 -6.28 -43.27
CA ASN B 370 -0.57 -5.64 -44.27
C ASN B 370 -0.10 -5.93 -45.69
N SER B 371 0.35 -7.15 -45.96
CA SER B 371 0.67 -7.52 -47.33
C SER B 371 -0.57 -7.67 -48.19
N ALA B 372 -1.75 -7.63 -47.59
CA ALA B 372 -3.03 -7.62 -48.33
C ALA B 372 -3.22 -8.86 -49.18
N SER B 373 -2.61 -9.97 -48.78
CA SER B 373 -2.70 -11.20 -49.54
C SER B 373 -2.97 -12.43 -48.71
N PHE B 374 -2.91 -12.33 -47.39
CA PHE B 374 -2.94 -13.50 -46.52
C PHE B 374 -4.38 -13.79 -46.14
N SER B 375 -4.92 -14.90 -46.64
CA SER B 375 -6.31 -15.21 -46.40
C SER B 375 -6.60 -15.52 -44.95
N THR B 376 -5.59 -15.79 -44.13
CA THR B 376 -5.84 -16.19 -42.75
C THR B 376 -4.65 -15.78 -41.90
N PHE B 377 -4.76 -14.64 -41.24
CA PHE B 377 -3.80 -14.22 -40.24
C PHE B 377 -4.55 -14.15 -38.92
N LYS B 378 -3.99 -14.78 -37.90
CA LYS B 378 -4.61 -14.88 -36.60
C LYS B 378 -3.59 -15.41 -35.64
N CYS B 379 -3.70 -14.99 -34.38
CA CYS B 379 -2.88 -15.66 -33.38
C CYS B 379 -3.36 -15.33 -31.98
N TYR B 380 -2.60 -15.81 -31.01
CA TYR B 380 -3.00 -15.99 -29.64
C TYR B 380 -1.93 -15.41 -28.74
N GLY B 381 -2.23 -15.33 -27.45
CA GLY B 381 -1.17 -15.06 -26.50
C GLY B 381 -0.65 -13.65 -26.60
N VAL B 382 -0.42 -13.21 -27.84
CA VAL B 382 0.10 -11.89 -28.13
C VAL B 382 -0.85 -11.19 -29.08
N SER B 383 -1.15 -9.92 -28.81
CA SER B 383 -2.04 -9.17 -29.67
C SER B 383 -1.39 -8.94 -31.04
N PRO B 384 -2.19 -8.83 -32.09
CA PRO B 384 -1.62 -8.68 -33.43
C PRO B 384 -0.84 -7.41 -33.63
N THR B 385 -1.03 -6.40 -32.79
CA THR B 385 -0.42 -5.09 -33.02
C THR B 385 0.74 -4.81 -32.08
N LYS B 386 0.63 -5.19 -30.80
CA LYS B 386 1.75 -4.98 -29.88
C LYS B 386 3.02 -5.58 -30.45
N LEU B 387 2.88 -6.70 -31.15
CA LEU B 387 3.99 -7.58 -31.50
C LEU B 387 5.04 -6.87 -32.35
N ASN B 388 4.81 -5.60 -32.66
CA ASN B 388 5.81 -4.85 -33.38
C ASN B 388 7.09 -4.67 -32.58
N ASP B 389 7.03 -4.71 -31.24
CA ASP B 389 8.17 -4.32 -30.43
C ASP B 389 8.52 -5.24 -29.27
N LEU B 390 7.62 -6.11 -28.82
CA LEU B 390 7.89 -6.93 -27.66
C LEU B 390 9.07 -7.83 -27.98
N CYS B 391 10.23 -7.51 -27.41
CA CYS B 391 11.43 -8.25 -27.77
C CYS B 391 11.34 -9.68 -27.25
N PHE B 392 11.82 -10.61 -28.07
CA PHE B 392 11.60 -12.04 -27.85
C PHE B 392 12.91 -12.74 -27.57
N THR B 393 12.83 -13.79 -26.74
CA THR B 393 14.02 -14.58 -26.42
C THR B 393 14.48 -15.37 -27.63
N ASN B 394 13.67 -16.34 -28.06
CA ASN B 394 13.96 -17.12 -29.24
C ASN B 394 12.66 -17.46 -29.94
N VAL B 395 12.71 -17.48 -31.27
CA VAL B 395 11.54 -17.61 -32.11
C VAL B 395 11.77 -18.75 -33.10
N TYR B 396 10.75 -19.57 -33.32
CA TYR B 396 10.82 -20.69 -34.22
C TYR B 396 9.75 -20.55 -35.30
N ALA B 397 10.13 -20.86 -36.53
CA ALA B 397 9.24 -20.78 -37.67
C ALA B 397 9.08 -22.15 -38.30
N ASP B 398 7.85 -22.55 -38.53
CA ASP B 398 7.53 -23.83 -39.12
C ASP B 398 6.67 -23.60 -40.35
N SER B 399 6.64 -24.57 -41.25
CA SER B 399 5.85 -24.41 -42.46
C SER B 399 5.48 -25.78 -43.01
N PHE B 400 4.39 -25.81 -43.76
CA PHE B 400 3.92 -27.03 -44.40
C PHE B 400 2.84 -26.65 -45.40
N VAL B 401 2.14 -27.65 -45.93
CA VAL B 401 1.02 -27.44 -46.84
C VAL B 401 -0.11 -28.37 -46.44
N ILE B 402 -1.31 -27.83 -46.32
CA ILE B 402 -2.46 -28.57 -45.83
C ILE B 402 -3.59 -28.44 -46.82
N ARG B 403 -4.63 -29.25 -46.63
CA ARG B 403 -5.84 -29.07 -47.40
C ARG B 403 -6.52 -27.78 -46.99
N GLY B 404 -7.35 -27.25 -47.88
CA GLY B 404 -7.93 -25.94 -47.68
C GLY B 404 -8.81 -25.80 -46.46
N ASP B 405 -9.93 -26.52 -46.47
CA ASP B 405 -10.88 -26.42 -45.35
C ASP B 405 -10.23 -26.78 -44.02
N GLU B 406 -9.26 -27.68 -44.04
CA GLU B 406 -8.63 -28.18 -42.82
C GLU B 406 -7.86 -27.11 -42.07
N VAL B 407 -7.81 -25.88 -42.58
CA VAL B 407 -6.90 -24.88 -42.02
C VAL B 407 -7.22 -24.63 -40.55
N ARG B 408 -8.50 -24.64 -40.20
CA ARG B 408 -8.90 -24.31 -38.84
C ARG B 408 -8.24 -25.27 -37.86
N GLN B 409 -7.99 -26.49 -38.27
CA GLN B 409 -7.48 -27.46 -37.31
C GLN B 409 -6.08 -27.13 -36.85
N ILE B 410 -5.40 -26.19 -37.49
CA ILE B 410 -4.12 -25.69 -36.95
C ILE B 410 -4.49 -24.58 -35.99
N ALA B 411 -4.85 -24.97 -34.78
CA ALA B 411 -5.15 -24.08 -33.67
C ALA B 411 -5.30 -24.92 -32.43
N PRO B 412 -5.03 -24.36 -31.25
CA PRO B 412 -5.06 -25.19 -30.04
C PRO B 412 -6.48 -25.61 -29.72
N GLY B 413 -6.66 -26.87 -29.35
CA GLY B 413 -7.89 -27.30 -28.73
C GLY B 413 -8.98 -27.75 -29.67
N GLN B 414 -8.64 -28.45 -30.73
CA GLN B 414 -9.64 -29.11 -31.56
C GLN B 414 -9.01 -30.30 -32.26
N THR B 415 -9.80 -30.98 -33.07
CA THR B 415 -9.36 -32.21 -33.70
C THR B 415 -9.65 -32.16 -35.19
N GLY B 416 -9.10 -33.13 -35.88
CA GLY B 416 -9.16 -33.21 -37.32
C GLY B 416 -7.98 -34.04 -37.77
N LYS B 417 -8.25 -34.94 -38.72
CA LYS B 417 -7.32 -36.00 -39.09
C LYS B 417 -5.91 -35.48 -39.26
N ILE B 418 -5.78 -34.22 -39.68
CA ILE B 418 -4.49 -33.60 -39.91
C ILE B 418 -3.89 -33.03 -38.63
N ALA B 419 -4.73 -32.43 -37.79
CA ALA B 419 -4.24 -31.97 -36.50
C ALA B 419 -4.14 -33.11 -35.51
N ASP B 420 -4.63 -34.28 -35.85
CA ASP B 420 -4.61 -35.42 -34.94
C ASP B 420 -3.30 -36.17 -34.98
N TYR B 421 -2.73 -36.34 -36.16
CA TYR B 421 -1.60 -37.24 -36.34
C TYR B 421 -0.34 -36.55 -36.86
N ASN B 422 -0.43 -35.31 -37.33
CA ASN B 422 0.66 -34.70 -38.07
C ASN B 422 1.24 -33.49 -37.34
N TYR B 423 0.40 -32.68 -36.71
CA TYR B 423 0.83 -31.41 -36.14
C TYR B 423 -0.23 -30.96 -35.16
N LYS B 424 0.12 -30.81 -33.88
CA LYS B 424 -0.77 -30.06 -33.01
C LYS B 424 0.04 -29.19 -32.06
N LEU B 425 -0.63 -28.15 -31.57
CA LEU B 425 0.01 -27.02 -30.93
C LEU B 425 -0.26 -27.08 -29.43
N PRO B 426 0.73 -26.92 -28.57
CA PRO B 426 0.47 -26.96 -27.13
C PRO B 426 -0.50 -25.87 -26.74
N ASP B 427 -1.37 -26.18 -25.77
CA ASP B 427 -2.45 -25.27 -25.40
C ASP B 427 -1.94 -23.98 -24.76
N ASP B 428 -0.67 -23.92 -24.40
CA ASP B 428 -0.04 -22.69 -23.90
C ASP B 428 0.72 -21.98 -25.01
N PHE B 429 0.20 -22.03 -26.22
CA PHE B 429 0.89 -21.51 -27.39
C PHE B 429 0.96 -20.00 -27.38
N THR B 430 2.12 -19.45 -27.71
CA THR B 430 2.40 -18.03 -27.66
C THR B 430 3.09 -17.56 -28.93
N GLY B 431 2.51 -17.90 -30.08
CA GLY B 431 3.08 -17.46 -31.34
C GLY B 431 2.02 -16.95 -32.29
N CYS B 432 2.22 -17.11 -33.60
CA CYS B 432 1.20 -16.69 -34.54
C CYS B 432 1.13 -17.64 -35.72
N VAL B 433 -0.04 -17.69 -36.34
CA VAL B 433 -0.35 -18.65 -37.39
C VAL B 433 -0.80 -17.91 -38.63
N ILE B 434 -0.19 -18.22 -39.76
CA ILE B 434 -0.44 -17.54 -41.02
C ILE B 434 -0.83 -18.56 -42.06
N ALA B 435 -1.83 -18.24 -42.87
CA ALA B 435 -2.23 -19.14 -43.94
C ALA B 435 -2.76 -18.32 -45.09
N TRP B 436 -2.40 -18.70 -46.30
CA TRP B 436 -2.92 -18.03 -47.48
C TRP B 436 -3.09 -19.03 -48.61
N ASN B 437 -4.15 -18.81 -49.40
CA ASN B 437 -4.43 -19.70 -50.51
C ASN B 437 -3.32 -19.64 -51.54
N SER B 438 -2.98 -20.80 -52.07
CA SER B 438 -1.99 -20.86 -53.13
C SER B 438 -2.17 -22.17 -53.89
N ASN B 439 -2.87 -22.11 -55.01
CA ASN B 439 -2.82 -23.18 -55.99
C ASN B 439 -2.11 -22.73 -57.26
N ASN B 440 -2.02 -21.42 -57.48
CA ASN B 440 -1.33 -20.91 -58.65
C ASN B 440 0.14 -21.29 -58.63
N LEU B 441 0.67 -21.70 -57.49
CA LEU B 441 2.03 -22.20 -57.42
C LEU B 441 2.12 -23.69 -57.15
N ASP B 442 1.12 -24.29 -56.50
CA ASP B 442 1.28 -25.61 -55.95
C ASP B 442 0.48 -26.70 -56.65
N SER B 443 -0.57 -26.37 -57.38
CA SER B 443 -1.45 -27.37 -57.98
C SER B 443 -1.05 -27.57 -59.43
N LYS B 444 -0.08 -28.46 -59.64
CA LYS B 444 0.26 -28.85 -60.99
C LYS B 444 -0.96 -29.44 -61.67
N VAL B 445 -1.29 -28.95 -62.86
CA VAL B 445 -2.57 -29.26 -63.49
C VAL B 445 -2.63 -30.73 -63.85
N GLY B 446 -3.79 -31.33 -63.60
CA GLY B 446 -3.96 -32.76 -63.67
C GLY B 446 -3.71 -33.47 -62.36
N GLY B 447 -2.98 -32.85 -61.44
CA GLY B 447 -2.80 -33.41 -60.11
C GLY B 447 -1.38 -33.33 -59.58
N ASN B 448 -1.22 -32.74 -58.40
CA ASN B 448 0.05 -32.74 -57.71
C ASN B 448 0.10 -33.93 -56.78
N TYR B 449 1.28 -34.54 -56.66
CA TYR B 449 1.47 -35.70 -55.81
C TYR B 449 2.71 -35.58 -54.95
N ASN B 450 3.23 -34.39 -54.76
CA ASN B 450 4.38 -34.23 -53.89
C ASN B 450 4.00 -34.07 -52.43
N TYR B 451 2.71 -34.03 -52.11
CA TYR B 451 2.25 -33.67 -50.77
C TYR B 451 1.49 -34.84 -50.15
N LEU B 452 2.03 -35.35 -49.04
CA LEU B 452 1.48 -36.53 -48.40
C LEU B 452 1.33 -36.28 -46.91
N TYR B 453 0.35 -36.94 -46.30
CA TYR B 453 0.06 -36.76 -44.89
C TYR B 453 -0.40 -38.08 -44.28
N ARG B 454 -0.04 -38.29 -43.02
CA ARG B 454 -0.41 -39.52 -42.34
C ARG B 454 -1.91 -39.61 -42.15
N LEU B 455 -2.42 -40.83 -42.13
CA LEU B 455 -3.83 -41.05 -41.85
C LEU B 455 -4.05 -41.95 -40.66
N PHE B 456 -3.24 -42.99 -40.52
CA PHE B 456 -3.40 -43.95 -39.45
C PHE B 456 -2.16 -43.97 -38.58
N ARG B 457 -2.32 -43.73 -37.28
CA ARG B 457 -1.25 -43.98 -36.35
C ARG B 457 -1.84 -44.49 -35.04
N LYS B 458 -1.03 -45.26 -34.32
CA LYS B 458 -1.51 -45.90 -33.10
C LYS B 458 -1.86 -44.87 -32.03
N SER B 459 -1.04 -43.84 -31.89
CA SER B 459 -1.17 -42.89 -30.80
C SER B 459 -1.48 -41.50 -31.33
N ASN B 460 -2.27 -40.75 -30.55
CA ASN B 460 -2.35 -39.33 -30.82
C ASN B 460 -1.01 -38.69 -30.57
N LEU B 461 -0.78 -37.56 -31.22
CA LEU B 461 0.57 -37.08 -31.45
C LEU B 461 0.92 -36.04 -30.38
N LYS B 462 1.92 -36.36 -29.55
CA LYS B 462 2.37 -35.40 -28.55
C LYS B 462 2.79 -34.11 -29.23
N PRO B 463 2.46 -32.95 -28.66
CA PRO B 463 2.71 -31.69 -29.35
C PRO B 463 4.17 -31.51 -29.71
N PHE B 464 4.41 -30.97 -30.90
CA PHE B 464 5.75 -30.61 -31.37
C PHE B 464 6.65 -31.84 -31.50
N GLU B 465 6.26 -32.78 -32.34
CA GLU B 465 7.19 -33.83 -32.73
C GLU B 465 6.99 -34.18 -34.20
N ARG B 466 8.08 -34.48 -34.88
CA ARG B 466 8.06 -34.98 -36.25
C ARG B 466 8.16 -36.49 -36.20
N ASP B 467 7.24 -37.18 -36.86
CA ASP B 467 7.28 -38.64 -36.91
C ASP B 467 7.32 -39.05 -38.39
N ILE B 468 8.51 -39.03 -38.95
CA ILE B 468 8.69 -39.25 -40.38
C ILE B 468 8.44 -40.70 -40.77
N SER B 469 8.95 -41.64 -40.00
CA SER B 469 9.10 -43.01 -40.48
C SER B 469 7.76 -43.62 -40.83
N THR B 470 7.74 -44.38 -41.93
CA THR B 470 6.44 -44.94 -42.41
C THR B 470 6.27 -46.38 -41.93
N GLU B 471 5.30 -46.62 -41.04
CA GLU B 471 5.02 -48.00 -40.56
C GLU B 471 3.58 -48.36 -40.96
N ILE B 472 3.39 -49.54 -41.56
CA ILE B 472 2.03 -49.97 -42.00
C ILE B 472 1.15 -50.10 -40.75
N TYR B 473 -0.08 -49.58 -40.80
CA TYR B 473 -0.96 -49.61 -39.61
C TYR B 473 -1.42 -51.04 -39.30
N GLN B 474 -1.53 -51.38 -38.02
CA GLN B 474 -2.02 -52.72 -37.61
C GLN B 474 -3.37 -52.54 -36.92
N ALA B 475 -4.42 -53.21 -37.41
CA ALA B 475 -5.74 -53.13 -36.76
C ALA B 475 -6.29 -54.53 -36.45
N GLY B 476 -6.62 -54.80 -35.19
CA GLY B 476 -7.25 -56.09 -34.82
C GLY B 476 -6.44 -57.31 -35.26
N SER B 477 -7.11 -58.26 -35.92
CA SER B 477 -6.45 -59.51 -36.37
C SER B 477 -5.54 -59.23 -37.58
N THR B 478 -4.62 -60.16 -37.87
CA THR B 478 -3.68 -59.99 -39.02
C THR B 478 -2.95 -58.64 -38.94
N PRO B 479 -2.23 -58.29 -37.84
CA PRO B 479 -1.48 -57.04 -37.79
C PRO B 479 -0.41 -57.06 -38.89
N CYS B 480 -0.23 -55.95 -39.60
CA CYS B 480 0.71 -55.95 -40.75
C CYS B 480 1.83 -54.92 -40.55
N ASN B 481 3.09 -55.34 -40.71
CA ASN B 481 4.22 -54.37 -40.65
C ASN B 481 5.01 -54.45 -41.96
N GLY B 482 5.18 -53.31 -42.64
CA GLY B 482 5.95 -53.27 -43.90
C GLY B 482 5.40 -54.20 -44.97
N VAL B 483 4.06 -54.37 -45.02
CA VAL B 483 3.43 -55.23 -46.06
C VAL B 483 2.05 -54.63 -46.42
N GLU B 484 1.56 -54.91 -47.62
CA GLU B 484 0.24 -54.38 -48.07
C GLU B 484 -0.73 -55.55 -48.29
N GLY B 485 -1.94 -55.45 -47.74
CA GLY B 485 -2.92 -56.55 -47.85
C GLY B 485 -4.15 -56.25 -47.00
N PHE B 486 -5.03 -57.24 -46.81
CA PHE B 486 -6.20 -57.04 -45.92
C PHE B 486 -5.70 -56.81 -44.49
N ASN B 487 -6.29 -55.84 -43.78
CA ASN B 487 -5.91 -55.52 -42.37
C ASN B 487 -4.56 -54.79 -42.33
N CYS B 488 -4.04 -54.41 -43.50
CA CYS B 488 -2.77 -53.63 -43.56
C CYS B 488 -3.05 -52.31 -44.28
N TYR B 489 -2.69 -51.18 -43.67
CA TYR B 489 -3.04 -49.87 -44.28
C TYR B 489 -1.78 -49.01 -44.44
N PHE B 490 -1.53 -48.50 -45.66
CA PHE B 490 -0.38 -47.58 -45.86
C PHE B 490 -0.73 -46.24 -45.17
N PRO B 491 0.18 -45.64 -44.38
CA PRO B 491 -0.14 -44.42 -43.65
C PRO B 491 -0.11 -43.13 -44.48
N LEU B 492 0.71 -43.07 -45.53
CA LEU B 492 0.85 -41.82 -46.27
C LEU B 492 -0.14 -41.81 -47.42
N GLN B 493 -1.24 -41.07 -47.26
CA GLN B 493 -2.13 -40.81 -48.38
C GLN B 493 -1.53 -39.70 -49.24
N SER B 494 -2.33 -39.13 -50.13
CA SER B 494 -1.82 -38.10 -51.02
C SER B 494 -2.89 -37.06 -51.27
N TYR B 495 -2.45 -35.84 -51.51
CA TYR B 495 -3.34 -34.80 -52.00
C TYR B 495 -3.31 -34.80 -53.52
N GLY B 496 -4.48 -34.78 -54.12
CA GLY B 496 -4.56 -34.61 -55.56
C GLY B 496 -4.80 -33.17 -55.95
N PHE B 497 -3.84 -32.30 -55.71
CA PHE B 497 -4.11 -30.86 -55.81
C PHE B 497 -4.27 -30.49 -57.28
N GLN B 498 -5.52 -30.51 -57.76
CA GLN B 498 -5.81 -30.15 -59.14
C GLN B 498 -6.51 -28.81 -59.18
N PRO B 499 -6.13 -27.91 -60.08
CA PRO B 499 -6.76 -26.59 -60.10
C PRO B 499 -8.25 -26.64 -60.35
N THR B 500 -8.75 -27.71 -60.97
CA THR B 500 -10.17 -27.83 -61.20
C THR B 500 -10.96 -28.02 -59.92
N ASN B 501 -10.28 -28.30 -58.81
CA ASN B 501 -10.97 -28.46 -57.55
C ASN B 501 -11.65 -27.16 -57.14
N GLY B 502 -12.51 -27.27 -56.13
CA GLY B 502 -13.16 -26.12 -55.54
C GLY B 502 -12.30 -25.45 -54.48
N VAL B 503 -12.82 -24.34 -53.97
CA VAL B 503 -12.09 -23.60 -52.95
C VAL B 503 -11.85 -24.47 -51.73
N GLY B 504 -12.80 -25.31 -51.38
CA GLY B 504 -12.69 -26.13 -50.19
C GLY B 504 -11.53 -27.10 -50.22
N TYR B 505 -11.04 -27.43 -51.41
CA TYR B 505 -9.97 -28.42 -51.54
C TYR B 505 -8.71 -27.84 -52.16
N GLN B 506 -8.60 -26.53 -52.27
CA GLN B 506 -7.38 -25.93 -52.77
C GLN B 506 -6.26 -26.22 -51.79
N PRO B 507 -5.01 -26.10 -52.19
CA PRO B 507 -3.91 -26.23 -51.23
C PRO B 507 -3.58 -24.90 -50.59
N TYR B 508 -3.09 -24.93 -49.35
CA TYR B 508 -2.76 -23.73 -48.59
C TYR B 508 -1.36 -23.88 -48.03
N ARG B 509 -0.53 -22.88 -48.26
CA ARG B 509 0.79 -22.84 -47.65
C ARG B 509 0.64 -22.16 -46.30
N VAL B 510 0.97 -22.87 -45.25
CA VAL B 510 0.81 -22.37 -43.89
C VAL B 510 2.18 -22.21 -43.25
N VAL B 511 2.34 -21.12 -42.51
CA VAL B 511 3.55 -20.92 -41.73
C VAL B 511 3.14 -20.46 -40.34
N VAL B 512 3.83 -20.95 -39.32
CA VAL B 512 3.45 -20.72 -37.94
C VAL B 512 4.68 -20.30 -37.15
N LEU B 513 4.50 -19.32 -36.28
CA LEU B 513 5.57 -18.74 -35.50
C LEU B 513 5.40 -19.08 -34.03
N SER B 514 6.42 -18.79 -33.23
CA SER B 514 6.39 -19.09 -31.82
C SER B 514 7.26 -18.12 -31.04
N PHE B 515 6.75 -17.63 -29.92
CA PHE B 515 7.47 -16.67 -29.10
C PHE B 515 7.37 -17.07 -27.65
N GLU B 516 8.39 -16.74 -26.86
CA GLU B 516 8.42 -17.13 -25.47
C GLU B 516 9.31 -16.17 -24.67
N LEU B 517 9.07 -16.13 -23.35
CA LEU B 517 9.75 -15.21 -22.44
C LEU B 517 10.57 -16.03 -21.45
N LEU B 518 11.87 -15.75 -21.37
CA LEU B 518 12.80 -16.59 -20.61
C LEU B 518 13.76 -15.69 -19.83
N HIS B 519 14.74 -16.32 -19.18
CA HIS B 519 15.70 -15.65 -18.30
C HIS B 519 16.72 -14.81 -19.06
N ALA B 520 17.55 -15.46 -19.85
CA ALA B 520 18.68 -14.79 -20.46
C ALA B 520 18.17 -13.65 -21.34
N PRO B 521 18.95 -12.58 -21.46
CA PRO B 521 18.47 -11.41 -22.22
C PRO B 521 18.09 -11.78 -23.65
N ALA B 522 17.01 -11.18 -24.13
CA ALA B 522 16.44 -11.51 -25.43
C ALA B 522 17.40 -11.17 -26.55
N THR B 523 17.08 -11.64 -27.77
CA THR B 523 17.96 -11.40 -28.95
C THR B 523 17.11 -10.95 -30.13
N VAL B 524 16.02 -11.66 -30.41
CA VAL B 524 15.11 -11.30 -31.53
C VAL B 524 14.30 -10.07 -31.11
N CYS B 525 14.84 -8.87 -31.31
CA CYS B 525 14.14 -7.65 -30.83
C CYS B 525 13.30 -7.04 -31.95
N GLY B 526 13.93 -6.31 -32.89
CA GLY B 526 13.18 -5.62 -33.95
C GLY B 526 12.14 -4.69 -33.38
N PRO B 527 12.50 -3.54 -32.77
CA PRO B 527 11.52 -2.67 -32.08
C PRO B 527 10.97 -1.51 -32.93
N LYS B 528 11.02 -0.29 -32.39
CA LYS B 528 10.45 0.90 -33.09
C LYS B 528 11.54 1.63 -33.88
N LYS B 529 11.23 2.82 -34.40
CA LYS B 529 12.21 3.54 -35.27
C LYS B 529 12.55 4.93 -34.70
N SER B 530 13.54 5.60 -35.29
CA SER B 530 14.00 6.93 -34.80
C SER B 530 13.28 8.06 -35.54
N THR B 531 13.38 9.30 -35.05
CA THR B 531 12.79 10.47 -35.73
C THR B 531 13.95 11.36 -36.19
N ASN B 532 13.80 12.69 -36.18
CA ASN B 532 14.93 13.56 -36.44
C ASN B 532 15.41 14.22 -35.14
N LEU B 533 16.67 14.65 -35.13
CA LEU B 533 17.21 15.29 -33.94
C LEU B 533 17.15 16.79 -34.16
N VAL B 534 16.57 17.49 -33.19
CA VAL B 534 16.49 18.94 -33.23
C VAL B 534 17.53 19.51 -32.28
N LYS B 535 17.80 20.79 -32.37
CA LYS B 535 18.81 21.41 -31.51
C LYS B 535 18.30 22.76 -31.03
N ASN B 536 18.91 23.23 -29.94
CA ASN B 536 18.69 24.55 -29.38
C ASN B 536 17.25 24.76 -28.90
N LYS B 537 16.58 23.70 -28.46
CA LYS B 537 15.24 23.79 -27.91
C LYS B 537 15.11 22.79 -26.79
N CYS B 538 14.50 23.22 -25.68
CA CYS B 538 14.26 22.28 -24.59
C CYS B 538 13.36 21.17 -25.12
N VAL B 539 13.88 19.95 -25.10
CA VAL B 539 13.27 18.82 -25.80
C VAL B 539 13.27 17.63 -24.87
N ASN B 540 12.46 16.65 -25.20
CA ASN B 540 12.37 15.39 -24.47
C ASN B 540 12.98 14.34 -25.37
N PHE B 541 14.13 13.79 -24.99
CA PHE B 541 14.91 12.97 -25.89
C PHE B 541 15.10 11.56 -25.36
N ASN B 542 15.37 10.65 -26.30
CA ASN B 542 15.73 9.27 -26.00
C ASN B 542 16.80 8.87 -27.01
N PHE B 543 18.00 8.56 -26.50
CA PHE B 543 19.14 8.12 -27.32
C PHE B 543 19.43 6.67 -26.98
N ASN B 544 18.86 5.76 -27.78
CA ASN B 544 18.94 4.31 -27.63
C ASN B 544 18.98 3.85 -26.18
N GLY B 545 18.08 4.37 -25.37
CA GLY B 545 18.03 3.96 -23.98
C GLY B 545 18.14 5.12 -23.01
N LEU B 546 19.00 6.08 -23.32
CA LEU B 546 19.17 7.26 -22.48
C LEU B 546 17.94 8.13 -22.61
N THR B 547 17.16 8.25 -21.54
CA THR B 547 15.97 9.08 -21.54
C THR B 547 16.28 10.35 -20.77
N GLY B 548 16.00 11.51 -21.36
CA GLY B 548 16.22 12.76 -20.67
C GLY B 548 15.49 13.96 -21.22
N THR B 549 15.79 15.13 -20.67
CA THR B 549 15.20 16.39 -21.10
C THR B 549 16.28 17.45 -21.14
N GLY B 550 16.18 18.36 -22.11
CA GLY B 550 17.11 19.47 -22.14
C GLY B 550 17.31 19.99 -23.55
N VAL B 551 18.18 20.97 -23.63
CA VAL B 551 18.64 21.56 -24.87
C VAL B 551 19.84 20.78 -25.35
N LEU B 552 19.86 20.48 -26.66
CA LEU B 552 20.94 19.75 -27.32
C LEU B 552 21.76 20.75 -28.10
N THR B 553 23.08 20.63 -28.05
CA THR B 553 23.95 21.57 -28.73
C THR B 553 25.15 20.86 -29.34
N GLU B 554 25.64 21.39 -30.46
CA GLU B 554 26.83 20.83 -31.10
C GLU B 554 28.02 20.92 -30.17
N SER B 555 28.78 19.83 -30.07
CA SER B 555 29.87 19.75 -29.12
C SER B 555 31.21 20.04 -29.81
N ASN B 556 32.25 20.07 -28.97
CA ASN B 556 33.61 20.11 -29.49
C ASN B 556 34.53 19.22 -28.66
N LYS B 557 33.99 18.29 -27.90
CA LYS B 557 34.75 17.24 -27.24
C LYS B 557 34.90 16.04 -28.16
N LYS B 558 35.81 15.15 -27.79
CA LYS B 558 36.14 13.99 -28.61
C LYS B 558 36.15 12.74 -27.74
N PHE B 559 35.10 11.93 -27.85
CA PHE B 559 35.03 10.66 -27.13
C PHE B 559 36.08 9.70 -27.66
N LEU B 560 36.24 8.57 -27.01
CA LEU B 560 36.97 7.50 -27.67
C LEU B 560 36.00 6.66 -28.49
N PRO B 561 36.43 6.06 -29.58
CA PRO B 561 35.45 5.51 -30.52
C PRO B 561 34.81 4.22 -30.05
N PHE B 562 34.51 4.16 -28.78
CA PHE B 562 33.60 3.15 -28.26
C PHE B 562 32.73 3.69 -27.15
N GLN B 563 32.84 4.97 -26.82
CA GLN B 563 32.10 5.59 -25.72
C GLN B 563 30.86 6.27 -26.26
N GLN B 564 29.73 6.04 -25.60
CA GLN B 564 28.44 6.54 -26.04
C GLN B 564 28.10 7.90 -25.46
N PHE B 565 28.12 8.04 -24.15
CA PHE B 565 27.76 9.28 -23.51
C PHE B 565 28.79 9.65 -22.45
N GLY B 566 28.83 10.94 -22.10
CA GLY B 566 29.74 11.45 -21.12
C GLY B 566 29.01 11.90 -19.86
N ARG B 567 29.73 11.82 -18.75
CA ARG B 567 29.17 12.16 -17.45
C ARG B 567 30.01 13.24 -16.80
N ASP B 568 29.39 13.95 -15.87
CA ASP B 568 30.07 14.98 -15.10
C ASP B 568 30.53 14.42 -13.77
N ILE B 569 31.27 15.23 -13.02
CA ILE B 569 31.51 14.96 -11.62
C ILE B 569 30.19 15.21 -10.91
N ALA B 570 29.84 14.34 -9.96
CA ALA B 570 28.52 14.22 -9.37
C ALA B 570 27.59 13.42 -10.27
N ASP B 571 28.14 12.87 -11.35
CA ASP B 571 27.50 11.80 -12.12
C ASP B 571 26.17 12.18 -12.76
N THR B 572 26.16 13.15 -13.65
CA THR B 572 24.98 13.46 -14.46
C THR B 572 25.38 13.44 -15.93
N THR B 573 24.53 12.83 -16.75
CA THR B 573 24.79 12.78 -18.19
C THR B 573 24.83 14.18 -18.76
N ASP B 574 25.92 14.51 -19.45
CA ASP B 574 26.03 15.84 -20.02
C ASP B 574 26.45 15.86 -21.48
N ALA B 575 26.79 14.72 -22.05
CA ALA B 575 27.04 14.63 -23.48
C ALA B 575 26.52 13.30 -23.97
N VAL B 576 26.15 13.23 -25.25
CA VAL B 576 25.78 11.98 -25.90
C VAL B 576 26.42 11.95 -27.27
N ARG B 577 26.35 10.79 -27.89
CA ARG B 577 26.76 10.59 -29.27
C ARG B 577 25.55 10.10 -30.06
N ASP B 578 25.28 10.74 -31.19
CA ASP B 578 24.12 10.34 -31.97
C ASP B 578 24.42 9.04 -32.69
N PRO B 579 23.64 8.00 -32.50
CA PRO B 579 23.97 6.70 -33.08
C PRO B 579 24.12 6.72 -34.60
N GLN B 580 23.25 7.46 -35.28
CA GLN B 580 23.24 7.39 -36.74
C GLN B 580 24.40 8.17 -37.36
N THR B 581 24.59 9.42 -36.97
CA THR B 581 25.64 10.24 -37.55
C THR B 581 26.93 10.23 -36.76
N LEU B 582 26.90 9.78 -35.49
CA LEU B 582 28.09 9.61 -34.64
C LEU B 582 28.78 10.94 -34.35
N GLU B 583 28.01 11.90 -33.88
CA GLU B 583 28.55 13.19 -33.47
C GLU B 583 28.16 13.48 -32.03
N ILE B 584 29.05 14.16 -31.33
CA ILE B 584 28.89 14.41 -29.90
C ILE B 584 28.06 15.67 -29.73
N LEU B 585 27.09 15.62 -28.81
CA LEU B 585 26.19 16.71 -28.54
C LEU B 585 26.10 16.91 -27.03
N ASP B 586 26.25 18.16 -26.59
CA ASP B 586 26.09 18.47 -25.19
C ASP B 586 24.62 18.61 -24.82
N ILE B 587 24.34 18.32 -23.55
CA ILE B 587 23.00 18.32 -23.00
C ILE B 587 22.97 19.34 -21.88
N THR B 588 22.39 20.48 -22.12
CA THR B 588 22.24 21.43 -21.05
C THR B 588 20.81 21.45 -20.57
N PRO B 589 20.55 21.67 -19.29
CA PRO B 589 19.15 21.74 -18.83
C PRO B 589 18.47 22.98 -19.39
N CYS B 590 17.15 22.91 -19.51
CA CYS B 590 16.39 24.08 -19.91
C CYS B 590 15.97 24.87 -18.68
N SER B 591 15.71 26.16 -18.90
CA SER B 591 15.83 27.16 -17.85
C SER B 591 14.78 27.01 -16.76
N PHE B 592 15.23 27.15 -15.52
CA PHE B 592 14.36 27.25 -14.37
C PHE B 592 14.91 28.33 -13.47
N GLY B 593 14.06 28.86 -12.61
CA GLY B 593 14.51 29.88 -11.68
C GLY B 593 13.37 30.50 -10.89
N GLY B 594 13.67 31.13 -9.77
CA GLY B 594 12.63 31.77 -9.00
C GLY B 594 12.12 33.05 -9.62
N VAL B 595 10.93 33.45 -9.20
CA VAL B 595 10.34 34.69 -9.63
C VAL B 595 10.08 35.53 -8.38
N SER B 596 10.56 36.78 -8.39
CA SER B 596 10.37 37.67 -7.27
C SER B 596 9.61 38.90 -7.72
N VAL B 597 8.83 39.46 -6.82
CA VAL B 597 8.01 40.63 -7.08
C VAL B 597 8.48 41.78 -6.21
N ILE B 598 8.77 42.91 -6.84
CA ILE B 598 9.26 44.11 -6.19
C ILE B 598 8.12 45.10 -6.16
N THR B 599 7.71 45.50 -4.97
CA THR B 599 6.60 46.41 -4.77
C THR B 599 6.97 47.55 -3.83
N PRO B 600 6.59 48.78 -4.15
CA PRO B 600 6.77 49.89 -3.20
C PRO B 600 5.86 49.85 -2.00
N GLY B 601 4.92 48.91 -1.92
CA GLY B 601 3.96 48.82 -0.85
C GLY B 601 2.61 49.28 -1.35
N THR B 602 1.57 48.53 -1.00
CA THR B 602 0.23 48.79 -1.52
C THR B 602 -0.36 50.09 -1.00
N ASN B 603 0.26 50.66 0.02
CA ASN B 603 -0.11 51.93 0.62
C ASN B 603 0.59 53.10 -0.08
N THR B 604 1.25 52.80 -1.20
CA THR B 604 1.96 53.82 -1.95
C THR B 604 1.53 53.75 -3.41
N SER B 605 1.33 52.53 -3.89
CA SER B 605 1.07 52.29 -5.31
C SER B 605 0.76 50.81 -5.47
N ASN B 606 0.22 50.46 -6.63
CA ASN B 606 -0.04 49.07 -6.98
C ASN B 606 0.79 48.63 -8.17
N GLN B 607 1.72 49.45 -8.62
CA GLN B 607 2.66 49.02 -9.64
C GLN B 607 3.64 48.01 -9.06
N VAL B 608 4.28 47.27 -9.94
CA VAL B 608 5.08 46.12 -9.54
C VAL B 608 6.17 45.90 -10.59
N ALA B 609 7.31 45.39 -10.14
CA ALA B 609 8.35 44.93 -11.04
C ALA B 609 8.66 43.47 -10.73
N VAL B 610 9.24 42.77 -11.69
CA VAL B 610 9.38 41.33 -11.59
C VAL B 610 10.80 40.92 -11.95
N LEU B 611 11.42 40.12 -11.09
CA LEU B 611 12.76 39.59 -11.30
C LEU B 611 12.67 38.11 -11.60
N TYR B 612 13.19 37.71 -12.75
CA TYR B 612 13.38 36.30 -13.09
C TYR B 612 14.82 35.97 -12.77
N GLN B 613 15.03 35.12 -11.77
CA GLN B 613 16.36 35.00 -11.19
C GLN B 613 17.24 34.15 -12.07
N ASP B 614 18.44 34.65 -12.33
CA ASP B 614 19.48 34.09 -13.21
C ASP B 614 18.89 33.40 -14.44
N VAL B 615 17.97 34.10 -15.08
CA VAL B 615 17.44 33.69 -16.37
C VAL B 615 17.84 34.72 -17.39
N ASN B 616 18.30 34.25 -18.55
CA ASN B 616 18.63 35.18 -19.61
C ASN B 616 17.36 35.84 -20.13
N CYS B 617 17.43 37.15 -20.27
CA CYS B 617 16.21 37.93 -20.41
C CYS B 617 15.58 37.81 -21.80
N THR B 618 16.05 36.87 -22.61
CA THR B 618 15.54 36.69 -23.97
C THR B 618 14.59 35.49 -24.04
N GLU B 619 14.49 34.76 -22.92
CA GLU B 619 13.67 33.56 -22.89
C GLU B 619 12.67 33.63 -21.75
N VAL B 620 12.17 34.82 -21.47
CA VAL B 620 11.27 35.03 -20.34
C VAL B 620 9.86 34.54 -20.67
N PRO B 621 9.24 34.96 -21.79
CA PRO B 621 7.88 34.44 -21.99
C PRO B 621 7.86 33.23 -22.92
N SER B 640 8.30 48.59 -23.42
CA SER B 640 8.46 48.30 -22.00
C SER B 640 9.92 48.30 -21.57
N ASN B 641 10.16 47.91 -20.32
CA ASN B 641 11.48 47.96 -19.73
C ASN B 641 11.95 46.55 -19.42
N VAL B 642 12.85 46.03 -20.24
CA VAL B 642 13.56 44.80 -19.91
C VAL B 642 15.01 45.16 -19.70
N PHE B 643 15.54 44.76 -18.56
CA PHE B 643 16.86 45.16 -18.12
C PHE B 643 17.57 43.92 -17.60
N GLN B 644 18.79 43.71 -18.05
CA GLN B 644 19.54 42.51 -17.68
C GLN B 644 20.47 42.82 -16.53
N THR B 645 20.47 41.95 -15.54
CA THR B 645 21.26 42.11 -14.34
C THR B 645 22.11 40.85 -14.17
N ARG B 646 23.17 40.98 -13.39
CA ARG B 646 23.91 39.81 -12.94
C ARG B 646 23.07 38.90 -12.06
N ALA B 647 21.89 39.36 -11.63
CA ALA B 647 21.01 38.59 -10.77
C ALA B 647 19.78 38.07 -11.50
N GLY B 648 19.65 38.34 -12.78
CA GLY B 648 18.50 37.89 -13.55
C GLY B 648 17.95 38.98 -14.44
N CYS B 649 16.75 38.72 -14.96
CA CYS B 649 16.09 39.67 -15.85
C CYS B 649 14.98 40.43 -15.12
N LEU B 650 15.07 41.74 -15.15
CA LEU B 650 14.16 42.63 -14.46
C LEU B 650 13.19 43.25 -15.44
N ILE B 651 11.89 43.17 -15.16
CA ILE B 651 10.86 43.70 -16.03
C ILE B 651 9.98 44.66 -15.24
N GLY B 652 9.78 45.84 -15.77
CA GLY B 652 8.89 46.82 -15.16
C GLY B 652 9.57 47.92 -14.39
N ALA B 653 10.88 48.02 -14.47
CA ALA B 653 11.64 49.10 -13.87
C ALA B 653 12.58 49.65 -14.91
N GLU B 654 12.79 50.97 -14.90
CA GLU B 654 13.72 51.59 -15.82
C GLU B 654 15.07 51.80 -15.16
N HIS B 655 16.12 51.66 -15.96
CA HIS B 655 17.48 51.82 -15.49
C HIS B 655 17.93 53.26 -15.65
N VAL B 656 18.36 53.87 -14.54
CA VAL B 656 18.85 55.24 -14.55
C VAL B 656 20.36 55.22 -14.34
N ASN B 657 20.98 56.39 -14.48
CA ASN B 657 22.42 56.53 -14.36
C ASN B 657 22.87 57.17 -13.06
N ASN B 658 21.95 57.74 -12.31
CA ASN B 658 22.23 58.28 -10.98
C ASN B 658 22.63 57.16 -10.03
N SER B 659 22.99 57.50 -8.80
CA SER B 659 23.24 56.49 -7.77
C SER B 659 22.78 57.03 -6.44
N TYR B 660 21.88 56.29 -5.80
CA TYR B 660 21.29 56.68 -4.54
C TYR B 660 21.69 55.70 -3.46
N GLU B 661 21.20 55.92 -2.25
CA GLU B 661 21.31 54.95 -1.19
C GLU B 661 20.34 53.81 -1.46
N CYS B 662 20.75 52.60 -1.06
CA CYS B 662 19.98 51.43 -1.44
C CYS B 662 18.62 51.43 -0.74
N ASP B 663 17.60 51.03 -1.48
CA ASP B 663 16.24 51.04 -0.97
C ASP B 663 15.68 49.63 -0.86
N ILE B 664 15.57 48.95 -2.01
CA ILE B 664 15.12 47.57 -2.10
C ILE B 664 16.27 46.82 -2.78
N PRO B 665 16.87 45.86 -2.12
CA PRO B 665 18.07 45.23 -2.68
C PRO B 665 17.75 44.18 -3.72
N ILE B 666 18.24 44.37 -4.94
CA ILE B 666 18.07 43.37 -5.98
C ILE B 666 19.23 42.39 -5.96
N GLY B 667 20.44 42.86 -6.04
CA GLY B 667 21.60 42.00 -5.93
C GLY B 667 22.72 42.46 -6.84
N ALA B 668 23.92 41.95 -6.55
CA ALA B 668 25.12 42.27 -7.31
C ALA B 668 25.32 43.77 -7.47
N GLY B 669 25.01 44.53 -6.42
CA GLY B 669 25.19 45.95 -6.43
C GLY B 669 24.01 46.76 -6.93
N ILE B 670 22.92 46.12 -7.33
CA ILE B 670 21.76 46.79 -7.92
C ILE B 670 20.66 46.89 -6.88
N CYS B 671 20.09 48.09 -6.74
CA CYS B 671 18.88 48.28 -5.95
C CYS B 671 17.77 48.94 -6.77
N ALA B 672 16.56 48.96 -6.21
CA ALA B 672 15.40 49.52 -6.87
C ALA B 672 14.72 50.48 -5.92
N SER B 673 13.97 51.42 -6.50
CA SER B 673 13.20 52.36 -5.69
C SER B 673 12.00 52.84 -6.49
N TYR B 674 11.03 53.39 -5.77
CA TYR B 674 9.84 53.97 -6.39
C TYR B 674 10.00 55.48 -6.44
N GLN B 675 10.73 55.98 -7.43
CA GLN B 675 11.05 57.39 -7.35
C GLN B 675 10.73 58.18 -8.61
N THR B 676 11.17 57.68 -9.75
CA THR B 676 11.26 58.48 -10.95
C THR B 676 10.46 57.89 -12.09
N GLN B 690 6.52 57.94 -9.14
CA GLN B 690 6.04 57.98 -10.51
C GLN B 690 6.23 56.62 -11.18
N SER B 691 7.38 56.01 -10.95
CA SER B 691 7.65 54.66 -11.44
C SER B 691 8.82 54.06 -10.67
N ILE B 692 9.09 52.81 -10.98
CA ILE B 692 10.19 52.05 -10.39
C ILE B 692 11.44 52.29 -11.19
N ILE B 693 12.53 52.57 -10.50
CA ILE B 693 13.84 52.73 -11.11
C ILE B 693 14.77 51.71 -10.48
N ALA B 694 15.76 51.28 -11.26
CA ALA B 694 16.82 50.42 -10.81
C ALA B 694 18.14 51.12 -11.05
N TYR B 695 19.04 51.06 -10.07
CA TYR B 695 20.28 51.82 -10.14
C TYR B 695 21.38 51.06 -9.41
N THR B 696 22.61 51.49 -9.65
CA THR B 696 23.76 51.04 -8.88
C THR B 696 23.89 51.85 -7.61
N MET B 697 23.99 51.17 -6.48
CA MET B 697 23.89 51.87 -5.21
C MET B 697 25.14 52.68 -4.91
N SER B 698 24.96 53.71 -4.10
CA SER B 698 26.03 54.56 -3.63
C SER B 698 26.45 54.12 -2.23
N LEU B 699 27.74 54.08 -1.98
CA LEU B 699 28.22 53.70 -0.65
C LEU B 699 28.26 54.87 0.31
N GLY B 700 28.17 56.09 -0.19
CA GLY B 700 28.27 57.25 0.66
C GLY B 700 28.78 58.43 -0.14
N ALA B 701 29.05 59.52 0.58
CA ALA B 701 29.51 60.76 -0.01
C ALA B 701 31.02 60.85 0.12
N GLU B 702 31.69 61.16 -0.97
CA GLU B 702 33.15 61.25 -0.96
C GLU B 702 33.61 62.48 -0.19
N ASN B 703 34.78 62.38 0.42
CA ASN B 703 35.30 63.41 1.30
C ASN B 703 36.80 63.22 1.41
N SER B 704 37.57 64.11 0.80
CA SER B 704 39.01 64.11 0.95
C SER B 704 39.38 65.01 2.11
N VAL B 705 40.18 64.49 3.02
CA VAL B 705 40.55 65.20 4.24
C VAL B 705 41.73 66.10 3.94
N ALA B 706 41.72 67.29 4.53
CA ALA B 706 42.74 68.31 4.27
C ALA B 706 44.02 68.00 5.04
N TYR B 707 44.71 66.96 4.58
CA TYR B 707 45.91 66.50 5.25
C TYR B 707 47.14 67.25 4.77
N SER B 708 47.86 67.88 5.68
CA SER B 708 49.22 68.32 5.45
C SER B 708 50.06 67.85 6.62
N ASN B 709 51.34 68.15 6.58
CA ASN B 709 52.24 67.66 7.60
C ASN B 709 52.47 68.65 8.72
N ASN B 710 51.75 69.78 8.73
CA ASN B 710 51.75 70.64 9.90
C ASN B 710 50.39 71.27 10.14
N SER B 711 49.31 70.58 9.78
CA SER B 711 47.96 71.09 10.00
C SER B 711 47.20 70.19 10.98
N ILE B 712 46.39 70.82 11.82
CA ILE B 712 45.59 70.12 12.81
C ILE B 712 44.24 70.79 12.89
N ALA B 713 43.22 70.00 13.20
CA ALA B 713 41.88 70.50 13.46
C ALA B 713 41.52 70.15 14.90
N ILE B 714 40.96 71.11 15.62
CA ILE B 714 40.63 70.95 17.03
C ILE B 714 39.20 71.42 17.23
N PRO B 715 38.38 70.70 17.99
CA PRO B 715 36.99 71.09 18.17
C PRO B 715 36.83 72.22 19.16
N THR B 716 35.84 73.07 18.92
CA THR B 716 35.56 74.18 19.81
C THR B 716 34.26 74.02 20.58
N ASN B 717 33.47 73.00 20.30
CA ASN B 717 32.21 72.81 21.00
C ASN B 717 31.95 71.31 21.10
N PHE B 718 30.79 70.95 21.63
CA PHE B 718 30.40 69.55 21.71
C PHE B 718 28.89 69.45 21.69
N THR B 719 28.41 68.23 21.44
CA THR B 719 27.02 67.89 21.64
C THR B 719 26.91 66.66 22.53
N ILE B 720 25.92 66.67 23.40
CA ILE B 720 25.55 65.51 24.18
C ILE B 720 24.51 64.74 23.39
N SER B 721 24.81 63.50 23.03
CA SER B 721 23.85 62.71 22.28
C SER B 721 23.47 61.48 23.08
N VAL B 722 22.27 60.98 22.85
CA VAL B 722 21.80 59.76 23.49
C VAL B 722 21.07 58.90 22.47
N THR B 723 21.45 57.64 22.39
CA THR B 723 20.90 56.69 21.43
C THR B 723 20.38 55.46 22.16
N THR B 724 19.62 54.63 21.45
CA THR B 724 19.08 53.41 22.02
C THR B 724 19.71 52.16 21.40
N GLU B 725 19.66 51.09 22.17
CA GLU B 725 20.07 49.78 21.68
C GLU B 725 19.14 48.73 22.28
N ILE B 726 18.54 47.89 21.44
CA ILE B 726 17.51 46.94 21.83
C ILE B 726 18.07 45.53 21.72
N LEU B 727 17.87 44.72 22.76
CA LEU B 727 18.39 43.36 22.73
C LEU B 727 17.38 42.36 23.30
N PRO B 728 17.14 41.25 22.60
CA PRO B 728 16.35 40.16 23.17
C PRO B 728 17.11 39.38 24.24
N VAL B 729 16.42 39.06 25.33
CA VAL B 729 17.06 38.24 26.34
C VAL B 729 16.36 36.89 26.47
N SER B 730 15.05 36.83 26.31
CA SER B 730 14.35 35.56 26.50
C SER B 730 13.39 35.29 25.34
N MET B 731 12.86 34.08 25.34
CA MET B 731 11.75 33.68 24.49
C MET B 731 10.78 32.88 25.34
N THR B 732 9.68 32.44 24.74
CA THR B 732 8.62 31.80 25.51
C THR B 732 8.91 30.34 25.80
N LYS B 733 8.60 29.94 27.03
CA LYS B 733 8.76 28.57 27.45
C LYS B 733 7.53 27.77 27.09
N THR B 734 7.70 26.79 26.21
CA THR B 734 6.61 25.94 25.76
C THR B 734 6.90 24.52 26.19
N SER B 735 5.83 23.78 26.41
CA SER B 735 5.93 22.35 26.67
C SER B 735 4.98 21.64 25.75
N VAL B 736 5.36 20.43 25.34
CA VAL B 736 4.48 19.56 24.57
C VAL B 736 4.34 18.27 25.35
N ASP B 737 3.23 17.60 25.10
CA ASP B 737 2.99 16.25 25.61
C ASP B 737 2.93 15.35 24.39
N CYS B 738 4.06 14.72 24.05
CA CYS B 738 4.19 13.82 22.91
C CYS B 738 2.97 12.94 22.70
N THR B 739 2.53 12.23 23.73
CA THR B 739 1.46 11.27 23.56
C THR B 739 0.15 11.94 23.19
N MET B 740 -0.14 13.08 23.78
CA MET B 740 -1.40 13.75 23.50
C MET B 740 -1.38 14.44 22.15
N TYR B 741 -0.19 14.70 21.60
CA TYR B 741 -0.10 15.30 20.28
C TYR B 741 -0.18 14.25 19.21
N ILE B 742 0.54 13.14 19.39
CA ILE B 742 0.59 12.12 18.34
C ILE B 742 -0.68 11.28 18.33
N CYS B 743 -1.22 10.96 19.49
CA CYS B 743 -2.35 10.04 19.56
C CYS B 743 -3.64 10.72 19.96
N GLY B 744 -3.58 11.66 20.89
CA GLY B 744 -4.78 12.36 21.28
C GLY B 744 -5.76 11.50 22.04
N ASP B 745 -5.27 10.81 23.07
CA ASP B 745 -6.11 10.04 23.99
C ASP B 745 -6.90 8.96 23.25
N SER B 746 -6.15 7.99 22.70
CA SER B 746 -6.72 6.81 22.08
C SER B 746 -5.77 5.65 22.30
N THR B 747 -6.26 4.60 22.95
CA THR B 747 -5.37 3.53 23.41
C THR B 747 -4.77 2.73 22.26
N GLU B 748 -5.41 2.71 21.10
CA GLU B 748 -4.85 1.99 19.98
C GLU B 748 -3.56 2.62 19.50
N CYS B 749 -3.57 3.94 19.26
CA CYS B 749 -2.35 4.63 18.84
C CYS B 749 -1.30 4.59 19.93
N SER B 750 -1.73 4.68 21.20
CA SER B 750 -0.79 4.76 22.29
C SER B 750 0.00 3.47 22.48
N ASN B 751 -0.57 2.33 22.11
CA ASN B 751 0.15 1.09 22.25
C ASN B 751 1.13 0.87 21.11
N LEU B 752 0.77 1.28 19.91
CA LEU B 752 1.71 1.26 18.79
C LEU B 752 2.90 2.16 19.05
N LEU B 753 2.70 3.27 19.74
CA LEU B 753 3.74 4.24 20.02
C LEU B 753 4.83 3.69 20.92
N LEU B 754 4.48 2.80 21.84
CA LEU B 754 5.45 2.15 22.70
C LEU B 754 6.54 1.42 21.94
N GLN B 755 6.28 1.05 20.69
CA GLN B 755 7.28 0.35 19.89
C GLN B 755 8.39 1.26 19.41
N TYR B 756 8.29 2.55 19.64
CA TYR B 756 9.30 3.47 19.15
C TYR B 756 10.33 3.81 20.20
N GLY B 757 10.23 3.27 21.36
CA GLY B 757 11.29 3.39 22.35
C GLY B 757 11.08 4.59 23.25
N SER B 758 12.05 5.50 23.26
CA SER B 758 12.06 6.61 24.20
C SER B 758 12.22 7.95 23.48
N PHE B 759 11.75 8.07 22.25
CA PHE B 759 11.89 9.33 21.53
C PHE B 759 11.18 10.45 22.26
N CYS B 760 10.08 10.14 22.92
CA CYS B 760 9.25 11.18 23.50
C CYS B 760 9.66 11.54 24.91
N THR B 761 10.61 10.82 25.49
CA THR B 761 11.23 11.30 26.71
C THR B 761 12.40 12.23 26.39
N GLN B 762 13.09 11.96 25.28
CA GLN B 762 14.11 12.87 24.79
C GLN B 762 13.55 14.21 24.39
N LEU B 763 12.44 14.22 23.64
CA LEU B 763 11.89 15.51 23.23
C LEU B 763 11.52 16.38 24.43
N ASN B 764 10.91 15.79 25.45
CA ASN B 764 10.57 16.53 26.64
C ASN B 764 11.79 16.98 27.42
N ARG B 765 12.83 16.16 27.50
CA ARG B 765 14.05 16.60 28.13
C ARG B 765 14.64 17.81 27.43
N ALA B 766 14.61 17.81 26.09
CA ALA B 766 15.15 18.95 25.35
C ALA B 766 14.36 20.22 25.62
N LEU B 767 13.03 20.13 25.56
CA LEU B 767 12.23 21.32 25.79
C LEU B 767 12.32 21.82 27.22
N THR B 768 12.49 20.94 28.20
CA THR B 768 12.68 21.38 29.57
C THR B 768 14.03 22.07 29.75
N GLY B 769 15.07 21.52 29.15
CA GLY B 769 16.37 22.16 29.19
C GLY B 769 16.39 23.52 28.57
N ILE B 770 15.59 23.77 27.54
CA ILE B 770 15.56 25.14 27.01
C ILE B 770 14.56 26.03 27.71
N ALA B 771 13.61 25.49 28.46
CA ALA B 771 12.75 26.37 29.25
C ALA B 771 13.39 26.80 30.57
N VAL B 772 14.35 26.06 31.08
CA VAL B 772 15.04 26.50 32.29
C VAL B 772 16.06 27.61 31.99
N GLU B 773 16.74 27.51 30.85
CA GLU B 773 17.72 28.52 30.52
C GLU B 773 17.09 29.84 30.11
N GLN B 774 15.79 29.91 29.84
CA GLN B 774 15.19 31.21 29.59
C GLN B 774 15.11 32.04 30.85
N ASP B 775 14.89 31.42 31.99
CA ASP B 775 14.94 32.12 33.26
C ASP B 775 16.36 32.39 33.70
N LYS B 776 17.29 31.47 33.39
CA LYS B 776 18.68 31.80 33.62
C LYS B 776 19.15 33.00 32.79
N ASN B 777 18.62 33.18 31.59
CA ASN B 777 19.00 34.31 30.75
C ASN B 777 18.63 35.64 31.40
N THR B 778 17.41 35.73 31.96
CA THR B 778 16.95 36.97 32.57
C THR B 778 17.66 37.25 33.88
N GLN B 779 17.92 36.20 34.66
CA GLN B 779 18.56 36.41 35.95
C GLN B 779 19.94 37.05 35.81
N GLU B 780 20.66 36.75 34.74
CA GLU B 780 22.01 37.26 34.61
C GLU B 780 22.10 38.62 33.95
N VAL B 781 21.02 39.09 33.32
CA VAL B 781 21.01 40.46 32.83
C VAL B 781 20.53 41.40 33.93
N PHE B 782 19.55 40.99 34.72
CA PHE B 782 18.90 41.99 35.56
C PHE B 782 19.28 41.93 37.03
N ALA B 783 19.60 40.77 37.58
CA ALA B 783 19.96 40.68 38.98
C ALA B 783 21.44 40.98 39.12
N GLN B 784 21.81 42.22 38.83
CA GLN B 784 23.19 42.69 38.94
C GLN B 784 23.34 43.65 40.11
N VAL B 785 22.45 43.56 41.09
CA VAL B 785 22.49 44.35 42.30
C VAL B 785 22.21 43.42 43.46
N LYS B 786 22.75 43.78 44.61
CA LYS B 786 22.39 43.13 45.87
C LYS B 786 21.27 43.86 46.59
N GLN B 787 21.39 45.18 46.71
CA GLN B 787 20.37 46.00 47.34
C GLN B 787 19.40 46.54 46.29
N ILE B 788 18.21 46.85 46.74
CA ILE B 788 17.26 47.60 45.94
C ILE B 788 17.38 49.04 46.36
N TYR B 789 18.05 49.85 45.54
CA TYR B 789 18.28 51.24 45.87
C TYR B 789 17.09 52.08 45.48
N LYS B 790 16.79 53.06 46.31
CA LYS B 790 15.74 54.02 46.05
C LYS B 790 16.34 55.40 45.89
N THR B 791 15.68 56.22 45.10
CA THR B 791 16.17 57.57 44.85
C THR B 791 15.60 58.53 45.89
N PRO B 792 16.25 59.67 46.11
CA PRO B 792 15.80 60.58 47.18
C PRO B 792 14.51 61.27 46.79
N PRO B 793 13.72 61.70 47.77
CA PRO B 793 12.46 62.39 47.43
C PRO B 793 12.68 63.73 46.76
N ILE B 794 13.61 64.55 47.24
CA ILE B 794 13.91 65.84 46.61
C ILE B 794 15.06 65.63 45.63
N LYS B 795 14.78 65.85 44.35
CA LYS B 795 15.62 65.40 43.25
C LYS B 795 16.24 66.61 42.56
N ASP B 796 17.40 67.05 43.05
CA ASP B 796 18.14 68.11 42.38
C ASP B 796 19.48 67.56 41.95
N PHE B 797 19.59 67.24 40.66
CA PHE B 797 20.75 66.58 40.10
C PHE B 797 21.56 67.53 39.22
N GLY B 798 21.60 68.80 39.58
CA GLY B 798 22.42 69.78 38.88
C GLY B 798 21.83 70.33 37.61
N GLY B 799 20.53 70.23 37.42
CA GLY B 799 19.89 70.64 36.20
C GLY B 799 19.48 69.50 35.30
N PHE B 800 19.99 68.31 35.54
CA PHE B 800 19.61 67.14 34.77
C PHE B 800 18.27 66.63 35.28
N ASN B 801 17.46 66.13 34.36
CA ASN B 801 16.07 65.79 34.62
C ASN B 801 15.85 64.36 34.14
N PHE B 802 15.61 63.45 35.07
CA PHE B 802 15.45 62.04 34.76
C PHE B 802 14.01 61.57 34.90
N SER B 803 13.04 62.47 34.74
CA SER B 803 11.68 62.14 35.14
C SER B 803 10.98 61.19 34.18
N GLN B 804 11.41 61.11 32.92
CA GLN B 804 10.81 60.20 31.97
C GLN B 804 11.38 58.80 32.02
N ILE B 805 12.40 58.55 32.84
CA ILE B 805 12.96 57.22 33.00
C ILE B 805 12.96 56.75 34.43
N LEU B 806 12.48 57.47 35.29
CA LEU B 806 12.32 57.04 36.66
C LEU B 806 10.92 56.48 36.87
N PRO B 807 10.73 55.57 37.83
CA PRO B 807 9.43 54.93 37.98
C PRO B 807 8.32 55.92 38.29
N ASP B 808 7.12 55.56 37.85
CA ASP B 808 5.94 56.39 37.98
C ASP B 808 4.88 55.63 38.76
N PRO B 809 4.50 56.09 39.96
CA PRO B 809 3.58 55.29 40.79
C PRO B 809 2.17 55.18 40.22
N SER B 810 1.67 56.22 39.58
CA SER B 810 0.34 56.22 39.01
C SER B 810 0.22 55.41 37.73
N LYS B 811 1.29 54.72 37.31
CA LYS B 811 1.30 53.97 36.07
C LYS B 811 1.10 52.48 36.35
N PRO B 812 0.90 51.65 35.30
CA PRO B 812 0.77 50.20 35.53
C PRO B 812 2.10 49.53 35.81
N SER B 813 2.15 48.73 36.88
CA SER B 813 3.30 47.99 37.36
C SER B 813 4.42 48.88 37.86
N LYS B 814 4.15 50.17 38.11
CA LYS B 814 5.16 51.11 38.59
C LYS B 814 6.30 51.26 37.60
N ARG B 815 5.97 51.32 36.32
CA ARG B 815 6.95 51.49 35.26
C ARG B 815 7.25 52.96 35.05
N SER B 816 8.37 53.21 34.38
CA SER B 816 8.71 54.54 33.93
C SER B 816 7.85 54.92 32.72
N PRO B 817 7.91 56.18 32.36
CA PRO B 817 7.12 56.66 31.23
C PRO B 817 7.59 56.04 29.92
N ILE B 818 8.88 55.78 29.79
CA ILE B 818 9.39 55.22 28.55
C ILE B 818 9.28 53.70 28.54
N GLU B 819 9.23 53.08 29.71
CA GLU B 819 8.98 51.65 29.77
C GLU B 819 7.55 51.30 29.37
N ASP B 820 6.63 52.27 29.42
CA ASP B 820 5.27 52.06 28.94
C ASP B 820 5.16 52.10 27.43
N LEU B 821 5.75 53.11 26.80
CA LEU B 821 5.76 53.16 25.35
C LEU B 821 6.31 51.89 24.75
N LEU B 822 7.21 51.21 25.45
CA LEU B 822 7.78 49.98 24.95
C LEU B 822 6.85 48.80 25.10
N PHE B 823 6.10 48.73 26.20
CA PHE B 823 5.17 47.64 26.38
C PHE B 823 3.89 47.81 25.59
N ASN B 824 3.68 48.97 24.98
CA ASN B 824 2.54 49.19 24.10
C ASN B 824 2.88 48.97 22.64
N LYS B 825 4.16 49.00 22.27
CA LYS B 825 4.51 48.89 20.87
C LYS B 825 4.69 47.43 20.45
N VAL B 826 5.17 46.59 21.36
CA VAL B 826 5.30 45.17 21.06
C VAL B 826 4.57 44.33 22.11
N PHE B 855 -3.67 23.67 23.52
CA PHE B 855 -4.78 23.31 22.67
C PHE B 855 -4.88 21.80 22.49
N ASN B 856 -3.78 21.15 22.13
CA ASN B 856 -3.73 19.70 22.21
C ASN B 856 -2.33 19.20 22.55
N GLY B 857 -2.05 19.10 23.84
CA GLY B 857 -0.74 18.75 24.31
C GLY B 857 0.27 19.87 24.30
N LEU B 858 -0.15 21.10 24.03
CA LEU B 858 0.76 22.25 23.96
C LEU B 858 0.43 23.21 25.09
N THR B 859 1.43 23.58 25.87
CA THR B 859 1.23 24.54 26.94
C THR B 859 2.36 25.56 26.96
N VAL B 860 2.09 26.68 27.60
CA VAL B 860 3.04 27.77 27.75
C VAL B 860 3.25 28.00 29.24
N LEU B 861 4.48 27.93 29.67
CA LEU B 861 4.83 28.12 31.07
C LEU B 861 5.17 29.57 31.34
N PRO B 862 4.80 30.09 32.51
CA PRO B 862 5.08 31.49 32.81
C PRO B 862 6.52 31.69 33.24
N PRO B 863 7.08 32.86 33.01
CA PRO B 863 8.44 33.13 33.49
C PRO B 863 8.48 33.33 34.99
N LEU B 864 9.65 33.03 35.56
CA LEU B 864 9.79 33.05 37.02
C LEU B 864 9.73 34.46 37.56
N LEU B 865 10.38 35.41 36.91
CA LEU B 865 10.30 36.82 37.25
C LEU B 865 9.14 37.45 36.50
N THR B 866 8.25 38.11 37.23
CA THR B 866 7.16 38.85 36.61
C THR B 866 7.72 40.12 35.95
N ASP B 867 6.86 40.88 35.29
CA ASP B 867 7.33 42.14 34.72
C ASP B 867 7.51 43.20 35.79
N GLU B 868 6.76 43.10 36.88
CA GLU B 868 6.90 44.00 38.00
C GLU B 868 8.27 43.85 38.65
N MET B 869 8.72 42.62 38.83
CA MET B 869 10.03 42.36 39.40
C MET B 869 11.16 42.89 38.52
N ILE B 870 11.04 42.76 37.21
CA ILE B 870 12.09 43.25 36.33
C ILE B 870 12.10 44.77 36.29
N ALA B 871 10.94 45.42 36.36
CA ALA B 871 10.94 46.87 36.45
C ALA B 871 11.52 47.35 37.77
N GLN B 872 11.29 46.62 38.85
CA GLN B 872 11.98 46.88 40.10
C GLN B 872 13.49 46.77 40.00
N TYR B 873 14.00 45.75 39.31
CA TYR B 873 15.44 45.62 39.13
C TYR B 873 16.03 46.79 38.34
N THR B 874 15.36 47.21 37.26
CA THR B 874 15.93 48.32 36.51
C THR B 874 15.83 49.63 37.26
N SER B 875 14.81 49.83 38.09
CA SER B 875 14.80 51.05 38.88
C SER B 875 15.85 51.04 39.98
N ALA B 876 16.20 49.89 40.53
CA ALA B 876 17.33 49.84 41.45
C ALA B 876 18.66 50.11 40.74
N LEU B 877 18.88 49.60 39.54
CA LEU B 877 20.10 49.95 38.81
C LEU B 877 20.16 51.43 38.52
N LEU B 878 19.05 52.01 38.10
CA LEU B 878 19.01 53.40 37.72
C LEU B 878 19.14 54.34 38.89
N ALA B 879 18.64 53.98 40.06
CA ALA B 879 18.85 54.81 41.23
C ALA B 879 20.25 54.67 41.81
N GLY B 880 20.88 53.52 41.63
CA GLY B 880 22.27 53.34 42.00
C GLY B 880 23.20 54.19 41.17
N THR B 881 22.95 54.28 39.87
CA THR B 881 23.87 55.05 39.04
C THR B 881 23.64 56.56 39.12
N ILE B 882 22.41 57.02 39.28
CA ILE B 882 22.16 58.46 39.38
C ILE B 882 22.77 59.02 40.65
N THR B 883 23.08 58.17 41.61
CA THR B 883 23.28 58.62 42.97
C THR B 883 24.64 58.26 43.52
N SER B 884 25.27 57.21 42.99
CA SER B 884 26.56 56.76 43.46
C SER B 884 27.61 56.62 42.37
N GLY B 885 27.27 56.94 41.13
CA GLY B 885 28.17 56.64 40.04
C GLY B 885 28.41 55.14 39.90
N TRP B 886 29.66 54.79 39.66
CA TRP B 886 30.09 53.43 39.44
C TRP B 886 30.56 52.74 40.70
N THR B 887 30.33 53.32 41.86
CA THR B 887 30.85 52.73 43.08
C THR B 887 30.03 51.56 43.57
N PHE B 888 28.76 51.48 43.23
CA PHE B 888 27.91 50.42 43.76
C PHE B 888 28.14 49.11 43.03
N GLY B 889 28.74 49.15 41.84
CA GLY B 889 29.08 47.94 41.15
C GLY B 889 30.41 47.35 41.55
N ALA B 890 31.07 47.97 42.51
CA ALA B 890 32.34 47.46 43.03
C ALA B 890 32.32 47.22 44.52
N GLY B 891 31.24 47.54 45.20
CA GLY B 891 31.19 47.43 46.65
C GLY B 891 29.97 48.14 47.17
N PRO B 892 30.13 48.77 48.33
CA PRO B 892 29.07 49.60 48.87
C PRO B 892 28.92 50.87 48.07
N ALA B 893 27.67 51.30 47.91
CA ALA B 893 27.38 52.54 47.20
C ALA B 893 27.82 53.75 48.01
N LEU B 894 28.60 54.62 47.39
CA LEU B 894 29.04 55.87 48.01
C LEU B 894 28.46 57.03 47.22
N GLN B 895 27.69 57.88 47.88
CA GLN B 895 27.06 58.98 47.20
C GLN B 895 28.06 60.06 46.83
N ILE B 896 27.75 60.77 45.75
CA ILE B 896 28.54 61.87 45.22
C ILE B 896 27.55 62.78 44.52
N PRO B 897 27.70 64.11 44.55
CA PRO B 897 26.79 64.97 43.80
C PRO B 897 26.88 64.72 42.30
N PHE B 898 25.77 64.90 41.60
CA PHE B 898 25.69 64.41 40.22
C PHE B 898 26.63 65.15 39.27
N PRO B 899 26.84 66.45 39.47
CA PRO B 899 27.72 67.18 38.58
C PRO B 899 29.18 66.83 38.82
N MET B 900 29.55 66.45 40.02
CA MET B 900 30.91 65.99 40.24
C MET B 900 31.15 64.62 39.63
N GLN B 901 30.13 63.79 39.60
CA GLN B 901 30.20 62.54 38.87
C GLN B 901 30.36 62.78 37.37
N MET B 902 29.58 63.72 36.82
CA MET B 902 29.71 64.12 35.43
C MET B 902 31.12 64.65 35.13
N ALA B 903 31.72 65.37 36.05
CA ALA B 903 33.10 65.82 35.86
C ALA B 903 34.11 64.68 35.86
N TYR B 904 33.95 63.69 36.73
CA TYR B 904 34.79 62.50 36.66
C TYR B 904 34.67 61.79 35.31
N ARG B 905 33.44 61.66 34.80
CA ARG B 905 33.26 61.03 33.50
C ARG B 905 33.89 61.84 32.38
N PHE B 906 33.86 63.17 32.45
CA PHE B 906 34.56 63.98 31.48
C PHE B 906 36.07 63.76 31.57
N ASN B 907 36.61 63.64 32.77
CA ASN B 907 38.01 63.25 32.91
C ASN B 907 38.30 61.92 32.25
N GLY B 908 37.35 61.00 32.29
CA GLY B 908 37.60 59.68 31.73
C GLY B 908 37.69 59.65 30.22
N ILE B 909 37.18 60.66 29.54
CA ILE B 909 37.34 60.78 28.09
C ILE B 909 38.41 61.79 27.71
N GLY B 910 39.17 62.30 28.66
CA GLY B 910 40.25 63.22 28.35
C GLY B 910 39.90 64.68 28.19
N VAL B 911 38.83 65.14 28.80
CA VAL B 911 38.53 66.57 28.89
C VAL B 911 38.71 66.99 30.34
N THR B 912 39.07 68.25 30.54
CA THR B 912 39.28 68.68 31.91
C THR B 912 37.95 69.05 32.56
N GLN B 913 37.99 69.22 33.88
CA GLN B 913 36.76 69.34 34.68
C GLN B 913 36.16 70.72 34.60
N ASN B 914 36.99 71.75 34.48
CA ASN B 914 36.47 73.09 34.28
C ASN B 914 35.62 73.20 33.03
N VAL B 915 35.81 72.35 32.02
CA VAL B 915 34.97 72.37 30.84
C VAL B 915 33.55 71.91 31.16
N LEU B 916 33.38 71.02 32.12
CA LEU B 916 32.03 70.70 32.58
C LEU B 916 31.48 71.79 33.48
N TYR B 917 32.28 72.28 34.42
CA TYR B 917 31.70 73.17 35.41
C TYR B 917 31.36 74.53 34.82
N GLU B 918 32.03 74.93 33.74
CA GLU B 918 31.72 76.20 33.11
C GLU B 918 30.64 76.11 32.06
N ASN B 919 30.21 74.89 31.72
CA ASN B 919 29.20 74.65 30.70
C ASN B 919 28.09 73.80 31.27
N GLN B 920 27.93 73.81 32.58
CA GLN B 920 26.93 72.96 33.23
C GLN B 920 25.53 73.15 32.68
N LYS B 921 25.03 74.38 32.61
CA LYS B 921 23.66 74.56 32.18
C LYS B 921 23.45 74.17 30.73
N LEU B 922 24.44 74.41 29.88
CA LEU B 922 24.32 74.02 28.49
C LEU B 922 24.34 72.51 28.32
N ILE B 923 25.20 71.83 29.07
CA ILE B 923 25.28 70.38 28.99
C ILE B 923 24.02 69.74 29.53
N ALA B 924 23.45 70.32 30.57
CA ALA B 924 22.19 69.82 31.11
C ALA B 924 21.01 70.07 30.18
N ASN B 925 20.95 71.22 29.53
CA ASN B 925 19.92 71.48 28.55
C ASN B 925 20.02 70.54 27.36
N GLN B 926 21.21 70.32 26.84
CA GLN B 926 21.38 69.37 25.76
C GLN B 926 20.95 67.97 26.16
N PHE B 927 21.31 67.52 27.36
CA PHE B 927 20.87 66.21 27.81
C PHE B 927 19.36 66.12 27.92
N ASN B 928 18.71 67.14 28.51
CA ASN B 928 17.26 67.09 28.66
C ASN B 928 16.55 67.10 27.31
N SER B 929 17.02 67.94 26.41
CA SER B 929 16.43 68.00 25.09
C SER B 929 16.66 66.75 24.26
N ALA B 930 17.71 66.00 24.54
CA ALA B 930 17.97 64.76 23.83
C ALA B 930 17.24 63.57 24.43
N ILE B 931 16.95 63.59 25.73
CA ILE B 931 16.06 62.60 26.30
C ILE B 931 14.63 62.85 25.84
N GLY B 932 14.26 64.11 25.59
CA GLY B 932 12.95 64.40 25.06
C GLY B 932 12.69 63.90 23.66
N LYS B 933 13.73 63.58 22.90
CA LYS B 933 13.53 63.12 21.54
C LYS B 933 13.40 61.61 21.43
N ILE B 934 14.05 60.86 22.32
CA ILE B 934 13.78 59.43 22.41
C ILE B 934 12.29 59.20 22.57
N GLN B 935 11.66 59.99 23.41
CA GLN B 935 10.25 59.80 23.72
C GLN B 935 9.37 60.06 22.51
N ASP B 936 9.71 61.04 21.69
CA ASP B 936 8.98 61.28 20.45
C ASP B 936 9.22 60.17 19.45
N SER B 937 10.48 59.87 19.16
CA SER B 937 10.79 58.85 18.16
C SER B 937 10.19 57.50 18.51
N LEU B 938 10.03 57.16 19.78
CA LEU B 938 9.35 55.92 20.09
C LEU B 938 7.84 56.09 20.10
N SER B 939 7.33 57.17 20.68
CA SER B 939 5.89 57.41 20.72
C SER B 939 5.27 57.54 19.33
N SER B 940 6.06 57.83 18.31
CA SER B 940 5.53 58.04 16.97
C SER B 940 5.51 56.76 16.15
N ALA B 944 10.36 50.25 15.43
CA ALA B 944 11.70 50.42 15.96
C ALA B 944 12.12 49.24 16.85
N LEU B 945 11.13 48.58 17.44
CA LEU B 945 11.39 47.36 18.20
C LEU B 945 11.21 46.14 17.31
N GLY B 946 11.83 46.15 16.14
CA GLY B 946 11.72 45.02 15.24
C GLY B 946 12.47 43.80 15.69
N LYS B 947 13.58 43.97 16.40
CA LYS B 947 14.32 42.81 16.88
C LYS B 947 13.57 42.05 17.96
N LEU B 948 12.73 42.74 18.73
CA LEU B 948 11.90 42.04 19.69
C LEU B 948 10.66 41.46 19.05
N GLN B 949 10.12 42.12 18.03
CA GLN B 949 8.97 41.61 17.32
C GLN B 949 9.30 40.35 16.53
N ASP B 950 10.52 40.25 16.00
CA ASP B 950 10.86 39.10 15.17
C ASP B 950 10.94 37.81 15.97
N VAL B 951 11.43 37.85 17.20
CA VAL B 951 11.50 36.60 17.95
C VAL B 951 10.12 36.15 18.38
N VAL B 952 9.20 37.07 18.64
CA VAL B 952 7.81 36.69 18.89
C VAL B 952 7.20 36.05 17.65
N ASN B 953 7.35 36.71 16.50
CA ASN B 953 6.79 36.20 15.26
C ASN B 953 7.33 34.82 14.90
N GLN B 954 8.63 34.59 15.03
CA GLN B 954 9.19 33.30 14.68
C GLN B 954 8.61 32.17 15.52
N ASN B 955 8.51 32.38 16.82
CA ASN B 955 7.96 31.36 17.70
C ASN B 955 6.50 31.07 17.38
N ALA B 956 5.69 32.10 17.15
CA ALA B 956 4.30 31.86 16.77
C ALA B 956 4.16 31.17 15.42
N GLN B 957 4.95 31.55 14.44
CA GLN B 957 4.92 30.90 13.14
C GLN B 957 5.33 29.44 13.24
N ALA B 958 6.19 29.08 14.18
CA ALA B 958 6.54 27.67 14.33
C ALA B 958 5.46 26.90 15.08
N LEU B 959 4.88 27.50 16.12
CA LEU B 959 3.82 26.80 16.83
C LEU B 959 2.59 26.59 15.96
N ASN B 960 2.33 27.49 15.01
CA ASN B 960 1.20 27.28 14.13
C ASN B 960 1.45 26.18 13.12
N THR B 961 2.66 26.14 12.56
CA THR B 961 3.03 25.06 11.68
C THR B 961 2.97 23.70 12.38
N LEU B 962 3.25 23.66 13.68
CA LEU B 962 3.14 22.39 14.38
C LEU B 962 1.70 21.89 14.44
N VAL B 963 0.75 22.78 14.72
CA VAL B 963 -0.64 22.37 14.82
C VAL B 963 -1.23 22.09 13.45
N LYS B 964 -0.85 22.86 12.44
CA LYS B 964 -1.38 22.64 11.11
C LYS B 964 -0.92 21.32 10.49
N GLN B 965 -0.02 20.61 11.14
CA GLN B 965 0.40 19.30 10.65
C GLN B 965 -0.48 18.18 11.17
N LEU B 966 -1.35 18.47 12.11
CA LEU B 966 -2.28 17.48 12.65
C LEU B 966 -3.42 17.21 11.68
N SER B 967 -3.34 17.78 10.49
CA SER B 967 -4.38 17.58 9.49
C SER B 967 -3.78 17.22 8.15
N SER B 968 -2.72 16.42 8.16
CA SER B 968 -2.17 15.85 6.95
C SER B 968 -2.23 14.34 7.06
N ASN B 969 -2.36 13.67 5.92
CA ASN B 969 -2.51 12.22 5.89
C ASN B 969 -1.18 11.51 5.99
N PHE B 970 -0.14 12.06 5.36
CA PHE B 970 1.14 11.39 5.18
C PHE B 970 0.99 10.07 4.46
N GLY B 971 -0.05 9.92 3.63
CA GLY B 971 -0.29 8.67 2.93
C GLY B 971 -1.17 7.72 3.73
N ALA B 972 -2.32 8.21 4.15
CA ALA B 972 -3.29 7.39 4.86
C ALA B 972 -4.66 7.75 4.32
N ILE B 973 -5.68 7.06 4.80
CA ILE B 973 -7.01 7.31 4.28
C ILE B 973 -7.64 8.58 4.85
N SER B 974 -7.31 8.96 6.07
CA SER B 974 -7.75 10.24 6.60
C SER B 974 -6.72 10.75 7.59
N SER B 975 -7.07 11.83 8.27
CA SER B 975 -6.23 12.44 9.29
C SER B 975 -6.79 12.23 10.68
N VAL B 976 -7.88 11.50 10.81
CA VAL B 976 -8.60 11.34 12.07
C VAL B 976 -8.46 9.88 12.49
N LEU B 977 -8.13 9.65 13.76
CA LEU B 977 -8.05 8.29 14.24
C LEU B 977 -9.43 7.68 14.47
N ASN B 978 -10.44 8.51 14.71
CA ASN B 978 -11.80 8.01 14.80
C ASN B 978 -12.40 7.68 13.45
N ASP B 979 -11.68 7.93 12.36
CA ASP B 979 -12.11 7.51 11.04
C ASP B 979 -11.36 6.29 10.54
N ILE B 980 -10.15 6.04 11.02
CA ILE B 980 -9.50 4.78 10.71
C ILE B 980 -9.96 3.70 11.68
N LEU B 981 -10.38 4.06 12.88
CA LEU B 981 -10.95 3.12 13.81
C LEU B 981 -12.44 2.91 13.62
N SER B 982 -13.01 3.36 12.50
CA SER B 982 -14.43 3.18 12.23
C SER B 982 -14.71 2.54 10.88
N ARG B 983 -13.78 2.61 9.92
CA ARG B 983 -14.00 1.92 8.66
C ARG B 983 -12.79 1.05 8.32
N LEU B 984 -12.25 0.38 9.32
CA LEU B 984 -11.17 -0.58 9.12
C LEU B 984 -11.14 -1.51 10.31
N ASP B 985 -10.88 -2.78 10.04
CA ASP B 985 -10.70 -3.75 11.10
C ASP B 985 -9.31 -3.62 11.69
N PRO B 986 -9.12 -4.04 12.94
CA PRO B 986 -7.85 -3.79 13.64
C PRO B 986 -6.62 -4.22 12.84
N PRO B 987 -6.65 -5.34 12.10
CA PRO B 987 -5.45 -5.68 11.34
C PRO B 987 -5.14 -4.70 10.21
N GLU B 988 -6.14 -3.99 9.70
CA GLU B 988 -5.90 -3.03 8.63
C GLU B 988 -5.70 -1.62 9.14
N ALA B 989 -6.14 -1.32 10.36
CA ALA B 989 -5.97 0.02 10.89
C ALA B 989 -4.58 0.23 11.49
N GLU B 990 -3.88 -0.85 11.84
CA GLU B 990 -2.49 -0.71 12.29
C GLU B 990 -1.63 -0.08 11.21
N VAL B 991 -1.78 -0.52 9.97
CA VAL B 991 -0.94 -0.06 8.88
C VAL B 991 -1.22 1.40 8.59
N GLN B 992 -2.45 1.84 8.82
CA GLN B 992 -2.81 3.22 8.55
C GLN B 992 -2.48 4.13 9.72
N ILE B 993 -2.50 3.59 10.93
CA ILE B 993 -2.14 4.39 12.10
C ILE B 993 -0.62 4.61 12.13
N ASP B 994 0.15 3.61 11.73
CA ASP B 994 1.59 3.79 11.70
C ASP B 994 2.04 4.87 10.73
N ARG B 995 1.34 5.04 9.61
CA ARG B 995 1.70 6.09 8.67
C ARG B 995 1.49 7.48 9.27
N LEU B 996 0.48 7.64 10.13
CA LEU B 996 0.28 8.89 10.84
C LEU B 996 1.29 9.07 11.96
N ILE B 997 1.60 8.01 12.69
CA ILE B 997 2.57 8.10 13.77
C ILE B 997 3.91 8.56 13.24
N THR B 998 4.38 7.97 12.15
CA THR B 998 5.67 8.34 11.62
C THR B 998 5.72 9.81 11.22
N GLY B 999 4.71 10.30 10.52
CA GLY B 999 4.66 11.68 10.13
C GLY B 999 4.62 12.64 11.29
N ARG B 1000 3.75 12.39 12.26
CA ARG B 1000 3.64 13.26 13.41
C ARG B 1000 4.91 13.26 14.27
N LEU B 1001 5.59 12.12 14.40
CA LEU B 1001 6.86 12.10 15.09
C LEU B 1001 7.89 12.94 14.36
N GLN B 1002 7.98 12.79 13.04
CA GLN B 1002 8.88 13.62 12.27
C GLN B 1002 8.63 15.10 12.48
N SER B 1003 7.37 15.51 12.47
CA SER B 1003 7.07 16.91 12.60
C SER B 1003 7.38 17.46 13.99
N LEU B 1004 7.08 16.70 15.03
CA LEU B 1004 7.44 17.10 16.37
C LEU B 1004 8.94 17.21 16.57
N GLN B 1005 9.70 16.29 15.98
CA GLN B 1005 11.14 16.35 16.17
C GLN B 1005 11.78 17.46 15.37
N THR B 1006 11.21 17.81 14.21
CA THR B 1006 11.67 19.01 13.51
C THR B 1006 11.43 20.27 14.33
N TYR B 1007 10.24 20.39 14.91
CA TYR B 1007 9.98 21.49 15.83
C TYR B 1007 11.00 21.56 16.95
N VAL B 1008 11.38 20.42 17.52
CA VAL B 1008 12.28 20.48 18.66
C VAL B 1008 13.72 20.79 18.24
N THR B 1009 14.14 20.42 17.04
CA THR B 1009 15.47 20.80 16.59
C THR B 1009 15.57 22.31 16.34
N GLN B 1010 14.58 22.87 15.65
CA GLN B 1010 14.66 24.28 15.32
C GLN B 1010 14.57 25.18 16.54
N GLN B 1011 13.93 24.73 17.61
CA GLN B 1011 13.94 25.46 18.87
C GLN B 1011 15.28 25.44 19.57
N LEU B 1012 16.02 24.33 19.53
CA LEU B 1012 17.37 24.31 20.05
C LEU B 1012 18.26 25.30 19.30
N ILE B 1013 18.09 25.35 17.98
CA ILE B 1013 18.94 26.25 17.21
C ILE B 1013 18.56 27.71 17.42
N ARG B 1014 17.29 28.01 17.68
CA ARG B 1014 16.87 29.36 17.97
C ARG B 1014 17.19 29.80 19.39
N ALA B 1015 17.15 28.88 20.35
CA ALA B 1015 17.55 29.19 21.70
C ALA B 1015 19.05 29.43 21.83
N ALA B 1016 19.89 28.71 21.08
CA ALA B 1016 21.31 29.00 21.12
C ALA B 1016 21.64 30.39 20.61
N GLU B 1017 20.78 31.00 19.83
CA GLU B 1017 20.99 32.35 19.34
C GLU B 1017 20.47 33.39 20.33
N ILE B 1018 19.32 33.13 20.95
CA ILE B 1018 18.85 34.01 22.02
C ILE B 1018 19.83 34.03 23.19
N ARG B 1019 20.53 32.92 23.40
CA ARG B 1019 21.46 32.83 24.52
C ARG B 1019 22.64 33.75 24.35
N ALA B 1020 23.16 33.87 23.13
CA ALA B 1020 24.28 34.75 22.84
C ALA B 1020 23.90 36.22 22.94
N SER B 1021 22.70 36.57 22.54
CA SER B 1021 22.19 37.91 22.72
C SER B 1021 22.05 38.29 24.17
N ALA B 1022 21.49 37.41 24.99
CA ALA B 1022 21.43 37.67 26.42
C ALA B 1022 22.80 37.71 27.08
N ASN B 1023 23.77 36.96 26.57
CA ASN B 1023 25.13 37.05 27.08
C ASN B 1023 25.79 38.38 26.75
N LEU B 1024 25.49 38.93 25.57
CA LEU B 1024 25.94 40.28 25.24
C LEU B 1024 25.24 41.36 26.06
N ALA B 1025 23.94 41.21 26.29
CA ALA B 1025 23.23 42.15 27.15
C ALA B 1025 23.74 42.15 28.58
N ALA B 1026 24.13 41.00 29.10
CA ALA B 1026 24.69 40.94 30.43
C ALA B 1026 26.06 41.62 30.52
N THR B 1027 26.85 41.57 29.47
CA THR B 1027 28.13 42.26 29.42
C THR B 1027 27.97 43.76 29.25
N LYS B 1028 27.02 44.21 28.45
CA LYS B 1028 26.72 45.63 28.35
C LYS B 1028 26.16 46.20 29.64
N MET B 1029 25.34 45.45 30.39
CA MET B 1029 24.91 45.96 31.67
C MET B 1029 26.06 46.14 32.65
N SER B 1030 27.07 45.27 32.60
CA SER B 1030 28.22 45.40 33.47
C SER B 1030 29.14 46.54 33.04
N GLU B 1031 29.37 46.68 31.74
CA GLU B 1031 30.42 47.54 31.25
C GLU B 1031 29.94 48.92 30.82
N CYS B 1032 28.66 49.10 30.55
CA CYS B 1032 28.15 50.41 30.19
C CYS B 1032 27.27 51.03 31.26
N VAL B 1033 26.61 50.24 32.09
CA VAL B 1033 25.73 50.76 33.12
C VAL B 1033 26.43 50.86 34.47
N LEU B 1034 27.23 49.87 34.85
CA LEU B 1034 27.99 49.95 36.09
C LEU B 1034 29.42 50.42 35.90
N GLY B 1035 29.76 50.92 34.71
CA GLY B 1035 31.07 51.48 34.49
C GLY B 1035 31.08 52.53 33.42
N GLN B 1036 32.26 53.02 33.07
CA GLN B 1036 32.50 53.80 31.87
C GLN B 1036 33.42 53.00 30.96
N SER B 1037 32.97 52.74 29.75
CA SER B 1037 33.76 51.92 28.85
C SER B 1037 34.66 52.77 27.97
N LYS B 1038 35.85 52.25 27.69
CA LYS B 1038 36.78 52.83 26.73
C LYS B 1038 36.75 52.13 25.38
N ARG B 1039 36.19 50.92 25.30
CA ARG B 1039 36.05 50.23 24.03
C ARG B 1039 35.29 51.10 23.04
N VAL B 1040 35.76 51.15 21.80
CA VAL B 1040 35.16 52.02 20.79
C VAL B 1040 33.90 51.37 20.26
N ASP B 1041 32.81 52.14 20.23
CA ASP B 1041 31.52 51.72 19.67
C ASP B 1041 30.94 50.49 20.36
N PHE B 1042 31.12 50.41 21.67
CA PHE B 1042 30.53 49.34 22.44
C PHE B 1042 29.32 49.81 23.24
N CYS B 1043 29.32 51.07 23.62
CA CYS B 1043 28.26 51.68 24.39
C CYS B 1043 27.82 52.96 23.70
N GLY B 1044 27.52 52.85 22.41
CA GLY B 1044 27.09 53.98 21.61
C GLY B 1044 28.15 54.41 20.62
N LYS B 1045 27.90 55.53 19.97
CA LYS B 1045 28.82 56.10 18.99
C LYS B 1045 29.17 57.50 19.43
N GLY B 1046 30.44 57.73 19.68
CA GLY B 1046 30.97 58.89 20.36
C GLY B 1046 31.87 58.42 21.45
N TYR B 1047 32.07 59.27 22.45
CA TYR B 1047 32.84 58.89 23.64
C TYR B 1047 31.87 58.60 24.77
N HIS B 1048 31.89 57.36 25.28
CA HIS B 1048 30.91 56.94 26.25
C HIS B 1048 30.99 57.78 27.51
N LEU B 1049 29.88 58.38 27.91
CA LEU B 1049 29.75 58.96 29.23
C LEU B 1049 29.02 58.03 30.18
N MET B 1050 27.78 57.64 29.87
CA MET B 1050 27.03 56.81 30.81
C MET B 1050 25.89 56.13 30.07
N SER B 1051 25.28 55.14 30.72
CA SER B 1051 24.21 54.35 30.11
C SER B 1051 23.11 54.12 31.13
N PHE B 1052 21.88 54.00 30.64
CA PHE B 1052 20.70 53.76 31.47
C PHE B 1052 19.90 52.58 30.93
N PRO B 1053 19.54 51.61 31.76
CA PRO B 1053 18.71 50.50 31.29
C PRO B 1053 17.21 50.73 31.43
N GLN B 1054 16.46 50.14 30.51
CA GLN B 1054 15.01 50.11 30.54
C GLN B 1054 14.55 48.72 30.14
N SER B 1055 13.53 48.21 30.82
CA SER B 1055 13.03 46.88 30.50
C SER B 1055 12.07 46.95 29.32
N ALA B 1056 12.04 45.88 28.55
CA ALA B 1056 11.17 45.73 27.39
C ALA B 1056 10.50 44.37 27.51
N PRO B 1057 9.48 44.08 26.67
CA PRO B 1057 8.78 42.80 26.78
C PRO B 1057 9.62 41.53 26.93
N HIS B 1058 10.55 41.24 26.04
CA HIS B 1058 11.43 40.10 26.24
C HIS B 1058 12.88 40.51 26.10
N GLY B 1059 13.20 41.71 26.52
CA GLY B 1059 14.55 42.20 26.35
C GLY B 1059 14.79 43.46 27.11
N VAL B 1060 15.83 44.16 26.69
CA VAL B 1060 16.29 45.34 27.39
C VAL B 1060 16.69 46.38 26.38
N VAL B 1061 16.42 47.64 26.71
CA VAL B 1061 16.83 48.81 25.95
C VAL B 1061 17.89 49.54 26.77
N PHE B 1062 19.01 49.84 26.13
CA PHE B 1062 20.02 50.71 26.73
C PHE B 1062 19.91 52.08 26.10
N LEU B 1063 19.92 53.11 26.94
CA LEU B 1063 20.03 54.50 26.50
C LEU B 1063 21.46 54.94 26.77
N HIS B 1064 22.22 55.15 25.71
CA HIS B 1064 23.64 55.50 25.80
C HIS B 1064 23.80 57.01 25.67
N VAL B 1065 24.49 57.61 26.62
CA VAL B 1065 24.81 59.03 26.62
C VAL B 1065 26.29 59.16 26.29
N THR B 1066 26.58 59.82 25.17
CA THR B 1066 27.95 60.03 24.72
C THR B 1066 28.22 61.49 24.41
N TYR B 1067 29.50 61.81 24.39
CA TYR B 1067 30.04 63.10 24.05
C TYR B 1067 30.50 63.09 22.61
N VAL B 1068 30.13 64.11 21.83
CA VAL B 1068 30.53 64.20 20.44
C VAL B 1068 31.15 65.57 20.22
N PRO B 1069 32.39 65.67 19.74
CA PRO B 1069 32.98 66.99 19.49
C PRO B 1069 32.42 67.64 18.24
N ALA B 1070 32.44 68.98 18.23
CA ALA B 1070 31.79 69.73 17.19
C ALA B 1070 32.54 71.01 16.91
N GLN B 1071 32.28 71.56 15.72
CA GLN B 1071 32.72 72.88 15.30
C GLN B 1071 34.23 73.07 15.32
N GLU B 1072 34.94 72.33 14.47
CA GLU B 1072 36.39 72.31 14.48
C GLU B 1072 36.98 73.48 13.70
N LYS B 1073 38.18 73.89 14.11
CA LYS B 1073 38.99 74.85 13.38
C LYS B 1073 40.32 74.21 13.05
N ASN B 1074 40.97 74.64 11.97
CA ASN B 1074 42.36 74.29 11.79
C ASN B 1074 43.30 75.35 12.34
N PHE B 1075 44.44 74.87 12.83
CA PHE B 1075 45.59 75.63 13.26
C PHE B 1075 46.79 74.99 12.60
N THR B 1076 47.99 75.50 12.87
CA THR B 1076 49.21 74.82 12.44
C THR B 1076 49.93 74.30 13.68
N THR B 1077 50.62 73.17 13.54
CA THR B 1077 51.23 72.48 14.65
C THR B 1077 52.72 72.31 14.46
N ALA B 1078 53.38 71.97 15.55
CA ALA B 1078 54.76 71.54 15.59
C ALA B 1078 54.88 70.45 16.63
N PRO B 1079 55.83 69.56 16.50
CA PRO B 1079 56.00 68.51 17.50
C PRO B 1079 56.67 68.97 18.78
N ALA B 1080 57.52 69.99 18.70
CA ALA B 1080 58.32 70.43 19.82
C ALA B 1080 58.64 71.90 19.61
N ILE B 1081 59.15 72.54 20.65
CA ILE B 1081 59.56 73.94 20.59
C ILE B 1081 61.03 74.00 20.96
N CYS B 1082 61.82 74.74 20.18
CA CYS B 1082 63.23 74.91 20.51
C CYS B 1082 63.41 76.22 21.25
N HIS B 1083 64.17 76.18 22.34
CA HIS B 1083 64.41 77.34 23.16
C HIS B 1083 65.66 77.12 23.97
N ASP B 1084 66.60 78.05 23.91
CA ASP B 1084 67.88 77.94 24.61
C ASP B 1084 68.63 76.69 24.22
N GLY B 1085 68.44 76.24 22.99
CA GLY B 1085 69.12 75.04 22.56
C GLY B 1085 68.51 73.75 23.04
N LYS B 1086 67.35 73.81 23.67
CA LYS B 1086 66.67 72.62 24.16
C LYS B 1086 65.36 72.41 23.41
N ALA B 1087 64.89 71.17 23.45
CA ALA B 1087 63.64 70.79 22.80
C ALA B 1087 62.57 70.50 23.85
N HIS B 1088 61.42 71.13 23.71
CA HIS B 1088 60.34 71.04 24.69
C HIS B 1088 59.15 70.35 24.05
N PHE B 1089 58.54 69.47 24.80
CA PHE B 1089 57.36 68.72 24.40
C PHE B 1089 56.23 68.99 25.38
N PRO B 1090 54.99 68.99 24.93
CA PRO B 1090 53.89 69.27 25.85
C PRO B 1090 53.62 68.10 26.79
N ARG B 1091 53.28 68.44 28.03
CA ARG B 1091 53.03 67.41 29.01
C ARG B 1091 51.75 66.63 28.71
N GLU B 1092 50.65 67.33 28.39
CA GLU B 1092 49.43 66.63 28.03
C GLU B 1092 48.64 67.32 26.92
N GLY B 1093 49.30 68.00 26.00
CA GLY B 1093 48.51 68.67 25.00
C GLY B 1093 49.06 68.64 23.60
N VAL B 1094 48.77 69.70 22.85
CA VAL B 1094 49.34 69.95 21.54
C VAL B 1094 49.73 71.40 21.46
N PHE B 1095 50.86 71.65 20.81
CA PHE B 1095 51.28 72.99 20.44
C PHE B 1095 50.52 73.45 19.21
N VAL B 1096 49.89 74.61 19.28
CA VAL B 1096 49.15 75.14 18.13
C VAL B 1096 49.51 76.60 17.92
N SER B 1097 49.19 77.11 16.73
CA SER B 1097 49.51 78.47 16.34
C SER B 1097 48.28 79.09 15.71
N ASN B 1098 47.88 80.27 16.18
CA ASN B 1098 46.75 80.94 15.56
C ASN B 1098 47.13 81.77 14.35
N GLY B 1099 48.37 81.67 13.90
CA GLY B 1099 48.85 82.43 12.78
C GLY B 1099 50.14 83.14 13.13
N THR B 1100 50.19 83.68 14.35
CA THR B 1100 51.34 84.42 14.83
C THR B 1100 51.82 84.02 16.22
N HIS B 1101 51.02 83.36 17.03
CA HIS B 1101 51.39 83.03 18.39
C HIS B 1101 51.24 81.54 18.65
N TRP B 1102 51.96 81.05 19.65
CA TRP B 1102 52.04 79.63 19.94
C TRP B 1102 51.49 79.34 21.33
N PHE B 1103 50.56 78.40 21.40
CA PHE B 1103 49.89 78.02 22.64
C PHE B 1103 49.93 76.51 22.82
N VAL B 1104 49.43 76.05 23.96
CA VAL B 1104 49.16 74.64 24.21
C VAL B 1104 47.67 74.47 24.46
N THR B 1105 47.06 73.51 23.79
CA THR B 1105 45.71 73.10 24.15
C THR B 1105 45.70 71.66 24.62
N GLN B 1106 44.57 71.28 25.21
CA GLN B 1106 44.22 69.88 25.30
C GLN B 1106 43.60 69.42 24.00
N ARG B 1107 43.71 68.14 23.71
CA ARG B 1107 43.55 67.69 22.35
C ARG B 1107 42.11 67.62 21.87
N ASN B 1108 41.13 67.54 22.76
CA ASN B 1108 39.74 67.39 22.35
C ASN B 1108 38.91 68.64 22.50
N PHE B 1109 39.43 69.70 23.12
CA PHE B 1109 38.64 70.89 23.33
C PHE B 1109 39.58 72.08 23.28
N TYR B 1110 39.23 73.10 22.51
CA TYR B 1110 40.15 74.19 22.26
C TYR B 1110 40.16 75.15 23.45
N GLU B 1111 41.32 75.29 24.07
CA GLU B 1111 41.49 76.12 25.25
C GLU B 1111 42.96 76.48 25.37
N PRO B 1112 43.40 77.54 24.68
CA PRO B 1112 44.83 77.78 24.54
C PRO B 1112 45.47 78.41 25.78
N GLN B 1113 46.72 78.05 26.02
CA GLN B 1113 47.47 78.49 27.18
C GLN B 1113 48.84 78.95 26.74
N ILE B 1114 49.46 79.79 27.53
CA ILE B 1114 50.84 80.22 27.26
C ILE B 1114 51.77 79.06 27.56
N ILE B 1115 52.73 78.84 26.67
CA ILE B 1115 53.72 77.78 26.85
C ILE B 1115 54.69 78.20 27.95
N THR B 1116 54.73 77.44 29.03
CA THR B 1116 55.62 77.70 30.14
C THR B 1116 56.37 76.42 30.47
N THR B 1117 57.24 76.49 31.46
CA THR B 1117 57.96 75.31 31.93
C THR B 1117 57.15 74.48 32.91
N ASP B 1118 55.87 74.77 33.05
CA ASP B 1118 54.96 74.00 33.90
C ASP B 1118 54.10 73.06 33.08
N ASN B 1119 53.92 73.34 31.79
CA ASN B 1119 53.12 72.48 30.95
C ASN B 1119 53.93 71.85 29.84
N THR B 1120 55.25 71.97 29.87
CA THR B 1120 56.14 71.31 28.94
C THR B 1120 57.24 70.59 29.71
N PHE B 1121 57.94 69.69 29.04
CA PHE B 1121 59.14 69.08 29.59
C PHE B 1121 60.22 69.07 28.52
N VAL B 1122 61.46 68.88 28.96
CA VAL B 1122 62.63 69.01 28.11
C VAL B 1122 63.29 67.65 27.92
N SER B 1123 63.77 67.39 26.71
CA SER B 1123 64.66 66.27 26.49
C SER B 1123 65.45 66.50 25.21
N GLY B 1124 66.75 66.69 25.36
CA GLY B 1124 67.64 66.76 24.21
C GLY B 1124 67.84 68.16 23.70
N ASN B 1125 68.56 68.22 22.59
CA ASN B 1125 68.83 69.47 21.89
C ASN B 1125 68.01 69.50 20.62
N CYS B 1126 67.85 70.70 20.07
CA CYS B 1126 66.84 70.85 19.04
C CYS B 1126 67.41 70.72 17.64
N ASP B 1127 68.09 69.60 17.36
CA ASP B 1127 68.52 69.29 16.00
C ASP B 1127 68.29 67.84 15.59
N VAL B 1128 67.59 67.04 16.39
CA VAL B 1128 67.25 65.68 16.01
C VAL B 1128 65.76 65.52 15.67
N VAL B 1129 64.87 66.26 16.32
CA VAL B 1129 63.46 66.29 15.95
C VAL B 1129 63.31 67.00 14.62
N ILE B 1130 62.40 66.54 13.77
CA ILE B 1130 62.15 67.20 12.50
C ILE B 1130 60.80 67.88 12.57
N GLY B 1131 60.80 69.19 12.37
CA GLY B 1131 59.63 70.00 12.55
C GLY B 1131 59.64 70.94 13.73
N ILE B 1132 60.73 70.98 14.51
CA ILE B 1132 60.84 71.92 15.62
C ILE B 1132 60.61 73.34 15.12
N VAL B 1133 59.98 74.17 15.95
CA VAL B 1133 59.90 75.59 15.67
C VAL B 1133 60.57 76.34 16.79
N ASN B 1134 60.98 77.56 16.48
CA ASN B 1134 61.62 78.46 17.43
C ASN B 1134 60.55 79.30 18.11
N ASN B 1135 60.58 79.31 19.43
CA ASN B 1135 59.64 80.13 20.20
C ASN B 1135 60.15 80.17 21.63
N THR B 1136 59.63 81.10 22.39
CA THR B 1136 60.07 81.32 23.76
C THR B 1136 59.22 80.54 24.74
N VAL B 1137 59.86 79.88 25.69
CA VAL B 1137 59.21 79.16 26.76
C VAL B 1137 59.39 79.96 28.02
N TYR B 1138 58.29 80.33 28.64
CA TYR B 1138 58.28 81.30 29.71
C TYR B 1138 58.47 80.63 31.06
N ASP B 1139 59.42 81.13 31.83
CA ASP B 1139 59.69 80.68 33.17
C ASP B 1139 58.93 81.52 34.18
N PRO B 1140 58.12 80.92 35.04
CA PRO B 1140 57.32 81.73 35.97
C PRO B 1140 58.11 82.32 37.11
N LEU B 1141 59.10 81.62 37.65
CA LEU B 1141 59.91 82.12 38.74
C LEU B 1141 60.74 83.32 38.34
N GLN B 1142 61.46 83.21 37.22
CA GLN B 1142 62.43 84.20 36.76
C GLN B 1142 61.96 85.64 36.89
N PRO B 1143 60.80 86.04 36.35
CA PRO B 1143 60.33 87.41 36.62
C PRO B 1143 59.88 87.61 38.05
N GLU B 1144 58.97 86.76 38.51
CA GLU B 1144 58.27 87.00 39.77
C GLU B 1144 59.23 87.23 40.92
N LEU B 1145 60.20 86.33 41.07
CA LEU B 1145 61.27 86.49 42.04
C LEU B 1145 61.94 87.85 41.89
N ASP B 1146 62.20 88.26 40.65
CA ASP B 1146 62.91 89.50 40.38
C ASP B 1146 61.97 90.64 39.96
N ALA C 27 55.74 -23.06 -14.22
CA ALA C 27 56.43 -21.87 -13.76
C ALA C 27 55.45 -20.85 -13.24
N TYR C 28 55.97 -19.74 -12.73
CA TYR C 28 55.15 -18.64 -12.24
C TYR C 28 55.87 -17.34 -12.49
N THR C 29 55.17 -16.24 -12.27
CA THR C 29 55.72 -14.91 -12.48
C THR C 29 54.77 -13.89 -11.88
N ASN C 30 55.03 -12.62 -12.19
CA ASN C 30 54.43 -11.48 -11.52
C ASN C 30 53.75 -10.57 -12.53
N SER C 31 52.44 -10.46 -12.44
CA SER C 31 51.77 -9.29 -12.97
C SER C 31 52.13 -8.13 -12.07
N PHE C 32 52.47 -6.99 -12.67
CA PHE C 32 52.79 -5.83 -11.86
C PHE C 32 51.53 -4.98 -11.77
N THR C 33 51.09 -4.36 -12.86
CA THR C 33 49.87 -3.58 -12.90
C THR C 33 49.13 -3.84 -14.20
N ARG C 34 49.23 -5.05 -14.71
CA ARG C 34 48.59 -5.42 -15.96
C ARG C 34 47.13 -5.77 -15.73
N GLY C 35 46.33 -5.60 -16.77
CA GLY C 35 44.99 -6.14 -16.79
C GLY C 35 43.87 -5.23 -16.31
N VAL C 36 43.91 -3.95 -16.68
CA VAL C 36 42.85 -3.01 -16.35
C VAL C 36 42.09 -2.67 -17.61
N TYR C 37 40.77 -2.83 -17.59
CA TYR C 37 39.94 -2.54 -18.73
C TYR C 37 38.97 -1.40 -18.41
N TYR C 38 38.47 -0.77 -19.46
CA TYR C 38 37.39 0.21 -19.35
C TYR C 38 36.10 -0.49 -18.95
N PRO C 39 35.60 -0.32 -17.74
CA PRO C 39 34.45 -1.12 -17.28
C PRO C 39 33.11 -0.73 -17.88
N ASP C 40 32.99 0.41 -18.56
CA ASP C 40 31.73 0.79 -19.19
C ASP C 40 32.01 1.75 -20.34
N LYS C 41 30.94 2.20 -20.98
CA LYS C 41 31.02 3.01 -22.19
C LYS C 41 30.95 4.50 -21.91
N VAL C 42 31.12 4.93 -20.68
CA VAL C 42 31.00 6.33 -20.30
C VAL C 42 32.32 7.04 -20.55
N PHE C 43 32.23 8.27 -21.01
CA PHE C 43 33.38 9.14 -21.20
C PHE C 43 33.53 10.04 -19.97
N ARG C 44 34.79 10.24 -19.56
CA ARG C 44 35.06 11.06 -18.40
C ARG C 44 36.29 11.91 -18.70
N SER C 45 36.20 13.19 -18.39
CA SER C 45 37.32 14.10 -18.55
C SER C 45 38.21 13.97 -17.33
N SER C 46 39.11 14.92 -17.08
CA SER C 46 40.11 14.78 -16.04
C SER C 46 39.41 14.62 -14.69
N VAL C 47 39.40 13.39 -14.19
CA VAL C 47 38.63 13.04 -13.01
C VAL C 47 39.18 11.71 -12.45
N LEU C 48 38.84 11.44 -11.20
CA LEU C 48 39.17 10.20 -10.52
C LEU C 48 37.87 9.50 -10.18
N HIS C 49 37.75 8.24 -10.57
CA HIS C 49 36.50 7.51 -10.43
C HIS C 49 36.76 6.17 -9.77
N SER C 50 35.98 5.85 -8.75
CA SER C 50 36.12 4.60 -8.00
C SER C 50 35.06 3.62 -8.44
N THR C 51 35.44 2.35 -8.57
CA THR C 51 34.50 1.36 -9.06
C THR C 51 34.82 -0.03 -8.55
N GLN C 52 33.77 -0.77 -8.21
CA GLN C 52 33.85 -2.14 -7.73
C GLN C 52 33.51 -3.08 -8.88
N ASP C 53 34.48 -3.86 -9.33
CA ASP C 53 34.26 -4.77 -10.44
C ASP C 53 35.12 -6.02 -10.28
N LEU C 54 35.33 -6.77 -11.37
CA LEU C 54 36.16 -7.96 -11.36
C LEU C 54 37.49 -7.62 -12.02
N PHE C 55 38.55 -7.52 -11.24
CA PHE C 55 39.84 -7.13 -11.76
C PHE C 55 40.89 -8.17 -11.38
N LEU C 56 42.00 -8.11 -12.08
CA LEU C 56 43.17 -8.88 -11.71
C LEU C 56 43.98 -8.08 -10.70
N PRO C 57 44.11 -8.55 -9.46
CA PRO C 57 44.78 -7.76 -8.43
C PRO C 57 46.21 -7.44 -8.81
N PHE C 58 46.68 -6.30 -8.32
CA PHE C 58 48.04 -5.88 -8.58
C PHE C 58 49.02 -6.85 -7.94
N PHE C 59 50.14 -7.08 -8.61
CA PHE C 59 51.22 -7.91 -8.09
C PHE C 59 50.74 -9.33 -7.78
N SER C 60 50.01 -9.91 -8.73
CA SER C 60 49.45 -11.25 -8.59
C SER C 60 50.44 -12.32 -9.02
N ASN C 61 50.19 -13.52 -8.53
CA ASN C 61 51.02 -14.68 -8.82
C ASN C 61 50.43 -15.39 -10.03
N VAL C 62 51.05 -15.20 -11.20
CA VAL C 62 50.45 -15.54 -12.48
C VAL C 62 51.25 -16.70 -13.09
N THR C 63 50.54 -17.74 -13.53
CA THR C 63 51.23 -18.90 -14.08
C THR C 63 51.94 -18.57 -15.39
N TRP C 64 52.63 -19.54 -15.96
CA TRP C 64 53.47 -19.28 -17.13
C TRP C 64 53.59 -20.56 -17.94
N PHE C 65 53.22 -20.50 -19.22
CA PHE C 65 53.28 -21.64 -20.11
C PHE C 65 54.17 -21.33 -21.30
N HIS C 66 54.88 -22.37 -21.74
CA HIS C 66 55.96 -22.27 -22.71
C HIS C 66 55.68 -23.15 -23.93
N ALA C 67 56.41 -22.87 -25.00
CA ALA C 67 56.31 -23.63 -26.24
C ALA C 67 57.57 -24.46 -26.50
N ASN C 81 47.71 -27.94 -24.89
CA ASN C 81 48.16 -27.40 -23.63
C ASN C 81 47.02 -27.47 -22.61
N PRO C 82 47.35 -27.39 -21.31
CA PRO C 82 46.40 -27.81 -20.27
C PRO C 82 44.97 -27.26 -20.37
N VAL C 83 44.04 -27.99 -19.77
CA VAL C 83 42.66 -27.55 -19.68
C VAL C 83 42.47 -26.78 -18.37
N LEU C 84 42.79 -25.50 -18.39
CA LEU C 84 42.66 -24.63 -17.24
C LEU C 84 41.18 -24.35 -16.97
N PRO C 85 40.81 -23.97 -15.77
CA PRO C 85 39.42 -23.54 -15.53
C PRO C 85 39.16 -22.09 -15.90
N PHE C 86 37.97 -21.60 -15.59
CA PHE C 86 37.56 -20.23 -15.85
C PHE C 86 37.34 -19.42 -14.58
N ASN C 87 36.42 -19.88 -13.74
CA ASN C 87 36.18 -19.52 -12.35
C ASN C 87 35.60 -18.14 -12.07
N ASP C 88 35.93 -17.12 -12.85
CA ASP C 88 35.20 -15.85 -12.82
C ASP C 88 35.46 -15.00 -14.04
N GLY C 89 36.27 -15.45 -14.97
CA GLY C 89 36.88 -14.57 -15.95
C GLY C 89 38.37 -14.71 -15.88
N VAL C 90 39.03 -14.32 -16.97
CA VAL C 90 40.41 -14.69 -17.18
C VAL C 90 41.16 -13.54 -17.82
N TYR C 91 42.34 -13.26 -17.29
CA TYR C 91 43.33 -12.44 -17.95
C TYR C 91 44.23 -13.36 -18.77
N PHE C 92 44.69 -12.87 -19.92
CA PHE C 92 45.47 -13.72 -20.80
C PHE C 92 46.41 -12.81 -21.56
N ALA C 93 47.67 -13.22 -21.67
CA ALA C 93 48.61 -12.46 -22.47
C ALA C 93 49.45 -13.45 -23.26
N SER C 94 50.11 -12.95 -24.30
CA SER C 94 50.85 -13.79 -25.20
C SER C 94 52.04 -13.02 -25.70
N THR C 95 53.08 -13.74 -26.10
CA THR C 95 54.21 -13.11 -26.75
C THR C 95 54.90 -14.10 -27.67
N GLU C 96 55.03 -13.70 -28.94
CA GLU C 96 55.83 -14.42 -29.93
C GLU C 96 55.94 -13.59 -31.20
N LYS C 97 57.08 -13.70 -31.88
CA LYS C 97 57.30 -12.94 -33.11
C LYS C 97 56.54 -13.52 -34.29
N SER C 98 56.49 -14.84 -34.42
CA SER C 98 55.60 -15.50 -35.36
C SER C 98 54.34 -15.89 -34.62
N ASN C 99 53.17 -15.63 -35.22
CA ASN C 99 51.90 -15.72 -34.51
C ASN C 99 51.53 -17.19 -34.32
N ILE C 100 52.08 -17.77 -33.26
CA ILE C 100 51.82 -19.16 -32.90
C ILE C 100 50.51 -19.34 -32.15
N ILE C 101 50.14 -18.40 -31.29
CA ILE C 101 48.88 -18.47 -30.56
C ILE C 101 47.75 -18.07 -31.49
N ARG C 102 46.72 -18.90 -31.55
CA ARG C 102 45.63 -18.64 -32.47
C ARG C 102 44.33 -18.32 -31.75
N GLY C 103 43.85 -19.22 -30.92
CA GLY C 103 42.52 -19.08 -30.39
C GLY C 103 42.31 -19.90 -29.14
N TRP C 104 41.06 -20.04 -28.76
CA TRP C 104 40.69 -20.62 -27.48
C TRP C 104 39.40 -21.39 -27.67
N ILE C 105 39.20 -22.38 -26.81
CA ILE C 105 37.94 -23.10 -26.78
C ILE C 105 37.44 -23.07 -25.34
N PHE C 106 36.14 -22.87 -25.18
CA PHE C 106 35.53 -22.73 -23.87
C PHE C 106 34.42 -23.76 -23.75
N GLY C 107 33.97 -24.00 -22.53
CA GLY C 107 32.83 -24.87 -22.29
C GLY C 107 32.80 -25.49 -20.93
N THR C 108 31.63 -26.04 -20.58
CA THR C 108 31.43 -26.71 -19.30
C THR C 108 31.80 -28.18 -19.34
N THR C 109 31.99 -28.77 -20.52
CA THR C 109 32.42 -30.16 -20.60
C THR C 109 33.50 -30.34 -21.66
N LEU C 110 33.76 -29.28 -22.42
CA LEU C 110 34.63 -29.33 -23.59
C LEU C 110 34.26 -30.50 -24.50
N ASP C 111 32.99 -30.86 -24.48
CA ASP C 111 32.49 -32.10 -25.07
C ASP C 111 31.08 -31.90 -25.63
N SER C 112 30.67 -32.86 -26.47
CA SER C 112 29.29 -32.94 -26.88
C SER C 112 28.42 -33.29 -25.69
N LYS C 113 27.10 -33.34 -25.92
CA LYS C 113 26.08 -33.46 -24.88
C LYS C 113 25.90 -32.13 -24.16
N THR C 114 26.73 -31.14 -24.49
CA THR C 114 26.57 -29.75 -24.08
C THR C 114 27.28 -28.86 -25.08
N GLN C 115 26.82 -27.61 -25.16
CA GLN C 115 27.33 -26.65 -26.11
C GLN C 115 28.73 -26.19 -25.75
N SER C 116 29.40 -25.56 -26.72
CA SER C 116 30.72 -25.01 -26.47
C SER C 116 31.03 -23.95 -27.53
N LEU C 117 31.72 -22.90 -27.08
CA LEU C 117 32.18 -21.82 -27.93
C LEU C 117 33.57 -22.14 -28.45
N LEU C 118 33.86 -21.70 -29.66
CA LEU C 118 35.18 -21.86 -30.24
C LEU C 118 35.56 -20.59 -30.98
N ILE C 119 36.54 -19.89 -30.46
CA ILE C 119 37.17 -18.80 -31.19
C ILE C 119 38.44 -19.36 -31.79
N VAL C 120 38.73 -18.94 -33.02
CA VAL C 120 39.88 -19.51 -33.71
C VAL C 120 40.39 -18.50 -34.71
N ASN C 121 41.58 -18.74 -35.24
CA ASN C 121 42.08 -17.92 -36.33
C ASN C 121 43.05 -18.73 -37.16
N ASN C 122 42.57 -19.38 -38.22
CA ASN C 122 43.46 -20.10 -39.11
C ASN C 122 44.13 -19.11 -40.04
N ALA C 123 44.74 -19.57 -41.12
CA ALA C 123 45.29 -18.65 -42.09
C ALA C 123 44.26 -17.62 -42.56
N THR C 124 43.07 -18.06 -42.95
CA THR C 124 41.96 -17.14 -43.15
C THR C 124 41.60 -16.52 -41.81
N ASN C 125 41.18 -15.26 -41.81
CA ASN C 125 41.15 -14.51 -40.57
C ASN C 125 40.05 -14.97 -39.64
N VAL C 126 39.83 -14.22 -38.55
CA VAL C 126 39.05 -14.63 -37.39
C VAL C 126 37.76 -15.34 -37.78
N VAL C 127 37.47 -16.45 -37.11
CA VAL C 127 36.22 -17.17 -37.29
C VAL C 127 35.76 -17.67 -35.93
N ILE C 128 34.53 -17.34 -35.56
CA ILE C 128 33.96 -17.69 -34.27
C ILE C 128 32.78 -18.62 -34.52
N LYS C 129 32.60 -19.60 -33.64
CA LYS C 129 31.46 -20.50 -33.75
C LYS C 129 31.00 -20.89 -32.37
N VAL C 130 29.74 -21.31 -32.27
CA VAL C 130 29.23 -21.86 -31.03
C VAL C 130 28.41 -23.09 -31.35
N CYS C 131 29.00 -24.26 -31.23
CA CYS C 131 28.30 -25.47 -31.64
C CYS C 131 28.51 -26.57 -30.60
N GLU C 132 28.17 -27.80 -30.96
CA GLU C 132 28.45 -28.94 -30.10
C GLU C 132 29.56 -29.76 -30.74
N PHE C 133 30.52 -30.18 -29.92
CA PHE C 133 31.75 -30.79 -30.40
C PHE C 133 32.13 -31.99 -29.55
N GLN C 134 32.61 -33.03 -30.21
CA GLN C 134 33.46 -34.01 -29.54
C GLN C 134 34.89 -33.64 -29.85
N PHE C 135 35.56 -33.02 -28.88
CA PHE C 135 36.83 -32.35 -29.09
C PHE C 135 38.00 -33.34 -29.00
N CYS C 136 39.01 -33.09 -29.82
CA CYS C 136 40.26 -33.81 -29.73
C CYS C 136 40.92 -33.52 -28.39
N ASN C 137 41.39 -34.55 -27.69
CA ASN C 137 41.99 -34.32 -26.39
C ASN C 137 43.41 -33.77 -26.48
N ASP C 138 43.93 -33.60 -27.69
CA ASP C 138 45.23 -32.95 -27.92
C ASP C 138 45.11 -32.11 -29.18
N PRO C 139 44.34 -31.02 -29.15
CA PRO C 139 44.05 -30.27 -30.38
C PRO C 139 45.14 -29.26 -30.71
N PHE C 140 45.24 -28.94 -31.99
CA PHE C 140 46.28 -28.04 -32.50
C PHE C 140 46.04 -27.77 -33.97
N LEU C 141 46.84 -26.86 -34.53
CA LEU C 141 46.76 -26.47 -35.93
C LEU C 141 48.14 -26.59 -36.56
N GLY C 142 48.26 -27.44 -37.57
CA GLY C 142 49.57 -27.68 -38.16
C GLY C 142 50.01 -26.51 -39.03
N VAL C 143 51.10 -25.86 -38.63
CA VAL C 143 51.73 -24.78 -39.38
C VAL C 143 50.73 -23.73 -39.82
N MET C 153 51.11 -32.86 -44.43
CA MET C 153 52.06 -32.10 -43.62
C MET C 153 51.82 -30.61 -43.84
N GLU C 154 51.87 -29.85 -42.74
CA GLU C 154 51.61 -28.41 -42.71
C GLU C 154 50.13 -28.11 -42.92
N SER C 155 49.27 -29.13 -42.76
CA SER C 155 47.83 -28.97 -42.82
C SER C 155 47.27 -28.69 -41.43
N GLU C 156 46.08 -28.11 -41.39
CA GLU C 156 45.62 -27.43 -40.20
C GLU C 156 44.41 -28.12 -39.57
N PHE C 157 43.87 -27.51 -38.52
CA PHE C 157 42.56 -27.81 -37.94
C PHE C 157 42.36 -29.24 -37.48
N ARG C 158 43.08 -29.61 -36.43
CA ARG C 158 42.96 -30.91 -35.81
C ARG C 158 42.23 -30.74 -34.47
N VAL C 159 41.21 -29.88 -34.47
CA VAL C 159 40.57 -29.40 -33.24
C VAL C 159 39.48 -30.34 -32.75
N TYR C 160 38.43 -30.54 -33.55
CA TYR C 160 37.31 -31.38 -33.16
C TYR C 160 37.09 -32.46 -34.19
N SER C 161 36.28 -33.45 -33.80
CA SER C 161 35.87 -34.50 -34.74
C SER C 161 34.49 -34.25 -35.31
N SER C 162 33.67 -33.45 -34.62
CA SER C 162 32.28 -33.28 -35.00
C SER C 162 31.85 -31.85 -34.74
N ALA C 163 30.97 -31.35 -35.61
CA ALA C 163 30.35 -30.04 -35.48
C ALA C 163 28.85 -30.25 -35.62
N ASN C 164 28.16 -30.40 -34.50
CA ASN C 164 26.76 -30.81 -34.53
C ASN C 164 25.94 -29.84 -33.70
N ASN C 165 24.63 -29.84 -33.94
CA ASN C 165 23.68 -29.04 -33.16
C ASN C 165 24.05 -27.56 -33.19
N CYS C 166 24.73 -27.13 -34.25
CA CYS C 166 25.46 -25.88 -34.18
C CYS C 166 24.50 -24.69 -34.17
N THR C 167 25.08 -23.52 -33.88
CA THR C 167 24.38 -22.28 -33.55
C THR C 167 25.30 -21.15 -34.00
N PHE C 168 25.22 -20.00 -33.32
CA PHE C 168 25.91 -18.75 -33.66
C PHE C 168 27.22 -18.98 -34.39
N GLU C 169 27.42 -18.27 -35.49
CA GLU C 169 28.69 -18.33 -36.22
C GLU C 169 29.03 -16.92 -36.68
N TYR C 170 30.28 -16.74 -37.06
CA TYR C 170 30.76 -15.49 -37.65
C TYR C 170 32.06 -15.78 -38.35
N VAL C 171 32.25 -15.18 -39.53
CA VAL C 171 33.48 -15.33 -40.28
C VAL C 171 33.81 -13.97 -40.88
N SER C 172 35.10 -13.68 -40.98
CA SER C 172 35.53 -12.49 -41.70
C SER C 172 35.75 -12.79 -43.17
N LYS C 187 59.07 -7.06 -29.93
CA LYS C 187 58.02 -8.00 -30.28
C LYS C 187 56.64 -7.46 -29.94
N ASN C 188 55.64 -8.34 -29.90
CA ASN C 188 54.25 -7.92 -29.77
C ASN C 188 53.58 -8.67 -28.64
N LEU C 189 53.13 -7.92 -27.65
CA LEU C 189 52.37 -8.45 -26.51
C LEU C 189 50.90 -8.18 -26.77
N ARG C 190 50.05 -9.18 -26.47
CA ARG C 190 48.64 -9.11 -26.81
C ARG C 190 47.82 -9.60 -25.62
N GLU C 191 47.12 -8.66 -24.99
CA GLU C 191 46.34 -8.96 -23.81
C GLU C 191 44.86 -9.13 -24.12
N PHE C 192 44.22 -9.96 -23.31
CA PHE C 192 42.81 -10.24 -23.44
C PHE C 192 42.20 -10.47 -22.07
N VAL C 193 41.06 -9.85 -21.84
CA VAL C 193 40.26 -10.15 -20.66
C VAL C 193 38.97 -10.78 -21.17
N PHE C 194 38.65 -11.97 -20.66
CA PHE C 194 37.44 -12.68 -21.00
C PHE C 194 36.53 -12.73 -19.79
N LYS C 195 35.28 -12.35 -19.96
CA LYS C 195 34.29 -12.57 -18.92
C LYS C 195 33.03 -13.14 -19.53
N ASN C 196 32.17 -13.68 -18.68
CA ASN C 196 30.94 -14.33 -19.11
C ASN C 196 29.85 -14.00 -18.10
N ILE C 197 29.14 -12.90 -18.34
CA ILE C 197 28.25 -12.31 -17.35
C ILE C 197 26.81 -12.53 -17.78
N ASP C 198 26.13 -13.44 -17.07
CA ASP C 198 24.70 -13.75 -17.13
C ASP C 198 24.11 -13.57 -18.52
N GLY C 199 24.76 -14.16 -19.53
CA GLY C 199 24.28 -14.11 -20.88
C GLY C 199 25.30 -13.67 -21.92
N TYR C 200 26.26 -12.83 -21.57
CA TYR C 200 27.12 -12.26 -22.58
C TYR C 200 28.55 -12.71 -22.35
N PHE C 201 29.22 -13.03 -23.44
CA PHE C 201 30.65 -13.31 -23.42
C PHE C 201 31.34 -12.04 -23.89
N LYS C 202 32.10 -11.41 -22.98
CA LYS C 202 32.74 -10.13 -23.27
C LYS C 202 34.25 -10.32 -23.39
N ILE C 203 34.84 -9.55 -24.29
CA ILE C 203 36.24 -9.67 -24.66
C ILE C 203 36.83 -8.27 -24.76
N TYR C 204 37.82 -8.00 -23.93
CA TYR C 204 38.59 -6.77 -24.03
C TYR C 204 39.99 -7.14 -24.47
N SER C 205 40.68 -6.23 -25.15
CA SER C 205 41.98 -6.59 -25.67
C SER C 205 42.82 -5.35 -25.91
N LYS C 206 44.12 -5.55 -25.92
CA LYS C 206 45.11 -4.51 -26.16
C LYS C 206 46.30 -5.13 -26.87
N HIS C 207 46.96 -4.35 -27.74
CA HIS C 207 48.09 -4.78 -28.56
C HIS C 207 49.24 -3.83 -28.33
N THR C 208 50.21 -4.26 -27.54
CA THR C 208 51.35 -3.39 -27.29
C THR C 208 52.59 -3.89 -28.02
N PRO C 209 53.40 -2.98 -28.55
CA PRO C 209 54.71 -3.39 -29.07
C PRO C 209 55.80 -3.31 -28.01
N ILE C 210 56.54 -4.39 -27.82
CA ILE C 210 57.61 -4.43 -26.83
C ILE C 210 58.95 -4.54 -27.54
N ASN C 211 60.02 -4.35 -26.78
CA ASN C 211 61.38 -4.65 -27.25
C ASN C 211 61.95 -5.83 -26.47
N LEU C 212 61.10 -6.59 -25.82
CA LEU C 212 61.45 -7.88 -25.25
C LEU C 212 61.44 -8.91 -26.37
N VAL C 213 61.53 -10.17 -25.99
CA VAL C 213 61.28 -11.20 -27.00
C VAL C 213 60.01 -11.98 -26.66
N ARG C 214 59.90 -12.49 -25.44
CA ARG C 214 58.75 -13.29 -25.03
C ARG C 214 58.35 -13.15 -23.56
N ASP C 215 58.99 -12.28 -22.79
CA ASP C 215 58.72 -12.16 -21.36
C ASP C 215 57.75 -11.02 -21.06
N LEU C 216 57.23 -11.03 -19.82
CA LEU C 216 56.19 -10.09 -19.38
C LEU C 216 56.77 -8.76 -18.94
N PRO C 217 56.57 -7.70 -19.72
CA PRO C 217 57.07 -6.38 -19.31
C PRO C 217 56.30 -5.82 -18.13
N GLN C 218 56.64 -4.60 -17.73
CA GLN C 218 55.99 -3.95 -16.59
C GLN C 218 55.68 -2.51 -16.96
N GLY C 219 54.40 -2.23 -17.18
CA GLY C 219 53.94 -0.89 -17.41
C GLY C 219 52.48 -0.80 -17.10
N PHE C 220 51.82 0.21 -17.66
CA PHE C 220 50.38 0.37 -17.52
C PHE C 220 49.76 0.64 -18.88
N SER C 221 48.73 -0.13 -19.21
CA SER C 221 47.87 0.16 -20.35
C SER C 221 46.52 -0.46 -20.09
N ALA C 222 45.47 0.17 -20.63
CA ALA C 222 44.09 -0.21 -20.35
C ALA C 222 43.46 -0.88 -21.56
N LEU C 223 42.68 -1.93 -21.28
CA LEU C 223 42.11 -2.79 -22.31
C LEU C 223 40.76 -2.24 -22.75
N GLU C 224 40.61 -1.98 -24.07
CA GLU C 224 39.41 -1.45 -24.69
C GLU C 224 38.51 -2.57 -25.17
N PRO C 225 37.19 -2.40 -25.09
CA PRO C 225 36.28 -3.50 -25.46
C PRO C 225 36.30 -3.79 -26.94
N LEU C 226 36.50 -5.06 -27.26
CA LEU C 226 36.63 -5.47 -28.67
C LEU C 226 35.29 -5.94 -29.24
N VAL C 227 34.72 -6.98 -28.66
CA VAL C 227 33.49 -7.57 -29.15
C VAL C 227 32.57 -7.82 -27.97
N ASP C 228 31.42 -8.41 -28.27
CA ASP C 228 30.54 -9.00 -27.28
C ASP C 228 29.69 -10.03 -28.00
N LEU C 229 29.38 -11.12 -27.31
CA LEU C 229 28.65 -12.23 -27.92
C LEU C 229 27.47 -12.62 -27.05
N PRO C 230 26.24 -12.53 -27.56
CA PRO C 230 25.07 -12.89 -26.75
C PRO C 230 24.75 -14.37 -26.71
N ILE C 231 25.72 -15.23 -26.43
CA ILE C 231 25.58 -16.67 -26.62
C ILE C 231 24.54 -17.27 -25.68
N GLY C 232 24.79 -17.24 -24.38
CA GLY C 232 23.91 -17.89 -23.44
C GLY C 232 24.45 -19.21 -22.99
N ILE C 233 25.76 -19.40 -23.19
CA ILE C 233 26.48 -20.63 -22.89
C ILE C 233 26.81 -20.72 -21.40
N ASN C 234 27.20 -21.90 -20.95
CA ASN C 234 27.76 -22.14 -19.62
C ASN C 234 29.23 -22.48 -19.76
N ILE C 235 30.10 -21.75 -19.08
CA ILE C 235 31.54 -21.95 -19.20
C ILE C 235 32.15 -22.26 -17.86
N THR C 236 32.90 -23.37 -17.78
CA THR C 236 33.66 -23.66 -16.58
C THR C 236 35.10 -24.08 -16.89
N ARG C 237 35.48 -24.24 -18.14
CA ARG C 237 36.84 -24.64 -18.47
C ARG C 237 37.22 -23.94 -19.76
N PHE C 238 38.49 -24.07 -20.15
CA PHE C 238 38.93 -23.47 -21.39
C PHE C 238 40.30 -24.03 -21.74
N GLN C 239 40.72 -23.79 -22.98
CA GLN C 239 41.98 -24.34 -23.45
C GLN C 239 42.48 -23.53 -24.64
N THR C 240 43.79 -23.40 -24.73
CA THR C 240 44.44 -22.65 -25.80
C THR C 240 44.65 -23.53 -27.01
N LEU C 241 44.88 -22.88 -28.15
CA LEU C 241 45.17 -23.55 -29.41
C LEU C 241 46.42 -22.96 -30.01
N LEU C 242 47.36 -23.83 -30.38
CA LEU C 242 48.68 -23.40 -30.83
C LEU C 242 49.01 -24.03 -32.18
N ALA C 243 49.90 -23.37 -32.91
CA ALA C 243 50.30 -23.81 -34.24
C ALA C 243 51.64 -24.53 -34.17
N LEU C 244 51.65 -25.81 -34.58
CA LEU C 244 52.88 -26.56 -34.69
C LEU C 244 53.69 -26.07 -35.89
N HIS C 245 54.88 -26.62 -36.08
CA HIS C 245 55.69 -26.28 -37.24
C HIS C 245 56.34 -27.52 -37.80
N ARG C 246 55.67 -28.18 -38.75
CA ARG C 246 56.19 -29.40 -39.35
C ARG C 246 56.89 -29.07 -40.65
N SER C 247 58.16 -29.45 -40.75
CA SER C 247 58.98 -29.15 -41.91
C SER C 247 60.29 -29.92 -41.83
N ALA C 264 55.30 -17.95 -25.58
CA ALA C 264 55.09 -17.77 -24.14
C ALA C 264 53.72 -17.17 -23.86
N TYR C 265 53.04 -17.67 -22.83
CA TYR C 265 51.76 -17.07 -22.50
C TYR C 265 51.39 -17.29 -21.03
N TYR C 266 50.67 -16.30 -20.47
CA TYR C 266 50.41 -16.20 -19.05
C TYR C 266 48.91 -16.18 -18.79
N VAL C 267 48.49 -16.61 -17.61
CA VAL C 267 47.08 -16.71 -17.30
C VAL C 267 46.80 -16.31 -15.86
N GLY C 268 46.17 -15.16 -15.66
CA GLY C 268 45.69 -14.75 -14.36
C GLY C 268 44.20 -14.92 -14.24
N TYR C 269 43.69 -14.61 -13.05
CA TYR C 269 42.26 -14.69 -12.79
C TYR C 269 41.75 -13.34 -12.32
N LEU C 270 40.43 -13.25 -12.17
CA LEU C 270 39.75 -12.02 -11.79
C LEU C 270 38.97 -12.25 -10.51
N GLN C 271 39.16 -11.38 -9.53
CA GLN C 271 38.36 -11.39 -8.33
C GLN C 271 37.67 -10.05 -8.14
N PRO C 272 36.62 -9.99 -7.34
CA PRO C 272 35.93 -8.72 -7.09
C PRO C 272 36.77 -7.76 -6.26
N ARG C 273 37.24 -6.70 -6.91
CA ARG C 273 38.09 -5.69 -6.30
C ARG C 273 37.38 -4.34 -6.31
N THR C 274 38.03 -3.35 -5.74
CA THR C 274 37.64 -1.95 -5.90
C THR C 274 38.85 -1.18 -6.35
N PHE C 275 38.71 -0.42 -7.42
CA PHE C 275 39.83 0.32 -7.99
C PHE C 275 39.49 1.79 -8.03
N LEU C 276 40.53 2.60 -8.20
CA LEU C 276 40.41 4.04 -8.40
C LEU C 276 41.11 4.34 -9.72
N LEU C 277 40.33 4.63 -10.75
CA LEU C 277 40.90 4.94 -12.04
C LEU C 277 41.04 6.45 -12.22
N LYS C 278 42.13 6.85 -12.86
CA LYS C 278 42.37 8.24 -13.19
C LYS C 278 42.18 8.42 -14.69
N TYR C 279 41.27 9.30 -15.07
CA TYR C 279 41.00 9.52 -16.48
C TYR C 279 41.79 10.71 -16.99
N ASN C 280 42.35 10.57 -18.18
CA ASN C 280 43.01 11.63 -18.91
C ASN C 280 42.03 12.75 -19.22
N GLU C 281 42.48 13.81 -19.86
CA GLU C 281 41.52 14.77 -20.39
C GLU C 281 40.95 14.34 -21.73
N ASN C 282 41.58 13.38 -22.40
CA ASN C 282 41.03 12.75 -23.58
C ASN C 282 40.07 11.63 -23.24
N GLY C 283 39.99 11.23 -21.98
CA GLY C 283 39.10 10.17 -21.55
C GLY C 283 39.71 8.80 -21.43
N THR C 284 41.03 8.68 -21.55
CA THR C 284 41.71 7.40 -21.43
C THR C 284 42.23 7.20 -20.02
N ILE C 285 42.15 5.96 -19.54
CA ILE C 285 42.66 5.61 -18.22
C ILE C 285 44.18 5.56 -18.28
N THR C 286 44.83 6.35 -17.44
CA THR C 286 46.28 6.35 -17.39
C THR C 286 46.85 5.72 -16.13
N ASP C 287 46.07 5.55 -15.07
CA ASP C 287 46.61 5.03 -13.83
C ASP C 287 45.50 4.48 -12.97
N ALA C 288 45.86 3.64 -12.01
CA ALA C 288 44.89 3.01 -11.14
C ALA C 288 45.50 2.75 -9.77
N VAL C 289 44.62 2.58 -8.78
CA VAL C 289 44.99 2.27 -7.41
C VAL C 289 44.15 1.09 -6.97
N ASP C 290 44.81 0.00 -6.56
CA ASP C 290 44.11 -1.13 -5.97
C ASP C 290 43.83 -0.81 -4.51
N CYS C 291 42.56 -0.69 -4.16
CA CYS C 291 42.21 -0.15 -2.84
C CYS C 291 42.56 -1.08 -1.71
N ALA C 292 42.81 -2.35 -1.97
CA ALA C 292 43.23 -3.26 -0.91
C ALA C 292 44.48 -3.97 -1.34
N LEU C 293 45.61 -3.28 -1.23
CA LEU C 293 46.91 -3.84 -1.54
C LEU C 293 47.83 -3.60 -0.35
N ASP C 294 47.68 -2.44 0.27
CA ASP C 294 48.48 -2.03 1.41
C ASP C 294 47.77 -0.85 2.07
N PRO C 295 48.27 -0.35 3.20
CA PRO C 295 47.56 0.75 3.85
C PRO C 295 47.63 2.08 3.11
N LEU C 296 48.70 2.33 2.36
CA LEU C 296 48.78 3.60 1.63
C LEU C 296 47.72 3.66 0.54
N SER C 297 47.54 2.58 -0.21
CA SER C 297 46.52 2.55 -1.24
C SER C 297 45.13 2.68 -0.67
N GLU C 298 44.86 2.02 0.45
CA GLU C 298 43.61 2.23 1.16
C GLU C 298 43.40 3.69 1.51
N THR C 299 44.44 4.35 2.00
CA THR C 299 44.33 5.77 2.31
C THR C 299 43.96 6.57 1.07
N LYS C 300 44.63 6.30 -0.04
CA LYS C 300 44.36 7.02 -1.29
C LYS C 300 42.92 6.82 -1.72
N CYS C 301 42.40 5.62 -1.55
CA CYS C 301 41.02 5.36 -1.95
C CYS C 301 40.04 6.03 -1.00
N THR C 302 40.45 6.23 0.25
CA THR C 302 39.57 6.92 1.19
C THR C 302 39.52 8.41 0.91
N LEU C 303 40.65 9.00 0.56
CA LEU C 303 40.72 10.42 0.27
C LEU C 303 40.40 10.75 -1.18
N LYS C 304 40.25 9.74 -2.03
CA LYS C 304 39.95 9.91 -3.45
C LYS C 304 40.96 10.81 -4.13
N SER C 305 42.23 10.47 -3.97
CA SER C 305 43.30 11.24 -4.56
C SER C 305 44.54 10.38 -4.64
N PHE C 306 45.42 10.71 -5.58
CA PHE C 306 46.67 9.99 -5.75
C PHE C 306 47.79 10.52 -4.88
N THR C 307 47.66 11.74 -4.37
CA THR C 307 48.65 12.32 -3.48
C THR C 307 48.05 12.50 -2.10
N VAL C 308 48.82 12.19 -1.07
CA VAL C 308 48.41 12.33 0.31
C VAL C 308 49.37 13.27 1.01
N GLU C 309 48.83 14.11 1.89
CA GLU C 309 49.63 15.02 2.70
C GLU C 309 50.00 14.39 4.03
N LYS C 310 50.90 15.06 4.74
CA LYS C 310 51.21 14.67 6.11
C LYS C 310 49.95 14.68 6.96
N GLY C 311 49.79 13.65 7.77
CA GLY C 311 48.60 13.54 8.59
C GLY C 311 48.40 12.12 9.07
N ILE C 312 47.25 11.91 9.68
CA ILE C 312 46.81 10.59 10.13
C ILE C 312 45.36 10.46 9.73
N TYR C 313 45.03 9.37 9.04
CA TYR C 313 43.75 9.21 8.37
C TYR C 313 43.11 7.91 8.79
N GLN C 314 41.85 7.97 9.20
CA GLN C 314 41.15 6.75 9.52
C GLN C 314 40.63 6.10 8.25
N THR C 315 40.94 4.83 8.05
CA THR C 315 40.69 4.19 6.78
C THR C 315 39.76 3.00 6.86
N SER C 316 39.69 2.29 7.99
CA SER C 316 38.84 1.10 8.01
C SER C 316 38.62 0.69 9.46
N ASN C 317 37.94 -0.44 9.65
CA ASN C 317 37.79 -1.06 10.96
C ASN C 317 38.54 -2.36 10.94
N PHE C 318 38.52 -3.04 12.07
CA PHE C 318 39.26 -4.27 12.24
C PHE C 318 38.52 -5.14 13.25
N ARG C 319 38.22 -6.36 12.85
CA ARG C 319 37.48 -7.31 13.67
C ARG C 319 38.17 -8.66 13.61
N VAL C 320 38.21 -9.35 14.73
CA VAL C 320 38.71 -10.71 14.76
C VAL C 320 37.61 -11.66 14.29
N GLN C 321 37.96 -12.63 13.53
CA GLN C 321 36.92 -13.45 12.93
C GLN C 321 36.75 -14.77 13.70
N PRO C 322 35.58 -15.38 13.61
CA PRO C 322 35.31 -16.59 14.39
C PRO C 322 36.17 -17.77 13.97
N THR C 323 36.82 -18.38 14.95
CA THR C 323 37.61 -19.58 14.69
C THR C 323 36.74 -20.75 14.26
N GLU C 324 35.70 -21.06 15.04
CA GLU C 324 34.92 -22.26 14.81
C GLU C 324 33.48 -22.06 15.31
N SER C 325 32.62 -22.99 14.95
CA SER C 325 31.20 -22.94 15.28
C SER C 325 30.84 -24.11 16.20
N ILE C 326 30.55 -23.81 17.46
CA ILE C 326 30.08 -24.83 18.38
C ILE C 326 28.57 -24.80 18.43
N VAL C 327 27.99 -25.92 18.87
CA VAL C 327 26.55 -26.06 19.05
C VAL C 327 26.31 -26.77 20.38
N ARG C 328 25.33 -26.27 21.13
CA ARG C 328 24.94 -26.94 22.36
C ARG C 328 23.43 -27.08 22.38
N PHE C 329 22.96 -28.31 22.57
CA PHE C 329 21.56 -28.68 22.50
C PHE C 329 21.28 -29.66 23.63
N PRO C 330 20.03 -29.87 23.99
CA PRO C 330 19.70 -30.87 25.01
C PRO C 330 19.69 -32.29 24.44
N ASN C 331 19.92 -33.27 25.30
CA ASN C 331 19.89 -34.68 24.83
C ASN C 331 18.52 -35.31 25.08
N ILE C 332 17.50 -34.89 24.32
CA ILE C 332 16.15 -35.53 24.46
C ILE C 332 15.93 -36.45 23.25
N THR C 333 15.99 -37.77 23.47
CA THR C 333 15.64 -38.78 22.43
C THR C 333 14.16 -38.68 22.09
N ASN C 334 13.29 -38.50 23.09
CA ASN C 334 11.81 -38.48 22.88
C ASN C 334 11.43 -37.69 21.63
N LEU C 335 10.88 -38.36 20.61
CA LEU C 335 10.36 -37.65 19.42
C LEU C 335 9.00 -37.06 19.75
N CYS C 336 8.72 -35.83 19.29
CA CYS C 336 7.45 -35.17 19.65
C CYS C 336 6.25 -36.00 19.13
N PRO C 337 5.10 -36.17 19.87
CA PRO C 337 4.00 -37.01 19.38
C PRO C 337 3.22 -36.34 18.25
N PHE C 338 3.96 -35.83 17.27
CA PHE C 338 3.31 -35.23 16.11
C PHE C 338 2.60 -36.28 15.29
N GLY C 339 3.14 -37.50 15.26
CA GLY C 339 2.63 -38.50 14.35
C GLY C 339 1.19 -38.88 14.60
N GLU C 340 0.79 -38.90 15.88
CA GLU C 340 -0.55 -39.39 16.20
C GLU C 340 -1.60 -38.30 16.00
N VAL C 341 -1.31 -37.06 16.35
CA VAL C 341 -2.28 -35.99 16.13
C VAL C 341 -2.61 -35.88 14.66
N PHE C 342 -1.59 -35.94 13.82
CA PHE C 342 -1.84 -35.86 12.38
C PHE C 342 -2.55 -37.11 11.87
N ASN C 343 -2.51 -38.19 12.64
CA ASN C 343 -3.18 -39.42 12.26
C ASN C 343 -4.24 -39.85 13.25
N ALA C 344 -4.70 -38.97 14.13
CA ALA C 344 -5.84 -39.30 14.96
C ALA C 344 -7.03 -39.58 14.07
N THR C 345 -7.87 -40.53 14.48
CA THR C 345 -8.92 -41.00 13.58
C THR C 345 -10.14 -40.10 13.61
N ARG C 346 -10.43 -39.48 14.75
CA ARG C 346 -11.58 -38.59 14.88
C ARG C 346 -11.15 -37.22 15.34
N PHE C 347 -11.30 -36.23 14.46
CA PHE C 347 -11.06 -34.82 14.76
C PHE C 347 -12.34 -34.15 15.23
N ALA C 348 -12.18 -33.20 16.13
CA ALA C 348 -13.32 -32.47 16.68
C ALA C 348 -13.75 -31.38 15.70
N SER C 349 -14.96 -30.88 15.92
CA SER C 349 -15.49 -29.80 15.09
C SER C 349 -14.96 -28.46 15.59
N VAL C 350 -15.13 -27.44 14.76
CA VAL C 350 -14.42 -26.19 14.99
C VAL C 350 -14.70 -25.67 16.39
N TYR C 351 -15.98 -25.61 16.77
CA TYR C 351 -16.31 -24.95 18.01
C TYR C 351 -15.70 -25.69 19.20
N ALA C 352 -15.65 -27.01 19.13
CA ALA C 352 -14.98 -27.78 20.17
C ALA C 352 -13.56 -28.15 19.77
N TRP C 353 -12.73 -27.20 19.35
CA TRP C 353 -11.35 -27.53 19.06
C TRP C 353 -10.59 -27.82 20.34
N ASN C 354 -9.64 -28.75 20.27
CA ASN C 354 -8.91 -29.21 21.45
C ASN C 354 -7.43 -28.90 21.33
N ARG C 355 -6.77 -28.81 22.50
CA ARG C 355 -5.33 -28.48 22.55
C ARG C 355 -4.52 -29.68 23.03
N LYS C 356 -3.59 -30.14 22.21
CA LYS C 356 -2.67 -31.22 22.68
C LYS C 356 -1.53 -30.51 23.42
N ARG C 357 -1.56 -30.50 24.75
CA ARG C 357 -0.45 -29.89 25.54
C ARG C 357 0.83 -30.63 25.17
N ILE C 358 1.75 -29.98 24.46
CA ILE C 358 2.96 -30.72 23.98
C ILE C 358 4.24 -29.98 24.37
N SER C 359 5.13 -30.63 25.13
CA SER C 359 6.40 -30.05 25.56
C SER C 359 7.37 -31.16 25.90
N ASN C 360 8.64 -30.78 26.03
CA ASN C 360 9.71 -31.67 26.46
C ASN C 360 9.83 -32.87 25.50
N CYS C 361 10.27 -32.55 24.28
CA CYS C 361 10.41 -33.59 23.22
C CYS C 361 11.31 -33.08 22.07
N VAL C 362 11.51 -33.86 20.99
CA VAL C 362 12.32 -33.46 19.80
C VAL C 362 11.38 -33.34 18.59
N ALA C 363 11.31 -32.15 17.99
CA ALA C 363 10.35 -31.94 16.87
C ALA C 363 11.08 -32.07 15.54
N ASP C 364 10.55 -32.87 14.61
CA ASP C 364 11.29 -33.09 13.38
C ASP C 364 10.38 -32.77 12.21
N TYR C 365 10.58 -31.61 11.61
CA TYR C 365 9.62 -31.11 10.64
C TYR C 365 9.91 -31.55 9.23
N SER C 366 10.93 -32.38 9.02
CA SER C 366 11.30 -32.77 7.67
C SER C 366 10.13 -33.41 6.94
N VAL C 367 9.71 -34.59 7.41
CA VAL C 367 8.63 -35.31 6.74
C VAL C 367 7.35 -34.49 6.80
N LEU C 368 7.08 -33.86 7.94
CA LEU C 368 5.92 -32.99 8.06
C LEU C 368 5.93 -31.91 7.00
N TYR C 369 7.11 -31.47 6.58
CA TYR C 369 7.18 -30.45 5.54
C TYR C 369 6.98 -31.07 4.17
N ASN C 370 7.62 -32.20 3.92
CA ASN C 370 7.63 -32.81 2.60
C ASN C 370 6.89 -34.15 2.57
N SER C 371 5.78 -34.25 3.30
CA SER C 371 4.95 -35.44 3.18
C SER C 371 4.22 -35.53 1.85
N ALA C 372 4.27 -34.47 1.04
CA ALA C 372 3.75 -34.47 -0.32
C ALA C 372 2.25 -34.75 -0.36
N SER C 373 1.54 -34.40 0.70
CA SER C 373 0.11 -34.65 0.78
C SER C 373 -0.70 -33.49 1.30
N PHE C 374 -0.07 -32.45 1.81
CA PHE C 374 -0.75 -31.38 2.53
C PHE C 374 -1.14 -30.29 1.54
N SER C 375 -2.44 -30.15 1.30
CA SER C 375 -2.89 -29.20 0.30
C SER C 375 -2.63 -27.76 0.71
N THR C 376 -2.35 -27.50 1.98
CA THR C 376 -2.19 -26.11 2.42
C THR C 376 -1.24 -26.09 3.62
N PHE C 377 0.02 -25.80 3.36
CA PHE C 377 0.99 -25.55 4.41
C PHE C 377 1.44 -24.12 4.25
N LYS C 378 1.40 -23.36 5.33
CA LYS C 378 1.72 -21.94 5.32
C LYS C 378 1.84 -21.49 6.75
N CYS C 379 2.70 -20.51 6.99
CA CYS C 379 2.67 -19.88 8.29
C CYS C 379 3.43 -18.57 8.29
N TYR C 380 3.55 -18.01 9.49
CA TYR C 380 3.87 -16.62 9.72
C TYR C 380 4.96 -16.55 10.75
N GLY C 381 5.50 -15.35 10.97
CA GLY C 381 6.33 -15.15 12.14
C GLY C 381 7.65 -15.87 12.03
N VAL C 382 7.59 -17.12 11.61
CA VAL C 382 8.76 -17.98 11.48
C VAL C 382 8.79 -18.51 10.05
N SER C 383 9.97 -18.49 9.46
CA SER C 383 10.13 -18.99 8.09
C SER C 383 9.91 -20.49 8.06
N PRO C 384 9.42 -21.01 6.94
CA PRO C 384 9.12 -22.45 6.87
C PRO C 384 10.34 -23.34 7.01
N THR C 385 11.52 -22.79 6.75
CA THR C 385 12.76 -23.60 6.80
C THR C 385 13.48 -23.32 8.13
N LYS C 386 13.00 -22.34 8.88
CA LYS C 386 13.68 -21.94 10.14
C LYS C 386 13.34 -22.93 11.26
N LEU C 387 12.06 -23.14 11.56
CA LEU C 387 11.60 -24.02 12.69
C LEU C 387 12.46 -25.27 12.93
N ASN C 388 13.05 -25.85 11.87
CA ASN C 388 13.85 -27.10 11.98
C ASN C 388 14.89 -27.06 13.11
N ASP C 389 15.36 -25.87 13.51
CA ASP C 389 16.45 -25.83 14.52
C ASP C 389 16.10 -24.82 15.60
N LEU C 390 15.21 -23.88 15.26
CA LEU C 390 14.75 -22.90 16.28
C LEU C 390 14.24 -23.69 17.48
N CYS C 391 14.83 -23.49 18.66
CA CYS C 391 14.28 -24.18 19.87
C CYS C 391 13.13 -23.31 20.38
N PHE C 392 12.17 -23.92 21.06
CA PHE C 392 10.94 -23.25 21.46
C PHE C 392 10.69 -23.44 22.95
N THR C 393 10.07 -22.43 23.57
CA THR C 393 9.73 -22.52 24.98
C THR C 393 8.61 -23.53 25.20
N ASN C 394 7.42 -23.22 24.69
CA ASN C 394 6.30 -24.14 24.77
C ASN C 394 5.46 -24.00 23.52
N VAL C 395 4.91 -25.13 23.07
CA VAL C 395 4.22 -25.23 21.80
C VAL C 395 2.86 -25.84 22.03
N TYR C 396 1.84 -25.31 21.36
CA TYR C 396 0.48 -25.79 21.49
C TYR C 396 -0.04 -26.21 20.12
N ALA C 397 -0.75 -27.33 20.10
CA ALA C 397 -1.31 -27.88 18.86
C ALA C 397 -2.82 -27.94 18.99
N ASP C 398 -3.51 -27.44 17.99
CA ASP C 398 -4.96 -27.43 17.95
C ASP C 398 -5.41 -28.10 16.66
N SER C 399 -6.66 -28.56 16.64
CA SER C 399 -7.16 -29.23 15.46
C SER C 399 -8.67 -29.14 15.43
N PHE C 400 -9.21 -29.22 14.22
CA PHE C 400 -10.66 -29.21 14.01
C PHE C 400 -10.94 -29.62 12.58
N VAL C 401 -12.18 -29.45 12.13
CA VAL C 401 -12.57 -29.72 10.76
C VAL C 401 -13.46 -28.60 10.28
N ILE C 402 -13.16 -28.06 9.10
CA ILE C 402 -13.84 -26.90 8.58
C ILE C 402 -14.35 -27.22 7.18
N ARG C 403 -15.19 -26.33 6.66
CA ARG C 403 -15.59 -26.45 5.27
C ARG C 403 -14.39 -26.14 4.38
N GLY C 404 -14.43 -26.62 3.15
CA GLY C 404 -13.30 -26.54 2.26
C GLY C 404 -12.85 -25.14 1.91
N ASP C 405 -13.70 -24.40 1.20
CA ASP C 405 -13.35 -23.05 0.79
C ASP C 405 -13.00 -22.15 1.96
N GLU C 406 -13.63 -22.38 3.11
CA GLU C 406 -13.46 -21.54 4.28
C GLU C 406 -12.05 -21.57 4.85
N VAL C 407 -11.15 -22.36 4.25
CA VAL C 407 -9.86 -22.60 4.88
C VAL C 407 -9.11 -21.30 5.08
N ARG C 408 -9.22 -20.39 4.11
CA ARG C 408 -8.45 -19.16 4.18
C ARG C 408 -8.76 -18.38 5.45
N GLN C 409 -9.99 -18.52 5.94
CA GLN C 409 -10.36 -17.71 7.08
C GLN C 409 -9.60 -18.08 8.34
N ILE C 410 -8.89 -19.19 8.35
CA ILE C 410 -7.98 -19.50 9.46
C ILE C 410 -6.67 -18.83 9.11
N ALA C 411 -6.61 -17.53 9.40
CA ALA C 411 -5.41 -16.73 9.24
C ALA C 411 -5.68 -15.38 9.88
N PRO C 412 -4.65 -14.69 10.36
CA PRO C 412 -4.90 -13.44 11.09
C PRO C 412 -5.43 -12.37 10.14
N GLY C 413 -6.43 -11.64 10.58
CA GLY C 413 -6.81 -10.41 9.90
C GLY C 413 -7.79 -10.53 8.77
N GLN C 414 -8.79 -11.39 8.93
CA GLN C 414 -9.91 -11.42 7.99
C GLN C 414 -11.13 -11.98 8.70
N THR C 415 -12.22 -12.08 7.95
CA THR C 415 -13.49 -12.48 8.54
C THR C 415 -14.11 -13.59 7.71
N GLY C 416 -15.15 -14.17 8.26
CA GLY C 416 -15.83 -15.32 7.69
C GLY C 416 -16.52 -16.03 8.83
N LYS C 417 -17.75 -16.45 8.57
CA LYS C 417 -18.68 -16.91 9.60
C LYS C 417 -18.01 -17.88 10.56
N ILE C 418 -17.03 -18.62 10.07
CA ILE C 418 -16.32 -19.61 10.85
C ILE C 418 -15.18 -18.98 11.64
N ALA C 419 -14.46 -18.06 11.04
CA ALA C 419 -13.43 -17.34 11.76
C ALA C 419 -14.02 -16.24 12.63
N ASP C 420 -15.31 -15.98 12.50
CA ASP C 420 -15.94 -14.91 13.27
C ASP C 420 -16.39 -15.37 14.64
N TYR C 421 -16.91 -16.59 14.74
CA TYR C 421 -17.57 -17.04 15.96
C TYR C 421 -16.91 -18.25 16.60
N ASN C 422 -16.02 -18.95 15.91
CA ASN C 422 -15.55 -20.25 16.35
C ASN C 422 -14.07 -20.26 16.68
N TYR C 423 -13.25 -19.55 15.91
CA TYR C 423 -11.81 -19.63 16.05
C TYR C 423 -11.21 -18.43 15.35
N LYS C 424 -10.48 -17.58 16.07
CA LYS C 424 -9.62 -16.64 15.37
C LYS C 424 -8.31 -16.47 16.10
N LEU C 425 -7.31 -16.03 15.36
CA LEU C 425 -5.92 -16.10 15.74
C LEU C 425 -5.43 -14.72 16.09
N PRO C 426 -4.74 -14.52 17.21
CA PRO C 426 -4.24 -13.19 17.54
C PRO C 426 -3.29 -12.69 16.47
N ASP C 427 -3.35 -11.39 16.21
CA ASP C 427 -2.58 -10.81 15.10
C ASP C 427 -1.08 -10.87 15.31
N ASP C 428 -0.63 -11.20 16.51
CA ASP C 428 0.79 -11.43 16.80
C ASP C 428 1.12 -12.91 16.78
N PHE C 429 0.48 -13.65 15.89
CA PHE C 429 0.61 -15.10 15.87
C PHE C 429 1.98 -15.54 15.39
N THR C 430 2.54 -16.53 16.06
CA THR C 430 3.90 -17.01 15.80
C THR C 430 3.94 -18.54 15.75
N GLY C 431 3.05 -19.13 14.95
CA GLY C 431 3.03 -20.57 14.80
C GLY C 431 2.91 -20.98 13.35
N CYS C 432 2.27 -22.12 13.09
CA CYS C 432 2.07 -22.52 11.70
C CYS C 432 0.72 -23.21 11.55
N VAL C 433 0.20 -23.15 10.33
CA VAL C 433 -1.14 -23.62 10.01
C VAL C 433 -1.08 -24.64 8.90
N ILE C 434 -1.69 -25.79 9.10
CA ILE C 434 -1.64 -26.90 8.16
C ILE C 434 -3.05 -27.31 7.82
N ALA C 435 -3.29 -27.58 6.54
CA ALA C 435 -4.60 -28.04 6.12
C ALA C 435 -4.45 -28.96 4.93
N TRP C 436 -5.22 -30.04 4.92
CA TRP C 436 -5.20 -30.94 3.79
C TRP C 436 -6.57 -31.54 3.57
N ASN C 437 -6.91 -31.75 2.31
CA ASN C 437 -8.21 -32.29 1.95
C ASN C 437 -8.35 -33.69 2.49
N SER C 438 -9.55 -33.98 3.01
CA SER C 438 -9.84 -35.33 3.47
C SER C 438 -11.35 -35.50 3.51
N ASN C 439 -11.89 -36.12 2.46
CA ASN C 439 -13.23 -36.67 2.52
C ASN C 439 -13.20 -38.19 2.49
N ASN C 440 -12.11 -38.77 2.01
CA ASN C 440 -12.00 -40.22 1.98
C ASN C 440 -12.05 -40.81 3.37
N LEU C 441 -11.84 -40.01 4.41
CA LEU C 441 -11.99 -40.45 5.77
C LEU C 441 -13.20 -39.87 6.48
N ASP C 442 -13.66 -38.68 6.08
CA ASP C 442 -14.60 -37.94 6.90
C ASP C 442 -16.01 -37.83 6.34
N SER C 443 -16.21 -38.04 5.05
CA SER C 443 -17.51 -37.83 4.43
C SER C 443 -18.21 -39.18 4.31
N LYS C 444 -18.90 -39.56 5.36
CA LYS C 444 -19.73 -40.75 5.28
C LYS C 444 -20.77 -40.56 4.19
N VAL C 445 -20.88 -41.54 3.29
CA VAL C 445 -21.65 -41.35 2.07
C VAL C 445 -23.13 -41.21 2.40
N GLY C 446 -23.79 -40.29 1.72
CA GLY C 446 -25.12 -39.88 2.06
C GLY C 446 -25.18 -38.71 3.02
N GLY C 447 -24.11 -38.47 3.77
CA GLY C 447 -24.04 -37.30 4.63
C GLY C 447 -23.47 -37.56 6.01
N ASN C 448 -22.44 -36.82 6.38
CA ASN C 448 -21.91 -36.86 7.72
C ASN C 448 -22.58 -35.78 8.55
N TYR C 449 -22.86 -36.08 9.82
CA TYR C 449 -23.51 -35.13 10.71
C TYR C 449 -22.81 -35.04 12.06
N ASN C 450 -21.56 -35.47 12.14
CA ASN C 450 -20.85 -35.35 13.40
C ASN C 450 -20.19 -33.99 13.56
N TYR C 451 -20.27 -33.11 12.58
CA TYR C 451 -19.50 -31.88 12.56
C TYR C 451 -20.42 -30.68 12.56
N LEU C 452 -20.34 -29.87 13.62
CA LEU C 452 -21.24 -28.74 13.81
C LEU C 452 -20.43 -27.50 14.15
N TYR C 453 -20.97 -26.34 13.78
CA TYR C 453 -20.28 -25.07 14.00
C TYR C 453 -21.30 -23.99 14.30
N ARG C 454 -20.91 -23.05 15.16
CA ARG C 454 -21.82 -21.97 15.53
C ARG C 454 -22.09 -21.06 14.35
N LEU C 455 -23.27 -20.48 14.35
CA LEU C 455 -23.63 -19.51 13.34
C LEU C 455 -24.00 -18.16 13.92
N PHE C 456 -24.70 -18.14 15.04
CA PHE C 456 -25.16 -16.90 15.65
C PHE C 456 -24.59 -16.77 17.05
N ARG C 457 -23.88 -15.69 17.31
CA ARG C 457 -23.51 -15.35 18.67
C ARG C 457 -23.55 -13.84 18.83
N LYS C 458 -23.80 -13.42 20.07
CA LYS C 458 -23.96 -12.00 20.35
C LYS C 458 -22.67 -11.22 20.07
N SER C 459 -21.54 -11.78 20.48
CA SER C 459 -20.27 -11.08 20.44
C SER C 459 -19.31 -11.74 19.46
N ASN C 460 -18.47 -10.93 18.83
CA ASN C 460 -17.32 -11.49 18.14
C ASN C 460 -16.38 -12.12 19.16
N LEU C 461 -15.61 -13.08 18.71
CA LEU C 461 -15.00 -14.05 19.61
C LEU C 461 -13.59 -13.62 19.94
N LYS C 462 -13.33 -13.32 21.21
CA LYS C 462 -11.98 -12.96 21.64
C LYS C 462 -11.03 -14.09 21.28
N PRO C 463 -9.82 -13.77 20.79
CA PRO C 463 -8.93 -14.81 20.31
C PRO C 463 -8.63 -15.87 21.36
N PHE C 464 -8.59 -17.12 20.92
CA PHE C 464 -8.21 -18.25 21.76
C PHE C 464 -9.17 -18.46 22.92
N GLU C 465 -10.44 -18.71 22.60
CA GLU C 465 -11.35 -19.20 23.63
C GLU C 465 -12.30 -20.23 23.02
N ARG C 466 -12.64 -21.23 23.81
CA ARG C 466 -13.64 -22.22 23.45
C ARG C 466 -14.95 -21.82 24.09
N ASP C 467 -16.01 -21.73 23.30
CA ASP C 467 -17.33 -21.40 23.83
C ASP C 467 -18.28 -22.53 23.46
N ILE C 468 -18.27 -23.58 24.27
CA ILE C 468 -19.01 -24.79 23.96
C ILE C 468 -20.52 -24.61 24.11
N SER C 469 -20.94 -23.94 25.19
CA SER C 469 -22.33 -24.04 25.62
C SER C 469 -23.27 -23.52 24.55
N THR C 470 -24.43 -24.17 24.46
CA THR C 470 -25.45 -23.83 23.48
C THR C 470 -26.67 -23.25 24.18
N GLU C 471 -27.18 -22.14 23.64
CA GLU C 471 -28.43 -21.55 24.09
C GLU C 471 -29.13 -21.04 22.84
N ILE C 472 -30.11 -20.17 23.02
CA ILE C 472 -30.88 -19.65 21.90
C ILE C 472 -30.55 -18.17 21.72
N TYR C 473 -30.67 -17.70 20.47
CA TYR C 473 -30.32 -16.29 20.16
C TYR C 473 -31.54 -15.40 20.35
N GLN C 474 -31.32 -14.16 20.81
CA GLN C 474 -32.44 -13.20 20.98
C GLN C 474 -32.25 -12.05 19.98
N ALA C 475 -33.25 -11.78 19.14
CA ALA C 475 -33.12 -10.71 18.12
C ALA C 475 -34.19 -9.64 18.36
N GLY C 476 -33.76 -8.40 18.65
CA GLY C 476 -34.71 -7.28 18.81
C GLY C 476 -35.79 -7.55 19.84
N SER C 477 -37.05 -7.30 19.48
CA SER C 477 -38.20 -7.53 20.39
C SER C 477 -38.55 -9.03 20.44
N THR C 478 -39.40 -9.43 21.38
CA THR C 478 -39.74 -10.87 21.55
C THR C 478 -38.48 -11.71 21.72
N PRO C 479 -37.57 -11.42 22.69
CA PRO C 479 -36.31 -12.16 22.81
C PRO C 479 -36.62 -13.63 23.11
N CYS C 480 -35.85 -14.55 22.54
CA CYS C 480 -36.18 -16.00 22.69
C CYS C 480 -35.17 -16.72 23.57
N ASN C 481 -35.64 -17.36 24.64
CA ASN C 481 -34.73 -18.19 25.49
C ASN C 481 -35.32 -19.60 25.61
N GLY C 482 -34.50 -20.63 25.35
CA GLY C 482 -34.98 -22.02 25.41
C GLY C 482 -36.31 -22.22 24.69
N VAL C 483 -36.46 -21.62 23.50
CA VAL C 483 -37.72 -21.76 22.70
C VAL C 483 -37.38 -21.73 21.22
N GLU C 484 -38.24 -22.29 20.36
CA GLU C 484 -38.02 -22.26 18.89
C GLU C 484 -39.18 -21.51 18.23
N GLY C 485 -38.88 -20.58 17.32
CA GLY C 485 -39.92 -19.76 16.68
C GLY C 485 -39.29 -18.66 15.83
N PHE C 486 -40.06 -17.67 15.39
CA PHE C 486 -39.45 -16.54 14.65
C PHE C 486 -38.49 -15.81 15.60
N ASN C 487 -37.28 -15.48 15.11
CA ASN C 487 -36.26 -14.76 15.93
C ASN C 487 -35.68 -15.69 16.99
N CYS C 488 -36.00 -17.00 16.91
CA CYS C 488 -35.45 -17.99 17.88
C CYS C 488 -34.71 -19.08 17.08
N TYR C 489 -33.38 -18.98 17.02
CA TYR C 489 -32.57 -19.91 16.25
C TYR C 489 -31.78 -20.81 17.19
N PHE C 490 -31.34 -21.94 16.65
CA PHE C 490 -30.37 -22.80 17.30
C PHE C 490 -28.98 -22.54 16.75
N PRO C 491 -27.96 -22.39 17.60
CA PRO C 491 -26.68 -21.89 17.10
C PRO C 491 -25.90 -22.90 16.29
N LEU C 492 -26.05 -24.19 16.56
CA LEU C 492 -25.21 -25.22 15.95
C LEU C 492 -25.85 -25.70 14.67
N GLN C 493 -25.35 -25.24 13.53
CA GLN C 493 -25.74 -25.82 12.25
C GLN C 493 -24.99 -27.12 12.04
N SER C 494 -25.00 -27.63 10.83
CA SER C 494 -24.35 -28.91 10.56
C SER C 494 -23.72 -28.88 9.17
N TYR C 495 -22.64 -29.63 9.02
CA TYR C 495 -22.09 -29.90 7.71
C TYR C 495 -22.70 -31.18 7.17
N GLY C 496 -23.15 -31.12 5.92
CA GLY C 496 -23.60 -32.33 5.26
C GLY C 496 -22.52 -32.93 4.40
N PHE C 497 -21.45 -33.43 5.00
CA PHE C 497 -20.26 -33.79 4.21
C PHE C 497 -20.56 -35.03 3.39
N GLN C 498 -21.02 -34.83 2.15
CA GLN C 498 -21.31 -35.93 1.26
C GLN C 498 -20.26 -36.00 0.16
N PRO C 499 -19.76 -37.18 -0.17
CA PRO C 499 -18.71 -37.26 -1.18
C PRO C 499 -19.14 -36.73 -2.54
N THR C 500 -20.44 -36.71 -2.81
CA THR C 500 -20.92 -36.19 -4.08
C THR C 500 -20.73 -34.69 -4.20
N ASN C 501 -20.38 -34.01 -3.10
CA ASN C 501 -20.15 -32.59 -3.16
C ASN C 501 -18.96 -32.27 -4.05
N GLY C 502 -18.81 -31.00 -4.37
CA GLY C 502 -17.67 -30.51 -5.12
C GLY C 502 -16.47 -30.23 -4.22
N VAL C 503 -15.38 -29.85 -4.87
CA VAL C 503 -14.16 -29.57 -4.12
C VAL C 503 -14.38 -28.42 -3.14
N GLY C 504 -15.19 -27.44 -3.54
CA GLY C 504 -15.40 -26.28 -2.69
C GLY C 504 -16.06 -26.60 -1.37
N TYR C 505 -16.76 -27.73 -1.27
CA TYR C 505 -17.47 -28.08 -0.06
C TYR C 505 -16.98 -29.37 0.58
N GLN C 506 -15.83 -29.86 0.17
CA GLN C 506 -15.26 -31.03 0.80
C GLN C 506 -14.90 -30.68 2.24
N PRO C 507 -14.72 -31.65 3.11
CA PRO C 507 -14.23 -31.34 4.45
C PRO C 507 -12.72 -31.33 4.51
N TYR C 508 -12.15 -30.54 5.41
CA TYR C 508 -10.70 -30.38 5.54
C TYR C 508 -10.33 -30.56 7.01
N ARG C 509 -9.37 -31.42 7.29
CA ARG C 509 -8.83 -31.55 8.62
C ARG C 509 -7.71 -30.55 8.75
N VAL C 510 -7.85 -29.64 9.69
CA VAL C 510 -6.89 -28.57 9.88
C VAL C 510 -6.22 -28.73 11.23
N VAL C 511 -4.92 -28.49 11.27
CA VAL C 511 -4.18 -28.49 12.52
C VAL C 511 -3.28 -27.26 12.53
N VAL C 512 -3.18 -26.61 13.68
CA VAL C 512 -2.48 -25.34 13.80
C VAL C 512 -1.55 -25.38 14.99
N LEU C 513 -0.35 -24.84 14.82
CA LEU C 513 0.69 -24.86 15.82
C LEU C 513 0.96 -23.46 16.35
N SER C 514 1.73 -23.37 17.42
CA SER C 514 2.02 -22.09 18.03
C SER C 514 3.37 -22.14 18.72
N PHE C 515 4.17 -21.09 18.53
CA PHE C 515 5.49 -21.03 19.12
C PHE C 515 5.71 -19.65 19.72
N GLU C 516 6.54 -19.57 20.78
CA GLU C 516 6.84 -18.26 21.43
C GLU C 516 8.22 -18.31 22.09
N LEU C 517 8.71 -17.15 22.53
CA LEU C 517 10.05 -17.07 23.21
C LEU C 517 9.86 -16.45 24.59
N LEU C 518 10.67 -16.86 25.58
CA LEU C 518 10.51 -16.37 26.97
C LEU C 518 11.88 -16.09 27.60
N HIS C 519 12.11 -16.58 28.82
CA HIS C 519 13.40 -16.32 29.53
C HIS C 519 14.08 -17.63 29.93
N ALA C 520 13.44 -18.80 29.75
CA ALA C 520 14.09 -20.05 30.22
C ALA C 520 13.64 -21.32 29.50
N PRO C 521 12.35 -21.74 29.51
CA PRO C 521 11.93 -23.06 28.96
C PRO C 521 12.82 -23.68 27.89
N ALA C 522 12.79 -23.17 26.65
CA ALA C 522 13.58 -23.74 25.53
C ALA C 522 13.67 -25.26 25.71
N THR C 523 12.53 -25.94 25.87
CA THR C 523 12.55 -27.39 26.20
C THR C 523 12.42 -28.20 24.92
N VAL C 524 11.90 -27.57 23.84
CA VAL C 524 11.67 -28.34 22.63
C VAL C 524 12.55 -27.81 21.50
N CYS C 525 13.66 -28.49 21.23
CA CYS C 525 14.63 -27.92 20.25
C CYS C 525 14.56 -28.67 18.91
N GLY C 526 14.43 -30.00 18.95
CA GLY C 526 14.43 -30.79 17.70
C GLY C 526 15.84 -31.17 17.26
N PRO C 527 16.01 -31.85 16.11
CA PRO C 527 17.33 -32.30 15.65
C PRO C 527 18.27 -31.17 15.24
N LYS C 528 19.59 -31.42 15.27
CA LYS C 528 20.64 -30.40 14.98
C LYS C 528 21.87 -30.96 15.71
N LYS C 529 21.65 -32.00 16.53
CA LYS C 529 22.74 -32.67 17.27
C LYS C 529 23.44 -31.69 18.21
N SER C 530 24.61 -32.08 18.74
CA SER C 530 25.36 -31.19 19.61
C SER C 530 26.83 -31.58 19.59
N THR C 531 27.71 -30.57 19.52
CA THR C 531 29.14 -30.79 19.49
C THR C 531 29.80 -30.34 20.79
N ASN C 532 31.11 -30.45 20.82
CA ASN C 532 31.89 -30.07 21.98
C ASN C 532 31.88 -28.55 22.14
N LEU C 533 32.59 -28.06 23.15
CA LEU C 533 32.68 -26.63 23.38
C LEU C 533 34.11 -26.26 23.76
N VAL C 534 34.50 -25.04 23.39
CA VAL C 534 35.85 -24.53 23.60
C VAL C 534 35.76 -23.16 24.26
N LYS C 535 36.90 -22.67 24.74
CA LYS C 535 36.93 -21.41 25.45
C LYS C 535 38.13 -20.58 25.01
N ASN C 536 38.03 -19.27 25.21
CA ASN C 536 39.07 -18.29 24.91
C ASN C 536 39.34 -18.15 23.41
N LYS C 537 38.31 -18.32 22.58
CA LYS C 537 38.42 -18.06 21.16
C LYS C 537 37.10 -17.48 20.67
N CYS C 538 37.18 -16.44 19.84
CA CYS C 538 35.96 -15.89 19.27
C CYS C 538 35.31 -16.95 18.38
N VAL C 539 34.14 -17.42 18.79
CA VAL C 539 33.46 -18.55 18.17
C VAL C 539 32.02 -18.16 17.87
N ASN C 540 31.39 -18.96 17.03
CA ASN C 540 29.95 -18.92 16.77
C ASN C 540 29.28 -19.99 17.62
N PHE C 541 28.45 -19.56 18.57
CA PHE C 541 27.72 -20.49 19.41
C PHE C 541 26.25 -20.51 19.02
N ASN C 542 25.60 -21.64 19.28
CA ASN C 542 24.19 -21.85 18.93
C ASN C 542 23.42 -22.46 20.10
N PHE C 543 23.53 -21.84 21.28
CA PHE C 543 22.95 -22.40 22.50
C PHE C 543 21.43 -22.44 22.38
N ASN C 544 20.89 -23.63 22.13
CA ASN C 544 19.44 -23.89 22.13
C ASN C 544 18.70 -23.01 21.13
N GLY C 545 19.36 -22.61 20.05
CA GLY C 545 18.80 -21.67 19.09
C GLY C 545 19.33 -20.27 19.23
N LEU C 546 19.63 -19.83 20.45
CA LEU C 546 20.28 -18.54 20.69
C LEU C 546 21.70 -18.59 20.15
N THR C 547 21.86 -18.03 18.96
CA THR C 547 23.16 -18.07 18.30
C THR C 547 23.79 -16.69 18.25
N GLY C 548 25.12 -16.68 18.17
CA GLY C 548 25.87 -15.44 18.20
C GLY C 548 27.36 -15.72 18.12
N THR C 549 28.13 -14.67 18.40
CA THR C 549 29.57 -14.71 18.26
C THR C 549 30.26 -14.03 19.44
N GLY C 550 31.27 -14.70 19.99
CA GLY C 550 32.00 -14.10 21.09
C GLY C 550 33.00 -15.08 21.68
N VAL C 551 33.64 -14.62 22.75
CA VAL C 551 34.59 -15.44 23.49
C VAL C 551 33.97 -15.83 24.83
N LEU C 552 34.00 -17.13 25.12
CA LEU C 552 33.39 -17.73 26.30
C LEU C 552 34.42 -17.88 27.40
N THR C 553 33.95 -17.98 28.64
CA THR C 553 34.84 -18.10 29.79
C THR C 553 34.09 -18.75 30.95
N GLU C 554 34.83 -19.42 31.83
CA GLU C 554 34.28 -19.86 33.10
C GLU C 554 34.00 -18.65 33.97
N SER C 555 32.80 -18.60 34.53
CA SER C 555 32.26 -17.40 35.13
C SER C 555 32.12 -17.55 36.64
N ASN C 556 32.21 -16.42 37.33
CA ASN C 556 31.99 -16.34 38.77
C ASN C 556 30.67 -15.64 39.09
N LYS C 557 29.74 -15.65 38.14
CA LYS C 557 28.40 -15.13 38.38
C LYS C 557 27.57 -16.17 39.12
N LYS C 558 26.87 -15.73 40.15
CA LYS C 558 26.15 -16.63 41.05
C LYS C 558 24.68 -16.75 40.64
N PHE C 559 24.46 -17.44 39.53
CA PHE C 559 23.10 -17.80 39.13
C PHE C 559 22.43 -18.58 40.25
N LEU C 560 21.10 -18.63 40.20
CA LEU C 560 20.30 -19.47 41.08
C LEU C 560 19.46 -20.40 40.21
N PRO C 561 19.21 -21.64 40.68
CA PRO C 561 18.76 -22.72 39.79
C PRO C 561 17.71 -22.35 38.75
N PHE C 562 16.83 -21.40 39.06
CA PHE C 562 15.82 -21.02 38.09
C PHE C 562 16.38 -20.15 36.98
N GLN C 563 17.47 -19.43 37.25
CA GLN C 563 18.04 -18.48 36.26
C GLN C 563 18.71 -19.25 35.12
N GLN C 564 18.40 -18.87 33.87
CA GLN C 564 18.95 -19.59 32.69
C GLN C 564 20.09 -18.78 32.08
N PHE C 565 19.83 -17.53 31.70
CA PHE C 565 20.89 -16.68 31.10
C PHE C 565 20.94 -15.32 31.82
N GLY C 566 21.99 -14.52 31.58
CA GLY C 566 22.07 -13.21 32.18
C GLY C 566 22.07 -12.12 31.10
N ARG C 567 22.02 -10.88 31.59
CA ARG C 567 22.10 -9.72 30.71
C ARG C 567 22.27 -8.48 31.57
N ASP C 568 23.04 -7.53 31.05
CA ASP C 568 23.13 -6.24 31.72
C ASP C 568 22.18 -5.21 31.11
N ILE C 569 22.40 -4.84 29.86
CA ILE C 569 21.58 -3.84 29.19
C ILE C 569 21.32 -4.33 27.76
N ALA C 570 20.65 -3.48 26.98
CA ALA C 570 20.58 -3.59 25.52
C ALA C 570 19.99 -4.91 25.04
N ASP C 571 19.43 -5.71 25.95
CA ASP C 571 18.87 -7.01 25.60
C ASP C 571 19.92 -7.91 24.93
N THR C 572 21.16 -7.78 25.36
CA THR C 572 22.25 -8.62 24.89
C THR C 572 22.61 -9.62 25.97
N THR C 573 22.71 -10.89 25.58
CA THR C 573 23.06 -11.96 26.49
C THR C 573 24.50 -11.81 26.95
N ASP C 574 24.74 -12.04 28.23
CA ASP C 574 26.09 -11.97 28.79
C ASP C 574 26.59 -13.30 29.34
N ALA C 575 25.74 -14.07 30.01
CA ALA C 575 26.12 -15.41 30.43
C ALA C 575 25.06 -16.38 29.94
N VAL C 576 25.40 -17.65 29.99
CA VAL C 576 24.46 -18.69 29.61
C VAL C 576 24.64 -19.86 30.56
N ARG C 577 23.62 -20.70 30.67
CA ARG C 577 23.77 -21.97 31.35
C ARG C 577 23.93 -23.04 30.29
N ASP C 578 25.00 -23.81 30.38
CA ASP C 578 25.24 -24.88 29.41
C ASP C 578 24.07 -25.87 29.45
N PRO C 579 23.37 -26.10 28.34
CA PRO C 579 22.25 -27.03 28.37
C PRO C 579 22.63 -28.45 28.70
N GLN C 580 23.85 -28.88 28.36
CA GLN C 580 24.24 -30.28 28.54
C GLN C 580 25.01 -30.55 29.81
N THR C 581 25.66 -29.54 30.40
CA THR C 581 26.37 -29.79 31.65
C THR C 581 26.04 -28.78 32.74
N LEU C 582 25.07 -27.90 32.50
CA LEU C 582 24.62 -26.93 33.51
C LEU C 582 25.68 -25.92 33.97
N GLU C 583 26.69 -25.71 33.14
CA GLU C 583 27.76 -24.77 33.42
C GLU C 583 27.34 -23.38 32.97
N ILE C 584 27.74 -22.37 33.74
CA ILE C 584 27.46 -20.98 33.42
C ILE C 584 28.69 -20.38 32.78
N LEU C 585 28.52 -19.87 31.56
CA LEU C 585 29.61 -19.33 30.76
C LEU C 585 29.41 -17.85 30.53
N ASP C 586 30.48 -17.08 30.73
CA ASP C 586 30.54 -15.66 30.48
C ASP C 586 30.87 -15.42 29.00
N ILE C 587 30.24 -14.43 28.41
CA ILE C 587 30.41 -14.09 27.00
C ILE C 587 30.97 -12.67 26.91
N THR C 588 32.01 -12.49 26.10
CA THR C 588 32.58 -11.18 25.83
C THR C 588 32.74 -10.97 24.33
N PRO C 589 32.52 -9.76 23.81
CA PRO C 589 32.79 -9.51 22.39
C PRO C 589 34.27 -9.62 22.09
N CYS C 590 34.60 -10.27 20.98
CA CYS C 590 36.00 -10.32 20.59
C CYS C 590 36.42 -8.99 19.98
N SER C 591 37.73 -8.76 19.97
CA SER C 591 38.27 -7.41 19.85
C SER C 591 37.97 -6.80 18.48
N PHE C 592 37.70 -5.50 18.50
CA PHE C 592 37.38 -4.74 17.30
C PHE C 592 37.83 -3.30 17.53
N GLY C 593 38.07 -2.60 16.44
CA GLY C 593 38.50 -1.22 16.55
C GLY C 593 38.66 -0.56 15.21
N GLY C 594 39.16 0.67 15.26
CA GLY C 594 39.42 1.43 14.06
C GLY C 594 40.89 1.36 13.69
N VAL C 595 41.17 1.60 12.42
CA VAL C 595 42.54 1.54 11.92
C VAL C 595 42.88 2.89 11.33
N SER C 596 43.97 3.49 11.78
CA SER C 596 44.45 4.72 11.20
C SER C 596 45.84 4.52 10.63
N VAL C 597 46.19 5.30 9.61
CA VAL C 597 47.49 5.17 8.97
C VAL C 597 48.15 6.53 8.95
N ILE C 598 49.38 6.57 9.47
CA ILE C 598 50.21 7.75 9.61
C ILE C 598 51.17 7.81 8.43
N THR C 599 51.17 8.93 7.72
CA THR C 599 52.03 9.12 6.57
C THR C 599 52.71 10.48 6.61
N PRO C 600 54.00 10.54 6.26
CA PRO C 600 54.66 11.84 6.10
C PRO C 600 54.31 12.58 4.82
N GLY C 601 53.36 12.09 4.04
CA GLY C 601 53.06 12.63 2.74
C GLY C 601 53.75 11.85 1.64
N THR C 602 53.04 11.68 0.53
CA THR C 602 53.60 10.96 -0.59
C THR C 602 54.62 11.77 -1.37
N ASN C 603 54.59 13.10 -1.23
CA ASN C 603 55.66 13.90 -1.82
C ASN C 603 56.97 13.68 -1.08
N THR C 604 56.86 13.35 0.20
CA THR C 604 58.04 13.10 1.03
C THR C 604 58.61 11.70 0.80
N SER C 605 58.07 10.74 1.54
CA SER C 605 58.51 9.35 1.42
C SER C 605 57.32 8.40 1.35
N ASN C 606 57.50 7.30 0.63
CA ASN C 606 56.44 6.30 0.48
C ASN C 606 56.37 5.35 1.67
N GLN C 607 56.45 5.91 2.87
CA GLN C 607 56.40 5.11 4.09
C GLN C 607 55.02 5.18 4.74
N VAL C 608 54.80 4.34 5.74
CA VAL C 608 53.52 4.31 6.45
C VAL C 608 53.70 3.63 7.80
N ALA C 609 52.97 4.13 8.81
CA ALA C 609 52.82 3.44 10.08
C ALA C 609 51.34 3.28 10.38
N VAL C 610 50.97 2.29 11.19
CA VAL C 610 49.57 1.92 11.35
C VAL C 610 49.23 1.85 12.82
N LEU C 611 48.10 2.44 13.20
CA LEU C 611 47.61 2.42 14.57
C LEU C 611 46.32 1.63 14.65
N TYR C 612 46.31 0.61 15.49
CA TYR C 612 45.13 -0.19 15.79
C TYR C 612 44.54 0.32 17.09
N GLN C 613 43.43 1.04 16.98
CA GLN C 613 42.94 1.85 18.08
C GLN C 613 42.26 1.01 19.13
N ASP C 614 42.73 1.13 20.37
CA ASP C 614 42.13 0.50 21.53
C ASP C 614 42.17 -1.03 21.44
N VAL C 615 43.38 -1.56 21.27
CA VAL C 615 43.57 -3.00 21.21
C VAL C 615 44.93 -3.34 21.78
N ASN C 616 45.08 -4.58 22.23
CA ASN C 616 46.38 -5.03 22.72
C ASN C 616 47.29 -5.30 21.54
N CYS C 617 48.58 -4.99 21.70
CA CYS C 617 49.49 -5.16 20.59
C CYS C 617 49.92 -6.62 20.55
N THR C 618 48.93 -7.51 20.63
CA THR C 618 49.15 -8.94 20.73
C THR C 618 48.12 -9.75 19.97
N GLU C 619 47.11 -9.11 19.38
CA GLU C 619 46.16 -9.80 18.51
C GLU C 619 46.07 -9.06 17.18
N VAL C 620 47.22 -8.80 16.59
CA VAL C 620 47.26 -8.14 15.30
C VAL C 620 48.07 -8.96 14.31
N THR C 638 53.58 -6.20 8.13
CA THR C 638 53.21 -5.43 9.31
C THR C 638 53.28 -6.30 10.56
N GLY C 639 54.47 -6.76 10.90
CA GLY C 639 54.65 -7.59 12.07
C GLY C 639 55.95 -7.44 12.85
N SER C 640 56.62 -6.28 12.77
CA SER C 640 57.81 -6.05 13.58
C SER C 640 57.92 -4.55 13.83
N ASN C 641 58.53 -4.19 14.96
CA ASN C 641 58.58 -2.82 15.51
C ASN C 641 57.26 -2.39 16.13
N VAL C 642 56.56 -3.31 16.79
CA VAL C 642 55.32 -2.95 17.47
C VAL C 642 55.63 -2.15 18.73
N PHE C 643 54.67 -1.34 19.15
CA PHE C 643 54.84 -0.44 20.29
C PHE C 643 53.46 -0.12 20.83
N GLN C 644 53.27 -0.31 22.13
CA GLN C 644 51.95 -0.17 22.72
C GLN C 644 51.80 1.18 23.40
N THR C 645 50.85 1.98 22.94
CA THR C 645 50.57 3.27 23.56
C THR C 645 49.25 3.20 24.32
N ARG C 646 48.80 4.33 24.84
CA ARG C 646 47.51 4.44 25.50
C ARG C 646 46.38 4.62 24.51
N ALA C 647 46.70 4.89 23.25
CA ALA C 647 45.71 5.08 22.21
C ALA C 647 45.49 3.85 21.36
N GLY C 648 46.35 2.82 21.50
CA GLY C 648 46.22 1.60 20.75
C GLY C 648 47.57 0.92 20.57
N CYS C 649 47.70 0.23 19.45
CA CYS C 649 48.93 -0.49 19.14
C CYS C 649 49.50 0.05 17.84
N LEU C 650 50.76 0.46 17.89
CA LEU C 650 51.44 1.11 16.77
C LEU C 650 52.40 0.14 16.11
N ILE C 651 52.34 0.06 14.78
CA ILE C 651 53.22 -0.82 14.02
C ILE C 651 53.85 -0.02 12.91
N GLY C 652 55.18 0.02 12.88
CA GLY C 652 55.90 0.72 11.85
C GLY C 652 56.62 1.99 12.26
N ALA C 653 56.78 2.20 13.56
CA ALA C 653 57.49 3.37 14.06
C ALA C 653 58.38 2.94 15.21
N GLU C 654 59.56 3.56 15.31
CA GLU C 654 60.47 3.27 16.40
C GLU C 654 60.29 4.30 17.50
N HIS C 655 60.34 3.82 18.74
CA HIS C 655 60.16 4.67 19.91
C HIS C 655 61.50 5.24 20.36
N VAL C 656 61.59 6.55 20.42
CA VAL C 656 62.80 7.22 20.85
C VAL C 656 62.59 7.78 22.25
N ASN C 657 63.69 8.10 22.94
CA ASN C 657 63.63 8.71 24.26
C ASN C 657 63.57 10.22 24.22
N ASN C 658 63.88 10.84 23.09
CA ASN C 658 63.90 12.29 22.99
C ASN C 658 62.49 12.87 23.11
N SER C 659 62.41 14.19 23.00
CA SER C 659 61.14 14.88 22.88
C SER C 659 61.30 16.03 21.90
N TYR C 660 60.26 16.25 21.11
CA TYR C 660 60.26 17.29 20.10
C TYR C 660 58.91 17.98 20.17
N GLU C 661 58.74 19.03 19.38
CA GLU C 661 57.41 19.60 19.23
C GLU C 661 56.55 18.67 18.37
N CYS C 662 55.24 18.73 18.60
CA CYS C 662 54.35 17.78 17.94
C CYS C 662 54.31 18.01 16.44
N ASP C 663 54.30 16.92 15.69
CA ASP C 663 54.19 16.98 14.24
C ASP C 663 52.90 16.32 13.77
N ILE C 664 52.74 15.04 14.06
CA ILE C 664 51.49 14.32 13.81
C ILE C 664 51.00 13.77 15.14
N PRO C 665 49.84 14.20 15.63
CA PRO C 665 49.37 13.77 16.96
C PRO C 665 48.82 12.35 16.91
N ILE C 666 49.32 11.49 17.78
CA ILE C 666 48.79 10.13 17.89
C ILE C 666 47.77 10.13 19.01
N GLY C 667 48.12 10.72 20.14
CA GLY C 667 47.22 10.87 21.25
C GLY C 667 47.87 10.51 22.56
N ALA C 668 47.22 10.91 23.65
CA ALA C 668 47.69 10.68 25.02
C ALA C 668 49.16 11.08 25.18
N GLY C 669 49.51 12.24 24.64
CA GLY C 669 50.83 12.76 24.73
C GLY C 669 51.80 12.31 23.67
N ILE C 670 51.43 11.37 22.81
CA ILE C 670 52.36 10.76 21.87
C ILE C 670 52.16 11.40 20.50
N CYS C 671 53.27 11.81 19.88
CA CYS C 671 53.30 12.35 18.53
C CYS C 671 54.27 11.55 17.68
N ALA C 672 54.17 11.74 16.37
CA ALA C 672 54.94 10.96 15.42
C ALA C 672 55.49 11.86 14.33
N SER C 673 56.70 11.55 13.88
CA SER C 673 57.34 12.38 12.87
C SER C 673 58.16 11.52 11.92
N TYR C 674 58.60 12.14 10.83
CA TYR C 674 59.42 11.50 9.82
C TYR C 674 60.83 12.07 9.90
N GLN C 675 61.72 11.32 10.54
CA GLN C 675 63.13 11.66 10.62
C GLN C 675 63.87 10.61 11.43
N THR C 676 65.19 10.70 11.47
CA THR C 676 66.01 9.94 12.41
C THR C 676 65.80 8.42 12.27
N GLN C 690 66.11 8.39 7.85
CA GLN C 690 64.76 8.72 8.30
C GLN C 690 63.87 7.50 8.22
N SER C 691 63.22 7.11 9.32
CA SER C 691 62.22 6.08 9.12
C SER C 691 60.80 6.53 9.45
N ILE C 692 60.42 6.56 10.73
CA ILE C 692 59.23 7.19 11.29
C ILE C 692 59.39 6.98 12.79
N ILE C 693 59.13 7.99 13.59
CA ILE C 693 59.43 7.92 15.01
C ILE C 693 58.19 8.31 15.81
N ALA C 694 58.08 7.71 16.99
CA ALA C 694 57.01 8.00 17.93
C ALA C 694 57.64 8.44 19.25
N TYR C 695 57.24 9.61 19.75
CA TYR C 695 57.87 10.18 20.92
C TYR C 695 56.83 10.86 21.81
N THR C 696 57.26 11.20 23.02
CA THR C 696 56.46 12.04 23.90
C THR C 696 56.74 13.51 23.62
N MET C 697 55.70 14.28 23.34
CA MET C 697 55.88 15.64 22.86
C MET C 697 56.40 16.57 23.95
N SER C 698 57.24 17.52 23.52
CA SER C 698 57.75 18.54 24.41
C SER C 698 56.82 19.73 24.39
N LEU C 699 56.73 20.42 25.53
CA LEU C 699 55.83 21.55 25.64
C LEU C 699 56.50 22.85 25.27
N GLY C 700 57.81 22.91 25.33
CA GLY C 700 58.54 24.11 24.98
C GLY C 700 59.85 24.15 25.73
N ALA C 701 60.64 25.15 25.39
CA ALA C 701 61.87 25.37 26.11
C ALA C 701 61.56 25.81 27.54
N GLU C 702 62.52 25.57 28.42
CA GLU C 702 62.34 25.83 29.83
C GLU C 702 63.30 26.94 30.25
N ASN C 703 62.84 27.80 31.16
CA ASN C 703 63.79 28.77 31.67
C ASN C 703 63.33 29.33 33.00
N SER C 704 64.29 29.46 33.90
CA SER C 704 64.13 30.17 35.16
C SER C 704 64.37 31.65 34.96
N VAL C 705 63.46 32.44 35.49
CA VAL C 705 63.60 33.90 35.55
C VAL C 705 64.54 34.21 36.70
N ALA C 706 65.34 35.24 36.53
CA ALA C 706 66.34 35.60 37.54
C ALA C 706 65.71 36.47 38.64
N TYR C 707 64.69 35.93 39.28
CA TYR C 707 63.94 36.70 40.27
C TYR C 707 64.78 36.90 41.54
N SER C 708 64.79 38.12 42.04
CA SER C 708 65.26 38.40 43.40
C SER C 708 64.44 39.53 43.99
N ASN C 709 64.70 39.90 45.24
CA ASN C 709 63.85 40.91 45.87
C ASN C 709 64.30 42.33 45.62
N ASN C 710 65.39 42.56 44.89
CA ASN C 710 65.75 43.92 44.52
C ASN C 710 66.36 44.01 43.13
N SER C 711 65.94 43.15 42.22
CA SER C 711 66.45 43.13 40.85
C SER C 711 65.33 43.48 39.88
N ILE C 712 65.68 44.20 38.82
CA ILE C 712 64.71 44.57 37.79
C ILE C 712 65.39 44.48 36.42
N ALA C 713 64.57 44.33 35.39
CA ALA C 713 65.04 44.32 34.01
C ALA C 713 64.28 45.36 33.20
N ILE C 714 65.00 46.25 32.53
CA ILE C 714 64.42 47.36 31.77
C ILE C 714 64.85 47.20 30.33
N PRO C 715 63.96 47.39 29.36
CA PRO C 715 64.35 47.33 27.94
C PRO C 715 65.09 48.57 27.47
N THR C 716 66.04 48.37 26.58
CA THR C 716 66.82 49.48 26.03
C THR C 716 66.54 49.74 24.53
N ASN C 717 65.69 48.93 23.93
CA ASN C 717 65.37 49.08 22.52
C ASN C 717 63.99 48.50 22.29
N PHE C 718 63.54 48.52 21.05
CA PHE C 718 62.24 47.95 20.70
C PHE C 718 62.27 47.49 19.25
N THR C 719 61.29 46.67 18.89
CA THR C 719 60.98 46.36 17.51
C THR C 719 59.52 46.71 17.21
N ILE C 720 59.25 47.00 15.95
CA ILE C 720 57.91 47.20 15.43
C ILE C 720 57.49 45.93 14.70
N SER C 721 56.42 45.29 15.17
CA SER C 721 55.91 44.08 14.55
C SER C 721 54.64 44.37 13.77
N VAL C 722 54.42 43.61 12.70
CA VAL C 722 53.12 43.54 12.04
C VAL C 722 52.75 42.08 11.84
N THR C 723 51.53 41.72 12.20
CA THR C 723 51.07 40.34 12.09
C THR C 723 49.67 40.30 11.49
N THR C 724 49.37 39.21 10.80
CA THR C 724 48.07 39.04 10.18
C THR C 724 47.11 38.27 11.07
N GLU C 725 45.83 38.56 10.89
CA GLU C 725 44.74 37.76 11.42
C GLU C 725 43.68 37.66 10.34
N ILE C 726 43.12 36.47 10.15
CA ILE C 726 42.19 36.21 9.06
C ILE C 726 40.90 35.68 9.64
N LEU C 727 39.78 36.23 9.19
CA LEU C 727 38.49 35.83 9.73
C LEU C 727 37.45 35.70 8.63
N PRO C 728 36.64 34.64 8.66
CA PRO C 728 35.51 34.53 7.71
C PRO C 728 34.36 35.45 8.09
N VAL C 729 33.68 35.99 7.09
CA VAL C 729 32.50 36.79 7.36
C VAL C 729 31.25 36.29 6.65
N SER C 730 31.32 35.43 5.64
CA SER C 730 30.09 34.98 4.99
C SER C 730 30.29 33.64 4.28
N MET C 731 29.18 32.98 4.00
CA MET C 731 29.08 31.80 3.16
C MET C 731 28.32 32.12 1.88
N THR C 732 28.36 31.19 0.94
CA THR C 732 27.59 31.30 -0.30
C THR C 732 26.10 31.12 -0.03
N LYS C 733 25.30 31.93 -0.70
CA LYS C 733 23.85 31.90 -0.58
C LYS C 733 23.30 30.92 -1.59
N THR C 734 22.73 29.83 -1.11
CA THR C 734 22.16 28.84 -1.98
C THR C 734 20.69 28.67 -1.64
N SER C 735 19.92 28.26 -2.63
CA SER C 735 18.52 27.92 -2.46
C SER C 735 18.26 26.58 -3.12
N VAL C 736 17.33 25.83 -2.55
CA VAL C 736 16.90 24.57 -3.14
C VAL C 736 15.39 24.64 -3.28
N ASP C 737 14.90 24.25 -4.44
CA ASP C 737 13.47 24.05 -4.65
C ASP C 737 13.12 22.64 -4.18
N CYS C 738 12.45 22.54 -3.03
CA CYS C 738 12.13 21.24 -2.43
C CYS C 738 11.40 20.34 -3.41
N THR C 739 10.37 20.88 -4.07
CA THR C 739 9.56 20.07 -4.98
C THR C 739 10.36 19.57 -6.17
N MET C 740 11.26 20.39 -6.71
CA MET C 740 12.01 19.98 -7.89
C MET C 740 13.17 19.06 -7.55
N TYR C 741 13.68 19.12 -6.33
CA TYR C 741 14.68 18.14 -5.91
C TYR C 741 14.03 16.79 -5.65
N ILE C 742 12.88 16.79 -4.98
CA ILE C 742 12.24 15.54 -4.61
C ILE C 742 11.57 14.84 -5.78
N CYS C 743 10.90 15.57 -6.67
CA CYS C 743 10.02 14.97 -7.66
C CYS C 743 10.50 15.16 -9.10
N GLY C 744 11.35 16.14 -9.35
CA GLY C 744 11.89 16.31 -10.68
C GLY C 744 10.89 16.64 -11.76
N ASP C 745 9.87 17.44 -11.44
CA ASP C 745 8.86 17.87 -12.42
C ASP C 745 8.14 16.67 -13.05
N SER C 746 7.46 15.91 -12.19
CA SER C 746 6.52 14.87 -12.58
C SER C 746 5.29 14.99 -11.69
N THR C 747 4.11 14.98 -12.31
CA THR C 747 2.88 15.30 -11.61
C THR C 747 2.53 14.26 -10.55
N GLU C 748 2.87 13.00 -10.80
CA GLU C 748 2.47 11.92 -9.90
C GLU C 748 3.26 11.92 -8.60
N CYS C 749 4.56 12.18 -8.65
CA CYS C 749 5.30 12.51 -7.44
C CYS C 749 4.76 13.74 -6.74
N SER C 750 4.33 14.75 -7.49
CA SER C 750 3.90 15.99 -6.86
C SER C 750 2.62 15.80 -6.07
N ASN C 751 1.66 15.04 -6.59
CA ASN C 751 0.43 14.82 -5.85
C ASN C 751 0.67 13.97 -4.61
N LEU C 752 1.61 13.03 -4.67
CA LEU C 752 1.94 12.24 -3.49
C LEU C 752 2.66 13.08 -2.45
N LEU C 753 3.53 13.98 -2.88
CA LEU C 753 4.26 14.82 -1.93
C LEU C 753 3.36 15.89 -1.33
N LEU C 754 2.33 16.31 -2.04
CA LEU C 754 1.34 17.22 -1.47
C LEU C 754 0.71 16.70 -0.18
N GLN C 755 0.85 15.41 0.10
CA GLN C 755 0.24 14.78 1.27
C GLN C 755 1.06 14.97 2.54
N TYR C 756 2.21 15.61 2.47
CA TYR C 756 3.08 15.73 3.61
C TYR C 756 2.95 17.06 4.33
N GLY C 757 2.13 17.96 3.83
CA GLY C 757 1.90 19.19 4.55
C GLY C 757 2.88 20.27 4.15
N SER C 758 3.34 21.02 5.13
CA SER C 758 4.22 22.16 4.87
C SER C 758 5.68 21.84 5.15
N PHE C 759 6.14 20.63 4.86
CA PHE C 759 7.54 20.30 5.08
C PHE C 759 8.46 21.07 4.17
N CYS C 760 8.05 21.34 2.93
CA CYS C 760 8.88 22.04 1.98
C CYS C 760 8.85 23.56 2.15
N THR C 761 7.76 24.11 2.68
CA THR C 761 7.70 25.54 2.97
C THR C 761 8.64 25.90 4.11
N GLN C 762 8.72 25.04 5.14
CA GLN C 762 9.64 25.26 6.23
C GLN C 762 11.09 25.26 5.76
N LEU C 763 11.46 24.35 4.87
CA LEU C 763 12.84 24.27 4.43
C LEU C 763 13.25 25.48 3.62
N ASN C 764 12.36 25.97 2.75
CA ASN C 764 12.66 27.18 2.01
C ASN C 764 12.74 28.40 2.90
N ARG C 765 11.90 28.49 3.92
CA ARG C 765 12.06 29.57 4.88
C ARG C 765 13.41 29.50 5.60
N ALA C 766 13.81 28.29 6.00
CA ALA C 766 15.07 28.13 6.70
C ALA C 766 16.24 28.55 5.83
N LEU C 767 16.25 28.15 4.57
CA LEU C 767 17.34 28.54 3.69
C LEU C 767 17.32 30.01 3.33
N THR C 768 16.14 30.64 3.25
CA THR C 768 16.10 32.05 2.93
C THR C 768 16.59 32.92 4.08
N GLY C 769 16.29 32.54 5.32
CA GLY C 769 16.84 33.25 6.45
C GLY C 769 18.35 33.26 6.48
N ILE C 770 18.98 32.12 6.21
CA ILE C 770 20.43 32.01 6.11
C ILE C 770 21.00 32.97 5.08
N ALA C 771 20.40 33.05 3.90
CA ALA C 771 20.87 33.92 2.83
C ALA C 771 20.70 35.39 3.15
N VAL C 772 19.65 35.75 3.86
CA VAL C 772 19.51 37.15 4.27
C VAL C 772 20.50 37.50 5.38
N GLU C 773 20.90 36.52 6.20
CA GLU C 773 21.87 36.80 7.24
C GLU C 773 23.27 37.03 6.69
N GLN C 774 23.59 36.46 5.53
CA GLN C 774 24.94 36.60 4.99
C GLN C 774 25.23 38.01 4.49
N ASP C 775 24.23 38.77 4.10
CA ASP C 775 24.44 40.14 3.69
C ASP C 775 24.56 41.07 4.89
N LYS C 776 23.86 40.78 5.96
CA LYS C 776 23.97 41.54 7.18
C LYS C 776 25.30 41.32 7.87
N ASN C 777 25.86 40.11 7.78
CA ASN C 777 27.22 39.87 8.23
C ASN C 777 28.20 40.86 7.61
N THR C 778 28.14 41.00 6.28
CA THR C 778 29.07 41.86 5.55
C THR C 778 28.80 43.33 5.77
N GLN C 779 27.54 43.73 5.86
CA GLN C 779 27.21 45.11 6.19
C GLN C 779 27.75 45.47 7.57
N GLU C 780 27.67 44.55 8.53
CA GLU C 780 28.15 44.86 9.86
C GLU C 780 29.67 44.90 9.95
N VAL C 781 30.39 44.12 9.14
CA VAL C 781 31.84 44.21 9.22
C VAL C 781 32.36 45.44 8.47
N PHE C 782 31.87 45.69 7.27
CA PHE C 782 32.57 46.64 6.39
C PHE C 782 31.94 48.03 6.30
N ALA C 783 30.63 48.17 6.37
CA ALA C 783 30.00 49.48 6.20
C ALA C 783 29.96 50.23 7.53
N GLN C 784 31.14 50.38 8.12
CA GLN C 784 31.34 51.03 9.40
C GLN C 784 31.84 52.45 9.25
N VAL C 785 31.46 53.13 8.18
CA VAL C 785 32.02 54.45 7.91
C VAL C 785 30.96 55.29 7.25
N LYS C 786 30.88 56.55 7.67
CA LYS C 786 29.88 57.47 7.13
C LYS C 786 30.23 57.89 5.71
N GLN C 787 31.42 58.44 5.53
CA GLN C 787 31.84 59.02 4.28
C GLN C 787 32.84 58.10 3.61
N ILE C 788 33.08 58.34 2.33
CA ILE C 788 34.11 57.62 1.59
C ILE C 788 35.31 58.54 1.53
N TYR C 789 36.27 58.31 2.42
CA TYR C 789 37.43 59.16 2.56
C TYR C 789 38.50 58.84 1.53
N LYS C 790 39.25 59.86 1.13
CA LYS C 790 40.32 59.73 0.16
C LYS C 790 41.64 60.25 0.74
N THR C 791 42.73 59.60 0.36
CA THR C 791 44.05 60.08 0.71
C THR C 791 44.46 61.23 -0.21
N PRO C 792 45.28 62.16 0.28
CA PRO C 792 45.72 63.26 -0.56
C PRO C 792 46.72 62.79 -1.60
N PRO C 793 46.90 63.54 -2.69
CA PRO C 793 47.78 63.09 -3.77
C PRO C 793 49.26 62.95 -3.39
N ILE C 794 49.74 63.71 -2.40
CA ILE C 794 51.09 63.50 -1.87
C ILE C 794 51.09 62.26 -1.00
N LYS C 795 52.26 61.83 -0.57
CA LYS C 795 52.34 60.74 0.39
C LYS C 795 53.35 61.07 1.48
N ASP C 796 53.36 62.30 1.95
CA ASP C 796 54.31 62.73 2.98
C ASP C 796 53.75 62.29 4.33
N PHE C 797 54.10 61.06 4.75
CA PHE C 797 53.62 60.50 6.00
C PHE C 797 54.72 60.29 7.01
N GLY C 798 55.71 61.17 7.05
CA GLY C 798 56.76 61.06 8.03
C GLY C 798 57.76 59.96 7.78
N GLY C 799 57.93 59.53 6.55
CA GLY C 799 58.79 58.43 6.24
C GLY C 799 58.10 57.08 6.21
N PHE C 800 56.84 57.02 6.58
CA PHE C 800 56.07 55.78 6.53
C PHE C 800 55.49 55.60 5.13
N ASN C 801 55.49 54.36 4.66
CA ASN C 801 55.20 54.04 3.28
C ASN C 801 54.06 53.03 3.26
N PHE C 802 52.91 53.44 2.75
CA PHE C 802 51.70 52.61 2.78
C PHE C 802 51.34 52.12 1.39
N SER C 803 52.28 52.12 0.45
CA SER C 803 51.93 51.90 -0.94
C SER C 803 51.44 50.49 -1.22
N GLN C 804 51.87 49.51 -0.45
CA GLN C 804 51.43 48.14 -0.70
C GLN C 804 50.02 47.87 -0.21
N ILE C 805 49.42 48.77 0.54
CA ILE C 805 48.07 48.57 1.06
C ILE C 805 47.11 49.67 0.66
N LEU C 806 47.54 50.64 -0.07
CA LEU C 806 46.62 51.59 -0.65
C LEU C 806 46.15 51.12 -2.02
N PRO C 807 44.99 51.59 -2.49
CA PRO C 807 44.45 51.05 -3.73
C PRO C 807 45.31 51.34 -4.95
N ASP C 808 45.20 50.46 -5.95
CA ASP C 808 45.99 50.52 -7.16
C ASP C 808 45.18 51.18 -8.26
N PRO C 809 45.50 52.41 -8.67
CA PRO C 809 44.64 53.12 -9.64
C PRO C 809 44.65 52.49 -11.03
N SER C 810 45.63 51.66 -11.36
CA SER C 810 45.70 51.01 -12.67
C SER C 810 45.06 49.63 -12.64
N LYS C 811 43.76 49.56 -12.34
CA LYS C 811 43.05 48.30 -12.27
C LYS C 811 41.56 48.57 -12.41
N PRO C 812 40.80 47.62 -12.98
CA PRO C 812 39.34 47.74 -12.93
C PRO C 812 38.78 47.59 -11.52
N SER C 813 39.39 46.72 -10.72
CA SER C 813 38.90 46.45 -9.37
C SER C 813 39.43 47.45 -8.34
N LYS C 814 40.53 48.13 -8.63
CA LYS C 814 41.12 49.12 -7.72
C LYS C 814 41.52 48.51 -6.38
N ARG C 815 41.92 47.25 -6.38
CA ARG C 815 42.39 46.63 -5.16
C ARG C 815 43.82 47.04 -4.88
N SER C 816 44.29 46.74 -3.70
CA SER C 816 45.68 46.99 -3.37
C SER C 816 46.52 45.78 -3.75
N PRO C 817 47.83 45.93 -3.61
CA PRO C 817 48.75 44.86 -3.93
C PRO C 817 48.50 43.63 -3.07
N ILE C 818 48.28 43.84 -1.78
CA ILE C 818 48.09 42.72 -0.87
C ILE C 818 46.69 42.13 -1.02
N GLU C 819 45.72 42.94 -1.38
CA GLU C 819 44.39 42.42 -1.70
C GLU C 819 44.37 41.67 -3.01
N ASP C 820 45.26 41.98 -3.94
CA ASP C 820 45.44 41.16 -5.13
C ASP C 820 46.12 39.85 -4.83
N LEU C 821 47.11 39.85 -3.93
CA LEU C 821 47.69 38.59 -3.52
C LEU C 821 46.68 37.68 -2.82
N LEU C 822 45.79 38.26 -2.00
CA LEU C 822 44.85 37.42 -1.27
C LEU C 822 43.77 36.83 -2.17
N PHE C 823 43.44 37.49 -3.28
CA PHE C 823 42.37 36.98 -4.13
C PHE C 823 42.84 35.95 -5.14
N ASN C 824 44.14 35.68 -5.21
CA ASN C 824 44.66 34.62 -6.06
C ASN C 824 45.03 33.38 -5.28
N LYS C 825 44.78 33.36 -3.98
CA LYS C 825 45.10 32.21 -3.15
C LYS C 825 43.87 31.47 -2.65
N VAL C 826 42.68 32.05 -2.77
CA VAL C 826 41.48 31.38 -2.32
C VAL C 826 40.55 31.09 -3.49
N LYS C 854 24.10 24.87 -13.08
CA LYS C 854 22.70 24.59 -12.85
C LYS C 854 22.47 23.12 -12.55
N PHE C 855 21.48 22.83 -11.71
CA PHE C 855 21.25 21.49 -11.22
C PHE C 855 19.78 21.25 -10.91
N ASN C 856 19.52 20.21 -10.12
CA ASN C 856 18.16 19.73 -9.84
C ASN C 856 17.43 20.58 -8.82
N GLY C 857 17.25 21.87 -9.10
CA GLY C 857 16.62 22.78 -8.17
C GLY C 857 17.56 23.60 -7.34
N LEU C 858 18.87 23.45 -7.53
CA LEU C 858 19.86 24.17 -6.74
C LEU C 858 20.23 25.48 -7.43
N THR C 859 20.36 26.53 -6.62
CA THR C 859 20.63 27.88 -7.13
C THR C 859 21.60 28.59 -6.19
N VAL C 860 22.46 29.42 -6.75
CA VAL C 860 23.36 30.27 -6.00
C VAL C 860 23.01 31.73 -6.27
N LEU C 861 22.64 32.45 -5.25
CA LEU C 861 22.36 33.87 -5.38
C LEU C 861 23.63 34.69 -5.25
N PRO C 862 23.70 35.84 -5.90
CA PRO C 862 24.88 36.69 -5.75
C PRO C 862 24.78 37.58 -4.53
N PRO C 863 25.91 37.95 -3.92
CA PRO C 863 25.88 38.89 -2.80
C PRO C 863 25.41 40.27 -3.21
N LEU C 864 24.82 40.99 -2.25
CA LEU C 864 24.31 42.33 -2.52
C LEU C 864 25.45 43.29 -2.83
N LEU C 865 26.53 43.22 -2.07
CA LEU C 865 27.71 44.02 -2.33
C LEU C 865 28.66 43.26 -3.24
N THR C 866 29.02 43.87 -4.36
CA THR C 866 30.17 43.43 -5.12
C THR C 866 31.42 43.53 -4.24
N ASP C 867 32.49 42.87 -4.66
CA ASP C 867 33.71 43.06 -3.90
C ASP C 867 34.52 44.26 -4.36
N GLU C 868 34.14 44.89 -5.46
CA GLU C 868 34.57 46.25 -5.70
C GLU C 868 34.09 47.21 -4.62
N MET C 869 32.83 47.11 -4.26
CA MET C 869 32.28 47.87 -3.16
C MET C 869 32.96 47.58 -1.83
N ILE C 870 33.31 46.32 -1.59
CA ILE C 870 34.00 45.97 -0.35
C ILE C 870 35.40 46.56 -0.34
N ALA C 871 36.10 46.49 -1.47
CA ALA C 871 37.41 47.11 -1.55
C ALA C 871 37.33 48.62 -1.40
N GLN C 872 36.24 49.21 -1.84
CA GLN C 872 36.04 50.65 -1.67
C GLN C 872 35.70 51.04 -0.25
N TYR C 873 35.01 50.18 0.50
CA TYR C 873 34.85 50.42 1.93
C TYR C 873 36.18 50.30 2.67
N THR C 874 36.99 49.30 2.32
CA THR C 874 38.24 49.11 3.05
C THR C 874 39.24 50.21 2.78
N SER C 875 39.34 50.71 1.56
CA SER C 875 40.25 51.81 1.30
C SER C 875 39.85 53.10 2.00
N ALA C 876 38.56 53.32 2.20
CA ALA C 876 38.09 54.49 2.93
C ALA C 876 38.36 54.36 4.41
N LEU C 877 38.19 53.17 4.98
CA LEU C 877 38.64 52.94 6.34
C LEU C 877 40.12 53.18 6.50
N LEU C 878 40.91 52.81 5.49
CA LEU C 878 42.35 53.04 5.57
C LEU C 878 42.73 54.50 5.51
N ALA C 879 42.17 55.26 4.59
CA ALA C 879 42.41 56.68 4.48
C ALA C 879 41.89 57.47 5.67
N GLY C 880 40.84 57.01 6.33
CA GLY C 880 40.41 57.64 7.56
C GLY C 880 41.45 57.52 8.65
N THR C 881 42.02 56.33 8.81
CA THR C 881 43.04 56.08 9.82
C THR C 881 44.35 56.79 9.54
N ILE C 882 44.81 56.81 8.30
CA ILE C 882 46.12 57.39 8.02
C ILE C 882 46.07 58.91 8.10
N THR C 883 44.90 59.49 7.99
CA THR C 883 44.77 60.93 7.92
C THR C 883 44.20 61.55 9.19
N SER C 884 43.41 60.82 9.96
CA SER C 884 42.75 61.40 11.11
C SER C 884 42.91 60.61 12.39
N GLY C 885 43.67 59.53 12.37
CA GLY C 885 43.85 58.74 13.57
C GLY C 885 42.60 58.02 13.99
N TRP C 886 42.06 58.38 15.16
CA TRP C 886 40.85 57.77 15.65
C TRP C 886 39.68 58.73 15.75
N THR C 887 39.80 59.92 15.19
CA THR C 887 38.75 60.90 15.36
C THR C 887 37.56 60.65 14.46
N PHE C 888 37.78 60.05 13.30
CA PHE C 888 36.67 59.77 12.39
C PHE C 888 35.78 58.65 12.89
N GLY C 889 36.23 57.84 13.84
CA GLY C 889 35.39 56.81 14.41
C GLY C 889 34.48 57.29 15.51
N ALA C 890 34.66 58.52 15.97
CA ALA C 890 33.82 59.09 17.02
C ALA C 890 33.06 60.33 16.57
N GLY C 891 33.26 60.78 15.35
CA GLY C 891 32.58 61.96 14.86
C GLY C 891 33.15 62.38 13.52
N PRO C 892 33.35 63.67 13.34
CA PRO C 892 33.94 64.17 12.12
C PRO C 892 35.45 63.95 12.12
N ALA C 893 36.00 63.71 10.95
CA ALA C 893 37.42 63.42 10.81
C ALA C 893 38.21 64.71 11.00
N LEU C 894 39.18 64.67 11.91
CA LEU C 894 40.03 65.81 12.21
C LEU C 894 41.45 65.44 11.83
N GLN C 895 42.00 66.15 10.85
CA GLN C 895 43.33 65.82 10.37
C GLN C 895 44.38 66.11 11.44
N ILE C 896 45.46 65.34 11.41
CA ILE C 896 46.59 65.47 12.30
C ILE C 896 47.77 64.91 11.52
N PRO C 897 48.99 65.42 11.65
CA PRO C 897 50.13 64.81 10.95
C PRO C 897 50.46 63.44 11.49
N PHE C 898 50.94 62.55 10.61
CA PHE C 898 51.05 61.14 10.96
C PHE C 898 52.07 60.88 12.06
N PRO C 899 53.20 61.59 12.07
CA PRO C 899 54.15 61.39 13.15
C PRO C 899 53.57 61.82 14.49
N MET C 900 52.77 62.87 14.53
CA MET C 900 52.18 63.29 15.79
C MET C 900 51.11 62.32 16.26
N GLN C 901 50.41 61.68 15.33
CA GLN C 901 49.47 60.64 15.70
C GLN C 901 50.19 59.40 16.22
N MET C 902 51.31 59.05 15.60
CA MET C 902 52.16 57.98 16.09
C MET C 902 52.69 58.27 17.48
N ALA C 903 52.98 59.53 17.77
CA ALA C 903 53.42 59.93 19.09
C ALA C 903 52.31 59.90 20.12
N TYR C 904 51.07 60.23 19.73
CA TYR C 904 49.92 60.02 20.62
C TYR C 904 49.76 58.56 20.97
N ARG C 905 49.95 57.67 20.00
CA ARG C 905 49.81 56.24 20.24
C ARG C 905 50.93 55.69 21.09
N PHE C 906 52.14 56.23 20.99
CA PHE C 906 53.19 55.82 21.91
C PHE C 906 52.86 56.17 23.36
N ASN C 907 52.16 57.27 23.57
CA ASN C 907 51.67 57.60 24.90
C ASN C 907 50.66 56.60 25.42
N GLY C 908 49.85 56.02 24.52
CA GLY C 908 48.80 55.13 24.94
C GLY C 908 49.32 53.80 25.45
N ILE C 909 50.52 53.42 25.04
CA ILE C 909 51.14 52.21 25.57
C ILE C 909 52.14 52.53 26.69
N GLY C 910 52.19 53.76 27.16
CA GLY C 910 53.04 54.10 28.27
C GLY C 910 54.47 54.42 27.95
N VAL C 911 54.77 54.81 26.73
CA VAL C 911 56.09 55.28 26.37
C VAL C 911 56.02 56.78 26.18
N THR C 912 57.06 57.46 26.58
CA THR C 912 57.10 58.91 26.51
C THR C 912 57.37 59.34 25.08
N GLN C 913 56.77 60.44 24.65
CA GLN C 913 56.61 60.66 23.23
C GLN C 913 57.85 61.23 22.54
N ASN C 914 58.88 61.63 23.26
CA ASN C 914 60.14 61.92 22.59
C ASN C 914 60.86 60.68 22.14
N VAL C 915 60.55 59.52 22.71
CA VAL C 915 61.11 58.28 22.23
C VAL C 915 60.72 58.04 20.78
N LEU C 916 59.58 58.56 20.35
CA LEU C 916 59.21 58.45 18.95
C LEU C 916 59.93 59.47 18.09
N TYR C 917 59.96 60.72 18.52
CA TYR C 917 60.50 61.77 17.67
C TYR C 917 61.99 61.66 17.51
N GLU C 918 62.69 61.12 18.50
CA GLU C 918 64.12 60.93 18.41
C GLU C 918 64.51 59.66 17.69
N ASN C 919 63.55 58.81 17.34
CA ASN C 919 63.81 57.55 16.66
C ASN C 919 62.93 57.38 15.43
N GLN C 920 62.36 58.48 14.94
CA GLN C 920 61.42 58.44 13.83
C GLN C 920 61.91 57.63 12.63
N LYS C 921 63.13 57.86 12.16
CA LYS C 921 63.61 57.17 10.98
C LYS C 921 63.75 55.67 11.20
N LEU C 922 64.32 55.28 12.33
CA LEU C 922 64.44 53.86 12.64
C LEU C 922 63.07 53.21 12.75
N ILE C 923 62.11 53.90 13.37
CA ILE C 923 60.78 53.32 13.55
C ILE C 923 60.08 53.16 12.22
N ALA C 924 60.23 54.14 11.32
CA ALA C 924 59.66 54.06 9.99
C ALA C 924 60.30 52.97 9.14
N ASN C 925 61.62 52.81 9.20
CA ASN C 925 62.28 51.69 8.54
C ASN C 925 61.81 50.34 9.05
N GLN C 926 61.67 50.16 10.36
CA GLN C 926 61.16 48.91 10.87
C GLN C 926 59.74 48.62 10.41
N PHE C 927 58.86 49.62 10.43
CA PHE C 927 57.54 49.42 9.86
C PHE C 927 57.62 48.97 8.40
N ASN C 928 58.44 49.65 7.61
CA ASN C 928 58.52 49.36 6.18
C ASN C 928 59.05 47.95 5.91
N SER C 929 60.06 47.51 6.64
CA SER C 929 60.54 46.15 6.48
C SER C 929 59.51 45.11 6.94
N ALA C 930 58.80 45.35 8.04
CA ALA C 930 57.77 44.42 8.46
C ALA C 930 56.62 44.34 7.46
N ILE C 931 56.30 45.44 6.79
CA ILE C 931 55.25 45.38 5.78
C ILE C 931 55.75 44.63 4.56
N GLY C 932 57.01 44.82 4.21
CA GLY C 932 57.59 44.05 3.12
C GLY C 932 57.63 42.56 3.37
N LYS C 933 57.85 42.13 4.62
CA LYS C 933 57.89 40.71 4.89
C LYS C 933 56.53 40.03 4.74
N ILE C 934 55.44 40.77 4.78
CA ILE C 934 54.12 40.14 4.77
C ILE C 934 53.81 39.56 3.40
N GLN C 935 54.12 40.30 2.33
CA GLN C 935 53.91 39.74 1.00
C GLN C 935 54.73 38.47 0.78
N ASP C 936 56.01 38.48 1.13
CA ASP C 936 56.81 37.27 1.03
C ASP C 936 56.21 36.13 1.85
N SER C 937 55.75 36.42 3.06
CA SER C 937 55.07 35.39 3.83
C SER C 937 53.74 34.99 3.22
N LEU C 938 53.24 35.74 2.24
CA LEU C 938 51.98 35.41 1.59
C LEU C 938 52.21 34.78 0.21
N SER C 939 52.91 35.47 -0.66
CA SER C 939 53.21 34.93 -1.99
C SER C 939 54.39 33.98 -1.97
N ALA C 944 48.01 29.58 6.21
CA ALA C 944 47.74 30.98 5.93
C ALA C 944 46.24 31.21 5.78
N LEU C 945 45.76 31.12 4.55
CA LEU C 945 44.35 31.34 4.24
C LEU C 945 43.56 30.04 4.26
N GLY C 946 43.96 29.08 5.09
CA GLY C 946 43.20 27.86 5.24
C GLY C 946 41.87 28.05 5.93
N LYS C 947 41.73 29.06 6.79
CA LYS C 947 40.45 29.30 7.43
C LYS C 947 39.38 29.75 6.44
N LEU C 948 39.79 30.40 5.36
CA LEU C 948 38.85 30.77 4.33
C LEU C 948 38.61 29.66 3.33
N GLN C 949 39.59 28.78 3.14
CA GLN C 949 39.40 27.64 2.25
C GLN C 949 38.51 26.59 2.87
N ASP C 950 38.61 26.36 4.18
CA ASP C 950 37.74 25.39 4.85
C ASP C 950 36.27 25.68 4.68
N VAL C 951 35.84 26.94 4.75
CA VAL C 951 34.43 27.23 4.62
C VAL C 951 33.93 26.86 3.23
N VAL C 952 34.67 27.28 2.20
CA VAL C 952 34.34 26.94 0.82
C VAL C 952 34.33 25.44 0.61
N ASN C 953 35.31 24.73 1.17
CA ASN C 953 35.40 23.29 0.99
C ASN C 953 34.24 22.57 1.66
N GLN C 954 33.96 22.90 2.91
CA GLN C 954 32.85 22.25 3.60
C GLN C 954 31.52 22.52 2.92
N ASN C 955 31.34 23.72 2.37
CA ASN C 955 30.06 23.96 1.71
C ASN C 955 29.96 23.22 0.38
N ALA C 956 31.02 23.23 -0.43
CA ALA C 956 30.95 22.51 -1.69
C ALA C 956 30.78 21.02 -1.47
N GLN C 957 31.47 20.46 -0.47
CA GLN C 957 31.36 19.06 -0.18
C GLN C 957 30.00 18.68 0.39
N ALA C 958 29.36 19.57 1.14
CA ALA C 958 28.01 19.26 1.60
C ALA C 958 26.98 19.40 0.49
N LEU C 959 27.25 20.22 -0.52
CA LEU C 959 26.35 20.30 -1.66
C LEU C 959 26.53 19.18 -2.66
N ASN C 960 27.71 18.57 -2.70
CA ASN C 960 27.94 17.42 -3.57
C ASN C 960 27.23 16.17 -3.07
N THR C 961 27.15 15.98 -1.75
CA THR C 961 26.44 14.86 -1.16
C THR C 961 24.94 14.88 -1.42
N LEU C 962 24.32 16.06 -1.39
CA LEU C 962 22.90 16.17 -1.69
C LEU C 962 22.58 15.72 -3.10
N VAL C 963 23.44 16.05 -4.06
CA VAL C 963 23.21 15.62 -5.43
C VAL C 963 23.50 14.13 -5.57
N LYS C 964 24.54 13.62 -4.92
CA LYS C 964 24.81 12.20 -5.02
C LYS C 964 23.73 11.34 -4.38
N GLN C 965 23.00 11.86 -3.40
CA GLN C 965 21.92 11.12 -2.78
C GLN C 965 20.72 10.92 -3.68
N LEU C 966 20.72 11.44 -4.90
CA LEU C 966 19.59 11.25 -5.78
C LEU C 966 19.67 9.96 -6.57
N SER C 967 20.85 9.35 -6.65
CA SER C 967 20.95 8.02 -7.24
C SER C 967 21.02 6.95 -6.16
N SER C 968 19.99 6.84 -5.33
CA SER C 968 19.85 5.76 -4.37
C SER C 968 18.40 5.36 -4.35
N ASN C 969 18.12 4.05 -4.30
CA ASN C 969 16.71 3.64 -4.36
C ASN C 969 16.02 3.75 -3.02
N PHE C 970 16.76 3.73 -1.93
CA PHE C 970 16.21 3.69 -0.58
C PHE C 970 15.30 2.50 -0.37
N GLY C 971 15.55 1.41 -1.08
CA GLY C 971 14.73 0.23 -0.95
C GLY C 971 13.57 0.14 -1.90
N ALA C 972 13.62 0.86 -3.01
CA ALA C 972 12.68 0.71 -4.10
C ALA C 972 13.37 -0.08 -5.20
N ILE C 973 12.68 -0.33 -6.31
CA ILE C 973 13.32 -1.13 -7.35
C ILE C 973 14.43 -0.34 -8.03
N SER C 974 14.21 0.94 -8.30
CA SER C 974 15.23 1.77 -8.92
C SER C 974 15.19 3.14 -8.31
N SER C 975 16.05 4.03 -8.81
CA SER C 975 16.20 5.36 -8.26
C SER C 975 15.86 6.44 -9.28
N VAL C 976 15.21 6.08 -10.37
CA VAL C 976 14.87 7.03 -11.43
C VAL C 976 13.37 6.96 -11.66
N LEU C 977 12.69 8.10 -11.45
CA LEU C 977 11.25 8.17 -11.31
C LEU C 977 10.48 7.79 -12.57
N ASN C 978 11.15 7.60 -13.70
CA ASN C 978 10.45 7.14 -14.89
C ASN C 978 10.42 5.63 -15.01
N ASP C 979 11.58 4.98 -14.82
CA ASP C 979 11.63 3.54 -14.99
C ASP C 979 10.78 2.82 -13.96
N ILE C 980 10.62 3.40 -12.77
CA ILE C 980 9.67 2.84 -11.82
C ILE C 980 8.28 3.05 -12.37
N LEU C 981 8.09 4.15 -13.09
CA LEU C 981 6.75 4.55 -13.49
C LEU C 981 6.30 3.93 -14.81
N SER C 982 7.21 3.48 -15.66
CA SER C 982 6.85 2.90 -16.95
C SER C 982 7.07 1.41 -16.91
N ARG C 983 7.18 0.84 -15.73
CA ARG C 983 7.31 -0.61 -15.60
C ARG C 983 6.40 -1.14 -14.51
N LEU C 984 5.51 -0.28 -14.01
CA LEU C 984 4.48 -0.74 -13.08
C LEU C 984 3.24 0.13 -13.29
N ASP C 985 2.11 -0.37 -12.78
CA ASP C 985 0.85 0.35 -12.85
C ASP C 985 0.53 0.99 -11.51
N PRO C 986 -0.31 2.03 -11.49
CA PRO C 986 -0.27 3.04 -10.41
C PRO C 986 -0.26 2.44 -9.00
N PRO C 987 -1.19 1.55 -8.65
CA PRO C 987 -1.20 1.10 -7.24
C PRO C 987 0.04 0.32 -6.88
N GLU C 988 0.74 -0.21 -7.87
CA GLU C 988 2.03 -0.84 -7.62
C GLU C 988 3.17 0.17 -7.55
N ALA C 989 3.07 1.26 -8.31
CA ALA C 989 4.16 2.22 -8.38
C ALA C 989 4.15 3.21 -7.23
N GLU C 990 2.96 3.65 -6.80
CA GLU C 990 2.84 4.55 -5.67
C GLU C 990 3.60 4.04 -4.44
N VAL C 991 3.64 2.73 -4.24
CA VAL C 991 4.39 2.18 -3.11
C VAL C 991 5.87 2.49 -3.21
N GLN C 992 6.47 2.32 -4.39
CA GLN C 992 7.89 2.60 -4.53
C GLN C 992 8.17 4.09 -4.53
N ILE C 993 7.28 4.88 -5.11
CA ILE C 993 7.50 6.31 -5.17
C ILE C 993 7.44 6.91 -3.77
N ASP C 994 6.63 6.34 -2.88
CA ASP C 994 6.65 6.84 -1.52
C ASP C 994 7.96 6.55 -0.80
N ARG C 995 8.60 5.41 -1.05
CA ARG C 995 9.92 5.16 -0.49
C ARG C 995 10.98 6.13 -1.02
N LEU C 996 10.98 6.35 -2.33
CA LEU C 996 11.86 7.36 -2.90
C LEU C 996 11.64 8.73 -2.27
N ILE C 997 10.39 9.13 -2.11
CA ILE C 997 10.09 10.43 -1.51
C ILE C 997 10.62 10.50 -0.08
N THR C 998 10.41 9.45 0.70
CA THR C 998 10.87 9.48 2.07
C THR C 998 12.37 9.65 2.17
N GLY C 999 13.13 8.89 1.37
CA GLY C 999 14.57 9.06 1.38
C GLY C 999 15.02 10.43 0.95
N ARG C 1000 14.45 10.95 -0.14
CA ARG C 1000 14.89 12.24 -0.64
C ARG C 1000 14.49 13.40 0.26
N LEU C 1001 13.42 13.27 1.02
CA LEU C 1001 13.09 14.28 1.99
C LEU C 1001 13.99 14.23 3.22
N GLN C 1002 14.36 13.04 3.66
CA GLN C 1002 15.34 12.91 4.74
C GLN C 1002 16.68 13.54 4.37
N SER C 1003 17.15 13.35 3.14
CA SER C 1003 18.41 13.95 2.73
C SER C 1003 18.37 15.46 2.79
N LEU C 1004 17.30 16.07 2.32
CA LEU C 1004 17.16 17.50 2.34
C LEU C 1004 17.05 18.06 3.75
N GLN C 1005 16.40 17.35 4.66
CA GLN C 1005 16.38 17.81 6.04
C GLN C 1005 17.76 17.78 6.68
N THR C 1006 18.51 16.71 6.44
CA THR C 1006 19.88 16.67 6.93
C THR C 1006 20.70 17.85 6.40
N TYR C 1007 20.57 18.13 5.10
CA TYR C 1007 21.30 19.25 4.51
C TYR C 1007 20.93 20.57 5.18
N VAL C 1008 19.64 20.85 5.33
CA VAL C 1008 19.23 22.15 5.84
C VAL C 1008 19.61 22.31 7.31
N THR C 1009 19.48 21.25 8.12
CA THR C 1009 19.86 21.35 9.52
C THR C 1009 21.34 21.65 9.67
N GLN C 1010 22.18 21.00 8.87
CA GLN C 1010 23.60 21.33 8.95
C GLN C 1010 23.95 22.71 8.43
N GLN C 1011 23.24 23.21 7.43
CA GLN C 1011 23.48 24.60 7.03
C GLN C 1011 23.09 25.58 8.12
N LEU C 1012 22.02 25.30 8.85
CA LEU C 1012 21.65 26.13 9.98
C LEU C 1012 22.70 26.11 11.08
N ILE C 1013 23.29 24.95 11.35
CA ILE C 1013 24.32 24.89 12.39
C ILE C 1013 25.61 25.54 11.92
N ARG C 1014 25.91 25.43 10.64
CA ARG C 1014 27.12 26.04 10.10
C ARG C 1014 27.01 27.54 9.90
N ALA C 1015 25.81 28.09 9.75
CA ALA C 1015 25.69 29.52 9.60
C ALA C 1015 25.80 30.26 10.93
N ALA C 1016 25.37 29.65 12.01
CA ALA C 1016 25.53 30.23 13.33
C ALA C 1016 26.99 30.31 13.76
N GLU C 1017 27.84 29.47 13.21
CA GLU C 1017 29.27 29.54 13.43
C GLU C 1017 29.94 30.64 12.63
N ILE C 1018 29.41 30.94 11.45
CA ILE C 1018 29.92 32.02 10.61
C ILE C 1018 29.48 33.36 11.17
N ARG C 1019 28.32 33.39 11.81
CA ARG C 1019 27.82 34.61 12.40
C ARG C 1019 28.62 35.01 13.63
N ALA C 1020 29.01 34.04 14.46
CA ALA C 1020 29.85 34.34 15.61
C ALA C 1020 31.21 34.85 15.19
N SER C 1021 31.67 34.49 14.01
CA SER C 1021 32.94 34.95 13.47
C SER C 1021 32.85 36.33 12.88
N ALA C 1022 31.80 36.63 12.15
CA ALA C 1022 31.56 37.98 11.66
C ALA C 1022 31.29 38.96 12.80
N ASN C 1023 30.73 38.51 13.92
CA ASN C 1023 30.58 39.36 15.09
C ASN C 1023 31.90 39.72 15.73
N LEU C 1024 32.83 38.77 15.81
CA LEU C 1024 34.18 39.03 16.26
C LEU C 1024 34.93 39.96 15.32
N ALA C 1025 34.74 39.81 14.02
CA ALA C 1025 35.31 40.74 13.06
C ALA C 1025 34.78 42.16 13.20
N ALA C 1026 33.48 42.34 13.40
CA ALA C 1026 32.94 43.67 13.61
C ALA C 1026 33.52 44.37 14.83
N THR C 1027 33.67 43.64 15.95
CA THR C 1027 34.29 44.16 17.15
C THR C 1027 35.75 44.49 16.94
N LYS C 1028 36.49 43.66 16.21
CA LYS C 1028 37.86 44.00 15.87
C LYS C 1028 37.95 45.22 14.98
N MET C 1029 37.07 45.37 14.00
CA MET C 1029 37.14 46.54 13.15
C MET C 1029 36.83 47.80 13.94
N SER C 1030 35.93 47.71 14.91
CA SER C 1030 35.63 48.86 15.74
C SER C 1030 36.77 49.20 16.69
N GLU C 1031 37.34 48.19 17.31
CA GLU C 1031 38.23 48.42 18.44
C GLU C 1031 39.71 48.40 18.11
N CYS C 1032 40.09 47.87 16.95
CA CYS C 1032 41.51 47.80 16.61
C CYS C 1032 41.85 48.67 15.40
N VAL C 1033 40.84 49.04 14.64
CA VAL C 1033 41.04 49.87 13.46
C VAL C 1033 40.55 51.28 13.71
N LEU C 1034 39.43 51.44 14.39
CA LEU C 1034 38.89 52.74 14.74
C LEU C 1034 39.34 53.23 16.10
N GLY C 1035 40.21 52.50 16.78
CA GLY C 1035 40.76 52.99 18.02
C GLY C 1035 42.01 52.23 18.39
N GLN C 1036 42.52 52.54 19.58
CA GLN C 1036 43.64 51.83 20.17
C GLN C 1036 43.16 51.01 21.35
N SER C 1037 43.54 49.74 21.39
CA SER C 1037 43.03 48.81 22.38
C SER C 1037 44.04 48.57 23.49
N LYS C 1038 43.54 48.42 24.70
CA LYS C 1038 44.35 48.01 25.84
C LYS C 1038 44.07 46.58 26.27
N ARG C 1039 43.10 45.91 25.64
CA ARG C 1039 42.84 44.50 25.87
C ARG C 1039 44.00 43.65 25.38
N VAL C 1040 44.52 42.78 26.24
CA VAL C 1040 45.74 42.04 25.95
C VAL C 1040 45.46 40.95 24.93
N ASP C 1041 46.21 40.96 23.84
CA ASP C 1041 46.12 39.97 22.78
C ASP C 1041 44.89 40.03 21.89
N PHE C 1042 44.16 41.13 21.95
CA PHE C 1042 42.96 41.27 21.14
C PHE C 1042 43.34 41.75 19.74
N CYS C 1043 44.48 42.42 19.65
CA CYS C 1043 44.97 42.95 18.40
C CYS C 1043 46.44 42.59 18.17
N GLY C 1044 46.78 41.31 18.34
CA GLY C 1044 48.15 40.86 18.14
C GLY C 1044 48.97 40.69 19.40
N LYS C 1045 50.26 40.38 19.24
CA LYS C 1045 51.18 40.19 20.36
C LYS C 1045 52.03 41.44 20.53
N GLY C 1046 52.04 41.99 21.74
CA GLY C 1046 52.75 43.21 22.02
C GLY C 1046 51.77 44.26 22.45
N TYR C 1047 52.24 45.49 22.50
CA TYR C 1047 51.37 46.61 22.80
C TYR C 1047 50.79 47.19 21.53
N HIS C 1048 49.48 47.09 21.39
CA HIS C 1048 48.81 47.48 20.16
C HIS C 1048 49.08 48.93 19.83
N LEU C 1049 49.65 49.18 18.66
CA LEU C 1049 49.78 50.53 18.14
C LEU C 1049 48.63 50.87 17.21
N MET C 1050 48.47 50.13 16.12
CA MET C 1050 47.37 50.41 15.19
C MET C 1050 47.12 49.19 14.34
N SER C 1051 46.00 49.17 13.61
CA SER C 1051 45.64 48.03 12.77
C SER C 1051 45.04 48.53 11.46
N PHE C 1052 45.29 47.78 10.39
CA PHE C 1052 44.85 48.08 9.04
C PHE C 1052 44.02 46.93 8.47
N PRO C 1053 42.87 47.20 7.87
CA PRO C 1053 42.07 46.13 7.28
C PRO C 1053 42.30 45.93 5.79
N GLN C 1054 42.16 44.69 5.34
CA GLN C 1054 42.20 44.33 3.94
C GLN C 1054 41.08 43.33 3.68
N SER C 1055 40.48 43.39 2.51
CA SER C 1055 39.39 42.49 2.19
C SER C 1055 39.91 41.22 1.56
N ALA C 1056 39.34 40.09 1.94
CA ALA C 1056 39.71 38.81 1.35
C ALA C 1056 38.44 38.25 0.74
N PRO C 1057 38.47 37.14 0.01
CA PRO C 1057 37.22 36.55 -0.48
C PRO C 1057 36.45 35.86 0.62
N HIS C 1058 35.26 36.41 0.94
CA HIS C 1058 34.39 35.98 2.03
C HIS C 1058 34.98 36.26 3.40
N GLY C 1059 35.92 37.19 3.51
CA GLY C 1059 36.55 37.39 4.78
C GLY C 1059 37.29 38.69 4.88
N VAL C 1060 38.01 38.85 5.97
CA VAL C 1060 38.78 40.05 6.22
C VAL C 1060 40.13 39.65 6.81
N VAL C 1061 41.13 40.45 6.53
CA VAL C 1061 42.47 40.29 7.06
C VAL C 1061 42.81 41.57 7.82
N PHE C 1062 43.36 41.41 9.01
CA PHE C 1062 43.77 42.51 9.85
C PHE C 1062 45.27 42.46 9.97
N LEU C 1063 45.94 43.55 9.62
CA LEU C 1063 47.37 43.70 9.85
C LEU C 1063 47.54 44.53 11.11
N HIS C 1064 47.96 43.89 12.19
CA HIS C 1064 48.16 44.55 13.47
C HIS C 1064 49.61 44.99 13.61
N VAL C 1065 49.82 46.27 13.88
CA VAL C 1065 51.10 46.86 14.22
C VAL C 1065 51.19 46.98 15.74
N THR C 1066 52.21 46.34 16.32
CA THR C 1066 52.44 46.36 17.75
C THR C 1066 53.89 46.75 18.04
N TYR C 1067 54.12 47.09 19.30
CA TYR C 1067 55.41 47.50 19.86
C TYR C 1067 55.92 46.37 20.74
N VAL C 1068 57.13 45.90 20.48
CA VAL C 1068 57.69 44.79 21.25
C VAL C 1068 58.99 45.24 21.90
N PRO C 1069 59.13 45.20 23.22
CA PRO C 1069 60.38 45.63 23.84
C PRO C 1069 61.53 44.68 23.59
N ALA C 1070 62.76 45.20 23.60
CA ALA C 1070 63.91 44.42 23.18
C ALA C 1070 65.17 44.88 23.90
N GLN C 1071 66.10 43.94 24.06
CA GLN C 1071 67.45 44.20 24.57
C GLN C 1071 67.45 44.77 25.99
N GLU C 1072 66.99 43.96 26.94
CA GLU C 1072 66.89 44.44 28.30
C GLU C 1072 68.21 44.30 29.06
N LYS C 1073 68.40 45.19 30.03
CA LYS C 1073 69.49 45.10 30.99
C LYS C 1073 68.89 44.94 32.37
N ASN C 1074 69.67 44.36 33.28
CA ASN C 1074 69.25 44.22 34.66
C ASN C 1074 69.85 45.34 35.49
N PHE C 1075 69.16 45.70 36.55
CA PHE C 1075 69.53 46.78 37.45
C PHE C 1075 69.13 46.39 38.86
N THR C 1076 69.65 47.13 39.82
CA THR C 1076 69.20 47.12 41.20
C THR C 1076 68.09 48.13 41.35
N THR C 1077 67.16 47.88 42.25
CA THR C 1077 65.98 48.69 42.38
C THR C 1077 65.57 48.81 43.84
N ALA C 1078 64.67 49.74 44.11
CA ALA C 1078 64.21 50.03 45.46
C ALA C 1078 62.85 50.69 45.36
N PRO C 1079 62.00 50.50 46.34
CA PRO C 1079 60.66 51.09 46.26
C PRO C 1079 60.60 52.57 46.60
N ALA C 1080 61.41 53.03 47.54
CA ALA C 1080 61.37 54.43 47.96
C ALA C 1080 62.80 54.88 48.20
N ILE C 1081 62.96 56.16 48.53
CA ILE C 1081 64.27 56.72 48.84
C ILE C 1081 64.14 57.61 50.06
N CYS C 1082 65.05 57.47 51.01
CA CYS C 1082 64.95 58.22 52.25
C CYS C 1082 65.91 59.40 52.23
N HIS C 1083 65.38 60.57 52.55
CA HIS C 1083 66.16 61.81 52.55
C HIS C 1083 65.52 62.77 53.52
N ASP C 1084 66.32 63.33 54.43
CA ASP C 1084 65.85 64.21 55.50
C ASP C 1084 64.80 63.55 56.37
N GLY C 1085 64.83 62.24 56.52
CA GLY C 1085 63.80 61.56 57.28
C GLY C 1085 62.47 61.49 56.57
N LYS C 1086 62.45 61.66 55.26
CA LYS C 1086 61.22 61.55 54.49
C LYS C 1086 61.38 60.49 53.42
N ALA C 1087 60.28 59.81 53.12
CA ALA C 1087 60.25 58.79 52.07
C ALA C 1087 59.79 59.43 50.78
N HIS C 1088 60.48 59.11 49.68
CA HIS C 1088 60.18 59.64 48.36
C HIS C 1088 59.84 58.49 47.44
N PHE C 1089 58.83 58.65 46.70
CA PHE C 1089 58.30 57.71 45.74
C PHE C 1089 58.33 58.33 44.35
N PRO C 1090 58.55 57.54 43.31
CA PRO C 1090 58.54 58.12 41.97
C PRO C 1090 57.14 58.48 41.53
N ARG C 1091 57.05 59.59 40.80
CA ARG C 1091 55.75 60.02 40.27
C ARG C 1091 55.28 59.09 39.17
N GLU C 1092 56.08 58.92 38.13
CA GLU C 1092 56.01 57.79 37.22
C GLU C 1092 57.42 57.30 37.00
N GLY C 1093 57.59 56.00 36.94
CA GLY C 1093 58.90 55.43 36.75
C GLY C 1093 59.29 54.54 37.91
N VAL C 1094 60.52 54.03 37.83
CA VAL C 1094 61.14 53.24 38.88
C VAL C 1094 62.50 53.83 39.19
N PHE C 1095 62.90 53.74 40.45
CA PHE C 1095 64.26 54.03 40.86
C PHE C 1095 65.14 52.85 40.49
N VAL C 1096 66.22 53.09 39.77
CA VAL C 1096 67.18 52.06 39.40
C VAL C 1096 68.59 52.53 39.75
N SER C 1097 69.49 51.57 39.87
CA SER C 1097 70.88 51.85 40.20
C SER C 1097 71.78 51.19 39.17
N ASN C 1098 72.73 51.96 38.62
CA ASN C 1098 73.66 51.41 37.66
C ASN C 1098 74.88 50.76 38.31
N GLY C 1099 74.88 50.67 39.63
CA GLY C 1099 75.99 50.08 40.36
C GLY C 1099 76.43 50.99 41.49
N THR C 1100 76.46 52.29 41.23
CA THR C 1100 76.85 53.26 42.24
C THR C 1100 75.92 54.46 42.36
N HIS C 1101 75.11 54.75 41.36
CA HIS C 1101 74.26 55.94 41.35
C HIS C 1101 72.81 55.53 41.15
N TRP C 1102 71.90 56.39 41.58
CA TRP C 1102 70.47 56.15 41.51
C TRP C 1102 69.80 57.11 40.55
N PHE C 1103 68.86 56.60 39.76
CA PHE C 1103 68.12 57.37 38.77
C PHE C 1103 66.65 56.99 38.83
N VAL C 1104 65.80 57.82 38.21
CA VAL C 1104 64.43 57.47 37.88
C VAL C 1104 64.36 57.20 36.39
N THR C 1105 63.66 56.16 36.00
CA THR C 1105 63.39 55.92 34.58
C THR C 1105 61.93 55.63 34.38
N GLN C 1106 61.47 55.79 33.15
CA GLN C 1106 60.16 55.26 32.78
C GLN C 1106 60.24 53.74 32.66
N ARG C 1107 59.11 53.08 32.89
CA ARG C 1107 59.16 51.65 33.15
C ARG C 1107 59.37 50.79 31.91
N ASN C 1108 59.17 51.32 30.70
CA ASN C 1108 59.19 50.49 29.52
C ASN C 1108 60.33 50.78 28.57
N PHE C 1109 61.05 51.87 28.77
CA PHE C 1109 62.18 52.23 27.95
C PHE C 1109 63.22 52.85 28.86
N TYR C 1110 64.46 52.40 28.78
CA TYR C 1110 65.47 52.86 29.73
C TYR C 1110 65.96 54.26 29.36
N GLU C 1111 65.68 55.21 30.24
CA GLU C 1111 66.01 56.62 30.00
C GLU C 1111 66.21 57.28 31.34
N PRO C 1112 67.43 57.18 31.90
CA PRO C 1112 67.66 57.58 33.29
C PRO C 1112 67.85 59.07 33.50
N GLN C 1113 67.27 59.56 34.60
CA GLN C 1113 67.35 60.95 34.98
C GLN C 1113 67.69 61.07 36.45
N ILE C 1114 68.13 62.26 36.87
CA ILE C 1114 68.54 62.40 38.26
C ILE C 1114 67.31 62.74 39.11
N ILE C 1115 67.32 62.25 40.34
CA ILE C 1115 66.15 62.29 41.21
C ILE C 1115 66.03 63.67 41.83
N THR C 1116 64.95 64.36 41.50
CA THR C 1116 64.67 65.70 41.99
C THR C 1116 63.35 65.71 42.71
N THR C 1117 62.93 66.89 43.16
CA THR C 1117 61.64 67.05 43.80
C THR C 1117 60.50 67.19 42.80
N ASP C 1118 60.80 67.21 41.50
CA ASP C 1118 59.79 67.25 40.47
C ASP C 1118 59.59 65.88 39.86
N ASN C 1119 60.48 64.97 40.17
CA ASN C 1119 60.44 63.58 39.78
C ASN C 1119 59.64 62.72 40.74
N THR C 1120 59.46 63.17 41.97
CA THR C 1120 59.05 62.32 43.07
C THR C 1120 57.94 63.01 43.82
N PHE C 1121 57.35 62.28 44.77
CA PHE C 1121 56.53 62.89 45.79
C PHE C 1121 56.89 62.28 47.13
N VAL C 1122 56.48 62.96 48.20
CA VAL C 1122 56.85 62.61 49.56
C VAL C 1122 55.63 62.04 50.25
N SER C 1123 55.86 61.08 51.14
CA SER C 1123 54.81 60.60 52.01
C SER C 1123 55.42 59.90 53.20
N GLY C 1124 55.19 60.40 54.40
CA GLY C 1124 55.64 59.76 55.61
C GLY C 1124 57.14 59.86 55.83
N ASN C 1125 57.59 59.12 56.83
CA ASN C 1125 59.00 59.07 57.19
C ASN C 1125 59.56 57.71 56.83
N CYS C 1126 60.87 57.62 56.75
CA CYS C 1126 61.50 56.39 56.28
C CYS C 1126 61.72 55.39 57.41
N ASP C 1127 60.65 54.81 57.92
CA ASP C 1127 60.72 53.80 58.97
C ASP C 1127 59.77 52.65 58.69
N VAL C 1128 58.87 52.83 57.72
CA VAL C 1128 57.75 51.93 57.50
C VAL C 1128 57.88 51.13 56.21
N VAL C 1129 58.66 51.58 55.26
CA VAL C 1129 58.76 50.93 53.97
C VAL C 1129 59.87 49.89 54.04
N ILE C 1130 59.58 48.70 53.52
CA ILE C 1130 60.51 47.58 53.53
C ILE C 1130 61.40 47.73 52.30
N GLY C 1131 62.69 47.89 52.51
CA GLY C 1131 63.64 48.02 51.44
C GLY C 1131 63.98 49.42 51.02
N ILE C 1132 63.72 50.42 51.87
CA ILE C 1132 64.02 51.80 51.54
C ILE C 1132 65.54 52.00 51.53
N VAL C 1133 65.99 52.96 50.73
CA VAL C 1133 67.40 53.16 50.46
C VAL C 1133 67.74 54.64 50.64
N ASN C 1134 68.97 54.90 51.06
CA ASN C 1134 69.44 56.25 51.30
C ASN C 1134 70.00 56.85 50.02
N ASN C 1135 69.58 58.07 49.71
CA ASN C 1135 70.17 58.84 48.62
C ASN C 1135 69.73 60.28 48.79
N THR C 1136 70.26 61.14 47.93
CA THR C 1136 69.98 62.55 47.99
C THR C 1136 68.98 62.92 46.90
N VAL C 1137 67.99 63.71 47.25
CA VAL C 1137 66.96 64.18 46.33
C VAL C 1137 67.21 65.65 46.09
N TYR C 1138 67.39 66.02 44.82
CA TYR C 1138 67.91 67.33 44.47
C TYR C 1138 66.78 68.32 44.27
N ASP C 1139 66.92 69.47 44.86
CA ASP C 1139 66.01 70.60 44.76
C ASP C 1139 66.58 71.61 43.78
N PRO C 1140 65.82 72.11 42.82
CA PRO C 1140 66.39 73.09 41.87
C PRO C 1140 66.41 74.52 42.39
N LEU C 1141 65.43 74.85 43.22
CA LEU C 1141 65.23 76.22 43.61
C LEU C 1141 66.41 76.77 44.39
N GLN C 1142 66.81 76.07 45.45
CA GLN C 1142 67.83 76.64 46.33
C GLN C 1142 69.22 76.72 45.69
N PRO C 1143 69.61 75.83 44.76
CA PRO C 1143 70.82 76.10 43.99
C PRO C 1143 70.59 77.07 42.85
N GLU C 1144 69.36 77.47 42.60
CA GLU C 1144 69.16 78.68 41.80
C GLU C 1144 69.40 79.91 42.65
N LEU C 1145 69.03 79.86 43.93
CA LEU C 1145 69.17 81.01 44.81
C LEU C 1145 70.57 81.15 45.37
N ASP C 1146 71.54 80.46 44.76
CA ASP C 1146 72.93 80.46 45.21
C ASP C 1146 73.09 80.21 46.72
N GLN D 20 -63.60 5.56 -25.59
CA GLN D 20 -64.36 5.10 -24.44
C GLN D 20 -65.07 3.81 -24.77
N VAL D 21 -64.84 2.77 -23.94
CA VAL D 21 -65.55 1.52 -24.14
C VAL D 21 -67.04 1.76 -24.05
N GLN D 22 -67.80 1.09 -24.93
CA GLN D 22 -69.24 1.12 -24.88
C GLN D 22 -69.76 -0.28 -25.14
N LEU D 23 -70.94 -0.56 -24.60
CA LEU D 23 -71.61 -1.84 -24.79
C LEU D 23 -73.01 -1.58 -25.33
N VAL D 24 -73.40 -2.33 -26.36
CA VAL D 24 -74.73 -2.27 -26.93
C VAL D 24 -75.22 -3.68 -27.16
N GLN D 25 -76.54 -3.82 -27.28
CA GLN D 25 -77.14 -5.15 -27.32
C GLN D 25 -78.52 -5.08 -27.94
N SER D 26 -79.22 -6.21 -27.91
CA SER D 26 -80.45 -6.41 -28.65
C SER D 26 -81.57 -5.52 -28.12
N GLY D 27 -82.71 -5.58 -28.82
CA GLY D 27 -83.89 -4.82 -28.46
C GLY D 27 -84.82 -5.60 -27.55
N ALA D 28 -86.10 -5.25 -27.62
CA ALA D 28 -87.08 -5.86 -26.74
C ALA D 28 -87.45 -7.26 -27.19
N GLU D 29 -87.90 -8.08 -26.24
CA GLU D 29 -88.40 -9.42 -26.54
C GLU D 29 -89.68 -9.66 -25.76
N VAL D 30 -90.48 -10.59 -26.27
CA VAL D 30 -91.64 -11.13 -25.57
C VAL D 30 -91.70 -12.62 -25.82
N LYS D 31 -91.93 -13.40 -24.76
CA LYS D 31 -91.91 -14.84 -24.88
C LYS D 31 -93.09 -15.40 -24.11
N LYS D 32 -93.10 -16.71 -23.94
CA LYS D 32 -94.17 -17.45 -23.30
C LYS D 32 -93.58 -18.46 -22.34
N PRO D 33 -94.35 -18.89 -21.34
CA PRO D 33 -93.80 -19.80 -20.33
C PRO D 33 -93.26 -21.08 -20.94
N GLY D 34 -92.17 -21.56 -20.37
CA GLY D 34 -91.51 -22.77 -20.82
C GLY D 34 -90.51 -22.58 -21.93
N ALA D 35 -90.49 -21.42 -22.57
CA ALA D 35 -89.65 -21.19 -23.74
C ALA D 35 -88.22 -20.87 -23.29
N SER D 36 -87.43 -20.35 -24.22
CA SER D 36 -86.08 -19.88 -23.93
C SER D 36 -85.82 -18.61 -24.74
N VAL D 37 -84.91 -17.80 -24.24
CA VAL D 37 -84.61 -16.51 -24.86
C VAL D 37 -83.10 -16.32 -24.89
N LYS D 38 -82.62 -15.60 -25.90
CA LYS D 38 -81.21 -15.41 -26.13
C LYS D 38 -80.94 -13.93 -26.36
N VAL D 39 -80.39 -13.27 -25.35
CA VAL D 39 -79.97 -11.89 -25.46
C VAL D 39 -78.47 -11.87 -25.63
N SER D 40 -77.97 -10.81 -26.24
CA SER D 40 -76.55 -10.77 -26.56
C SER D 40 -76.11 -9.32 -26.70
N CYS D 41 -74.88 -9.06 -26.26
CA CYS D 41 -74.32 -7.72 -26.32
C CYS D 41 -72.94 -7.72 -26.94
N LYS D 42 -72.70 -6.73 -27.79
CA LYS D 42 -71.46 -6.59 -28.54
C LYS D 42 -70.53 -5.63 -27.82
N ALA D 43 -69.24 -5.95 -27.80
CA ALA D 43 -68.26 -5.15 -27.09
C ALA D 43 -67.47 -4.28 -28.04
N SER D 44 -66.88 -3.22 -27.48
CA SER D 44 -65.98 -2.35 -28.23
C SER D 44 -64.96 -1.79 -27.23
N GLY D 45 -63.85 -2.50 -27.07
CA GLY D 45 -62.84 -2.11 -26.10
C GLY D 45 -61.49 -2.00 -26.76
N TYR D 46 -60.65 -1.14 -26.18
CA TYR D 46 -59.38 -0.81 -26.81
C TYR D 46 -58.45 -2.02 -26.84
N THR D 47 -58.45 -2.82 -25.79
CA THR D 47 -57.78 -4.11 -25.81
C THR D 47 -58.70 -5.12 -25.16
N PHE D 48 -58.49 -6.39 -25.50
CA PHE D 48 -59.19 -7.48 -24.83
C PHE D 48 -58.16 -8.23 -24.01
N THR D 49 -57.90 -7.68 -22.83
CA THR D 49 -56.99 -8.26 -21.87
C THR D 49 -57.79 -9.10 -20.88
N THR D 50 -58.27 -10.25 -21.37
CA THR D 50 -59.11 -11.14 -20.59
C THR D 50 -60.33 -10.38 -20.06
N TYR D 51 -61.18 -9.97 -21.00
CA TYR D 51 -62.28 -9.07 -20.76
C TYR D 51 -63.34 -9.82 -19.95
N ALA D 52 -64.29 -9.10 -19.38
CA ALA D 52 -65.09 -9.67 -18.29
C ALA D 52 -66.60 -9.40 -18.45
N MET D 53 -67.18 -9.76 -19.59
CA MET D 53 -68.63 -9.65 -19.75
C MET D 53 -69.33 -10.42 -18.64
N HIS D 54 -70.36 -9.80 -18.06
CA HIS D 54 -70.73 -10.13 -16.70
C HIS D 54 -72.17 -9.68 -16.46
N TRP D 55 -73.11 -10.63 -16.38
CA TRP D 55 -74.54 -10.36 -16.57
C TRP D 55 -75.27 -10.10 -15.26
N VAL D 56 -76.26 -9.22 -15.30
CA VAL D 56 -77.03 -8.88 -14.10
C VAL D 56 -78.42 -8.41 -14.54
N ARG D 57 -79.43 -8.71 -13.73
CA ARG D 57 -80.81 -8.51 -14.10
C ARG D 57 -81.58 -7.79 -13.01
N GLN D 58 -82.73 -7.25 -13.37
CA GLN D 58 -83.50 -6.40 -12.47
C GLN D 58 -84.98 -6.61 -12.72
N ALA D 59 -85.66 -7.27 -11.80
CA ALA D 59 -87.12 -7.25 -11.83
C ALA D 59 -87.58 -5.83 -11.57
N PRO D 60 -88.68 -5.38 -12.17
CA PRO D 60 -89.06 -3.97 -12.04
C PRO D 60 -89.38 -3.65 -10.58
N GLY D 61 -88.90 -2.49 -10.14
CA GLY D 61 -89.12 -2.05 -8.78
C GLY D 61 -88.64 -3.03 -7.73
N GLN D 62 -87.43 -3.54 -7.89
CA GLN D 62 -86.95 -4.60 -7.02
C GLN D 62 -85.44 -4.48 -6.86
N ARG D 63 -84.87 -5.43 -6.11
CA ARG D 63 -83.44 -5.52 -5.91
C ARG D 63 -82.78 -6.08 -7.15
N LEU D 64 -81.64 -5.52 -7.55
CA LEU D 64 -80.93 -6.11 -8.68
C LEU D 64 -80.47 -7.51 -8.33
N GLU D 65 -80.34 -8.34 -9.36
CA GLU D 65 -79.94 -9.72 -9.15
C GLU D 65 -78.89 -10.10 -10.18
N TRP D 66 -77.88 -10.81 -9.72
CA TRP D 66 -76.66 -11.04 -10.48
C TRP D 66 -76.68 -12.41 -11.14
N MET D 67 -76.34 -12.46 -12.42
CA MET D 67 -76.45 -13.68 -13.22
C MET D 67 -75.20 -14.54 -13.17
N GLY D 68 -74.09 -14.03 -13.68
CA GLY D 68 -72.89 -14.83 -13.82
C GLY D 68 -71.87 -14.08 -14.65
N TRP D 69 -70.67 -14.63 -14.70
CA TRP D 69 -69.60 -13.98 -15.43
C TRP D 69 -68.92 -14.96 -16.38
N ILE D 70 -68.80 -14.54 -17.63
CA ILE D 70 -68.08 -15.27 -18.65
C ILE D 70 -66.68 -14.68 -18.73
N ASN D 71 -65.70 -15.54 -18.98
CA ASN D 71 -64.31 -15.07 -19.03
C ASN D 71 -63.98 -14.75 -20.47
N ALA D 72 -64.27 -13.52 -20.88
CA ALA D 72 -64.07 -13.14 -22.27
C ALA D 72 -62.64 -13.37 -22.72
N GLY D 73 -61.74 -13.68 -21.82
CA GLY D 73 -60.45 -14.19 -22.22
C GLY D 73 -60.62 -15.54 -22.90
N ASN D 74 -60.96 -16.58 -22.14
CA ASN D 74 -61.07 -17.86 -22.83
C ASN D 74 -62.43 -18.56 -22.79
N GLY D 75 -62.83 -19.12 -21.65
CA GLY D 75 -64.05 -19.90 -21.65
C GLY D 75 -64.74 -20.09 -20.33
N ASN D 76 -64.24 -19.47 -19.27
CA ASN D 76 -64.69 -19.86 -17.95
C ASN D 76 -66.06 -19.26 -17.65
N THR D 77 -66.85 -20.01 -16.90
CA THR D 77 -68.29 -19.84 -16.88
C THR D 77 -68.86 -19.95 -15.47
N LYS D 78 -68.32 -19.19 -14.52
CA LYS D 78 -68.93 -19.23 -13.20
C LYS D 78 -70.33 -18.63 -13.25
N TYR D 79 -71.30 -19.33 -12.66
CA TYR D 79 -72.70 -18.94 -12.69
C TYR D 79 -73.19 -18.71 -11.27
N SER D 80 -74.46 -18.30 -11.16
CA SER D 80 -75.06 -18.04 -9.86
C SER D 80 -75.43 -19.36 -9.20
N GLN D 81 -76.25 -19.29 -8.16
CA GLN D 81 -76.78 -20.51 -7.56
C GLN D 81 -78.30 -20.56 -7.53
N LYS D 82 -78.98 -19.43 -7.39
CA LYS D 82 -80.42 -19.44 -7.56
C LYS D 82 -80.79 -19.78 -8.99
N PHE D 83 -79.92 -19.46 -9.94
CA PHE D 83 -80.20 -19.70 -11.35
C PHE D 83 -79.43 -20.89 -11.90
N GLN D 84 -78.94 -21.76 -11.03
CA GLN D 84 -78.11 -22.86 -11.49
C GLN D 84 -78.91 -23.85 -12.34
N GLY D 85 -78.23 -24.46 -13.29
CA GLY D 85 -78.79 -25.56 -14.03
C GLY D 85 -79.81 -25.21 -15.08
N ARG D 86 -80.06 -23.93 -15.33
CA ARG D 86 -81.02 -23.56 -16.35
C ARG D 86 -80.58 -22.39 -17.22
N VAL D 87 -79.54 -21.66 -16.83
CA VAL D 87 -79.03 -20.52 -17.60
C VAL D 87 -77.65 -20.88 -18.13
N THR D 88 -77.34 -20.38 -19.33
CA THR D 88 -76.03 -20.62 -19.92
C THR D 88 -75.54 -19.34 -20.60
N ILE D 89 -74.21 -19.22 -20.69
CA ILE D 89 -73.57 -18.03 -21.24
C ILE D 89 -72.41 -18.46 -22.12
N THR D 90 -72.28 -17.81 -23.27
CA THR D 90 -71.17 -18.02 -24.19
C THR D 90 -70.80 -16.69 -24.82
N ARG D 91 -69.76 -16.71 -25.64
CA ARG D 91 -69.31 -15.52 -26.36
C ARG D 91 -68.68 -15.92 -27.68
N ASP D 92 -68.67 -14.98 -28.61
CA ASP D 92 -68.08 -15.19 -29.93
C ASP D 92 -66.87 -14.29 -30.06
N THR D 93 -65.71 -14.89 -30.32
CA THR D 93 -64.46 -14.13 -30.28
C THR D 93 -64.40 -13.12 -31.41
N SER D 94 -64.68 -13.56 -32.64
CA SER D 94 -64.52 -12.69 -33.79
C SER D 94 -65.46 -11.49 -33.72
N ALA D 95 -66.72 -11.72 -33.33
CA ALA D 95 -67.68 -10.64 -33.24
C ALA D 95 -67.53 -9.82 -31.97
N SER D 96 -66.79 -10.33 -30.98
CA SER D 96 -66.56 -9.63 -29.72
C SER D 96 -67.90 -9.30 -29.03
N THR D 97 -68.78 -10.29 -28.99
CA THR D 97 -70.06 -10.15 -28.34
C THR D 97 -70.18 -11.22 -27.27
N ALA D 98 -71.18 -11.07 -26.40
CA ALA D 98 -71.43 -12.00 -25.32
C ALA D 98 -72.84 -12.55 -25.44
N TYR D 99 -73.00 -13.86 -25.23
CA TYR D 99 -74.25 -14.53 -25.46
C TYR D 99 -74.81 -15.07 -24.15
N MET D 100 -76.09 -14.85 -23.91
CA MET D 100 -76.78 -15.29 -22.70
C MET D 100 -77.93 -16.20 -23.09
N GLU D 101 -78.21 -17.20 -22.26
CA GLU D 101 -79.32 -18.08 -22.57
C GLU D 101 -79.99 -18.59 -21.31
N LEU D 102 -81.32 -18.54 -21.31
CA LEU D 102 -82.15 -18.93 -20.18
C LEU D 102 -83.31 -19.77 -20.69
N SER D 103 -83.65 -20.82 -19.94
CA SER D 103 -84.74 -21.71 -20.30
C SER D 103 -85.66 -21.91 -19.10
N SER D 104 -86.78 -22.60 -19.33
CA SER D 104 -87.78 -22.85 -18.29
C SER D 104 -88.23 -21.55 -17.65
N LEU D 105 -88.42 -20.53 -18.47
CA LEU D 105 -88.85 -19.24 -17.99
C LEU D 105 -90.19 -19.34 -17.29
N ARG D 106 -90.51 -18.30 -16.53
CA ARG D 106 -91.78 -18.26 -15.81
C ARG D 106 -92.07 -16.79 -15.51
N SER D 107 -93.29 -16.51 -15.03
CA SER D 107 -93.78 -15.14 -15.01
C SER D 107 -92.93 -14.22 -14.16
N GLU D 108 -92.15 -14.77 -13.24
CA GLU D 108 -91.31 -13.94 -12.41
C GLU D 108 -90.20 -13.27 -13.21
N ASP D 109 -89.54 -14.01 -14.09
CA ASP D 109 -88.31 -13.50 -14.69
C ASP D 109 -88.54 -12.29 -15.59
N THR D 110 -89.78 -11.85 -15.70
CA THR D 110 -90.08 -10.54 -16.28
C THR D 110 -89.16 -9.50 -15.66
N ALA D 111 -88.31 -8.90 -16.47
CA ALA D 111 -87.27 -8.05 -15.91
C ALA D 111 -86.67 -7.20 -17.02
N VAL D 112 -85.58 -6.52 -16.69
CA VAL D 112 -84.72 -5.85 -17.65
C VAL D 112 -83.34 -6.44 -17.48
N TYR D 113 -82.71 -6.83 -18.59
CA TYR D 113 -81.44 -7.54 -18.51
C TYR D 113 -80.30 -6.65 -18.98
N TYR D 114 -79.15 -6.82 -18.34
CA TYR D 114 -78.03 -5.90 -18.44
C TYR D 114 -76.75 -6.65 -18.74
N CYS D 115 -75.89 -6.09 -19.58
CA CYS D 115 -74.50 -6.52 -19.69
C CYS D 115 -73.59 -5.59 -18.90
N ALA D 116 -72.63 -6.17 -18.20
CA ALA D 116 -71.69 -5.39 -17.44
C ALA D 116 -70.34 -6.07 -17.50
N GLY D 117 -69.31 -5.31 -17.14
CA GLY D 117 -67.96 -5.82 -17.09
C GLY D 117 -67.01 -4.79 -17.62
N GLY D 118 -65.83 -5.26 -18.03
CA GLY D 118 -64.89 -4.36 -18.68
C GLY D 118 -63.88 -3.73 -17.75
N GLY D 119 -63.12 -4.54 -17.04
CA GLY D 119 -62.07 -4.02 -16.19
C GLY D 119 -61.06 -3.17 -16.93
N GLY D 120 -60.24 -3.79 -17.75
CA GLY D 120 -59.23 -3.05 -18.53
C GLY D 120 -57.82 -2.98 -17.99
N ARG D 121 -57.66 -2.39 -16.79
CA ARG D 121 -56.32 -2.28 -16.21
C ARG D 121 -55.85 -3.62 -15.66
N ARG D 122 -56.55 -4.13 -14.66
CA ARG D 122 -56.32 -5.49 -14.21
C ARG D 122 -57.24 -6.42 -15.00
N LEU D 123 -57.15 -7.72 -14.79
CA LEU D 123 -57.83 -8.65 -15.68
C LEU D 123 -59.23 -9.01 -15.23
N GLN D 124 -59.47 -9.02 -13.92
CA GLN D 124 -60.78 -9.37 -13.40
C GLN D 124 -61.10 -8.41 -12.27
N PHE D 125 -62.37 -8.13 -12.13
CA PHE D 125 -62.86 -7.54 -10.91
C PHE D 125 -64.09 -8.31 -10.48
N ASP D 126 -64.81 -7.76 -9.52
CA ASP D 126 -66.19 -8.14 -9.38
C ASP D 126 -67.04 -6.91 -9.18
N TYR D 127 -66.72 -5.84 -9.88
CA TYR D 127 -67.58 -4.67 -9.89
C TYR D 127 -67.77 -4.21 -11.32
N PHE D 128 -68.99 -3.75 -11.59
CA PHE D 128 -69.48 -3.57 -12.96
C PHE D 128 -69.25 -2.13 -13.36
N ASP D 129 -68.23 -1.87 -14.17
CA ASP D 129 -67.90 -0.50 -14.51
C ASP D 129 -68.29 -0.08 -15.92
N TYR D 130 -68.81 -0.99 -16.75
CA TYR D 130 -69.32 -0.64 -18.08
C TYR D 130 -70.64 -1.37 -18.31
N TRP D 131 -71.73 -0.61 -18.37
CA TRP D 131 -73.07 -1.17 -18.35
C TRP D 131 -73.74 -1.04 -19.71
N GLY D 132 -74.38 -2.13 -20.15
CA GLY D 132 -75.21 -2.05 -21.32
C GLY D 132 -76.47 -1.27 -21.06
N GLN D 133 -77.01 -0.66 -22.12
CA GLN D 133 -78.15 0.23 -22.01
C GLN D 133 -79.46 -0.48 -21.68
N GLY D 134 -79.44 -1.79 -21.47
CA GLY D 134 -80.64 -2.47 -20.98
C GLY D 134 -81.44 -3.21 -22.03
N THR D 135 -81.90 -4.40 -21.67
CA THR D 135 -82.73 -5.23 -22.54
C THR D 135 -83.99 -5.62 -21.79
N LEU D 136 -85.14 -5.47 -22.45
CA LEU D 136 -86.43 -5.66 -21.81
C LEU D 136 -87.01 -7.00 -22.19
N VAL D 137 -87.34 -7.82 -21.20
CA VAL D 137 -87.87 -9.16 -21.40
C VAL D 137 -89.17 -9.29 -20.63
N THR D 138 -90.22 -9.72 -21.32
CA THR D 138 -91.52 -9.88 -20.71
C THR D 138 -91.98 -11.32 -20.87
N VAL D 139 -92.25 -11.98 -19.76
CA VAL D 139 -92.77 -13.34 -19.75
C VAL D 139 -94.26 -13.25 -19.52
N SER D 140 -95.04 -13.54 -20.57
CA SER D 140 -96.49 -13.45 -20.53
C SER D 140 -97.09 -14.72 -21.12
N SER D 141 -98.39 -14.91 -20.88
CA SER D 141 -99.15 -15.97 -21.51
C SER D 141 -100.16 -15.47 -22.52
N ALA D 142 -100.42 -14.16 -22.55
CA ALA D 142 -101.38 -13.58 -23.47
C ALA D 142 -100.75 -13.39 -24.85
N SER D 143 -101.40 -12.60 -25.69
CA SER D 143 -100.84 -12.25 -26.99
C SER D 143 -101.21 -10.81 -27.30
N THR D 144 -100.76 -10.33 -28.46
CA THR D 144 -101.00 -8.95 -28.85
C THR D 144 -102.48 -8.64 -28.85
N LYS D 145 -102.83 -7.47 -28.34
CA LYS D 145 -104.22 -7.05 -28.30
C LYS D 145 -104.28 -5.54 -28.30
N GLY D 146 -105.28 -4.99 -28.98
CA GLY D 146 -105.45 -3.57 -29.05
C GLY D 146 -105.96 -3.00 -27.74
N PRO D 147 -105.75 -1.72 -27.53
CA PRO D 147 -106.22 -1.08 -26.29
C PRO D 147 -107.61 -0.48 -26.41
N SER D 148 -108.46 -0.75 -25.42
CA SER D 148 -109.76 -0.11 -25.36
C SER D 148 -109.63 1.26 -24.72
N VAL D 149 -110.44 2.21 -25.18
CA VAL D 149 -110.27 3.61 -24.79
C VAL D 149 -111.62 4.15 -24.32
N PHE D 150 -111.59 4.91 -23.22
CA PHE D 150 -112.76 5.59 -22.70
C PHE D 150 -112.36 6.99 -22.25
N PRO D 151 -113.24 7.96 -22.42
CA PRO D 151 -112.93 9.33 -21.99
C PRO D 151 -113.09 9.46 -20.48
N LEU D 152 -112.55 10.56 -19.95
CA LEU D 152 -112.61 10.89 -18.53
C LEU D 152 -113.23 12.28 -18.42
N ALA D 153 -114.55 12.33 -18.35
CA ALA D 153 -115.21 13.62 -18.34
C ALA D 153 -115.35 14.14 -16.91
N PRO D 154 -115.10 15.42 -16.70
CA PRO D 154 -115.29 15.99 -15.36
C PRO D 154 -116.72 16.49 -15.18
N SER D 155 -117.00 17.09 -14.02
CA SER D 155 -118.29 17.71 -13.77
C SER D 155 -118.05 19.09 -13.20
N SER D 156 -119.05 19.97 -13.38
CA SER D 156 -118.98 21.32 -12.84
C SER D 156 -119.07 21.36 -11.33
N LYS D 157 -119.39 20.23 -10.71
CA LYS D 157 -119.41 20.14 -9.25
C LYS D 157 -118.06 20.52 -8.67
N SER D 158 -116.98 20.07 -9.31
CA SER D 158 -115.62 20.19 -8.80
C SER D 158 -114.85 21.31 -9.49
N THR D 159 -115.49 22.44 -9.76
CA THR D 159 -114.83 23.56 -10.41
C THR D 159 -113.83 24.15 -9.41
N SER D 160 -112.56 23.76 -9.55
CA SER D 160 -111.52 24.10 -8.59
C SER D 160 -110.68 25.24 -9.16
N GLY D 161 -110.82 26.43 -8.58
CA GLY D 161 -110.11 27.59 -9.08
C GLY D 161 -110.42 27.89 -10.52
N GLY D 162 -111.60 27.52 -10.99
CA GLY D 162 -111.90 27.62 -12.41
C GLY D 162 -111.12 26.67 -13.27
N THR D 163 -110.59 25.59 -12.69
CA THR D 163 -109.81 24.59 -13.41
C THR D 163 -110.34 23.21 -13.06
N ALA D 164 -110.40 22.32 -14.06
CA ALA D 164 -110.84 20.96 -13.85
C ALA D 164 -109.93 20.00 -14.59
N ALA D 165 -109.92 18.76 -14.14
CA ALA D 165 -109.06 17.71 -14.69
C ALA D 165 -109.83 16.89 -15.71
N LEU D 166 -109.08 16.12 -16.50
CA LEU D 166 -109.69 15.40 -17.61
C LEU D 166 -108.66 14.41 -18.17
N GLY D 167 -109.15 13.27 -18.64
CA GLY D 167 -108.23 12.22 -19.02
C GLY D 167 -108.78 11.31 -20.09
N CYS D 168 -108.04 10.21 -20.32
CA CYS D 168 -108.27 9.29 -21.43
C CYS D 168 -107.75 7.90 -21.01
N LEU D 169 -108.65 7.08 -20.50
CA LEU D 169 -108.26 5.80 -19.94
C LEU D 169 -107.90 4.82 -21.04
N VAL D 170 -107.02 3.88 -20.71
CA VAL D 170 -106.69 2.76 -21.57
C VAL D 170 -106.66 1.50 -20.74
N LYS D 171 -107.40 0.48 -21.16
CA LYS D 171 -107.56 -0.73 -20.36
C LYS D 171 -107.34 -1.96 -21.22
N ASP D 172 -106.82 -3.01 -20.58
CA ASP D 172 -106.69 -4.33 -21.18
C ASP D 172 -105.94 -4.26 -22.51
N TYR D 173 -104.65 -3.90 -22.44
CA TYR D 173 -103.81 -3.83 -23.67
C TYR D 173 -102.55 -4.68 -23.46
N PHE D 174 -101.97 -5.21 -24.53
CA PHE D 174 -100.86 -6.19 -24.34
C PHE D 174 -99.47 -5.57 -24.17
N PRO D 175 -98.58 -5.34 -25.18
CA PRO D 175 -97.21 -4.86 -24.91
C PRO D 175 -97.15 -3.42 -24.37
N GLU D 176 -96.12 -3.10 -23.58
CA GLU D 176 -96.04 -1.76 -22.96
C GLU D 176 -95.44 -0.77 -23.96
N PRO D 177 -96.16 -0.47 -25.04
CA PRO D 177 -95.71 0.54 -26.02
C PRO D 177 -96.89 1.47 -26.31
N VAL D 178 -97.24 2.29 -25.31
CA VAL D 178 -98.60 2.92 -25.24
C VAL D 178 -98.43 4.44 -25.19
N THR D 179 -97.71 5.00 -26.17
CA THR D 179 -97.57 6.45 -26.25
C THR D 179 -98.94 7.10 -26.20
N VAL D 180 -99.03 8.20 -25.46
CA VAL D 180 -100.28 8.95 -25.36
C VAL D 180 -99.95 10.42 -25.48
N SER D 181 -100.77 11.14 -26.24
CA SER D 181 -100.62 12.57 -26.37
C SER D 181 -102.00 13.19 -26.53
N TRP D 182 -102.06 14.50 -26.38
CA TRP D 182 -103.33 15.22 -26.39
C TRP D 182 -103.35 16.19 -27.56
N ASN D 183 -104.28 15.96 -28.49
CA ASN D 183 -104.41 16.78 -29.69
C ASN D 183 -103.10 16.83 -30.46
N SER D 184 -102.38 15.71 -30.45
CA SER D 184 -101.11 15.55 -31.18
C SER D 184 -100.15 16.70 -30.91
N GLY D 185 -99.76 16.80 -29.64
CA GLY D 185 -98.78 17.77 -29.22
C GLY D 185 -99.30 19.18 -29.06
N ALA D 186 -100.59 19.41 -29.28
CA ALA D 186 -101.13 20.75 -29.15
C ALA D 186 -101.08 21.22 -27.70
N LEU D 187 -101.16 20.30 -26.75
CA LEU D 187 -101.18 20.63 -25.33
C LEU D 187 -99.95 20.06 -24.66
N THR D 188 -99.34 20.85 -23.79
CA THR D 188 -98.14 20.40 -23.08
C THR D 188 -98.29 20.62 -21.58
N SER D 189 -99.05 21.65 -21.21
CA SER D 189 -99.15 22.04 -19.81
C SER D 189 -99.86 20.98 -18.98
N GLY D 190 -99.36 20.78 -17.76
CA GLY D 190 -100.03 19.99 -16.75
C GLY D 190 -100.35 18.56 -17.15
N VAL D 191 -99.78 18.10 -18.27
CA VAL D 191 -100.03 16.74 -18.71
C VAL D 191 -99.50 15.76 -17.67
N HIS D 192 -100.19 14.64 -17.53
CA HIS D 192 -99.74 13.59 -16.63
C HIS D 192 -100.05 12.24 -17.25
N THR D 193 -99.07 11.35 -17.23
CA THR D 193 -99.20 10.03 -17.83
C THR D 193 -98.66 9.02 -16.84
N PHE D 194 -99.54 8.25 -16.26
CA PHE D 194 -99.14 7.36 -15.19
C PHE D 194 -98.53 6.09 -15.75
N PRO D 195 -97.72 5.39 -14.96
CA PRO D 195 -97.13 4.15 -15.44
C PRO D 195 -98.16 3.04 -15.46
N ALA D 196 -97.84 2.00 -16.21
CA ALA D 196 -98.77 0.90 -16.40
C ALA D 196 -98.84 0.05 -15.14
N VAL D 197 -99.89 -0.77 -15.09
CA VAL D 197 -100.13 -1.66 -13.96
C VAL D 197 -100.61 -3.00 -14.48
N LEU D 198 -100.04 -4.07 -13.94
CA LEU D 198 -100.48 -5.41 -14.27
C LEU D 198 -101.81 -5.70 -13.58
N GLN D 199 -102.64 -6.51 -14.21
CA GLN D 199 -103.91 -6.93 -13.64
C GLN D 199 -103.92 -8.44 -13.41
N SER D 200 -105.00 -8.91 -12.77
CA SER D 200 -105.15 -10.34 -12.55
C SER D 200 -105.29 -11.09 -13.86
N SER D 201 -105.93 -10.47 -14.85
CA SER D 201 -106.14 -11.11 -16.14
C SER D 201 -104.87 -11.22 -16.96
N GLY D 202 -103.77 -10.62 -16.50
CA GLY D 202 -102.55 -10.65 -17.28
C GLY D 202 -102.46 -9.59 -18.34
N LEU D 203 -103.34 -8.60 -18.31
CA LEU D 203 -103.31 -7.51 -19.26
C LEU D 203 -102.92 -6.23 -18.54
N TYR D 204 -102.34 -5.30 -19.28
CA TYR D 204 -101.87 -4.04 -18.73
C TYR D 204 -102.96 -2.98 -18.86
N SER D 205 -102.77 -1.88 -18.13
CA SER D 205 -103.74 -0.79 -18.19
C SER D 205 -103.08 0.49 -17.73
N LEU D 206 -103.50 1.59 -18.34
CA LEU D 206 -102.90 2.90 -18.11
C LEU D 206 -104.00 3.94 -18.02
N SER D 207 -103.74 4.97 -17.24
CA SER D 207 -104.62 6.12 -17.19
C SER D 207 -103.79 7.37 -17.37
N SER D 208 -104.22 8.23 -18.28
CA SER D 208 -103.54 9.50 -18.49
C SER D 208 -104.55 10.61 -18.29
N VAL D 209 -104.10 11.72 -17.72
CA VAL D 209 -105.00 12.78 -17.28
C VAL D 209 -104.30 14.11 -17.47
N VAL D 210 -105.11 15.18 -17.50
CA VAL D 210 -104.58 16.54 -17.52
C VAL D 210 -105.69 17.47 -17.05
N THR D 211 -105.32 18.62 -16.53
CA THR D 211 -106.28 19.61 -16.08
C THR D 211 -106.12 20.88 -16.89
N VAL D 212 -107.24 21.59 -17.06
CA VAL D 212 -107.26 22.85 -17.79
C VAL D 212 -108.14 23.83 -17.03
N PRO D 213 -107.95 25.12 -17.27
CA PRO D 213 -108.92 26.10 -16.75
C PRO D 213 -110.33 25.78 -17.23
N SER D 214 -111.27 25.68 -16.31
CA SER D 214 -112.63 25.31 -16.66
C SER D 214 -113.31 26.35 -17.54
N SER D 215 -112.72 27.55 -17.63
CA SER D 215 -113.29 28.59 -18.47
C SER D 215 -113.40 28.14 -19.92
N SER D 216 -112.43 27.38 -20.41
CA SER D 216 -112.40 26.95 -21.80
C SER D 216 -113.01 25.57 -21.99
N LEU D 217 -113.83 25.12 -21.05
CA LEU D 217 -114.40 23.77 -21.12
C LEU D 217 -115.27 23.59 -22.35
N GLY D 218 -116.37 24.32 -22.42
CA GLY D 218 -117.32 24.12 -23.49
C GLY D 218 -116.96 24.74 -24.83
N THR D 219 -115.84 25.45 -24.90
CA THR D 219 -115.48 26.17 -26.12
C THR D 219 -114.24 25.62 -26.80
N GLN D 220 -113.62 24.57 -26.27
CA GLN D 220 -112.41 24.01 -26.84
C GLN D 220 -112.62 22.56 -27.25
N THR D 221 -111.59 21.99 -27.89
CA THR D 221 -111.64 20.62 -28.39
C THR D 221 -110.37 19.90 -27.95
N TYR D 222 -110.54 18.88 -27.11
CA TYR D 222 -109.44 18.07 -26.63
C TYR D 222 -109.69 16.62 -27.03
N ILE D 223 -108.69 15.99 -27.65
CA ILE D 223 -108.76 14.58 -27.97
C ILE D 223 -107.40 13.95 -27.69
N CYS D 224 -107.39 12.92 -26.86
CA CYS D 224 -106.18 12.16 -26.60
C CYS D 224 -105.75 11.43 -27.87
N ASN D 225 -104.47 11.07 -27.92
CA ASN D 225 -103.90 10.47 -29.12
C ASN D 225 -103.02 9.29 -28.68
N VAL D 226 -103.47 8.08 -28.99
CA VAL D 226 -102.79 6.87 -28.54
C VAL D 226 -102.24 6.13 -29.75
N ASN D 227 -101.03 5.58 -29.58
CA ASN D 227 -100.37 4.81 -30.62
C ASN D 227 -99.87 3.53 -29.99
N HIS D 228 -100.46 2.39 -30.32
CA HIS D 228 -99.95 1.10 -29.90
C HIS D 228 -99.36 0.43 -31.13
N LYS D 229 -98.04 0.57 -31.29
CA LYS D 229 -97.38 0.01 -32.47
C LYS D 229 -97.49 -1.51 -32.56
N PRO D 230 -97.20 -2.29 -31.49
CA PRO D 230 -97.28 -3.75 -31.61
C PRO D 230 -98.61 -4.28 -32.12
N SER D 231 -99.64 -3.44 -32.14
CA SER D 231 -100.88 -3.78 -32.82
C SER D 231 -101.26 -2.77 -33.87
N ASN D 232 -100.44 -1.76 -34.12
CA ASN D 232 -100.59 -0.79 -35.20
C ASN D 232 -101.85 0.05 -35.09
N THR D 233 -102.56 -0.02 -33.97
CA THR D 233 -103.81 0.72 -33.84
C THR D 233 -103.53 2.17 -33.47
N LYS D 234 -104.37 3.07 -33.96
CA LYS D 234 -104.33 4.47 -33.60
C LYS D 234 -105.75 4.90 -33.32
N VAL D 235 -106.01 5.30 -32.09
CA VAL D 235 -107.37 5.59 -31.64
C VAL D 235 -107.42 7.02 -31.11
N ASP D 236 -108.51 7.71 -31.41
CA ASP D 236 -108.75 9.04 -30.89
C ASP D 236 -110.15 9.08 -30.30
N LYS D 237 -110.32 9.79 -29.20
CA LYS D 237 -111.64 9.93 -28.59
C LYS D 237 -111.82 11.34 -28.06
N LYS D 238 -112.81 12.03 -28.61
CA LYS D 238 -113.21 13.34 -28.08
C LYS D 238 -113.91 13.14 -26.76
N VAL D 239 -113.51 13.94 -25.76
CA VAL D 239 -114.09 13.86 -24.43
C VAL D 239 -115.29 14.79 -24.39
N GLU D 240 -116.44 14.23 -24.04
CA GLU D 240 -117.64 15.04 -23.88
C GLU D 240 -117.91 15.25 -22.39
N PRO D 241 -117.78 16.48 -21.88
CA PRO D 241 -118.07 16.80 -20.48
C PRO D 241 -119.50 16.47 -20.10
N ASP E 20 -2.03 -29.55 -73.82
CA ASP E 20 -0.74 -29.93 -73.26
C ASP E 20 0.27 -28.80 -73.38
N ILE E 21 1.28 -28.82 -72.54
CA ILE E 21 2.31 -27.79 -72.56
C ILE E 21 3.28 -28.09 -73.69
N GLN E 22 3.58 -27.08 -74.49
CA GLN E 22 4.55 -27.22 -75.57
C GLN E 22 5.87 -26.65 -75.08
N MET E 23 6.96 -27.26 -75.50
CA MET E 23 8.29 -26.75 -75.15
C MET E 23 9.12 -26.68 -76.42
N THR E 24 9.60 -25.47 -76.74
CA THR E 24 10.50 -25.31 -77.92
C THR E 24 11.81 -24.66 -77.43
N GLN E 25 12.94 -25.00 -78.05
CA GLN E 25 14.22 -24.36 -77.68
C GLN E 25 14.62 -23.40 -78.81
N SER E 26 14.91 -22.14 -78.49
CA SER E 26 15.21 -21.13 -79.54
C SER E 26 16.47 -21.49 -80.37
N PRO E 27 17.60 -21.96 -79.79
CA PRO E 27 18.74 -22.35 -80.61
C PRO E 27 18.78 -23.86 -80.90
N SER E 28 18.56 -24.25 -82.17
CA SER E 28 18.68 -25.68 -82.54
C SER E 28 20.12 -26.13 -82.34
N THR E 29 21.08 -25.27 -82.72
CA THR E 29 22.53 -25.58 -82.54
C THR E 29 23.22 -24.33 -82.01
N LEU E 30 24.36 -24.50 -81.33
CA LEU E 30 25.08 -23.35 -80.74
C LEU E 30 26.57 -23.48 -81.05
N SER E 31 27.21 -22.39 -81.54
CA SER E 31 28.63 -22.44 -81.81
C SER E 31 29.37 -21.86 -80.62
N ALA E 32 30.63 -22.25 -80.47
CA ALA E 32 31.45 -21.69 -79.41
C ALA E 32 32.91 -22.07 -79.63
N SER E 33 33.73 -21.72 -78.64
CA SER E 33 35.11 -22.16 -78.56
C SER E 33 35.53 -22.16 -77.11
N VAL E 34 36.57 -22.94 -76.80
CA VAL E 34 36.93 -23.20 -75.42
C VAL E 34 37.12 -21.89 -74.66
N GLY E 35 36.70 -21.87 -73.40
CA GLY E 35 36.87 -20.71 -72.57
C GLY E 35 35.97 -19.55 -72.88
N ASP E 36 34.70 -19.79 -73.21
CA ASP E 36 33.76 -18.74 -73.57
C ASP E 36 32.44 -18.98 -72.86
N ARG E 37 31.51 -18.03 -72.98
CA ARG E 37 30.19 -18.18 -72.38
C ARG E 37 29.11 -18.37 -73.44
N VAL E 38 28.08 -19.11 -73.06
CA VAL E 38 26.98 -19.41 -73.97
C VAL E 38 25.67 -19.20 -73.24
N THR E 39 24.60 -19.06 -74.00
CA THR E 39 23.26 -18.88 -73.47
C THR E 39 22.27 -19.70 -74.27
N ILE E 40 21.24 -20.19 -73.59
CA ILE E 40 20.20 -21.00 -74.21
C ILE E 40 18.86 -20.41 -73.80
N THR E 41 17.91 -20.41 -74.71
CA THR E 41 16.56 -19.94 -74.44
C THR E 41 15.60 -21.12 -74.52
N CYS E 42 14.71 -21.23 -73.56
CA CYS E 42 13.66 -22.22 -73.58
C CYS E 42 12.33 -21.50 -73.37
N ARG E 43 11.52 -21.45 -74.41
CA ARG E 43 10.24 -20.76 -74.37
C ARG E 43 9.13 -21.77 -74.18
N ALA E 44 8.06 -21.36 -73.53
CA ALA E 44 6.93 -22.23 -73.28
C ALA E 44 5.68 -21.65 -73.90
N SER E 45 4.82 -22.52 -74.41
CA SER E 45 3.59 -22.05 -75.02
C SER E 45 2.70 -21.38 -74.00
N GLN E 46 2.81 -21.76 -72.74
CA GLN E 46 1.98 -21.21 -71.69
C GLN E 46 2.84 -20.74 -70.54
N SER E 47 2.17 -20.23 -69.50
CA SER E 47 2.89 -19.75 -68.33
C SER E 47 3.38 -20.90 -67.48
N ILE E 48 4.62 -20.80 -67.02
CA ILE E 48 5.22 -21.78 -66.12
C ILE E 48 5.73 -21.04 -64.90
N SER E 49 5.43 -21.57 -63.72
CA SER E 49 5.83 -20.90 -62.48
C SER E 49 7.20 -21.39 -62.05
N SER E 50 8.17 -21.17 -62.94
CA SER E 50 9.58 -21.46 -62.68
C SER E 50 9.82 -22.94 -62.37
N TRP E 51 8.95 -23.80 -62.89
CA TRP E 51 9.15 -25.24 -62.85
C TRP E 51 9.89 -25.66 -64.13
N LEU E 52 11.14 -26.09 -63.98
CA LEU E 52 11.95 -26.53 -65.11
C LEU E 52 13.23 -27.18 -64.62
N ALA E 53 13.88 -27.90 -65.52
CA ALA E 53 15.18 -28.48 -65.26
C ALA E 53 15.97 -28.55 -66.55
N TRP E 54 17.29 -28.63 -66.44
CA TRP E 54 18.19 -28.69 -67.58
C TRP E 54 19.06 -29.93 -67.55
N TYR E 55 19.02 -30.73 -68.61
CA TYR E 55 19.74 -31.99 -68.70
C TYR E 55 20.86 -31.90 -69.71
N GLN E 56 22.00 -32.49 -69.38
CA GLN E 56 23.13 -32.62 -70.30
C GLN E 56 23.18 -34.06 -70.77
N GLN E 57 23.28 -34.25 -72.08
CA GLN E 57 23.30 -35.57 -72.67
C GLN E 57 24.43 -35.63 -73.69
N LYS E 58 25.49 -36.35 -73.36
CA LYS E 58 26.52 -36.63 -74.35
C LYS E 58 25.99 -37.67 -75.32
N PRO E 59 26.59 -37.78 -76.51
CA PRO E 59 26.14 -38.79 -77.47
C PRO E 59 26.39 -40.19 -76.93
N GLY E 60 25.40 -41.07 -77.11
CA GLY E 60 25.54 -42.45 -76.72
C GLY E 60 25.63 -42.72 -75.24
N LYS E 61 25.11 -41.83 -74.40
CA LYS E 61 25.16 -42.00 -72.96
C LYS E 61 23.78 -41.76 -72.37
N ALA E 62 23.75 -41.62 -71.05
CA ALA E 62 22.52 -41.32 -70.37
C ALA E 62 22.49 -39.86 -69.93
N PRO E 63 21.32 -39.24 -69.90
CA PRO E 63 21.22 -37.85 -69.48
C PRO E 63 21.70 -37.64 -68.05
N LYS E 64 22.30 -36.48 -67.82
CA LYS E 64 22.72 -36.01 -66.52
C LYS E 64 22.02 -34.70 -66.21
N LEU E 65 21.50 -34.56 -65.01
CA LEU E 65 20.78 -33.36 -64.65
C LEU E 65 21.73 -32.25 -64.21
N LEU E 66 21.36 -31.00 -64.49
CA LEU E 66 22.16 -29.84 -64.09
C LEU E 66 21.41 -28.88 -63.18
N ILE E 67 20.24 -28.43 -63.58
CA ILE E 67 19.51 -27.38 -62.88
C ILE E 67 18.08 -27.85 -62.68
N TYR E 68 17.51 -27.56 -61.51
CA TYR E 68 16.10 -27.84 -61.27
C TYR E 68 15.45 -26.66 -60.59
N ASP E 69 14.14 -26.53 -60.79
CA ASP E 69 13.37 -25.37 -60.35
C ASP E 69 13.85 -24.09 -61.00
N ALA E 70 14.53 -24.23 -62.14
CA ALA E 70 14.95 -23.14 -63.00
C ALA E 70 16.06 -22.31 -62.39
N SER E 71 16.35 -22.50 -61.10
CA SER E 71 17.43 -21.73 -60.49
C SER E 71 18.48 -22.62 -59.85
N SER E 72 18.04 -23.60 -59.07
CA SER E 72 18.92 -24.32 -58.17
C SER E 72 20.01 -25.05 -58.91
N LEU E 73 21.17 -25.12 -58.30
CA LEU E 73 22.30 -25.86 -58.83
C LEU E 73 22.45 -27.17 -58.10
N GLU E 74 22.26 -28.27 -58.80
CA GLU E 74 22.32 -29.58 -58.15
C GLU E 74 23.77 -29.97 -57.93
N SER E 75 24.01 -30.71 -56.84
CA SER E 75 25.36 -30.97 -56.36
C SER E 75 26.20 -31.73 -57.37
N GLY E 76 27.49 -31.75 -57.14
CA GLY E 76 28.39 -32.57 -57.93
C GLY E 76 28.67 -32.07 -59.32
N VAL E 77 28.18 -30.89 -59.66
CA VAL E 77 28.39 -30.32 -60.99
C VAL E 77 29.44 -29.24 -60.88
N PRO E 78 30.09 -28.83 -61.97
CA PRO E 78 30.95 -27.67 -61.90
C PRO E 78 30.14 -26.43 -61.56
N SER E 79 30.78 -25.49 -60.87
CA SER E 79 30.09 -24.27 -60.46
C SER E 79 29.79 -23.35 -61.62
N ARG E 80 30.32 -23.64 -62.80
CA ARG E 80 30.12 -22.75 -63.94
C ARG E 80 28.64 -22.61 -64.27
N PHE E 81 27.91 -23.73 -64.28
CA PHE E 81 26.53 -23.71 -64.72
C PHE E 81 25.68 -22.83 -63.81
N SER E 82 24.68 -22.20 -64.38
CA SER E 82 23.84 -21.26 -63.66
C SER E 82 22.54 -21.07 -64.42
N GLY E 83 21.42 -21.17 -63.71
CA GLY E 83 20.12 -20.98 -64.31
C GLY E 83 19.63 -19.57 -64.04
N SER E 84 18.48 -19.24 -64.62
CA SER E 84 17.82 -17.98 -64.32
C SER E 84 16.40 -18.05 -64.86
N GLY E 85 15.74 -16.90 -64.88
CA GLY E 85 14.50 -16.74 -65.61
C GLY E 85 13.29 -17.25 -64.84
N SER E 86 12.13 -16.75 -65.27
CA SER E 86 10.86 -17.12 -64.66
C SER E 86 9.76 -16.86 -65.67
N GLY E 87 8.54 -17.27 -65.31
CA GLY E 87 7.44 -17.04 -66.22
C GLY E 87 7.53 -17.96 -67.42
N THR E 88 7.90 -17.40 -68.57
CA THR E 88 7.99 -18.24 -69.77
C THR E 88 9.42 -18.37 -70.26
N GLU E 89 10.09 -17.25 -70.51
CA GLU E 89 11.42 -17.30 -71.10
C GLU E 89 12.44 -17.64 -70.03
N PHE E 90 13.21 -18.67 -70.27
CA PHE E 90 14.08 -19.30 -69.27
C PHE E 90 15.47 -19.35 -69.87
N THR E 91 16.49 -19.34 -69.04
CA THR E 91 17.85 -19.18 -69.55
C THR E 91 18.85 -19.98 -68.73
N LEU E 92 19.79 -20.61 -69.43
CA LEU E 92 20.93 -21.27 -68.85
C LEU E 92 22.15 -20.49 -69.29
N THR E 93 23.22 -20.52 -68.50
CA THR E 93 24.43 -19.81 -68.88
C THR E 93 25.63 -20.35 -68.11
N ILE E 94 26.75 -20.49 -68.82
CA ILE E 94 28.01 -20.95 -68.25
C ILE E 94 29.06 -19.90 -68.51
N SER E 95 29.96 -19.71 -67.54
CA SER E 95 30.94 -18.64 -67.68
C SER E 95 32.06 -19.04 -68.63
N SER E 96 32.82 -20.06 -68.28
CA SER E 96 33.93 -20.52 -69.08
C SER E 96 33.55 -21.85 -69.72
N LEU E 97 33.99 -22.06 -70.94
CA LEU E 97 33.57 -23.25 -71.69
C LEU E 97 34.66 -24.31 -71.58
N GLN E 98 34.40 -25.32 -70.76
CA GLN E 98 35.31 -26.43 -70.56
C GLN E 98 35.02 -27.51 -71.60
N PRO E 99 35.96 -28.43 -71.82
CA PRO E 99 35.69 -29.50 -72.80
C PRO E 99 34.46 -30.32 -72.46
N ASP E 100 34.22 -30.57 -71.16
CA ASP E 100 33.11 -31.44 -70.78
C ASP E 100 31.76 -30.81 -71.07
N ASP E 101 31.75 -29.66 -71.73
CA ASP E 101 30.50 -28.99 -72.06
C ASP E 101 30.00 -29.31 -73.45
N PHE E 102 30.68 -30.21 -74.16
CA PHE E 102 30.42 -30.44 -75.58
C PHE E 102 29.36 -31.52 -75.76
N ALA E 103 28.10 -31.11 -75.66
CA ALA E 103 26.98 -32.01 -75.89
C ALA E 103 25.71 -31.18 -75.97
N THR E 104 24.59 -31.86 -76.22
CA THR E 104 23.32 -31.14 -76.30
C THR E 104 22.87 -30.73 -74.90
N TYR E 105 21.77 -30.00 -74.84
CA TYR E 105 21.14 -29.65 -73.57
C TYR E 105 19.64 -29.50 -73.78
N TYR E 106 18.87 -30.09 -72.88
CA TYR E 106 17.43 -30.12 -73.00
C TYR E 106 16.80 -29.35 -71.86
N CYS E 107 15.61 -28.83 -72.08
CA CYS E 107 14.82 -28.23 -71.01
C CYS E 107 13.57 -29.06 -70.80
N GLN E 108 13.27 -29.36 -69.54
CA GLN E 108 12.08 -30.09 -69.13
C GLN E 108 11.12 -29.15 -68.43
N GLN E 109 9.89 -29.11 -68.88
CA GLN E 109 8.88 -28.45 -68.07
C GLN E 109 8.28 -29.45 -67.12
N TYR E 110 7.87 -28.97 -65.94
CA TYR E 110 7.01 -29.76 -65.08
C TYR E 110 5.96 -28.91 -64.40
N ASN E 111 5.36 -28.00 -65.16
CA ASN E 111 4.26 -27.21 -64.63
C ASN E 111 3.00 -28.07 -64.50
N GLY E 112 2.70 -28.86 -65.52
CA GLY E 112 1.50 -29.65 -65.52
C GLY E 112 1.77 -31.10 -65.90
N TYR E 113 0.71 -31.78 -66.24
CA TYR E 113 0.76 -33.14 -66.76
C TYR E 113 1.18 -33.16 -68.21
N PRO E 114 1.03 -34.27 -68.90
CA PRO E 114 2.18 -35.03 -69.37
C PRO E 114 3.39 -34.16 -69.64
N TRP E 115 4.44 -34.52 -68.93
CA TRP E 115 5.65 -33.72 -68.91
C TRP E 115 6.40 -33.89 -70.22
N THR E 116 6.77 -32.79 -70.84
CA THR E 116 7.38 -32.86 -72.15
C THR E 116 8.85 -32.46 -72.03
N PHE E 117 9.51 -32.31 -73.17
CA PHE E 117 10.90 -31.93 -73.22
C PHE E 117 11.10 -30.94 -74.34
N GLY E 118 12.33 -30.49 -74.50
CA GLY E 118 12.64 -29.52 -75.52
C GLY E 118 12.90 -30.15 -76.88
N GLN E 119 13.82 -29.53 -77.62
CA GLN E 119 14.16 -30.01 -78.95
C GLN E 119 15.60 -30.48 -79.00
N GLY E 120 16.47 -29.89 -78.20
CA GLY E 120 17.86 -30.20 -78.32
C GLY E 120 18.65 -29.00 -78.79
N THR E 121 19.70 -28.68 -78.05
CA THR E 121 20.53 -27.51 -78.32
C THR E 121 21.97 -27.96 -78.20
N LYS E 122 22.64 -28.13 -79.34
CA LYS E 122 23.91 -28.84 -79.36
C LYS E 122 25.06 -27.90 -79.66
N VAL E 123 26.10 -27.99 -78.85
CA VAL E 123 27.27 -27.15 -79.01
C VAL E 123 28.30 -27.82 -79.92
N GLU E 124 29.31 -27.06 -80.31
CA GLU E 124 30.30 -27.52 -81.26
C GLU E 124 31.65 -26.90 -80.92
N ILE E 125 32.66 -27.16 -81.75
CA ILE E 125 34.04 -26.64 -81.49
C ILE E 125 34.47 -25.79 -82.69
N LYS E 126 34.28 -24.47 -82.63
CA LYS E 126 34.58 -23.59 -83.79
C LYS E 126 36.08 -23.58 -84.10
N ARG E 127 36.40 -23.58 -85.39
CA ARG E 127 37.79 -23.50 -85.93
C ARG E 127 37.67 -22.92 -87.35
N THR E 128 38.79 -22.54 -87.97
CA THR E 128 38.74 -21.93 -89.32
C THR E 128 38.04 -22.94 -90.24
N VAL E 129 37.15 -22.46 -91.11
CA VAL E 129 36.34 -23.42 -91.94
C VAL E 129 37.28 -24.30 -92.76
N ALA E 130 37.04 -25.61 -92.78
CA ALA E 130 37.87 -26.54 -93.57
C ALA E 130 37.04 -27.01 -94.77
N ALA E 131 37.58 -26.91 -95.98
CA ALA E 131 36.80 -27.28 -97.16
C ALA E 131 36.86 -28.78 -97.40
N PRO E 132 35.79 -29.35 -97.94
CA PRO E 132 35.74 -30.80 -98.11
C PRO E 132 36.66 -31.30 -99.21
N SER E 133 36.92 -32.60 -99.16
CA SER E 133 37.53 -33.33 -100.26
C SER E 133 36.51 -34.31 -100.78
N VAL E 134 36.21 -34.22 -102.08
CA VAL E 134 35.09 -34.95 -102.66
C VAL E 134 35.61 -36.25 -103.28
N PHE E 135 34.80 -37.30 -103.20
CA PHE E 135 35.13 -38.59 -103.77
C PHE E 135 33.87 -39.32 -104.20
N ILE E 136 33.98 -40.09 -105.28
CA ILE E 136 32.88 -40.89 -105.79
C ILE E 136 33.37 -42.31 -105.98
N PHE E 137 32.48 -43.29 -105.81
CA PHE E 137 32.83 -44.67 -106.11
C PHE E 137 31.79 -45.26 -107.03
N PRO E 138 32.20 -45.82 -108.18
CA PRO E 138 31.24 -46.53 -109.02
C PRO E 138 30.82 -47.82 -108.35
N PRO E 139 29.68 -48.38 -108.72
CA PRO E 139 29.26 -49.65 -108.16
C PRO E 139 30.26 -50.75 -108.49
N SER E 140 30.39 -51.71 -107.57
CA SER E 140 31.25 -52.85 -107.81
C SER E 140 30.54 -53.89 -108.66
N ASP E 141 31.31 -54.56 -109.51
CA ASP E 141 30.70 -55.53 -110.42
C ASP E 141 30.09 -56.70 -109.65
N GLU E 142 30.65 -57.03 -108.49
CA GLU E 142 30.00 -58.05 -107.66
C GLU E 142 28.61 -57.60 -107.25
N GLN E 143 28.48 -56.34 -106.85
CA GLN E 143 27.15 -55.77 -106.63
C GLN E 143 26.34 -55.81 -107.92
N LEU E 144 27.02 -55.68 -109.06
CA LEU E 144 26.32 -55.75 -110.33
C LEU E 144 25.78 -57.15 -110.60
N LYS E 145 26.34 -58.16 -109.93
CA LYS E 145 25.79 -59.50 -110.05
C LYS E 145 24.48 -59.61 -109.29
N SER E 146 24.37 -58.92 -108.15
CA SER E 146 23.24 -59.10 -107.27
C SER E 146 21.92 -58.67 -107.92
N GLY E 147 21.85 -57.47 -108.45
CA GLY E 147 20.62 -56.96 -109.02
C GLY E 147 20.18 -55.60 -108.57
N THR E 148 20.87 -54.97 -107.63
CA THR E 148 20.64 -53.57 -107.29
C THR E 148 21.95 -52.80 -107.41
N ALA E 149 21.84 -51.51 -107.70
CA ALA E 149 23.00 -50.66 -107.94
C ALA E 149 23.17 -49.69 -106.78
N SER E 150 24.40 -49.52 -106.33
CA SER E 150 24.74 -48.58 -105.26
C SER E 150 25.85 -47.66 -105.74
N VAL E 151 25.71 -46.37 -105.45
CA VAL E 151 26.72 -45.38 -105.81
C VAL E 151 27.02 -44.53 -104.58
N VAL E 152 28.30 -44.29 -104.33
CA VAL E 152 28.76 -43.59 -103.14
C VAL E 152 29.46 -42.31 -103.54
N CYS E 153 28.96 -41.19 -103.02
CA CYS E 153 29.62 -39.89 -103.14
C CYS E 153 30.05 -39.48 -101.74
N LEU E 154 31.30 -39.11 -101.58
CA LEU E 154 31.88 -38.93 -100.26
C LEU E 154 32.41 -37.52 -100.07
N LEU E 155 32.28 -37.02 -98.84
CA LEU E 155 32.83 -35.74 -98.44
C LEU E 155 33.53 -35.93 -97.11
N ASN E 156 34.78 -35.49 -97.02
CA ASN E 156 35.57 -35.69 -95.81
C ASN E 156 36.13 -34.37 -95.30
N ASN E 157 36.10 -34.21 -93.98
CA ASN E 157 36.73 -33.07 -93.29
C ASN E 157 36.22 -31.75 -93.84
N PHE E 158 34.92 -31.56 -93.79
CA PHE E 158 34.30 -30.31 -94.20
C PHE E 158 33.66 -29.65 -92.99
N TYR E 159 33.80 -28.33 -92.85
CA TYR E 159 33.45 -27.72 -91.53
C TYR E 159 31.98 -27.53 -91.16
N PRO E 160 31.21 -26.62 -91.80
CA PRO E 160 29.87 -26.30 -91.32
C PRO E 160 28.76 -27.28 -91.65
N ARG E 161 28.71 -28.45 -90.98
CA ARG E 161 27.59 -29.42 -91.11
C ARG E 161 26.67 -28.99 -92.25
N GLU E 162 25.70 -28.10 -91.98
CA GLU E 162 24.74 -27.57 -92.99
C GLU E 162 25.35 -27.50 -94.40
N ALA E 163 25.35 -28.62 -95.13
CA ALA E 163 25.81 -28.67 -96.51
C ALA E 163 24.66 -29.21 -97.34
N LYS E 164 24.91 -29.39 -98.62
CA LYS E 164 23.90 -29.88 -99.55
C LYS E 164 24.59 -30.71 -100.62
N VAL E 165 23.99 -31.86 -100.95
CA VAL E 165 24.47 -32.71 -102.02
C VAL E 165 23.29 -33.08 -102.90
N GLN E 166 23.49 -33.02 -104.21
CA GLN E 166 22.49 -33.43 -105.18
C GLN E 166 23.13 -34.33 -106.21
N TRP E 167 22.30 -35.19 -106.81
CA TRP E 167 22.76 -36.17 -107.78
C TRP E 167 22.30 -35.76 -109.16
N LYS E 168 23.18 -35.88 -110.14
CA LYS E 168 22.90 -35.52 -111.51
C LYS E 168 23.22 -36.73 -112.37
N VAL E 169 22.19 -37.36 -112.92
CA VAL E 169 22.34 -38.57 -113.73
C VAL E 169 21.79 -38.30 -115.11
N ASP E 170 22.63 -38.53 -116.13
CA ASP E 170 22.27 -38.22 -117.51
C ASP E 170 21.80 -36.77 -117.64
N ASN E 171 22.50 -35.86 -116.96
CA ASN E 171 22.15 -34.45 -116.93
C ASN E 171 20.70 -34.23 -116.48
N ALA E 172 20.31 -34.93 -115.42
CA ALA E 172 19.01 -34.71 -114.78
C ALA E 172 19.19 -34.83 -113.27
N LEU E 173 18.40 -34.09 -112.51
CA LEU E 173 18.41 -34.22 -111.07
C LEU E 173 17.67 -35.48 -110.65
N GLN E 174 18.01 -36.01 -109.48
CA GLN E 174 17.40 -37.22 -108.96
C GLN E 174 16.97 -37.00 -107.53
N SER E 175 15.81 -37.54 -107.17
CA SER E 175 15.18 -37.27 -105.88
C SER E 175 14.62 -38.56 -105.29
N GLY E 176 14.49 -38.58 -103.96
CA GLY E 176 13.80 -39.63 -103.25
C GLY E 176 14.63 -40.89 -103.05
N ASN E 177 15.41 -41.29 -104.05
CA ASN E 177 16.15 -42.53 -104.00
C ASN E 177 17.51 -42.39 -103.35
N SER E 178 17.83 -41.22 -102.80
CA SER E 178 19.12 -40.96 -102.20
C SER E 178 18.99 -40.90 -100.69
N GLN E 179 20.00 -41.41 -99.99
CA GLN E 179 20.07 -41.36 -98.54
C GLN E 179 21.35 -40.66 -98.12
N GLU E 180 21.26 -39.89 -97.05
CA GLU E 180 22.40 -39.13 -96.55
C GLU E 180 22.68 -39.58 -95.12
N SER E 181 23.93 -39.90 -94.85
CA SER E 181 24.38 -40.25 -93.51
C SER E 181 25.59 -39.41 -93.17
N VAL E 182 25.55 -38.74 -92.04
CA VAL E 182 26.58 -37.79 -91.64
C VAL E 182 27.23 -38.28 -90.36
N THR E 183 28.56 -38.24 -90.32
CA THR E 183 29.26 -38.69 -89.13
C THR E 183 29.04 -37.73 -87.99
N GLU E 184 29.57 -38.08 -86.83
CA GLU E 184 29.63 -37.12 -85.73
C GLU E 184 31.03 -36.53 -85.66
N GLN E 185 31.11 -35.27 -85.25
CA GLN E 185 32.37 -34.57 -85.23
C GLN E 185 33.35 -35.24 -84.29
N ASP E 186 34.59 -35.39 -84.73
CA ASP E 186 35.63 -36.01 -83.92
C ASP E 186 36.26 -35.01 -82.98
N SER E 187 36.65 -35.48 -81.79
CA SER E 187 37.34 -34.62 -80.84
C SER E 187 38.69 -34.16 -81.39
N LYS E 188 39.52 -35.10 -81.83
CA LYS E 188 40.83 -34.73 -82.35
C LYS E 188 40.72 -34.02 -83.69
N ASP E 189 39.89 -34.54 -84.58
CA ASP E 189 39.78 -33.95 -85.91
C ASP E 189 39.02 -32.63 -85.87
N SER E 190 37.90 -32.60 -85.16
CA SER E 190 37.06 -31.40 -85.07
C SER E 190 36.47 -31.00 -86.41
N THR E 191 36.26 -31.97 -87.31
CA THR E 191 35.60 -31.68 -88.57
C THR E 191 34.45 -32.66 -88.76
N TYR E 192 33.91 -32.69 -89.96
CA TYR E 192 32.76 -33.51 -90.30
C TYR E 192 33.00 -34.23 -91.62
N SER E 193 32.33 -35.37 -91.79
CA SER E 193 32.47 -36.19 -92.98
C SER E 193 31.10 -36.75 -93.37
N LEU E 194 30.88 -36.93 -94.66
CA LEU E 194 29.55 -37.22 -95.18
C LEU E 194 29.63 -38.22 -96.31
N SER E 195 28.62 -39.09 -96.42
CA SER E 195 28.46 -39.98 -97.56
C SER E 195 27.08 -39.79 -98.18
N SER E 196 27.05 -39.69 -99.50
CA SER E 196 25.81 -39.67 -100.26
C SER E 196 25.72 -40.96 -101.05
N THR E 197 24.61 -41.68 -100.89
CA THR E 197 24.42 -42.96 -101.55
C THR E 197 23.24 -42.88 -102.50
N LEU E 198 23.45 -43.33 -103.72
CA LEU E 198 22.41 -43.41 -104.72
C LEU E 198 22.17 -44.88 -105.04
N THR E 199 20.95 -45.34 -104.85
CA THR E 199 20.60 -46.74 -105.07
C THR E 199 19.54 -46.80 -106.16
N LEU E 200 19.59 -47.87 -106.94
CA LEU E 200 18.67 -48.06 -108.04
C LEU E 200 18.72 -49.51 -108.50
N SER E 201 17.70 -49.90 -109.26
CA SER E 201 17.66 -51.23 -109.82
C SER E 201 18.42 -51.28 -111.14
N LYS E 202 18.91 -52.48 -111.48
CA LYS E 202 19.73 -52.64 -112.68
C LYS E 202 19.11 -51.99 -113.90
N ALA E 203 17.82 -52.22 -114.13
CA ALA E 203 17.18 -51.74 -115.34
C ALA E 203 17.43 -50.23 -115.53
N ASP E 204 17.48 -49.49 -114.44
CA ASP E 204 17.80 -48.07 -114.52
C ASP E 204 19.28 -47.86 -114.79
N TYR E 205 20.13 -48.79 -114.32
CA TYR E 205 21.57 -48.57 -114.39
C TYR E 205 22.05 -48.38 -115.81
N GLU E 206 22.00 -49.43 -116.63
CA GLU E 206 22.53 -49.32 -117.99
C GLU E 206 21.71 -48.36 -118.82
N LYS E 207 20.45 -48.13 -118.43
CA LYS E 207 19.63 -47.14 -119.12
C LYS E 207 20.30 -45.77 -119.08
N HIS E 208 21.16 -45.54 -118.09
CA HIS E 208 21.80 -44.24 -117.91
C HIS E 208 23.27 -44.39 -118.25
N LYS E 209 23.88 -43.31 -118.77
CA LYS E 209 25.26 -43.41 -119.21
C LYS E 209 26.21 -42.69 -118.27
N VAL E 210 25.83 -41.49 -117.82
CA VAL E 210 26.72 -40.63 -117.05
C VAL E 210 26.11 -40.34 -115.69
N TYR E 211 26.94 -40.34 -114.65
CA TYR E 211 26.53 -40.14 -113.28
C TYR E 211 27.34 -39.02 -112.65
N ALA E 212 26.68 -38.19 -111.85
CA ALA E 212 27.34 -37.08 -111.19
C ALA E 212 26.64 -36.72 -109.90
N CYS E 213 27.41 -36.56 -108.83
CA CYS E 213 26.94 -35.95 -107.60
C CYS E 213 27.55 -34.57 -107.51
N GLU E 214 26.77 -33.60 -107.06
CA GLU E 214 27.24 -32.23 -106.92
C GLU E 214 27.02 -31.78 -105.49
N VAL E 215 27.97 -31.01 -104.97
CA VAL E 215 27.93 -30.54 -103.59
C VAL E 215 28.05 -29.03 -103.58
N THR E 216 27.26 -28.38 -102.74
CA THR E 216 27.34 -26.95 -102.52
C THR E 216 27.80 -26.72 -101.08
N HIS E 217 28.88 -25.97 -100.90
CA HIS E 217 29.45 -25.77 -99.58
C HIS E 217 29.83 -24.32 -99.37
N GLN E 218 29.70 -23.89 -98.12
CA GLN E 218 30.05 -22.51 -97.76
C GLN E 218 31.53 -22.24 -98.01
N GLY E 219 32.41 -23.15 -97.59
CA GLY E 219 33.83 -22.92 -97.74
C GLY E 219 34.27 -22.87 -99.19
N LEU E 220 33.61 -23.63 -100.06
CA LEU E 220 33.98 -23.66 -101.47
C LEU E 220 33.63 -22.34 -102.14
N SER E 221 34.52 -21.89 -103.03
CA SER E 221 34.26 -20.69 -103.81
C SER E 221 33.05 -20.90 -104.72
N SER E 222 32.97 -22.05 -105.37
CA SER E 222 31.94 -22.32 -106.35
C SER E 222 31.39 -23.73 -106.14
N PRO E 223 30.17 -24.00 -106.58
CA PRO E 223 29.68 -25.38 -106.58
C PRO E 223 30.60 -26.28 -107.37
N VAL E 224 30.86 -27.48 -106.83
CA VAL E 224 31.83 -28.40 -107.40
C VAL E 224 31.10 -29.67 -107.83
N THR E 225 31.31 -30.07 -109.08
CA THR E 225 30.72 -31.27 -109.64
C THR E 225 31.80 -32.32 -109.83
N LYS E 226 31.53 -33.54 -109.39
CA LYS E 226 32.37 -34.68 -109.67
C LYS E 226 31.50 -35.76 -110.30
N SER E 227 32.06 -36.52 -111.23
CA SER E 227 31.26 -37.41 -112.06
C SER E 227 32.10 -38.50 -112.68
N PHE E 228 31.41 -39.50 -113.23
CA PHE E 228 32.03 -40.47 -114.12
C PHE E 228 30.95 -41.06 -115.01
N ASN E 229 31.37 -41.91 -115.94
CA ASN E 229 30.46 -42.73 -116.74
C ASN E 229 30.86 -44.19 -116.61
N ARG E 230 30.02 -45.07 -117.15
CA ARG E 230 30.28 -46.51 -117.07
C ARG E 230 31.58 -46.88 -117.75
N GLY E 231 32.48 -47.50 -117.00
CA GLY E 231 33.77 -47.91 -117.53
C GLY E 231 34.72 -46.74 -117.74
N GLN F 20 26.96 -43.87 -53.66
CA GLN F 20 26.24 -43.21 -54.73
C GLN F 20 25.20 -44.13 -55.33
N VAL F 21 23.95 -43.67 -55.38
CA VAL F 21 22.90 -44.45 -56.02
C VAL F 21 23.26 -44.72 -57.46
N GLN F 22 23.02 -45.95 -57.92
CA GLN F 22 23.18 -46.30 -59.32
C GLN F 22 22.00 -47.14 -59.76
N LEU F 23 21.70 -47.08 -61.05
CA LEU F 23 20.64 -47.86 -61.65
C LEU F 23 21.20 -48.65 -62.82
N VAL F 24 20.87 -49.94 -62.89
CA VAL F 24 21.26 -50.80 -64.00
C VAL F 24 20.06 -51.62 -64.41
N GLN F 25 20.12 -52.15 -65.63
CA GLN F 25 18.95 -52.79 -66.21
C GLN F 25 19.38 -53.71 -67.34
N SER F 26 18.37 -54.25 -68.03
CA SER F 26 18.56 -55.33 -68.99
C SER F 26 19.35 -54.86 -70.21
N GLY F 27 19.66 -55.83 -71.08
CA GLY F 27 20.39 -55.57 -72.31
C GLY F 27 19.46 -55.27 -73.48
N ALA F 28 19.97 -55.58 -74.67
CA ALA F 28 19.23 -55.25 -75.89
C ALA F 28 18.09 -56.24 -76.11
N GLU F 29 17.07 -55.78 -76.85
CA GLU F 29 15.96 -56.65 -77.24
C GLU F 29 15.62 -56.38 -78.71
N VAL F 30 15.00 -57.37 -79.33
CA VAL F 30 14.41 -57.24 -80.65
C VAL F 30 13.08 -57.99 -80.66
N LYS F 31 12.05 -57.36 -81.20
CA LYS F 31 10.72 -57.95 -81.18
C LYS F 31 10.09 -57.76 -82.54
N LYS F 32 8.80 -58.06 -82.61
CA LYS F 32 8.03 -58.03 -83.84
C LYS F 32 6.70 -57.35 -83.58
N PRO F 33 6.06 -56.80 -84.62
CA PRO F 33 4.83 -56.05 -84.41
C PRO F 33 3.76 -56.88 -83.72
N GLY F 34 2.99 -56.23 -82.86
CA GLY F 34 1.93 -56.85 -82.12
C GLY F 34 2.34 -57.51 -80.83
N ALA F 35 3.64 -57.69 -80.61
CA ALA F 35 4.12 -58.43 -79.44
C ALA F 35 4.12 -57.53 -78.21
N SER F 36 4.82 -57.97 -77.16
CA SER F 36 5.01 -57.19 -75.97
C SER F 36 6.43 -57.41 -75.46
N VAL F 37 6.95 -56.43 -74.72
CA VAL F 37 8.32 -56.47 -74.23
C VAL F 37 8.33 -56.02 -72.78
N LYS F 38 9.28 -56.55 -72.01
CA LYS F 38 9.37 -56.30 -70.59
C LYS F 38 10.80 -55.93 -70.25
N VAL F 39 11.04 -54.65 -70.02
CA VAL F 39 12.33 -54.18 -69.57
C VAL F 39 12.23 -53.90 -68.08
N SER F 40 13.37 -53.96 -67.40
CA SER F 40 13.36 -53.83 -65.96
C SER F 40 14.70 -53.35 -65.47
N CYS F 41 14.67 -52.52 -64.44
CA CYS F 41 15.90 -51.97 -63.86
C CYS F 41 15.92 -52.16 -62.36
N LYS F 42 17.11 -52.51 -61.86
CA LYS F 42 17.33 -52.79 -60.45
C LYS F 42 17.91 -51.57 -59.76
N ALA F 43 17.46 -51.30 -58.55
CA ALA F 43 17.86 -50.12 -57.81
C ALA F 43 18.90 -50.46 -56.75
N SER F 44 19.65 -49.43 -56.35
CA SER F 44 20.60 -49.57 -55.25
C SER F 44 20.71 -48.20 -54.57
N GLY F 45 19.85 -47.99 -53.57
CA GLY F 45 19.80 -46.70 -52.90
C GLY F 45 19.97 -46.89 -51.40
N TYR F 46 20.50 -45.84 -50.76
CA TYR F 46 20.86 -45.94 -49.35
C TYR F 46 19.63 -46.12 -48.47
N THR F 47 18.53 -45.44 -48.81
CA THR F 47 17.25 -45.71 -48.18
C THR F 47 16.19 -45.73 -49.27
N PHE F 48 15.08 -46.40 -48.97
CA PHE F 48 13.93 -46.36 -49.86
C PHE F 48 12.85 -45.58 -49.14
N THR F 49 12.95 -44.27 -49.24
CA THR F 49 12.00 -43.34 -48.66
C THR F 49 10.99 -42.97 -49.74
N THR F 50 10.12 -43.92 -50.06
CA THR F 50 9.12 -43.75 -51.10
C THR F 50 9.81 -43.36 -52.42
N TYR F 51 10.58 -44.30 -52.94
CA TYR F 51 11.48 -44.08 -54.05
C TYR F 51 10.64 -43.91 -55.31
N ALA F 52 11.24 -43.41 -56.38
CA ALA F 52 10.45 -42.84 -57.49
C ALA F 52 10.93 -43.32 -58.87
N MET F 53 11.02 -44.63 -59.09
CA MET F 53 11.34 -45.13 -60.42
C MET F 53 10.35 -44.58 -61.44
N HIS F 54 10.87 -44.13 -62.57
CA HIS F 54 10.16 -43.13 -63.34
C HIS F 54 10.67 -43.16 -64.78
N TRP F 55 9.87 -43.68 -65.72
CA TRP F 55 10.33 -44.15 -67.02
C TRP F 55 10.24 -43.08 -68.10
N VAL F 56 11.20 -43.09 -69.03
CA VAL F 56 11.23 -42.13 -70.12
C VAL F 56 11.96 -42.74 -71.30
N ARG F 57 11.54 -42.39 -72.51
CA ARG F 57 12.00 -43.05 -73.73
C ARG F 57 12.42 -42.03 -74.77
N GLN F 58 13.18 -42.50 -75.75
CA GLN F 58 13.78 -41.61 -76.74
C GLN F 58 13.83 -42.32 -78.08
N ALA F 59 12.98 -41.90 -79.02
CA ALA F 59 13.18 -42.32 -80.40
C ALA F 59 14.50 -41.73 -80.90
N PRO F 60 15.23 -42.43 -81.75
CA PRO F 60 16.55 -41.94 -82.14
C PRO F 60 16.43 -40.61 -82.87
N GLY F 61 17.33 -39.69 -82.53
CA GLY F 61 17.34 -38.38 -83.15
C GLY F 61 16.03 -37.63 -83.02
N GLN F 62 15.45 -37.61 -81.81
CA GLN F 62 14.13 -37.05 -81.64
C GLN F 62 14.02 -36.45 -80.23
N ARG F 63 12.83 -35.94 -79.94
CA ARG F 63 12.52 -35.39 -78.64
C ARG F 63 12.31 -36.52 -77.64
N LEU F 64 12.84 -36.37 -76.42
CA LEU F 64 12.56 -37.39 -75.41
C LEU F 64 11.08 -37.42 -75.10
N GLU F 65 10.60 -38.58 -74.68
CA GLU F 65 9.19 -38.75 -74.39
C GLU F 65 9.04 -39.51 -73.08
N TRP F 66 8.10 -39.06 -72.26
CA TRP F 66 8.00 -39.48 -70.87
C TRP F 66 6.91 -40.55 -70.72
N MET F 67 7.24 -41.62 -70.02
CA MET F 67 6.36 -42.78 -69.89
C MET F 67 5.39 -42.69 -68.72
N GLY F 68 5.91 -42.66 -67.51
CA GLY F 68 5.07 -42.73 -66.33
C GLY F 68 5.92 -42.93 -65.10
N TRP F 69 5.28 -42.83 -63.95
CA TRP F 69 6.00 -42.98 -62.70
C TRP F 69 5.31 -43.97 -61.79
N ILE F 70 6.08 -44.92 -61.29
CA ILE F 70 5.65 -45.89 -60.30
C ILE F 70 6.07 -45.38 -58.94
N ASN F 71 5.23 -45.60 -57.94
CA ASN F 71 5.52 -45.11 -56.59
C ASN F 71 6.24 -46.21 -55.84
N ALA F 72 7.56 -46.25 -55.97
CA ALA F 72 8.33 -47.32 -55.36
C ALA F 72 8.11 -47.41 -53.87
N GLY F 73 7.42 -46.43 -53.28
CA GLY F 73 6.92 -46.63 -51.94
C GLY F 73 5.89 -47.73 -51.92
N ASN F 74 4.70 -47.49 -52.49
CA ASN F 74 3.73 -48.57 -52.41
C ASN F 74 3.22 -49.15 -53.72
N GLY F 75 2.37 -48.43 -54.44
CA GLY F 75 1.79 -49.03 -55.62
C GLY F 75 1.26 -48.09 -56.68
N ASN F 76 1.46 -46.80 -56.51
CA ASN F 76 0.72 -45.86 -57.34
C ASN F 76 1.34 -45.76 -58.73
N THR F 77 0.48 -45.57 -59.72
CA THR F 77 0.80 -45.88 -61.10
C THR F 77 0.31 -44.81 -62.07
N LYS F 78 0.66 -43.55 -61.83
CA LYS F 78 0.28 -42.54 -62.80
C LYS F 78 1.02 -42.78 -64.11
N TYR F 79 0.28 -42.75 -65.22
CA TYR F 79 0.82 -43.03 -66.54
C TYR F 79 0.64 -41.82 -67.44
N SER F 80 1.14 -41.93 -68.67
CA SER F 80 1.04 -40.84 -69.63
C SER F 80 -0.37 -40.79 -70.19
N GLN F 81 -0.55 -40.07 -71.29
CA GLN F 81 -1.82 -40.08 -71.99
C GLN F 81 -1.71 -40.49 -73.44
N LYS F 82 -0.61 -40.16 -74.13
CA LYS F 82 -0.41 -40.72 -75.46
C LYS F 82 -0.23 -42.24 -75.39
N PHE F 83 0.27 -42.74 -74.26
CA PHE F 83 0.52 -44.17 -74.12
C PHE F 83 -0.51 -44.85 -73.24
N GLN F 84 -1.66 -44.23 -73.04
CA GLN F 84 -2.65 -44.77 -72.13
C GLN F 84 -3.21 -46.09 -72.64
N GLY F 85 -3.56 -46.98 -71.72
CA GLY F 85 -4.31 -48.16 -72.05
C GLY F 85 -3.52 -49.27 -72.70
N ARG F 86 -2.21 -49.13 -72.85
CA ARG F 86 -1.42 -50.19 -73.46
C ARG F 86 -0.10 -50.46 -72.76
N VAL F 87 0.35 -49.57 -71.87
CA VAL F 87 1.60 -49.74 -71.15
C VAL F 87 1.28 -49.96 -69.67
N THR F 88 2.09 -50.77 -69.01
CA THR F 88 1.92 -51.03 -67.58
C THR F 88 3.27 -51.09 -66.89
N ILE F 89 3.26 -50.76 -65.61
CA ILE F 89 4.48 -50.66 -64.81
C ILE F 89 4.24 -51.27 -63.44
N THR F 90 5.19 -52.06 -62.97
CA THR F 90 5.16 -52.64 -61.63
C THR F 90 6.57 -52.68 -61.07
N ARG F 91 6.70 -53.13 -59.83
CA ARG F 91 8.00 -53.25 -59.18
C ARG F 91 7.96 -54.39 -58.18
N ASP F 92 9.13 -54.92 -57.88
CA ASP F 92 9.30 -56.01 -56.93
C ASP F 92 10.05 -55.48 -55.72
N THR F 93 9.44 -55.60 -54.55
CA THR F 93 10.00 -54.95 -53.36
C THR F 93 11.30 -55.63 -52.95
N SER F 94 11.30 -56.95 -52.85
CA SER F 94 12.48 -57.66 -52.34
C SER F 94 13.69 -57.45 -53.25
N ALA F 95 13.49 -57.52 -54.56
CA ALA F 95 14.59 -57.35 -55.49
C ALA F 95 14.94 -55.89 -55.71
N SER F 96 14.07 -54.96 -55.31
CA SER F 96 14.30 -53.53 -55.47
C SER F 96 14.53 -53.17 -56.93
N THR F 97 13.69 -53.71 -57.81
CA THR F 97 13.76 -53.43 -59.22
C THR F 97 12.42 -52.87 -59.68
N ALA F 98 12.41 -52.31 -60.89
CA ALA F 98 11.22 -51.71 -61.46
C ALA F 98 10.90 -52.40 -62.78
N TYR F 99 9.62 -52.69 -63.00
CA TYR F 99 9.19 -53.47 -64.15
C TYR F 99 8.33 -52.63 -65.08
N MET F 100 8.62 -52.69 -66.37
CA MET F 100 7.89 -51.95 -67.39
C MET F 100 7.29 -52.93 -68.40
N GLU F 101 6.12 -52.59 -68.91
CA GLU F 101 5.51 -53.48 -69.89
C GLU F 101 4.71 -52.69 -70.92
N LEU F 102 4.90 -53.06 -72.18
CA LEU F 102 4.28 -52.40 -73.32
C LEU F 102 3.78 -53.46 -74.29
N SER F 103 2.59 -53.24 -74.85
CA SER F 103 1.98 -54.16 -75.81
C SER F 103 1.53 -53.39 -77.04
N SER F 104 1.08 -54.14 -78.04
CA SER F 104 0.62 -53.57 -79.31
C SER F 104 1.69 -52.68 -79.92
N LEU F 105 2.94 -53.14 -79.85
CA LEU F 105 4.06 -52.38 -80.36
C LEU F 105 3.89 -52.16 -81.87
N ARG F 106 4.66 -51.21 -82.39
CA ARG F 106 4.61 -50.90 -83.81
C ARG F 106 5.93 -50.22 -84.16
N SER F 107 6.18 -50.03 -85.46
CA SER F 107 7.52 -49.69 -85.92
C SER F 107 8.02 -48.38 -85.34
N GLU F 108 7.12 -47.52 -84.88
CA GLU F 108 7.54 -46.24 -84.31
C GLU F 108 8.30 -46.44 -83.01
N ASP F 109 7.81 -47.30 -82.12
CA ASP F 109 8.35 -47.33 -80.76
C ASP F 109 9.79 -47.80 -80.70
N THR F 110 10.39 -48.08 -81.85
CA THR F 110 11.83 -48.26 -81.93
C THR F 110 12.51 -47.10 -81.23
N ALA F 111 13.24 -47.39 -80.17
CA ALA F 111 13.75 -46.31 -79.34
C ALA F 111 14.83 -46.85 -78.41
N VAL F 112 15.24 -46.02 -77.47
CA VAL F 112 16.07 -46.42 -76.35
C VAL F 112 15.31 -46.08 -75.09
N TYR F 113 15.22 -47.03 -74.16
CA TYR F 113 14.39 -46.85 -72.99
C TYR F 113 15.25 -46.67 -71.74
N TYR F 114 14.75 -45.83 -70.84
CA TYR F 114 15.52 -45.29 -69.72
C TYR F 114 14.75 -45.46 -68.42
N CYS F 115 15.47 -45.79 -67.36
CA CYS F 115 14.93 -45.64 -66.00
C CYS F 115 15.46 -44.38 -65.36
N ALA F 116 14.58 -43.69 -64.65
CA ALA F 116 14.97 -42.46 -63.97
C ALA F 116 14.20 -42.38 -62.67
N GLY F 117 14.67 -41.51 -61.79
CA GLY F 117 14.02 -41.26 -60.53
C GLY F 117 15.06 -41.13 -59.43
N GLY F 118 14.61 -41.34 -58.20
CA GLY F 118 15.56 -41.35 -57.11
C GLY F 118 15.75 -40.03 -56.41
N GLY F 119 14.66 -39.44 -55.91
CA GLY F 119 14.76 -38.22 -55.15
C GLY F 119 15.69 -38.31 -53.95
N GLY F 120 15.28 -39.04 -52.93
CA GLY F 120 16.11 -39.21 -51.73
C GLY F 120 15.84 -38.29 -50.55
N ARG F 121 15.99 -36.99 -50.74
CA ARG F 121 15.77 -36.05 -49.63
C ARG F 121 14.28 -35.88 -49.37
N ARG F 122 13.55 -35.35 -50.34
CA ARG F 122 12.10 -35.33 -50.26
C ARG F 122 11.59 -36.61 -50.93
N LEU F 123 10.28 -36.84 -50.91
CA LEU F 123 9.77 -38.14 -51.32
C LEU F 123 9.45 -38.24 -52.79
N GLN F 124 9.04 -37.14 -53.41
CA GLN F 124 8.71 -37.15 -54.82
C GLN F 124 9.28 -35.89 -55.46
N PHE F 125 9.65 -36.03 -56.72
CA PHE F 125 9.87 -34.87 -57.52
C PHE F 125 9.14 -35.08 -58.84
N ASP F 126 9.44 -34.23 -59.81
CA ASP F 126 9.20 -34.62 -61.18
C ASP F 126 10.38 -34.25 -62.03
N TYR F 127 11.59 -34.43 -61.50
CA TYR F 127 12.78 -34.29 -62.30
C TYR F 127 13.70 -35.47 -62.05
N PHE F 128 14.34 -35.91 -63.12
CA PHE F 128 15.01 -37.20 -63.18
C PHE F 128 16.46 -37.02 -62.82
N ASP F 129 16.85 -37.39 -61.61
CA ASP F 129 18.21 -37.14 -61.17
C ASP F 129 19.10 -38.37 -61.11
N TYR F 130 18.57 -39.56 -61.38
CA TYR F 130 19.37 -40.78 -61.46
C TYR F 130 18.91 -41.60 -62.65
N TRP F 131 19.77 -41.71 -63.66
CA TRP F 131 19.38 -42.24 -64.96
C TRP F 131 20.01 -43.61 -65.19
N GLY F 132 19.21 -44.54 -65.68
CA GLY F 132 19.74 -45.81 -66.12
C GLY F 132 20.55 -45.66 -67.39
N GLN F 133 21.50 -46.57 -67.58
CA GLN F 133 22.44 -46.48 -68.69
C GLN F 133 21.81 -46.78 -70.05
N GLY F 134 20.51 -47.03 -70.12
CA GLY F 134 19.86 -47.15 -71.41
C GLY F 134 19.58 -48.56 -71.87
N THR F 135 18.39 -48.78 -72.44
CA THR F 135 17.99 -50.06 -72.98
C THR F 135 17.53 -49.87 -74.40
N LEU F 136 18.00 -50.72 -75.30
CA LEU F 136 17.77 -50.58 -76.73
C LEU F 136 16.69 -51.54 -77.19
N VAL F 137 15.65 -51.00 -77.82
CA VAL F 137 14.51 -51.79 -78.27
C VAL F 137 14.29 -51.50 -79.74
N THR F 138 14.21 -52.55 -80.55
CA THR F 138 14.03 -52.42 -81.98
C THR F 138 12.77 -53.18 -82.39
N VAL F 139 11.82 -52.47 -82.98
CA VAL F 139 10.61 -53.07 -83.50
C VAL F 139 10.80 -53.25 -85.00
N SER F 140 10.93 -54.50 -85.43
CA SER F 140 11.17 -54.84 -86.83
C SER F 140 10.23 -55.97 -87.24
N SER F 141 10.13 -56.17 -88.55
CA SER F 141 9.41 -57.30 -89.09
C SER F 141 10.32 -58.32 -89.76
N ALA F 142 11.59 -57.98 -89.98
CA ALA F 142 12.54 -58.88 -90.61
C ALA F 142 13.08 -59.88 -89.60
N SER F 143 14.16 -60.56 -89.94
CA SER F 143 14.85 -61.44 -89.02
C SER F 143 16.34 -61.35 -89.26
N THR F 144 17.10 -62.11 -88.48
CA THR F 144 18.56 -62.06 -88.57
C THR F 144 19.02 -62.37 -89.98
N LYS F 145 20.00 -61.61 -90.46
CA LYS F 145 20.53 -61.81 -91.78
C LYS F 145 21.97 -61.32 -91.82
N GLY F 146 22.81 -62.03 -92.56
CA GLY F 146 24.19 -61.66 -92.69
C GLY F 146 24.37 -60.43 -93.56
N PRO F 147 25.48 -59.75 -93.41
CA PRO F 147 25.74 -58.55 -94.20
C PRO F 147 26.50 -58.84 -95.49
N SER F 148 26.04 -58.27 -96.60
CA SER F 148 26.77 -58.36 -97.85
C SER F 148 27.84 -57.29 -97.90
N VAL F 149 28.97 -57.60 -98.52
CA VAL F 149 30.15 -56.74 -98.46
C VAL F 149 30.65 -56.51 -99.87
N PHE F 150 31.02 -55.26 -100.17
CA PHE F 150 31.63 -54.88 -101.43
C PHE F 150 32.75 -53.90 -101.16
N PRO F 151 33.83 -53.96 -101.94
CA PRO F 151 34.94 -53.03 -101.76
C PRO F 151 34.60 -51.67 -102.35
N LEU F 152 35.42 -50.68 -101.98
CA LEU F 152 35.28 -49.31 -102.46
C LEU F 152 36.62 -48.91 -103.06
N ALA F 153 36.80 -49.19 -104.34
CA ALA F 153 38.09 -48.94 -104.97
C ALA F 153 38.13 -47.51 -105.52
N PRO F 154 39.24 -46.82 -105.32
CA PRO F 154 39.39 -45.48 -105.89
C PRO F 154 39.96 -45.54 -107.30
N SER F 155 40.19 -44.38 -107.91
CA SER F 155 40.83 -44.30 -109.21
C SER F 155 41.93 -43.25 -109.14
N SER F 156 42.92 -43.40 -110.01
CA SER F 156 44.02 -42.44 -110.09
C SER F 156 43.58 -41.09 -110.63
N LYS F 157 42.35 -41.01 -111.14
CA LYS F 157 41.82 -39.72 -111.59
C LYS F 157 41.83 -38.70 -110.47
N SER F 158 41.48 -39.13 -109.25
CA SER F 158 41.28 -38.25 -108.11
C SER F 158 42.47 -38.28 -107.15
N THR F 159 43.70 -38.33 -107.67
CA THR F 159 44.88 -38.34 -106.82
C THR F 159 45.00 -36.97 -106.17
N SER F 160 44.55 -36.88 -104.92
CA SER F 160 44.44 -35.60 -104.21
C SER F 160 45.60 -35.51 -103.23
N GLY F 161 46.55 -34.62 -103.51
CA GLY F 161 47.72 -34.48 -102.67
C GLY F 161 48.49 -35.77 -102.52
N GLY F 162 48.43 -36.64 -103.52
CA GLY F 162 49.01 -37.96 -103.39
C GLY F 162 48.30 -38.84 -102.39
N THR F 163 47.04 -38.54 -102.08
CA THR F 163 46.23 -39.31 -101.13
C THR F 163 44.88 -39.60 -101.75
N ALA F 164 44.38 -40.81 -101.53
CA ALA F 164 43.07 -41.21 -102.03
C ALA F 164 42.30 -41.95 -100.95
N ALA F 165 40.99 -41.96 -101.09
CA ALA F 165 40.08 -42.57 -100.13
C ALA F 165 39.72 -43.98 -100.56
N LEU F 166 39.17 -44.75 -99.63
CA LEU F 166 38.89 -46.15 -99.88
C LEU F 166 38.03 -46.69 -98.75
N GLY F 167 37.16 -47.64 -99.09
CA GLY F 167 36.20 -48.09 -98.12
C GLY F 167 35.73 -49.51 -98.33
N CYS F 168 34.69 -49.88 -97.58
CA CYS F 168 34.20 -51.26 -97.47
C CYS F 168 32.70 -51.20 -97.13
N LEU F 169 31.86 -51.27 -98.15
CA LEU F 169 30.44 -51.08 -97.97
C LEU F 169 29.82 -52.31 -97.30
N VAL F 170 28.73 -52.07 -96.57
CA VAL F 170 27.92 -53.14 -96.01
C VAL F 170 26.46 -52.80 -96.26
N LYS F 171 25.72 -53.73 -96.86
CA LYS F 171 24.35 -53.47 -97.26
C LYS F 171 23.44 -54.59 -96.82
N ASP F 172 22.19 -54.23 -96.53
CA ASP F 172 21.12 -55.17 -96.23
C ASP F 172 21.51 -56.14 -95.12
N TYR F 173 21.73 -55.58 -93.93
CA TYR F 173 22.05 -56.37 -92.77
C TYR F 173 21.03 -56.09 -91.67
N PHE F 174 21.04 -56.87 -90.57
CA PHE F 174 19.93 -56.74 -89.57
C PHE F 174 20.07 -55.65 -88.48
N PRO F 175 20.67 -55.87 -87.28
CA PRO F 175 20.67 -54.88 -86.16
C PRO F 175 21.69 -53.73 -86.18
N GLU F 176 22.06 -53.18 -85.03
CA GLU F 176 22.95 -51.98 -85.01
C GLU F 176 24.44 -52.21 -84.67
N PRO F 177 24.96 -53.34 -84.12
CA PRO F 177 26.39 -53.43 -83.72
C PRO F 177 27.46 -53.30 -84.81
N VAL F 178 27.27 -53.93 -85.98
CA VAL F 178 28.25 -53.92 -87.11
C VAL F 178 29.63 -53.31 -86.79
N THR F 179 30.48 -54.04 -86.04
CA THR F 179 31.85 -53.58 -85.86
C THR F 179 32.60 -53.69 -87.17
N VAL F 180 33.40 -52.70 -87.47
CA VAL F 180 34.22 -52.69 -88.68
C VAL F 180 35.61 -52.21 -88.32
N SER F 181 36.62 -52.88 -88.86
CA SER F 181 37.99 -52.47 -88.65
C SER F 181 38.78 -52.79 -89.91
N TRP F 182 39.98 -52.23 -89.99
CA TRP F 182 40.80 -52.35 -91.20
C TRP F 182 42.09 -53.07 -90.85
N ASN F 183 42.27 -54.25 -91.47
CA ASN F 183 43.43 -55.09 -91.22
C ASN F 183 43.59 -55.40 -89.73
N SER F 184 42.44 -55.57 -89.06
CA SER F 184 42.38 -55.94 -87.64
C SER F 184 43.28 -55.03 -86.79
N GLY F 185 42.91 -53.76 -86.80
CA GLY F 185 43.59 -52.77 -85.97
C GLY F 185 44.91 -52.30 -86.50
N ALA F 186 45.35 -52.79 -87.66
CA ALA F 186 46.63 -52.35 -88.19
C ALA F 186 46.62 -50.88 -88.57
N LEU F 187 45.45 -50.36 -88.94
CA LEU F 187 45.31 -48.98 -89.39
C LEU F 187 44.42 -48.22 -88.41
N THR F 188 44.82 -47.00 -88.09
CA THR F 188 44.04 -46.19 -87.17
C THR F 188 43.80 -44.80 -87.75
N SER F 189 44.72 -44.33 -88.57
CA SER F 189 44.66 -42.97 -89.08
C SER F 189 43.47 -42.78 -90.01
N GLY F 190 42.85 -41.60 -89.91
CA GLY F 190 41.85 -41.16 -90.86
C GLY F 190 40.67 -42.08 -91.06
N VAL F 191 40.53 -43.08 -90.20
CA VAL F 191 39.42 -44.00 -90.32
C VAL F 191 38.11 -43.26 -90.14
N HIS F 192 37.09 -43.70 -90.85
CA HIS F 192 35.76 -43.12 -90.71
C HIS F 192 34.73 -44.23 -90.84
N THR F 193 33.76 -44.23 -89.92
CA THR F 193 32.73 -45.25 -89.89
C THR F 193 31.40 -44.55 -89.68
N PHE F 194 30.58 -44.53 -90.70
CA PHE F 194 29.37 -43.76 -90.67
C PHE F 194 28.28 -44.52 -89.92
N PRO F 195 27.29 -43.82 -89.39
CA PRO F 195 26.20 -44.50 -88.71
C PRO F 195 25.27 -45.18 -89.70
N ALA F 196 24.50 -46.12 -89.19
CA ALA F 196 23.63 -46.92 -90.03
C ALA F 196 22.44 -46.09 -90.49
N VAL F 197 21.76 -46.60 -91.52
CA VAL F 197 20.59 -45.96 -92.09
C VAL F 197 19.55 -47.02 -92.42
N LEU F 198 18.31 -46.73 -92.05
CA LEU F 198 17.21 -47.60 -92.40
C LEU F 198 16.86 -47.44 -93.87
N GLN F 199 16.39 -48.52 -94.48
CA GLN F 199 15.96 -48.50 -95.88
C GLN F 199 14.47 -48.80 -95.97
N SER F 200 13.95 -48.68 -97.19
CA SER F 200 12.54 -49.01 -97.43
C SER F 200 12.27 -50.47 -97.18
N SER F 201 13.24 -51.34 -97.49
CA SER F 201 13.08 -52.77 -97.31
C SER F 201 13.09 -53.19 -95.85
N GLY F 202 13.38 -52.28 -94.93
CA GLY F 202 13.45 -52.65 -93.54
C GLY F 202 14.79 -53.22 -93.12
N LEU F 203 15.81 -53.10 -93.96
CA LEU F 203 17.14 -53.58 -93.62
C LEU F 203 18.07 -52.39 -93.45
N TYR F 204 19.12 -52.59 -92.66
CA TYR F 204 20.06 -51.54 -92.37
C TYR F 204 21.23 -51.60 -93.35
N SER F 205 22.01 -50.53 -93.38
CA SER F 205 23.16 -50.47 -94.26
C SER F 205 24.16 -49.45 -93.74
N LEU F 206 25.43 -49.74 -93.95
CA LEU F 206 26.53 -48.93 -93.43
C LEU F 206 27.59 -48.80 -94.49
N SER F 207 28.29 -47.68 -94.47
CA SER F 207 29.46 -47.50 -95.31
C SER F 207 30.60 -47.00 -94.44
N SER F 208 31.75 -47.65 -94.56
CA SER F 208 32.93 -47.23 -93.84
C SER F 208 34.02 -46.96 -94.85
N VAL F 209 34.84 -45.94 -94.57
CA VAL F 209 35.80 -45.44 -95.54
C VAL F 209 37.04 -44.96 -94.80
N VAL F 210 38.14 -44.85 -95.55
CA VAL F 210 39.37 -44.26 -95.03
C VAL F 210 40.21 -43.85 -96.21
N THR F 211 41.10 -42.88 -96.00
CA THR F 211 41.99 -42.41 -97.03
C THR F 211 43.43 -42.66 -96.62
N VAL F 212 44.27 -42.90 -97.62
CA VAL F 212 45.70 -43.13 -97.40
C VAL F 212 46.47 -42.36 -98.47
N PRO F 213 47.75 -42.08 -98.19
CA PRO F 213 48.61 -41.55 -99.26
C PRO F 213 48.62 -42.49 -100.45
N SER F 214 48.34 -41.95 -101.64
CA SER F 214 48.26 -42.77 -102.84
C SER F 214 49.60 -43.39 -103.21
N SER F 215 50.70 -42.91 -102.61
CA SER F 215 52.01 -43.48 -102.88
C SER F 215 52.06 -44.97 -102.56
N SER F 216 51.38 -45.40 -101.50
CA SER F 216 51.41 -46.78 -101.06
C SER F 216 50.25 -47.59 -101.60
N LEU F 217 49.61 -47.12 -102.68
CA LEU F 217 48.43 -47.79 -103.21
C LEU F 217 48.75 -49.21 -103.67
N GLY F 218 49.59 -49.32 -104.69
CA GLY F 218 49.84 -50.62 -105.29
C GLY F 218 50.80 -51.51 -104.54
N THR F 219 51.38 -51.04 -103.44
CA THR F 219 52.39 -51.78 -102.71
C THR F 219 51.95 -52.23 -101.32
N GLN F 220 50.73 -51.94 -100.92
CA GLN F 220 50.25 -52.31 -99.59
C GLN F 220 49.04 -53.22 -99.69
N THR F 221 48.59 -53.71 -98.54
CA THR F 221 47.47 -54.63 -98.45
C THR F 221 46.50 -54.13 -97.38
N TYR F 222 45.30 -53.75 -97.81
CA TYR F 222 44.24 -53.30 -96.91
C TYR F 222 43.04 -54.21 -97.05
N ILE F 223 42.54 -54.70 -95.92
CA ILE F 223 41.32 -55.49 -95.91
C ILE F 223 40.47 -55.07 -94.71
N CYS F 224 39.24 -54.67 -94.96
CA CYS F 224 38.31 -54.36 -93.89
C CYS F 224 37.98 -55.62 -93.11
N ASN F 225 37.50 -55.44 -91.89
CA ASN F 225 37.25 -56.56 -90.98
C ASN F 225 35.92 -56.32 -90.30
N VAL F 226 34.92 -57.13 -90.65
CA VAL F 226 33.56 -56.96 -90.15
C VAL F 226 33.18 -58.13 -89.27
N ASN F 227 32.48 -57.83 -88.18
CA ASN F 227 32.00 -58.85 -87.25
C ASN F 227 30.54 -58.56 -86.97
N HIS F 228 29.64 -59.40 -87.47
CA HIS F 228 28.23 -59.33 -87.12
C HIS F 228 27.92 -60.49 -86.19
N LYS F 229 27.97 -60.23 -84.88
CA LYS F 229 27.74 -61.30 -83.91
C LYS F 229 26.34 -61.91 -84.01
N PRO F 230 25.23 -61.13 -84.07
CA PRO F 230 23.91 -61.76 -84.12
C PRO F 230 23.72 -62.77 -85.25
N SER F 231 24.64 -62.79 -86.21
CA SER F 231 24.66 -63.85 -87.20
C SER F 231 26.00 -64.58 -87.23
N ASN F 232 26.94 -64.22 -86.35
CA ASN F 232 28.22 -64.91 -86.16
C ASN F 232 29.10 -64.88 -87.40
N THR F 233 28.78 -64.09 -88.40
CA THR F 233 29.57 -64.07 -89.62
C THR F 233 30.79 -63.17 -89.45
N LYS F 234 31.87 -63.55 -90.09
CA LYS F 234 33.08 -62.73 -90.14
C LYS F 234 33.56 -62.73 -91.58
N VAL F 235 33.58 -61.56 -92.20
CA VAL F 235 33.86 -61.44 -93.61
C VAL F 235 35.03 -60.50 -93.80
N ASP F 236 35.91 -60.83 -94.74
CA ASP F 236 37.01 -59.98 -95.10
C ASP F 236 37.03 -59.83 -96.62
N LYS F 237 37.38 -58.63 -97.10
CA LYS F 237 37.45 -58.42 -98.54
C LYS F 237 38.64 -57.51 -98.85
N LYS F 238 39.58 -58.05 -99.62
CA LYS F 238 40.68 -57.25 -100.13
C LYS F 238 40.16 -56.31 -101.20
N VAL F 239 40.55 -55.04 -101.11
CA VAL F 239 40.12 -54.03 -102.06
C VAL F 239 41.11 -54.01 -103.22
N GLU F 240 40.61 -54.20 -104.42
CA GLU F 240 41.45 -54.11 -105.61
C GLU F 240 41.22 -52.79 -106.30
N PRO F 241 42.19 -51.88 -106.31
CA PRO F 241 42.08 -50.59 -107.00
C PRO F 241 41.81 -50.75 -108.49
N ASP G 20 -26.02 -50.14 -1.25
CA ASP G 20 -25.88 -50.18 0.20
C ASP G 20 -24.72 -51.09 0.59
N ILE G 21 -24.20 -50.88 1.80
CA ILE G 21 -23.09 -51.67 2.30
C ILE G 21 -23.64 -52.99 2.81
N GLN G 22 -23.01 -54.08 2.42
CA GLN G 22 -23.37 -55.40 2.88
C GLN G 22 -22.40 -55.78 3.99
N MET G 23 -22.90 -56.49 4.99
CA MET G 23 -22.07 -56.98 6.06
C MET G 23 -22.35 -58.46 6.28
N THR G 24 -21.34 -59.28 6.07
CA THR G 24 -21.46 -60.73 6.26
C THR G 24 -20.27 -61.18 7.07
N GLN G 25 -20.53 -62.07 8.04
CA GLN G 25 -19.43 -62.64 8.88
C GLN G 25 -19.20 -64.09 8.44
N SER G 26 -18.00 -64.40 7.95
CA SER G 26 -17.67 -65.76 7.44
C SER G 26 -17.74 -66.86 8.52
N PRO G 27 -17.28 -66.68 9.78
CA PRO G 27 -17.25 -67.78 10.76
C PRO G 27 -18.59 -68.44 11.10
N SER G 28 -19.69 -67.66 11.18
CA SER G 28 -21.02 -68.20 11.53
C SER G 28 -21.01 -68.68 12.99
N THR G 29 -21.37 -69.93 13.27
CA THR G 29 -21.28 -70.37 14.64
C THR G 29 -19.87 -70.86 14.91
N LEU G 30 -19.49 -70.85 16.19
CA LEU G 30 -18.16 -71.30 16.59
C LEU G 30 -18.27 -72.12 17.86
N SER G 31 -17.12 -72.59 18.30
CA SER G 31 -16.99 -73.50 19.42
C SER G 31 -15.85 -73.02 20.30
N ALA G 32 -15.88 -73.39 21.57
CA ALA G 32 -14.80 -73.06 22.48
C ALA G 32 -14.95 -73.84 23.77
N SER G 33 -14.08 -73.50 24.72
CA SER G 33 -14.17 -73.99 26.09
C SER G 33 -13.50 -72.97 26.99
N VAL G 34 -13.86 -73.01 28.27
CA VAL G 34 -13.46 -71.96 29.20
C VAL G 34 -11.96 -71.78 29.18
N GLY G 35 -11.51 -70.53 29.28
CA GLY G 35 -10.09 -70.24 29.33
C GLY G 35 -9.36 -70.38 28.03
N ASP G 36 -9.95 -69.98 26.91
CA ASP G 36 -9.35 -70.12 25.60
C ASP G 36 -9.52 -68.83 24.82
N ARG G 37 -8.90 -68.74 23.64
CA ARG G 37 -9.05 -67.57 22.80
C ARG G 37 -9.86 -67.88 21.55
N VAL G 38 -10.57 -66.86 21.06
CA VAL G 38 -11.42 -67.01 19.88
C VAL G 38 -11.18 -65.82 18.96
N THR G 39 -11.59 -65.98 17.70
CA THR G 39 -11.45 -64.95 16.71
C THR G 39 -12.70 -64.91 15.85
N ILE G 40 -13.07 -63.72 15.40
CA ILE G 40 -14.24 -63.50 14.56
C ILE G 40 -13.81 -62.68 13.36
N THR G 41 -14.37 -63.00 12.21
CA THR G 41 -14.09 -62.25 10.99
C THR G 41 -15.36 -61.53 10.56
N CYS G 42 -15.23 -60.26 10.19
CA CYS G 42 -16.34 -59.50 9.64
C CYS G 42 -15.87 -58.88 8.33
N ARG G 43 -16.40 -59.37 7.22
CA ARG G 43 -16.01 -58.91 5.90
C ARG G 43 -17.06 -57.95 5.38
N ALA G 44 -16.63 -57.00 4.57
CA ALA G 44 -17.53 -56.02 4.00
C ALA G 44 -17.51 -56.09 2.49
N SER G 45 -18.65 -55.85 1.87
CA SER G 45 -18.73 -55.90 0.43
C SER G 45 -17.87 -54.82 -0.20
N GLN G 46 -17.69 -53.71 0.51
CA GLN G 46 -16.93 -52.58 0.00
C GLN G 46 -15.86 -52.17 1.00
N SER G 47 -15.12 -51.12 0.65
CA SER G 47 -14.07 -50.63 1.53
C SER G 47 -14.68 -49.84 2.68
N ILE G 48 -14.16 -50.08 3.88
CA ILE G 48 -14.54 -49.35 5.07
C ILE G 48 -13.29 -48.79 5.71
N SER G 49 -13.33 -47.52 6.09
CA SER G 49 -12.17 -46.85 6.65
C SER G 49 -12.16 -47.04 8.17
N SER G 50 -12.13 -48.29 8.57
CA SER G 50 -12.01 -48.67 9.99
C SER G 50 -13.17 -48.12 10.83
N TRP G 51 -14.32 -47.90 10.20
CA TRP G 51 -15.55 -47.57 10.90
C TRP G 51 -16.30 -48.87 11.21
N LEU G 52 -16.38 -49.24 12.49
CA LEU G 52 -17.08 -50.44 12.90
C LEU G 52 -17.20 -50.47 14.41
N ALA G 53 -18.09 -51.34 14.88
CA ALA G 53 -18.26 -51.59 16.31
C ALA G 53 -18.70 -53.03 16.52
N TRP G 54 -18.47 -53.54 17.73
CA TRP G 54 -18.80 -54.92 18.08
C TRP G 54 -19.73 -54.95 19.28
N TYR G 55 -20.89 -55.60 19.12
CA TYR G 55 -21.90 -55.68 20.16
C TYR G 55 -22.02 -57.09 20.70
N GLN G 56 -22.20 -57.19 22.01
CA GLN G 56 -22.46 -58.46 22.68
C GLN G 56 -23.93 -58.49 23.06
N GLN G 57 -24.61 -59.57 22.72
CA GLN G 57 -26.04 -59.72 22.99
C GLN G 57 -26.29 -61.08 23.59
N LYS G 58 -26.58 -61.12 24.88
CA LYS G 58 -27.04 -62.36 25.48
C LYS G 58 -28.47 -62.64 25.03
N PRO G 59 -28.92 -63.88 25.14
CA PRO G 59 -30.32 -64.18 24.76
C PRO G 59 -31.30 -63.47 25.67
N GLY G 60 -32.34 -62.91 25.07
CA GLY G 60 -33.39 -62.27 25.83
C GLY G 60 -33.00 -61.01 26.56
N LYS G 61 -31.97 -60.31 26.11
CA LYS G 61 -31.53 -59.07 26.76
C LYS G 61 -31.34 -57.99 25.72
N ALA G 62 -30.68 -56.92 26.14
CA ALA G 62 -30.37 -55.85 25.23
C ALA G 62 -28.90 -55.86 24.85
N PRO G 63 -28.57 -55.44 23.64
CA PRO G 63 -27.17 -55.42 23.21
C PRO G 63 -26.31 -54.53 24.10
N LYS G 64 -25.07 -54.95 24.27
CA LYS G 64 -24.03 -54.19 24.97
C LYS G 64 -22.87 -53.97 24.01
N LEU G 65 -22.36 -52.75 23.97
CA LEU G 65 -21.28 -52.44 23.05
C LEU G 65 -19.94 -52.83 23.65
N LEU G 66 -19.00 -53.22 22.78
CA LEU G 66 -17.65 -53.59 23.20
C LEU G 66 -16.57 -52.74 22.56
N ILE G 67 -16.55 -52.64 21.24
CA ILE G 67 -15.47 -52.00 20.50
C ILE G 67 -16.08 -51.00 19.54
N TYR G 68 -15.46 -49.84 19.39
CA TYR G 68 -15.89 -48.90 18.36
C TYR G 68 -14.68 -48.33 17.65
N ASP G 69 -14.89 -47.90 16.40
CA ASP G 69 -13.83 -47.48 15.49
C ASP G 69 -12.86 -48.61 15.21
N ALA G 70 -13.32 -49.84 15.40
CA ALA G 70 -12.61 -51.07 15.05
C ALA G 70 -11.40 -51.31 15.95
N SER G 71 -11.00 -50.33 16.74
CA SER G 71 -9.86 -50.55 17.62
C SER G 71 -10.19 -50.27 19.07
N SER G 72 -10.83 -49.14 19.33
CA SER G 72 -10.93 -48.62 20.68
C SER G 72 -11.67 -49.57 21.60
N LEU G 73 -11.27 -49.60 22.86
CA LEU G 73 -11.93 -50.39 23.88
C LEU G 73 -12.77 -49.48 24.75
N GLU G 74 -14.08 -49.66 24.72
CA GLU G 74 -14.96 -48.81 25.48
C GLU G 74 -14.95 -49.21 26.94
N SER G 75 -15.11 -48.22 27.82
CA SER G 75 -14.89 -48.39 29.24
C SER G 75 -15.83 -49.43 29.85
N GLY G 76 -15.49 -49.86 31.07
CA GLY G 76 -16.38 -50.71 31.82
C GLY G 76 -16.43 -52.14 31.35
N VAL G 77 -15.61 -52.52 30.39
CA VAL G 77 -15.62 -53.88 29.86
C VAL G 77 -14.39 -54.59 30.43
N PRO G 78 -14.35 -55.91 30.41
CA PRO G 78 -13.12 -56.60 30.77
C PRO G 78 -12.03 -56.27 29.76
N SER G 79 -10.78 -56.26 30.23
CA SER G 79 -9.67 -55.91 29.37
C SER G 79 -9.38 -56.99 28.34
N ARG G 80 -10.02 -58.16 28.45
CA ARG G 80 -9.72 -59.25 27.54
C ARG G 80 -10.02 -58.86 26.10
N PHE G 81 -11.15 -58.21 25.87
CA PHE G 81 -11.58 -57.90 24.52
C PHE G 81 -10.58 -56.98 23.83
N SER G 82 -10.45 -57.15 22.51
CA SER G 82 -9.48 -56.41 21.74
C SER G 82 -9.88 -56.47 20.27
N GLY G 83 -9.89 -55.30 19.62
CA GLY G 83 -10.22 -55.23 18.21
C GLY G 83 -8.94 -55.15 17.39
N SER G 84 -9.09 -55.18 16.08
CA SER G 84 -7.98 -54.96 15.17
C SER G 84 -8.54 -54.70 13.78
N GLY G 85 -7.64 -54.73 12.80
CA GLY G 85 -8.05 -54.78 11.41
C GLY G 85 -8.42 -53.42 10.84
N SER G 86 -8.38 -53.35 9.52
CA SER G 86 -8.70 -52.13 8.79
C SER G 86 -9.09 -52.51 7.37
N GLY G 87 -9.54 -51.52 6.61
CA GLY G 87 -9.92 -51.81 5.24
C GLY G 87 -11.22 -52.60 5.19
N THR G 88 -11.11 -53.89 4.89
CA THR G 88 -12.34 -54.68 4.81
C THR G 88 -12.38 -55.76 5.89
N GLU G 89 -11.36 -56.59 5.98
CA GLU G 89 -11.37 -57.71 6.91
C GLU G 89 -11.04 -57.22 8.30
N PHE G 90 -11.92 -57.51 9.25
CA PHE G 90 -11.89 -56.93 10.58
C PHE G 90 -11.92 -58.08 11.56
N THR G 91 -11.38 -57.88 12.76
CA THR G 91 -11.18 -58.99 13.66
C THR G 91 -11.37 -58.58 15.10
N LEU G 92 -12.03 -59.44 15.87
CA LEU G 92 -12.17 -59.32 17.31
C LEU G 92 -11.42 -60.49 17.90
N THR G 93 -10.92 -60.35 19.13
CA THR G 93 -10.20 -61.43 19.76
C THR G 93 -10.14 -61.23 21.27
N ILE G 94 -10.33 -62.31 22.01
CA ILE G 94 -10.27 -62.32 23.46
C ILE G 94 -9.23 -63.33 23.90
N SER G 95 -8.49 -63.01 24.96
CA SER G 95 -7.41 -63.89 25.37
C SER G 95 -7.93 -65.11 26.10
N SER G 96 -8.55 -64.90 27.26
CA SER G 96 -9.08 -65.98 28.06
C SER G 96 -10.59 -65.95 27.98
N LEU G 97 -11.20 -67.13 27.96
CA LEU G 97 -12.64 -67.23 27.74
C LEU G 97 -13.34 -67.36 29.09
N GLN G 98 -13.95 -66.27 29.55
CA GLN G 98 -14.70 -66.25 30.79
C GLN G 98 -16.13 -66.68 30.54
N PRO G 99 -16.87 -67.06 31.59
CA PRO G 99 -18.27 -67.45 31.37
C PRO G 99 -19.10 -66.35 30.73
N ASP G 100 -18.85 -65.09 31.11
CA ASP G 100 -19.69 -64.00 30.61
C ASP G 100 -19.49 -63.77 29.12
N ASP G 101 -18.74 -64.62 28.46
CA ASP G 101 -18.51 -64.47 27.03
C ASP G 101 -19.47 -65.30 26.19
N PHE G 102 -20.44 -65.97 26.82
CA PHE G 102 -21.26 -66.97 26.15
C PHE G 102 -22.50 -66.31 25.56
N ALA G 103 -22.34 -65.74 24.37
CA ALA G 103 -23.46 -65.14 23.64
C ALA G 103 -22.99 -64.83 22.23
N THR G 104 -23.91 -64.31 21.42
CA THR G 104 -23.54 -63.96 20.06
C THR G 104 -22.69 -62.69 20.06
N TYR G 105 -22.23 -62.31 18.88
CA TYR G 105 -21.53 -61.05 18.69
C TYR G 105 -21.77 -60.54 17.28
N TYR G 106 -22.08 -59.26 17.16
CA TYR G 106 -22.44 -58.66 15.88
C TYR G 106 -21.40 -57.62 15.52
N CYS G 107 -21.25 -57.37 14.22
CA CYS G 107 -20.44 -56.27 13.75
C CYS G 107 -21.34 -55.26 13.04
N GLN G 108 -21.14 -53.99 13.37
CA GLN G 108 -21.87 -52.88 12.77
C GLN G 108 -20.93 -52.09 11.88
N GLN G 109 -21.31 -51.88 10.63
CA GLN G 109 -20.59 -50.91 9.85
C GLN G 109 -21.21 -49.54 10.05
N TYR G 110 -20.38 -48.51 9.98
CA TYR G 110 -20.91 -47.15 9.84
C TYR G 110 -20.06 -46.32 8.89
N ASN G 111 -19.68 -46.91 7.78
CA ASN G 111 -18.98 -46.16 6.74
C ASN G 111 -19.92 -45.22 6.03
N GLY G 112 -21.11 -45.70 5.67
CA GLY G 112 -22.05 -44.90 4.92
C GLY G 112 -23.44 -44.94 5.53
N TYR G 113 -24.40 -44.54 4.73
CA TYR G 113 -25.81 -44.61 5.07
C TYR G 113 -26.34 -46.02 4.89
N PRO G 114 -27.64 -46.22 4.89
CA PRO G 114 -28.29 -46.96 5.97
C PRO G 114 -27.39 -48.00 6.61
N TRP G 115 -27.21 -47.81 7.89
CA TRP G 115 -26.26 -48.60 8.65
C TRP G 115 -26.80 -50.00 8.86
N THR G 116 -26.00 -51.00 8.55
CA THR G 116 -26.46 -52.37 8.60
C THR G 116 -25.78 -53.09 9.75
N PHE G 117 -25.99 -54.38 9.84
CA PHE G 117 -25.41 -55.20 10.88
C PHE G 117 -24.93 -56.50 10.27
N GLY G 118 -24.36 -57.35 11.11
CA GLY G 118 -23.85 -58.62 10.64
C GLY G 118 -24.92 -59.70 10.57
N GLN G 119 -24.48 -60.93 10.86
CA GLN G 119 -25.38 -62.06 10.83
C GLN G 119 -25.55 -62.67 12.21
N GLY G 120 -24.53 -62.59 13.03
CA GLY G 120 -24.59 -63.28 14.30
C GLY G 120 -23.55 -64.39 14.36
N THR G 121 -22.76 -64.36 15.43
CA THR G 121 -21.66 -65.29 15.62
C THR G 121 -21.73 -65.77 17.05
N LYS G 122 -22.23 -67.00 17.26
CA LYS G 122 -22.40 -67.52 18.65
C LYS G 122 -21.25 -68.47 19.00
N VAL G 123 -20.96 -68.62 20.29
CA VAL G 123 -19.90 -69.56 20.75
C VAL G 123 -20.51 -70.53 21.78
N GLU G 124 -20.16 -71.82 21.69
CA GLU G 124 -20.73 -72.82 22.61
C GLU G 124 -19.61 -73.63 23.27
N ILE G 125 -19.82 -74.07 24.51
CA ILE G 125 -18.79 -74.91 25.20
C ILE G 125 -18.67 -76.24 24.44
N LYS G 126 -17.45 -76.75 24.27
CA LYS G 126 -17.24 -77.99 23.48
C LYS G 126 -16.70 -79.11 24.40
N ARG G 127 -17.28 -80.29 24.27
CA ARG G 127 -17.06 -81.44 25.18
C ARG G 127 -17.42 -82.71 24.41
N THR G 128 -17.12 -83.89 24.96
CA THR G 128 -17.39 -85.15 24.22
C THR G 128 -18.87 -85.16 23.86
N VAL G 129 -19.22 -85.53 22.62
CA VAL G 129 -20.65 -85.42 22.19
C VAL G 129 -21.53 -86.30 23.07
N ALA G 130 -22.68 -85.77 23.51
CA ALA G 130 -23.63 -86.58 24.30
C ALA G 130 -24.71 -87.07 23.33
N ALA G 131 -25.01 -88.38 23.33
CA ALA G 131 -25.97 -88.87 22.36
C ALA G 131 -27.40 -88.69 22.86
N PRO G 132 -28.34 -88.46 21.94
CA PRO G 132 -29.72 -88.19 22.34
C PRO G 132 -30.42 -89.41 22.90
N SER G 133 -31.51 -89.14 23.60
CA SER G 133 -32.50 -90.14 23.98
C SER G 133 -33.79 -89.82 23.25
N VAL G 134 -34.29 -90.77 22.47
CA VAL G 134 -35.40 -90.53 21.56
C VAL G 134 -36.70 -90.92 22.23
N PHE G 135 -37.76 -90.19 21.94
CA PHE G 135 -39.09 -90.47 22.48
C PHE G 135 -40.15 -90.01 21.49
N ILE G 136 -41.26 -90.75 21.45
CA ILE G 136 -42.40 -90.43 20.60
C ILE G 136 -43.65 -90.43 21.47
N PHE G 137 -44.61 -89.60 21.11
CA PHE G 137 -45.90 -89.63 21.79
C PHE G 137 -47.02 -89.74 20.76
N PRO G 138 -47.89 -90.73 20.87
CA PRO G 138 -49.06 -90.78 20.00
C PRO G 138 -50.02 -89.67 20.34
N PRO G 139 -50.89 -89.28 19.42
CA PRO G 139 -51.89 -88.25 19.74
C PRO G 139 -52.80 -88.70 20.86
N SER G 140 -53.26 -87.74 21.66
CA SER G 140 -54.21 -88.04 22.71
C SER G 140 -55.62 -88.13 22.15
N ASP G 141 -56.42 -89.01 22.73
CA ASP G 141 -57.77 -89.21 22.21
C ASP G 141 -58.62 -87.96 22.40
N GLU G 142 -58.33 -87.16 23.43
CA GLU G 142 -59.03 -85.88 23.56
C GLU G 142 -58.73 -84.99 22.35
N GLN G 143 -57.47 -84.94 21.95
CA GLN G 143 -57.12 -84.29 20.69
C GLN G 143 -57.84 -84.96 19.53
N LEU G 144 -58.07 -86.26 19.63
CA LEU G 144 -58.78 -86.97 18.58
C LEU G 144 -60.24 -86.55 18.51
N LYS G 145 -60.77 -85.99 19.60
CA LYS G 145 -62.12 -85.44 19.56
C LYS G 145 -62.16 -84.15 18.77
N SER G 146 -61.09 -83.35 18.86
CA SER G 146 -61.11 -82.01 18.28
C SER G 146 -61.26 -82.04 16.77
N GLY G 147 -60.40 -82.78 16.07
CA GLY G 147 -60.44 -82.80 14.63
C GLY G 147 -59.11 -82.59 13.93
N THR G 148 -58.03 -82.32 14.66
CA THR G 148 -56.69 -82.29 14.09
C THR G 148 -55.81 -83.24 14.89
N ALA G 149 -54.79 -83.79 14.23
CA ALA G 149 -53.90 -84.78 14.83
C ALA G 149 -52.53 -84.16 15.05
N SER G 150 -51.96 -84.42 16.23
CA SER G 150 -50.62 -83.95 16.57
C SER G 150 -49.79 -85.15 17.02
N VAL G 151 -48.53 -85.19 16.55
CA VAL G 151 -47.60 -86.24 16.92
C VAL G 151 -46.30 -85.60 17.35
N VAL G 152 -45.72 -86.08 18.44
CA VAL G 152 -44.53 -85.50 19.04
C VAL G 152 -43.41 -86.52 19.04
N CYS G 153 -42.30 -86.16 18.41
CA CYS G 153 -41.06 -86.92 18.46
C CYS G 153 -40.04 -86.07 19.20
N LEU G 154 -39.39 -86.65 20.21
CA LEU G 154 -38.59 -85.88 21.13
C LEU G 154 -37.16 -86.36 21.16
N LEU G 155 -36.23 -85.43 21.34
CA LEU G 155 -34.81 -85.69 21.49
C LEU G 155 -34.30 -84.88 22.66
N ASN G 156 -33.64 -85.53 23.61
CA ASN G 156 -33.17 -84.84 24.81
C ASN G 156 -31.69 -85.04 25.00
N ASN G 157 -31.00 -83.97 25.43
CA ASN G 157 -29.60 -84.03 25.81
C ASN G 157 -28.72 -84.60 24.70
N PHE G 158 -28.68 -83.87 23.58
CA PHE G 158 -27.73 -84.25 22.48
C PHE G 158 -26.87 -83.01 22.23
N TYR G 159 -25.56 -83.08 22.50
CA TYR G 159 -24.71 -81.86 22.40
C TYR G 159 -24.65 -81.26 20.98
N PRO G 160 -24.44 -82.02 19.87
CA PRO G 160 -24.44 -81.41 18.54
C PRO G 160 -25.80 -80.77 18.20
N ARG G 161 -25.78 -79.60 17.54
CA ARG G 161 -27.05 -78.88 17.26
C ARG G 161 -27.50 -79.15 15.82
N GLU G 162 -26.57 -79.32 14.88
CA GLU G 162 -26.98 -79.46 13.45
C GLU G 162 -27.44 -80.90 13.21
N ALA G 163 -28.56 -81.31 13.81
CA ALA G 163 -29.08 -82.66 13.70
C ALA G 163 -30.12 -82.65 12.59
N LYS G 164 -30.75 -83.80 12.39
CA LYS G 164 -31.75 -83.95 11.35
C LYS G 164 -32.81 -84.93 11.83
N VAL G 165 -34.08 -84.61 11.60
CA VAL G 165 -35.19 -85.49 11.91
C VAL G 165 -36.10 -85.56 10.71
N GLN G 166 -36.54 -86.76 10.36
CA GLN G 166 -37.49 -86.97 9.29
C GLN G 166 -38.60 -87.89 9.77
N TRP G 167 -39.76 -87.76 9.14
CA TRP G 167 -40.94 -88.52 9.52
C TRP G 167 -41.24 -89.56 8.45
N LYS G 168 -41.56 -90.76 8.89
CA LYS G 168 -41.85 -91.87 8.00
C LYS G 168 -43.22 -92.40 8.38
N VAL G 169 -44.21 -92.18 7.52
CA VAL G 169 -45.58 -92.61 7.78
C VAL G 169 -46.00 -93.57 6.69
N ASP G 170 -46.47 -94.75 7.10
CA ASP G 170 -46.83 -95.82 6.16
C ASP G 170 -45.67 -96.10 5.20
N ASN G 171 -44.46 -96.12 5.73
CA ASN G 171 -43.24 -96.31 4.93
C ASN G 171 -43.14 -95.30 3.80
N ALA G 172 -43.41 -94.03 4.09
CA ALA G 172 -43.21 -92.94 3.17
C ALA G 172 -42.67 -91.74 3.93
N LEU G 173 -41.86 -90.93 3.27
CA LEU G 173 -41.39 -89.69 3.86
C LEU G 173 -42.48 -88.64 3.84
N GLN G 174 -42.41 -87.69 4.76
CA GLN G 174 -43.40 -86.64 4.86
C GLN G 174 -42.70 -85.29 4.96
N SER G 175 -43.26 -84.28 4.29
CA SER G 175 -42.63 -82.99 4.15
C SER G 175 -43.63 -81.87 4.34
N GLY G 176 -43.14 -80.70 4.73
CA GLY G 176 -43.92 -79.49 4.80
C GLY G 176 -44.80 -79.37 6.02
N ASN G 177 -45.41 -80.47 6.46
CA ASN G 177 -46.37 -80.44 7.56
C ASN G 177 -45.71 -80.59 8.91
N SER G 178 -44.38 -80.60 8.98
CA SER G 178 -43.66 -80.81 10.21
C SER G 178 -43.01 -79.50 10.65
N GLN G 179 -42.98 -79.27 11.96
CA GLN G 179 -42.34 -78.10 12.54
C GLN G 179 -41.30 -78.56 13.55
N GLU G 180 -40.19 -77.85 13.60
CA GLU G 180 -39.09 -78.17 14.49
C GLU G 180 -38.85 -77.00 15.43
N SER G 181 -38.80 -77.29 16.72
CA SER G 181 -38.48 -76.29 17.73
C SER G 181 -37.35 -76.83 18.60
N VAL G 182 -36.30 -76.05 18.75
CA VAL G 182 -35.09 -76.47 19.44
C VAL G 182 -34.88 -75.59 20.65
N THR G 183 -34.58 -76.20 21.79
CA THR G 183 -34.37 -75.43 23.00
C THR G 183 -33.08 -74.63 22.89
N GLU G 184 -32.82 -73.82 23.91
CA GLU G 184 -31.51 -73.20 24.03
C GLU G 184 -30.68 -73.98 25.05
N GLN G 185 -29.37 -74.02 24.81
CA GLN G 185 -28.49 -74.80 25.66
C GLN G 185 -28.52 -74.30 27.09
N ASP G 186 -28.59 -75.24 28.03
CA ASP G 186 -28.62 -74.88 29.44
C ASP G 186 -27.21 -74.68 29.98
N SER G 187 -27.08 -73.76 30.94
CA SER G 187 -25.79 -73.54 31.58
C SER G 187 -25.35 -74.77 32.36
N LYS G 188 -26.20 -75.28 33.23
CA LYS G 188 -25.83 -76.44 34.03
C LYS G 188 -25.76 -77.69 33.18
N ASP G 189 -26.76 -77.89 32.32
CA ASP G 189 -26.79 -79.11 31.52
C ASP G 189 -25.74 -79.07 30.42
N SER G 190 -25.63 -77.95 29.70
CA SER G 190 -24.69 -77.80 28.60
C SER G 190 -25.00 -78.74 27.44
N THR G 191 -26.26 -79.12 27.27
CA THR G 191 -26.65 -79.93 26.13
C THR G 191 -27.82 -79.27 25.43
N TYR G 192 -28.44 -80.00 24.51
CA TYR G 192 -29.53 -79.50 23.71
C TYR G 192 -30.66 -80.52 23.67
N SER G 193 -31.89 -80.03 23.44
CA SER G 193 -33.07 -80.86 23.40
C SER G 193 -33.99 -80.37 22.28
N LEU G 194 -34.73 -81.29 21.66
CA LEU G 194 -35.44 -81.00 20.44
C LEU G 194 -36.79 -81.71 20.44
N SER G 195 -37.80 -81.07 19.85
CA SER G 195 -39.09 -81.71 19.60
C SER G 195 -39.44 -81.61 18.13
N SER G 196 -39.89 -82.72 17.56
CA SER G 196 -40.43 -82.77 16.21
C SER G 196 -41.91 -83.02 16.29
N THR G 197 -42.70 -82.15 15.66
CA THR G 197 -44.15 -82.25 15.70
C THR G 197 -44.70 -82.50 14.30
N LEU G 198 -45.56 -83.50 14.19
CA LEU G 198 -46.24 -83.80 12.95
C LEU G 198 -47.72 -83.56 13.15
N THR G 199 -48.29 -82.69 12.34
CA THR G 199 -49.69 -82.32 12.45
C THR G 199 -50.40 -82.69 11.17
N LEU G 200 -51.67 -83.07 11.30
CA LEU G 200 -52.46 -83.49 10.16
C LEU G 200 -53.94 -83.51 10.55
N SER G 201 -54.78 -83.53 9.53
CA SER G 201 -56.22 -83.61 9.75
C SER G 201 -56.64 -85.07 9.92
N LYS G 202 -57.76 -85.26 10.64
CA LYS G 202 -58.22 -86.60 10.96
C LYS G 202 -58.25 -87.50 9.73
N ALA G 203 -58.82 -87.00 8.62
CA ALA G 203 -58.99 -87.86 7.45
C ALA G 203 -57.68 -88.53 7.05
N ASP G 204 -56.56 -87.85 7.25
CA ASP G 204 -55.27 -88.47 6.99
C ASP G 204 -54.91 -89.47 8.07
N TYR G 205 -55.38 -89.23 9.30
CA TYR G 205 -54.93 -90.03 10.44
C TYR G 205 -55.25 -91.50 10.25
N GLU G 206 -56.54 -91.87 10.27
CA GLU G 206 -56.89 -93.28 10.16
C GLU G 206 -56.52 -93.84 8.81
N LYS G 207 -56.40 -92.98 7.80
CA LYS G 207 -55.95 -93.44 6.49
C LYS G 207 -54.59 -94.10 6.58
N HIS G 208 -53.81 -93.76 7.60
CA HIS G 208 -52.46 -94.26 7.76
C HIS G 208 -52.43 -95.21 8.94
N LYS G 209 -51.58 -96.24 8.88
CA LYS G 209 -51.57 -97.24 9.94
C LYS G 209 -50.36 -97.11 10.84
N VAL G 210 -49.18 -96.88 10.26
CA VAL G 210 -47.93 -96.90 11.00
C VAL G 210 -47.24 -95.56 10.89
N TYR G 211 -46.65 -95.11 11.99
CA TYR G 211 -45.99 -93.81 12.09
C TYR G 211 -44.58 -93.99 12.62
N ALA G 212 -43.65 -93.23 12.06
CA ALA G 212 -42.26 -93.31 12.48
C ALA G 212 -41.55 -91.99 12.23
N CYS G 213 -40.83 -91.52 13.24
CA CYS G 213 -39.87 -90.43 13.08
C CYS G 213 -38.48 -91.04 13.14
N GLU G 214 -37.59 -90.56 12.29
CA GLU G 214 -36.22 -91.04 12.27
C GLU G 214 -35.27 -89.87 12.45
N VAL G 215 -34.19 -90.10 13.19
CA VAL G 215 -33.21 -89.07 13.51
C VAL G 215 -31.83 -89.53 13.08
N THR G 216 -31.07 -88.63 12.50
CA THR G 216 -29.69 -88.87 12.14
C THR G 216 -28.81 -87.95 12.98
N HIS G 217 -27.86 -88.54 13.70
CA HIS G 217 -27.04 -87.77 14.62
C HIS G 217 -25.58 -88.17 14.50
N GLN G 218 -24.71 -87.18 14.72
CA GLN G 218 -23.27 -87.44 14.67
C GLN G 218 -22.84 -88.43 15.74
N GLY G 219 -23.32 -88.25 16.96
CA GLY G 219 -22.90 -89.13 18.05
C GLY G 219 -23.35 -90.56 17.85
N LEU G 220 -24.52 -90.75 17.23
CA LEU G 220 -25.04 -92.09 17.02
C LEU G 220 -24.20 -92.85 16.01
N SER G 221 -23.99 -94.14 16.29
CA SER G 221 -23.28 -94.99 15.33
C SER G 221 -24.07 -95.11 14.03
N SER G 222 -25.38 -95.30 14.13
CA SER G 222 -26.22 -95.55 12.97
C SER G 222 -27.50 -94.73 13.08
N PRO G 223 -28.16 -94.43 11.97
CA PRO G 223 -29.48 -93.80 12.05
C PRO G 223 -30.44 -94.66 12.86
N VAL G 224 -31.23 -94.02 13.70
CA VAL G 224 -32.11 -94.70 14.64
C VAL G 224 -33.55 -94.36 14.31
N THR G 225 -34.38 -95.39 14.18
CA THR G 225 -35.78 -95.24 13.88
C THR G 225 -36.60 -95.64 15.10
N LYS G 226 -37.56 -94.80 15.46
CA LYS G 226 -38.53 -95.13 16.49
C LYS G 226 -39.91 -94.93 15.90
N SER G 227 -40.87 -95.76 16.31
CA SER G 227 -42.14 -95.82 15.62
C SER G 227 -43.22 -96.44 16.49
N PHE G 228 -44.46 -96.30 16.05
CA PHE G 228 -45.57 -97.07 16.58
C PHE G 228 -46.67 -97.13 15.54
N ASN G 229 -47.72 -97.87 15.85
CA ASN G 229 -48.96 -97.87 15.07
C ASN G 229 -50.13 -97.55 15.98
N ARG G 230 -51.30 -97.35 15.37
CA ARG G 230 -52.50 -97.02 16.13
C ARG G 230 -52.86 -98.11 17.12
N GLY G 231 -52.93 -97.75 18.40
CA GLY G 231 -53.27 -98.70 19.44
C GLY G 231 -52.13 -99.64 19.75
N GLN H 20 -25.01 -43.36 36.22
CA GLN H 20 -24.99 -44.10 34.97
C GLN H 20 -26.26 -43.84 34.18
N VAL H 21 -26.11 -43.41 32.93
CA VAL H 21 -27.27 -43.21 32.08
C VAL H 21 -28.03 -44.52 31.94
N GLN H 22 -29.35 -44.44 31.99
CA GLN H 22 -30.21 -45.60 31.73
C GLN H 22 -31.37 -45.16 30.86
N LEU H 23 -31.89 -46.10 30.09
CA LEU H 23 -33.04 -45.88 29.24
C LEU H 23 -34.12 -46.91 29.56
N VAL H 24 -35.35 -46.44 29.70
CA VAL H 24 -36.50 -47.32 29.93
C VAL H 24 -37.63 -46.87 29.04
N GLN H 25 -38.58 -47.76 28.82
CA GLN H 25 -39.61 -47.51 27.82
C GLN H 25 -40.83 -48.40 28.09
N SER H 26 -41.78 -48.34 27.17
CA SER H 26 -43.09 -48.94 27.36
C SER H 26 -43.02 -50.46 27.42
N GLY H 27 -44.18 -51.07 27.68
CA GLY H 27 -44.30 -52.51 27.76
C GLY H 27 -44.70 -53.12 26.42
N ALA H 28 -45.35 -54.27 26.50
CA ALA H 28 -45.71 -55.02 25.30
C ALA H 28 -46.90 -54.39 24.60
N GLU H 29 -46.99 -54.64 23.29
CA GLU H 29 -48.13 -54.19 22.49
C GLU H 29 -48.55 -55.32 21.57
N VAL H 30 -49.81 -55.26 21.15
CA VAL H 30 -50.34 -56.12 20.10
C VAL H 30 -51.27 -55.28 19.23
N LYS H 31 -51.13 -55.41 17.92
CA LYS H 31 -51.91 -54.59 17.00
C LYS H 31 -52.41 -55.46 15.88
N LYS H 32 -52.96 -54.83 14.85
CA LYS H 32 -53.58 -55.49 13.72
C LYS H 32 -53.12 -54.82 12.44
N PRO H 33 -53.18 -55.53 11.31
CA PRO H 33 -52.66 -54.96 10.06
C PRO H 33 -53.33 -53.66 9.70
N GLY H 34 -52.54 -52.75 9.14
CA GLY H 34 -53.01 -51.44 8.73
C GLY H 34 -52.99 -50.39 9.82
N ALA H 35 -52.81 -50.77 11.07
CA ALA H 35 -52.90 -49.84 12.18
C ALA H 35 -51.60 -49.06 12.32
N SER H 36 -51.43 -48.41 13.47
CA SER H 36 -50.20 -47.71 13.81
C SER H 36 -49.92 -47.92 15.30
N VAL H 37 -48.65 -47.81 15.65
CA VAL H 37 -48.23 -48.06 17.03
C VAL H 37 -47.23 -46.98 17.43
N LYS H 38 -47.21 -46.66 18.72
CA LYS H 38 -46.39 -45.58 19.25
C LYS H 38 -45.65 -46.09 20.46
N VAL H 39 -44.37 -46.36 20.30
CA VAL H 39 -43.50 -46.74 21.40
C VAL H 39 -42.67 -45.54 21.78
N SER H 40 -42.23 -45.50 23.03
CA SER H 40 -41.53 -44.32 23.51
C SER H 40 -40.64 -44.70 24.69
N CYS H 41 -39.48 -44.04 24.75
CA CYS H 41 -38.53 -44.31 25.81
C CYS H 41 -38.07 -43.02 26.47
N LYS H 42 -37.96 -43.08 27.80
CA LYS H 42 -37.59 -41.93 28.61
C LYS H 42 -36.11 -41.98 28.93
N ALA H 43 -35.47 -40.82 28.91
CA ALA H 43 -34.04 -40.72 29.11
C ALA H 43 -33.71 -40.25 30.52
N SER H 44 -32.48 -40.56 30.94
CA SER H 44 -31.97 -40.06 32.23
C SER H 44 -30.45 -39.93 32.09
N GLY H 45 -30.02 -38.75 31.65
CA GLY H 45 -28.61 -38.50 31.40
C GLY H 45 -28.13 -37.29 32.17
N TYR H 46 -26.84 -37.31 32.49
CA TYR H 46 -26.28 -36.27 33.37
C TYR H 46 -26.32 -34.90 32.71
N THR H 47 -26.07 -34.84 31.40
CA THR H 47 -26.30 -33.62 30.64
C THR H 47 -26.96 -34.01 29.34
N PHE H 48 -27.66 -33.05 28.74
CA PHE H 48 -28.20 -33.25 27.40
C PHE H 48 -27.43 -32.34 26.47
N THR H 49 -26.27 -32.84 26.06
CA THR H 49 -25.40 -32.15 25.13
C THR H 49 -25.69 -32.67 23.73
N THR H 50 -26.84 -32.25 23.21
CA THR H 50 -27.30 -32.70 21.90
C THR H 50 -27.35 -34.22 21.85
N TYR H 51 -28.26 -34.77 22.66
CA TYR H 51 -28.34 -36.20 22.93
C TYR H 51 -28.86 -36.88 21.67
N ALA H 52 -28.74 -38.20 21.60
CA ALA H 52 -28.84 -38.89 20.31
C ALA H 52 -29.72 -40.14 20.36
N MET H 53 -30.96 -40.01 20.83
CA MET H 53 -31.90 -41.13 20.78
C MET H 53 -32.01 -41.65 19.35
N HIS H 54 -31.98 -42.97 19.21
CA HIS H 54 -31.53 -43.54 17.95
C HIS H 54 -32.05 -44.98 17.85
N TRP H 55 -33.04 -45.23 17.00
CA TRP H 55 -33.91 -46.41 17.08
C TRP H 55 -33.40 -47.56 16.22
N VAL H 56 -33.61 -48.79 16.69
CA VAL H 56 -33.18 -49.98 15.95
C VAL H 56 -34.06 -51.15 16.36
N ARG H 57 -34.32 -52.05 15.41
CA ARG H 57 -35.31 -53.09 15.59
C ARG H 57 -34.75 -54.45 15.19
N GLN H 58 -35.43 -55.50 15.63
CA GLN H 58 -34.92 -56.85 15.46
C GLN H 58 -36.08 -57.80 15.25
N ALA H 59 -36.25 -58.29 14.04
CA ALA H 59 -37.15 -59.41 13.83
C ALA H 59 -36.58 -60.63 14.55
N PRO H 60 -37.41 -61.50 15.10
CA PRO H 60 -36.87 -62.59 15.91
C PRO H 60 -36.01 -63.52 15.07
N GLY H 61 -34.87 -63.91 15.64
CA GLY H 61 -33.95 -64.80 14.94
C GLY H 61 -33.48 -64.25 13.61
N GLN H 62 -33.08 -62.99 13.56
CA GLN H 62 -32.77 -62.36 12.30
C GLN H 62 -31.69 -61.31 12.51
N ARG H 63 -31.34 -60.63 11.43
CA ARG H 63 -30.37 -59.54 11.46
C ARG H 63 -31.02 -58.30 12.05
N LEU H 64 -30.29 -57.58 12.91
CA LEU H 64 -30.84 -56.33 13.42
C LEU H 64 -31.03 -55.35 12.27
N GLU H 65 -31.98 -54.45 12.45
CA GLU H 65 -32.30 -53.48 11.41
C GLU H 65 -32.47 -52.11 12.04
N TRP H 66 -31.91 -51.10 11.40
CA TRP H 66 -31.75 -49.78 11.98
C TRP H 66 -32.84 -48.84 11.48
N MET H 67 -33.47 -48.11 12.41
CA MET H 67 -34.61 -47.27 12.12
C MET H 67 -34.23 -45.86 11.69
N GLY H 68 -33.62 -45.10 12.58
CA GLY H 68 -33.36 -43.69 12.33
C GLY H 68 -32.88 -43.03 13.60
N TRP H 69 -32.44 -41.78 13.44
CA TRP H 69 -31.93 -41.05 14.59
C TRP H 69 -32.58 -39.69 14.69
N ILE H 70 -33.07 -39.38 15.88
CA ILE H 70 -33.63 -38.08 16.22
C ILE H 70 -32.54 -37.30 16.91
N ASN H 71 -32.49 -36.00 16.65
CA ASN H 71 -31.45 -35.15 17.23
C ASN H 71 -31.98 -34.57 18.52
N ALA H 72 -31.82 -35.31 19.61
CA ALA H 72 -32.38 -34.88 20.89
C ALA H 72 -31.89 -33.50 21.29
N GLY H 73 -30.93 -32.94 20.58
CA GLY H 73 -30.64 -31.54 20.72
C GLY H 73 -31.82 -30.72 20.24
N ASN H 74 -32.07 -30.68 18.93
CA ASN H 74 -33.19 -29.86 18.52
C ASN H 74 -34.33 -30.55 17.79
N GLY H 75 -34.15 -30.94 16.53
CA GLY H 75 -35.28 -31.47 15.79
C GLY H 75 -34.97 -32.36 14.62
N ASN H 76 -33.70 -32.66 14.39
CA ASN H 76 -33.34 -33.26 13.11
C ASN H 76 -33.71 -34.75 13.08
N THR H 77 -34.09 -35.21 11.90
CA THR H 77 -34.88 -36.42 11.77
C THR H 77 -34.41 -37.28 10.61
N LYS H 78 -33.13 -37.60 10.55
CA LYS H 78 -32.70 -38.50 9.50
C LYS H 78 -33.29 -39.90 9.72
N TYR H 79 -33.86 -40.46 8.67
CA TYR H 79 -34.55 -41.75 8.73
C TYR H 79 -33.86 -42.74 7.81
N SER H 80 -34.37 -43.97 7.80
CA SER H 80 -33.80 -45.03 6.97
C SER H 80 -34.26 -44.83 5.53
N GLN H 81 -34.09 -45.85 4.72
CA GLN H 81 -34.64 -45.83 3.37
C GLN H 81 -35.58 -46.98 3.06
N LYS H 82 -35.35 -48.15 3.63
CA LYS H 82 -36.35 -49.20 3.50
C LYS H 82 -37.62 -48.83 4.22
N PHE H 83 -37.52 -47.98 5.24
CA PHE H 83 -38.68 -47.60 6.03
C PHE H 83 -39.14 -46.18 5.72
N GLN H 84 -38.73 -45.63 4.59
CA GLN H 84 -39.04 -44.24 4.29
C GLN H 84 -40.53 -44.04 4.07
N GLY H 85 -41.01 -42.86 4.44
CA GLY H 85 -42.35 -42.45 4.09
C GLY H 85 -43.46 -43.07 4.91
N ARG H 86 -43.14 -43.87 5.93
CA ARG H 86 -44.18 -44.45 6.76
C ARG H 86 -43.89 -44.43 8.25
N VAL H 87 -42.65 -44.16 8.65
CA VAL H 87 -42.25 -44.11 10.06
C VAL H 87 -41.91 -42.68 10.41
N THR H 88 -42.22 -42.28 11.65
CA THR H 88 -41.90 -40.94 12.13
C THR H 88 -41.40 -41.00 13.55
N ILE H 89 -40.59 -40.02 13.93
CA ILE H 89 -39.95 -39.97 15.24
C ILE H 89 -39.99 -38.54 15.75
N THR H 90 -40.31 -38.39 17.04
CA THR H 90 -40.30 -37.10 17.70
C THR H 90 -39.83 -37.31 19.14
N ARG H 91 -39.70 -36.21 19.88
CA ARG H 91 -39.29 -36.26 21.27
C ARG H 91 -39.91 -35.10 22.03
N ASP H 92 -40.03 -35.27 23.33
CA ASP H 92 -40.59 -34.25 24.22
C ASP H 92 -39.48 -33.75 25.14
N THR H 93 -39.22 -32.45 25.09
CA THR H 93 -38.06 -31.91 25.80
C THR H 93 -38.23 -32.01 27.29
N SER H 94 -39.38 -31.57 27.81
CA SER H 94 -39.57 -31.51 29.25
C SER H 94 -39.52 -32.90 29.87
N ALA H 95 -40.17 -33.88 29.24
CA ALA H 95 -40.18 -35.23 29.76
C ALA H 95 -38.89 -35.99 29.45
N SER H 96 -38.08 -35.49 28.54
CA SER H 96 -36.81 -36.12 28.15
C SER H 96 -37.04 -37.56 27.68
N THR H 97 -38.04 -37.73 26.83
CA THR H 97 -38.35 -39.02 26.25
C THR H 97 -38.29 -38.91 24.73
N ALA H 98 -38.29 -40.06 24.07
CA ALA H 98 -38.23 -40.13 22.63
C ALA H 98 -39.43 -40.89 22.10
N TYR H 99 -40.04 -40.38 21.03
CA TYR H 99 -41.29 -40.91 20.51
C TYR H 99 -41.07 -41.50 19.13
N MET H 100 -41.60 -42.70 18.91
CA MET H 100 -41.49 -43.41 17.63
C MET H 100 -42.88 -43.67 17.10
N GLU H 101 -43.02 -43.64 15.77
CA GLU H 101 -44.33 -43.92 15.19
C GLU H 101 -44.20 -44.60 13.85
N LEU H 102 -45.00 -45.65 13.67
CA LEU H 102 -44.99 -46.48 12.47
C LEU H 102 -46.43 -46.75 12.05
N SER H 103 -46.69 -46.71 10.74
CA SER H 103 -48.02 -46.96 10.20
C SER H 103 -47.93 -47.98 9.08
N SER H 104 -49.10 -48.39 8.57
CA SER H 104 -49.19 -49.38 7.51
C SER H 104 -48.43 -50.65 7.87
N LEU H 105 -48.56 -51.05 9.13
CA LEU H 105 -47.89 -52.25 9.63
C LEU H 105 -48.33 -53.47 8.83
N ARG H 106 -47.55 -54.53 8.95
CA ARG H 106 -47.86 -55.78 8.27
C ARG H 106 -47.13 -56.89 9.03
N SER H 107 -47.45 -58.15 8.68
CA SER H 107 -47.07 -59.27 9.53
C SER H 107 -45.57 -59.39 9.71
N GLU H 108 -44.79 -58.80 8.81
CA GLU H 108 -43.34 -58.88 8.93
C GLU H 108 -42.84 -58.11 10.15
N ASP H 109 -43.34 -56.91 10.36
CA ASP H 109 -42.71 -56.03 11.33
C ASP H 109 -42.83 -56.53 12.76
N THR H 110 -43.44 -57.70 12.95
CA THR H 110 -43.34 -58.41 14.20
C THR H 110 -41.88 -58.47 14.64
N ALA H 111 -41.57 -57.87 15.77
CA ALA H 111 -40.17 -57.71 16.13
C ALA H 111 -40.08 -57.32 17.60
N VAL H 112 -38.87 -56.95 18.00
CA VAL H 112 -38.62 -56.32 19.28
C VAL H 112 -37.94 -54.99 18.99
N TYR H 113 -38.43 -53.91 19.59
CA TYR H 113 -37.96 -52.59 19.26
C TYR H 113 -37.12 -52.02 20.40
N TYR H 114 -36.10 -51.26 20.03
CA TYR H 114 -35.02 -50.85 20.91
C TYR H 114 -34.79 -49.35 20.81
N CYS H 115 -34.51 -48.70 21.93
CA CYS H 115 -33.93 -47.36 21.93
C CYS H 115 -32.43 -47.43 22.17
N ALA H 116 -31.70 -46.61 21.43
CA ALA H 116 -30.26 -46.57 21.59
C ALA H 116 -29.80 -45.14 21.38
N GLY H 117 -28.58 -44.88 21.82
CA GLY H 117 -27.97 -43.57 21.65
C GLY H 117 -27.21 -43.21 22.90
N GLY H 118 -26.97 -41.90 23.07
CA GLY H 118 -26.36 -41.44 24.28
C GLY H 118 -24.86 -41.32 24.24
N GLY H 119 -24.35 -40.54 23.30
CA GLY H 119 -22.92 -40.30 23.23
C GLY H 119 -22.33 -39.72 24.50
N GLY H 120 -22.65 -38.47 24.80
CA GLY H 120 -22.16 -37.82 26.01
C GLY H 120 -20.91 -36.96 25.91
N ARG H 121 -19.79 -37.55 25.50
CA ARG H 121 -18.55 -36.79 25.39
C ARG H 121 -18.57 -35.89 24.15
N ARG H 122 -18.64 -36.49 22.97
CA ARG H 122 -18.87 -35.74 21.76
C ARG H 122 -20.39 -35.69 21.53
N LEU H 123 -20.84 -34.99 20.50
CA LEU H 123 -22.25 -34.72 20.37
C LEU H 123 -23.01 -35.76 19.57
N GLN H 124 -22.36 -36.39 18.60
CA GLN H 124 -23.00 -37.40 17.79
C GLN H 124 -22.03 -38.55 17.59
N PHE H 125 -22.59 -39.74 17.48
CA PHE H 125 -21.84 -40.84 16.95
C PHE H 125 -22.70 -41.52 15.91
N ASP H 126 -22.28 -42.71 15.50
CA ASP H 126 -23.23 -43.62 14.91
C ASP H 126 -23.03 -45.00 15.48
N TYR H 127 -22.73 -45.09 16.77
CA TYR H 127 -22.70 -46.38 17.43
C TYR H 127 -23.48 -46.28 18.74
N PHE H 128 -24.17 -47.36 19.05
CA PHE H 128 -25.24 -47.37 20.05
C PHE H 128 -24.64 -47.83 21.36
N ASP H 129 -24.40 -46.90 22.29
CA ASP H 129 -23.74 -47.26 23.52
C ASP H 129 -24.64 -47.29 24.74
N TYR H 130 -25.92 -46.93 24.62
CA TYR H 130 -26.88 -47.06 25.71
C TYR H 130 -28.19 -47.61 25.15
N TRP H 131 -28.54 -48.82 25.54
CA TRP H 131 -29.61 -49.57 24.92
C TRP H 131 -30.81 -49.69 25.85
N GLY H 132 -31.99 -49.45 25.31
CA GLY H 132 -33.19 -49.73 26.05
C GLY H 132 -33.43 -51.22 26.21
N GLN H 133 -34.13 -51.58 27.28
CA GLN H 133 -34.33 -52.99 27.63
C GLN H 133 -35.27 -53.72 26.69
N GLY H 134 -35.76 -53.09 25.64
CA GLY H 134 -36.52 -53.82 24.65
C GLY H 134 -38.03 -53.69 24.73
N THR H 135 -38.67 -53.53 23.59
CA THR H 135 -40.12 -53.43 23.49
C THR H 135 -40.62 -54.45 22.49
N LEU H 136 -41.65 -55.18 22.86
CA LEU H 136 -42.15 -56.31 22.08
C LEU H 136 -43.41 -55.90 21.32
N VAL H 137 -43.39 -56.08 20.01
CA VAL H 137 -44.48 -55.69 19.15
C VAL H 137 -44.87 -56.89 18.30
N THR H 138 -46.16 -57.23 18.30
CA THR H 138 -46.66 -58.37 17.56
C THR H 138 -47.74 -57.91 16.60
N VAL H 139 -47.53 -58.12 15.31
CA VAL H 139 -48.51 -57.81 14.29
C VAL H 139 -49.25 -59.10 13.95
N SER H 140 -50.51 -59.18 14.35
CA SER H 140 -51.33 -60.36 14.14
C SER H 140 -52.69 -59.95 13.59
N SER H 141 -53.43 -60.93 13.08
CA SER H 141 -54.80 -60.72 12.67
C SER H 141 -55.80 -61.44 13.56
N ALA H 142 -55.34 -62.33 14.43
CA ALA H 142 -56.22 -63.05 15.34
C ALA H 142 -56.59 -62.20 16.53
N SER H 143 -57.13 -62.83 17.57
CA SER H 143 -57.42 -62.14 18.83
C SER H 143 -57.14 -63.10 19.97
N THR H 144 -57.36 -62.60 21.19
CA THR H 144 -57.07 -63.38 22.38
C THR H 144 -57.83 -64.69 22.35
N LYS H 145 -57.15 -65.77 22.75
CA LYS H 145 -57.78 -67.08 22.78
C LYS H 145 -57.07 -67.93 23.81
N GLY H 146 -57.84 -68.76 24.51
CA GLY H 146 -57.29 -69.64 25.51
C GLY H 146 -56.52 -70.78 24.89
N PRO H 147 -55.63 -71.38 25.66
CA PRO H 147 -54.84 -72.49 25.15
C PRO H 147 -55.46 -73.85 25.43
N SER H 148 -55.51 -74.70 24.41
CA SER H 148 -55.96 -76.08 24.59
C SER H 148 -54.80 -76.93 25.11
N VAL H 149 -55.12 -77.89 25.96
CA VAL H 149 -54.11 -78.65 26.67
C VAL H 149 -54.37 -80.14 26.49
N PHE H 150 -53.31 -80.91 26.25
CA PHE H 150 -53.36 -82.35 26.16
C PHE H 150 -52.15 -82.94 26.88
N PRO H 151 -52.33 -84.08 27.52
CA PRO H 151 -51.19 -84.72 28.21
C PRO H 151 -50.29 -85.43 27.22
N LEU H 152 -49.10 -85.79 27.70
CA LEU H 152 -48.10 -86.50 26.91
C LEU H 152 -47.73 -87.76 27.69
N ALA H 153 -48.47 -88.83 27.46
CA ALA H 153 -48.24 -90.04 28.23
C ALA H 153 -47.18 -90.91 27.55
N PRO H 154 -46.27 -91.47 28.33
CA PRO H 154 -45.28 -92.38 27.77
C PRO H 154 -45.79 -93.81 27.74
N SER H 155 -44.96 -94.75 27.30
CA SER H 155 -45.29 -96.17 27.33
C SER H 155 -44.12 -96.92 27.92
N SER H 156 -44.41 -98.09 28.49
CA SER H 156 -43.38 -98.95 29.07
C SER H 156 -42.48 -99.54 28.01
N LYS H 157 -42.85 -99.40 26.73
CA LYS H 157 -41.99 -99.88 25.65
C LYS H 157 -40.62 -99.23 25.71
N SER H 158 -40.57 -97.94 26.03
CA SER H 158 -39.35 -97.13 25.98
C SER H 158 -38.77 -96.89 27.36
N THR H 159 -38.79 -97.90 28.23
CA THR H 159 -38.22 -97.77 29.57
C THR H 159 -36.70 -97.65 29.43
N SER H 160 -36.20 -96.42 29.47
CA SER H 160 -34.80 -96.12 29.21
C SER H 160 -34.09 -95.89 30.54
N GLY H 161 -33.23 -96.83 30.91
CA GLY H 161 -32.53 -96.73 32.18
C GLY H 161 -33.47 -96.62 33.36
N GLY H 162 -34.68 -97.18 33.23
CA GLY H 162 -35.69 -96.99 34.26
C GLY H 162 -36.20 -95.57 34.34
N THR H 163 -36.05 -94.79 33.27
CA THR H 163 -36.51 -93.41 33.22
C THR H 163 -37.29 -93.19 31.93
N ALA H 164 -38.37 -92.43 32.01
CA ALA H 164 -39.19 -92.11 30.85
C ALA H 164 -39.56 -90.64 30.86
N ALA H 165 -39.88 -90.13 29.68
CA ALA H 165 -40.20 -88.72 29.49
C ALA H 165 -41.71 -88.52 29.52
N LEU H 166 -42.12 -87.27 29.67
CA LEU H 166 -43.53 -86.95 29.85
C LEU H 166 -43.73 -85.45 29.73
N GLY H 167 -44.87 -85.06 29.19
CA GLY H 167 -45.06 -83.65 28.89
C GLY H 167 -46.51 -83.22 28.92
N CYS H 168 -46.74 -82.00 28.44
CA CYS H 168 -48.01 -81.29 28.56
C CYS H 168 -48.11 -80.30 27.39
N LEU H 169 -48.76 -80.73 26.31
CA LEU H 169 -48.78 -79.93 25.09
C LEU H 169 -49.73 -78.75 25.25
N VAL H 170 -49.44 -77.69 24.51
CA VAL H 170 -50.32 -76.53 24.41
C VAL H 170 -50.40 -76.13 22.95
N LYS H 171 -51.61 -76.01 22.42
CA LYS H 171 -51.81 -75.77 21.00
C LYS H 171 -52.81 -74.64 20.79
N ASP H 172 -52.61 -73.91 19.70
CA ASP H 172 -53.53 -72.89 19.23
C ASP H 172 -53.87 -71.88 20.34
N TYR H 173 -52.86 -71.09 20.73
CA TYR H 173 -53.08 -69.99 21.71
C TYR H 173 -52.38 -68.77 21.11
N PHE H 174 -52.43 -67.59 21.74
CA PHE H 174 -51.66 -66.48 21.11
C PHE H 174 -50.69 -65.79 22.08
N PRO H 175 -51.08 -64.78 22.89
CA PRO H 175 -50.11 -64.05 23.72
C PRO H 175 -49.57 -64.90 24.87
N PRO H 177 -47.04 -66.73 24.47
CA PRO H 177 -46.20 -67.24 25.56
C PRO H 177 -47.03 -67.68 26.76
N VAL H 178 -46.85 -68.92 27.21
CA VAL H 178 -47.60 -69.46 28.39
C VAL H 178 -46.62 -69.86 29.50
N THR H 179 -46.86 -69.41 30.74
CA THR H 179 -45.99 -69.82 31.87
C THR H 179 -46.34 -71.26 32.23
N VAL H 180 -45.39 -72.19 32.16
CA VAL H 180 -45.72 -73.59 32.39
C VAL H 180 -44.88 -74.08 33.55
N SER H 181 -45.50 -74.83 34.44
CA SER H 181 -44.79 -75.44 35.55
C SER H 181 -45.43 -76.78 35.86
N TRP H 182 -44.73 -77.58 36.66
CA TRP H 182 -45.17 -78.93 36.96
C TRP H 182 -45.42 -79.08 38.44
N ASN H 183 -46.69 -79.35 38.79
CA ASN H 183 -47.12 -79.47 40.18
C ASN H 183 -46.75 -78.22 40.97
N SER H 184 -46.85 -77.07 40.31
CA SER H 184 -46.62 -75.76 40.92
C SER H 184 -45.30 -75.72 41.68
N GLY H 185 -44.22 -75.91 40.91
CA GLY H 185 -42.89 -75.81 41.46
C GLY H 185 -42.41 -77.02 42.23
N ALA H 186 -43.24 -78.07 42.34
CA ALA H 186 -42.82 -79.25 43.07
C ALA H 186 -41.66 -79.95 42.39
N LEU H 187 -41.58 -79.85 41.07
CA LEU H 187 -40.55 -80.53 40.29
C LEU H 187 -39.65 -79.50 39.63
N THR H 188 -38.35 -79.76 39.66
CA THR H 188 -37.40 -78.84 39.05
C THR H 188 -36.45 -79.59 38.13
N SER H 189 -36.18 -80.85 38.44
CA SER H 189 -35.18 -81.61 37.71
C SER H 189 -35.62 -81.87 36.28
N GLY H 190 -34.65 -81.81 35.36
CA GLY H 190 -34.83 -82.24 33.99
C GLY H 190 -35.97 -81.59 33.23
N VAL H 191 -36.53 -80.52 33.80
CA VAL H 191 -37.62 -79.84 33.13
C VAL H 191 -37.14 -79.27 31.81
N HIS H 192 -38.02 -79.24 30.82
CA HIS H 192 -37.71 -78.65 29.54
C HIS H 192 -38.93 -77.96 28.99
N THR H 193 -38.76 -76.73 28.52
CA THR H 193 -39.86 -75.92 28.02
C THR H 193 -39.41 -75.30 26.70
N PHE H 194 -39.96 -75.77 25.62
CA PHE H 194 -39.48 -75.36 24.32
C PHE H 194 -40.07 -74.00 23.94
N PRO H 195 -39.43 -73.28 23.04
CA PRO H 195 -39.97 -72.00 22.61
C PRO H 195 -41.16 -72.20 21.69
N ALA H 196 -41.94 -71.13 21.56
CA ALA H 196 -43.15 -71.20 20.77
C ALA H 196 -42.84 -71.23 19.28
N VAL H 197 -43.85 -71.63 18.51
CA VAL H 197 -43.72 -71.73 17.06
C VAL H 197 -45.00 -71.20 16.43
N LEU H 198 -44.85 -70.37 15.40
CA LEU H 198 -45.98 -69.89 14.63
C LEU H 198 -46.49 -71.00 13.72
N GLN H 199 -47.79 -70.99 13.48
CA GLN H 199 -48.42 -71.94 12.57
C GLN H 199 -49.03 -71.23 11.37
N SER H 200 -49.51 -72.02 10.43
CA SER H 200 -50.17 -71.46 9.25
C SER H 200 -51.44 -70.71 9.64
N SER H 201 -52.14 -71.20 10.66
CA SER H 201 -53.38 -70.58 11.10
C SER H 201 -53.16 -69.25 11.81
N GLY H 202 -51.91 -68.87 12.07
CA GLY H 202 -51.66 -67.65 12.80
C GLY H 202 -51.75 -67.79 14.30
N LEU H 203 -51.78 -69.00 14.81
CA LEU H 203 -51.82 -69.24 16.24
C LEU H 203 -50.51 -69.87 16.68
N TYR H 204 -50.17 -69.66 17.94
CA TYR H 204 -48.93 -70.16 18.49
C TYR H 204 -49.15 -71.52 19.14
N SER H 205 -48.05 -72.21 19.42
CA SER H 205 -48.14 -73.52 20.04
C SER H 205 -46.82 -73.85 20.73
N LEU H 206 -46.93 -74.56 21.85
CA LEU H 206 -45.78 -74.87 22.69
C LEU H 206 -45.89 -76.31 23.15
N SER H 207 -44.75 -76.93 23.36
CA SER H 207 -44.70 -78.23 23.98
C SER H 207 -43.69 -78.21 25.10
N SER H 208 -44.09 -78.67 26.28
CA SER H 208 -43.19 -78.76 27.41
C SER H 208 -43.14 -80.20 27.86
N VAL H 209 -41.97 -80.64 28.31
CA VAL H 209 -41.72 -82.05 28.58
C VAL H 209 -40.76 -82.17 29.74
N VAL H 210 -40.76 -83.34 30.37
CA VAL H 210 -39.79 -83.66 31.41
C VAL H 210 -39.73 -85.17 31.53
N THR H 211 -38.60 -85.68 32.03
CA THR H 211 -38.44 -87.10 32.23
C THR H 211 -38.21 -87.39 33.71
N VAL H 212 -38.67 -88.56 34.13
CA VAL H 212 -38.51 -89.01 35.52
C VAL H 212 -38.11 -90.47 35.52
N PRO H 213 -37.50 -90.93 36.60
CA PRO H 213 -37.30 -92.37 36.75
C PRO H 213 -38.62 -93.13 36.65
N SER H 214 -38.67 -94.12 35.77
CA SER H 214 -39.91 -94.85 35.54
C SER H 214 -40.35 -95.64 36.76
N SER H 215 -39.47 -95.79 37.75
CA SER H 215 -39.83 -96.49 38.98
C SER H 215 -41.02 -95.85 39.68
N SER H 216 -41.10 -94.52 39.64
CA SER H 216 -42.16 -93.79 40.33
C SER H 216 -43.33 -93.46 39.42
N LEU H 217 -43.46 -94.17 38.30
CA LEU H 217 -44.50 -93.86 37.33
C LEU H 217 -45.89 -94.01 37.93
N GLY H 218 -46.26 -95.23 38.32
CA GLY H 218 -47.61 -95.50 38.77
C GLY H 218 -47.91 -95.09 40.19
N THR H 219 -46.93 -94.57 40.93
CA THR H 219 -47.10 -94.25 42.33
C THR H 219 -47.03 -92.77 42.64
N GLN H 220 -46.83 -91.91 41.64
CA GLN H 220 -46.71 -90.48 41.86
C GLN H 220 -47.81 -89.73 41.11
N THR H 221 -47.86 -88.43 41.33
CA THR H 221 -48.86 -87.56 40.74
C THR H 221 -48.17 -86.35 40.13
N TYR H 222 -48.25 -86.22 38.81
CA TYR H 222 -47.67 -85.09 38.08
C TYR H 222 -48.77 -84.38 37.33
N ILE H 223 -48.85 -83.07 37.50
CA ILE H 223 -49.79 -82.25 36.74
C ILE H 223 -49.09 -80.96 36.33
N CYS H 224 -49.07 -80.68 35.03
CA CYS H 224 -48.54 -79.43 34.53
C CYS H 224 -49.42 -78.27 34.98
N ASN H 225 -48.84 -77.07 34.97
CA ASN H 225 -49.52 -75.90 35.50
C ASN H 225 -49.29 -74.74 34.53
N VAL H 226 -50.35 -74.34 33.83
CA VAL H 226 -50.25 -73.32 32.79
C VAL H 226 -51.02 -72.08 33.22
N ASN H 227 -50.45 -70.93 32.92
CA ASN H 227 -51.07 -69.64 33.23
C ASN H 227 -50.98 -68.78 31.97
N HIS H 228 -52.11 -68.53 31.33
CA HIS H 228 -52.17 -67.58 30.23
C HIS H 228 -52.89 -66.34 30.73
N LYS H 229 -52.12 -65.34 31.16
CA LYS H 229 -52.71 -64.13 31.71
C LYS H 229 -53.57 -63.37 30.70
N PRO H 230 -53.11 -63.10 29.46
CA PRO H 230 -53.95 -62.34 28.53
C PRO H 230 -55.35 -62.91 28.30
N SER H 231 -55.59 -64.15 28.73
CA SER H 231 -56.94 -64.69 28.76
C SER H 231 -57.34 -65.16 30.15
N ASN H 232 -56.47 -64.98 31.15
CA ASN H 232 -56.77 -65.24 32.55
C ASN H 232 -57.07 -66.70 32.85
N THR H 233 -56.84 -67.61 31.90
CA THR H 233 -57.16 -69.00 32.12
C THR H 233 -56.05 -69.69 32.90
N LYS H 234 -56.44 -70.65 33.72
CA LYS H 234 -55.50 -71.49 34.45
C LYS H 234 -55.99 -72.92 34.32
N VAL H 235 -55.20 -73.77 33.68
CA VAL H 235 -55.61 -75.11 33.34
C VAL H 235 -54.61 -76.09 33.95
N ASP H 236 -55.13 -77.21 34.46
CA ASP H 236 -54.30 -78.28 34.97
C ASP H 236 -54.78 -79.59 34.36
N LYS H 237 -53.84 -80.48 34.04
CA LYS H 237 -54.21 -81.78 33.50
C LYS H 237 -53.31 -82.85 34.07
N LYS H 238 -53.92 -83.80 34.76
CA LYS H 238 -53.20 -84.98 35.23
C LYS H 238 -52.89 -85.88 34.04
N VAL H 239 -51.65 -86.34 33.96
CA VAL H 239 -51.21 -87.19 32.87
C VAL H 239 -51.48 -88.64 33.28
N GLU H 240 -52.23 -89.35 32.46
CA GLU H 240 -52.48 -90.76 32.71
C GLU H 240 -51.61 -91.59 31.78
N PRO H 241 -50.61 -92.32 32.28
CA PRO H 241 -49.77 -93.19 31.47
C PRO H 241 -50.56 -94.27 30.73
N ASP I 20 -75.59 -17.18 2.52
CA ASP I 20 -75.29 -16.09 1.60
C ASP I 20 -75.21 -14.76 2.34
N ILE I 21 -74.55 -13.79 1.75
CA ILE I 21 -74.38 -12.48 2.35
C ILE I 21 -75.66 -11.69 2.11
N GLN I 22 -76.18 -11.08 3.16
CA GLN I 22 -77.35 -10.22 3.06
C GLN I 22 -76.87 -8.79 3.01
N MET I 23 -77.57 -7.96 2.24
CA MET I 23 -77.25 -6.55 2.17
C MET I 23 -78.53 -5.76 2.35
N THR I 24 -78.59 -4.96 3.40
CA THR I 24 -79.74 -4.11 3.70
C THR I 24 -79.23 -2.72 4.03
N GLN I 25 -79.88 -1.71 3.45
CA GLN I 25 -79.51 -0.30 3.70
C GLN I 25 -80.55 0.32 4.64
N SER I 26 -80.12 0.76 5.83
CA SER I 26 -81.06 1.37 6.82
C SER I 26 -81.58 2.72 6.32
N PRO I 27 -80.88 3.34 5.36
CA PRO I 27 -81.26 4.70 4.91
C PRO I 27 -82.68 4.73 4.34
N SER I 28 -83.06 3.73 3.53
CA SER I 28 -84.41 3.74 2.87
C SER I 28 -84.50 4.98 1.98
N THR I 29 -85.65 5.68 1.98
CA THR I 29 -85.71 6.91 1.21
C THR I 29 -85.17 8.04 2.07
N LEU I 30 -84.73 9.10 1.41
CA LEU I 30 -84.19 10.27 2.10
C LEU I 30 -84.69 11.53 1.41
N SER I 31 -84.26 12.64 1.99
CA SER I 31 -84.71 13.97 1.58
C SER I 31 -83.50 14.88 1.50
N ALA I 32 -83.60 15.94 0.72
CA ALA I 32 -82.52 16.91 0.64
C ALA I 32 -83.01 18.16 -0.10
N SER I 33 -82.06 19.06 -0.34
CA SER I 33 -82.26 20.21 -1.19
C SER I 33 -80.92 20.62 -1.77
N VAL I 34 -80.96 21.34 -2.89
CA VAL I 34 -79.76 21.62 -3.65
C VAL I 34 -78.69 22.25 -2.76
N GLY I 35 -77.44 21.88 -2.98
CA GLY I 35 -76.34 22.44 -2.24
C GLY I 35 -76.21 21.97 -0.81
N ASP I 36 -76.45 20.69 -0.53
CA ASP I 36 -76.41 20.16 0.82
C ASP I 36 -75.64 18.85 0.82
N ARG I 37 -75.39 18.29 2.00
CA ARG I 37 -74.70 17.01 2.10
C ARG I 37 -75.65 15.92 2.58
N VAL I 38 -75.38 14.69 2.13
CA VAL I 38 -76.20 13.54 2.48
C VAL I 38 -75.30 12.39 2.87
N THR I 39 -75.87 11.41 3.57
CA THR I 39 -75.15 10.23 3.99
C THR I 39 -76.03 9.01 3.81
N ILE I 40 -75.41 7.88 3.49
CA ILE I 40 -76.10 6.62 3.27
C ILE I 40 -75.40 5.57 4.11
N THR I 41 -76.16 4.66 4.69
CA THR I 41 -75.62 3.55 5.45
C THR I 41 -75.92 2.25 4.73
N CYS I 42 -74.92 1.39 4.62
CA CYS I 42 -75.10 0.06 4.07
C CYS I 42 -74.55 -0.94 5.08
N ARG I 43 -75.43 -1.71 5.69
CA ARG I 43 -75.05 -2.67 6.71
C ARG I 43 -75.04 -4.06 6.10
N ALA I 44 -74.17 -4.92 6.61
CA ALA I 44 -74.06 -6.28 6.10
C ALA I 44 -74.34 -7.27 7.21
N SER I 45 -74.96 -8.38 6.85
CA SER I 45 -75.29 -9.39 7.85
C SER I 45 -74.03 -9.98 8.44
N GLN I 46 -72.94 -9.99 7.67
CA GLN I 46 -71.69 -10.57 8.12
C GLN I 46 -70.55 -9.58 7.93
N SER I 47 -69.36 -10.01 8.28
CA SER I 47 -68.18 -9.17 8.14
C SER I 47 -67.74 -9.09 6.69
N ILE I 48 -67.42 -7.89 6.25
CA ILE I 48 -66.90 -7.63 4.92
C ILE I 48 -65.59 -6.89 5.05
N SER I 49 -64.57 -7.32 4.32
CA SER I 49 -63.25 -6.72 4.42
C SER I 49 -63.14 -5.57 3.42
N SER I 50 -64.03 -4.60 3.58
CA SER I 50 -64.02 -3.37 2.78
C SER I 50 -64.17 -3.64 1.30
N TRP I 51 -64.81 -4.76 0.95
CA TRP I 51 -65.19 -5.05 -0.43
C TRP I 51 -66.60 -4.50 -0.66
N LEU I 52 -66.72 -3.47 -1.48
CA LEU I 52 -68.02 -2.88 -1.79
C LEU I 52 -67.87 -1.88 -2.93
N ALA I 53 -69.00 -1.53 -3.52
CA ALA I 53 -69.07 -0.49 -4.53
C ALA I 53 -70.42 0.21 -4.46
N TRP I 54 -70.48 1.43 -4.99
CA TRP I 54 -71.68 2.23 -4.98
C TRP I 54 -72.09 2.64 -6.39
N TYR I 55 -73.32 2.31 -6.78
CA TYR I 55 -73.84 2.56 -8.12
C TYR I 55 -74.91 3.64 -8.09
N GLN I 56 -74.88 4.52 -9.08
CA GLN I 56 -75.92 5.52 -9.28
C GLN I 56 -76.78 5.08 -10.45
N GLN I 57 -78.09 5.09 -10.26
CA GLN I 57 -79.03 4.66 -11.28
C GLN I 57 -80.14 5.68 -11.40
N LYS I 58 -80.15 6.44 -12.47
CA LYS I 58 -81.28 7.30 -12.75
C LYS I 58 -82.44 6.45 -13.23
N PRO I 59 -83.67 6.96 -13.16
CA PRO I 59 -84.81 6.18 -13.65
C PRO I 59 -84.72 5.95 -15.15
N GLY I 60 -85.02 4.72 -15.56
CA GLY I 60 -85.05 4.39 -16.97
C GLY I 60 -83.71 4.41 -17.68
N LYS I 61 -82.61 4.22 -16.97
CA LYS I 61 -81.29 4.23 -17.56
C LYS I 61 -80.50 3.03 -17.09
N ALA I 62 -79.21 3.07 -17.34
CA ALA I 62 -78.33 2.02 -16.89
C ALA I 62 -77.50 2.49 -15.69
N PRO I 63 -77.18 1.59 -14.78
CA PRO I 63 -76.37 1.97 -13.62
C PRO I 63 -75.02 2.52 -14.01
N LYS I 64 -74.54 3.47 -13.22
CA LYS I 64 -73.21 4.05 -13.33
C LYS I 64 -72.48 3.83 -12.02
N LEU I 65 -71.23 3.41 -12.09
CA LEU I 65 -70.47 3.14 -10.87
C LEU I 65 -69.86 4.41 -10.32
N LEU I 66 -69.73 4.48 -9.00
CA LEU I 66 -69.12 5.63 -8.33
C LEU I 66 -67.90 5.26 -7.50
N ILE I 67 -68.02 4.30 -6.59
CA ILE I 67 -66.99 3.98 -5.62
C ILE I 67 -66.76 2.49 -5.66
N TYR I 68 -65.51 2.07 -5.57
CA TYR I 68 -65.20 0.65 -5.44
C TYR I 68 -64.13 0.44 -4.38
N ASP I 69 -64.14 -0.75 -3.79
CA ASP I 69 -63.32 -1.09 -2.63
C ASP I 69 -63.64 -0.21 -1.44
N ALA I 70 -64.84 0.36 -1.44
CA ALA I 70 -65.40 1.12 -0.33
C ALA I 70 -64.71 2.46 -0.12
N SER I 71 -63.57 2.68 -0.77
CA SER I 71 -62.90 3.95 -0.61
C SER I 71 -62.65 4.66 -1.93
N SER I 72 -62.13 3.92 -2.90
CA SER I 72 -61.57 4.51 -4.10
C SER I 72 -62.61 5.30 -4.88
N LEU I 73 -62.17 6.37 -5.50
CA LEU I 73 -63.02 7.19 -6.36
C LEU I 73 -62.69 6.89 -7.81
N GLU I 74 -63.65 6.32 -8.52
CA GLU I 74 -63.40 5.96 -9.91
C GLU I 74 -63.46 7.19 -10.80
N SER I 75 -62.66 7.19 -11.86
CA SER I 75 -62.42 8.38 -12.67
C SER I 75 -63.70 8.89 -13.32
N GLY I 76 -63.62 10.11 -13.82
CA GLY I 76 -64.70 10.66 -14.60
C GLY I 76 -65.92 11.08 -13.82
N VAL I 77 -65.86 11.00 -12.50
CA VAL I 77 -67.00 11.38 -11.67
C VAL I 77 -66.71 12.74 -11.05
N PRO I 78 -67.71 13.45 -10.57
CA PRO I 78 -67.43 14.67 -9.81
C PRO I 78 -66.67 14.33 -8.55
N SER I 79 -65.82 15.26 -8.11
CA SER I 79 -65.01 15.02 -6.93
C SER I 79 -65.83 15.03 -5.65
N ARG I 80 -67.10 15.42 -5.72
CA ARG I 80 -67.91 15.52 -4.52
C ARG I 80 -68.03 14.17 -3.83
N PHE I 81 -68.25 13.10 -4.60
CA PHE I 81 -68.51 11.81 -4.00
C PHE I 81 -67.30 11.32 -3.22
N SER I 82 -67.56 10.57 -2.16
CA SER I 82 -66.52 10.11 -1.26
C SER I 82 -67.05 8.94 -0.45
N GLY I 83 -66.27 7.86 -0.41
CA GLY I 83 -66.64 6.69 0.36
C GLY I 83 -65.93 6.71 1.70
N SER I 84 -66.26 5.73 2.54
CA SER I 84 -65.56 5.53 3.79
C SER I 84 -65.92 4.16 4.35
N GLY I 85 -65.55 3.93 5.60
CA GLY I 85 -66.08 2.81 6.34
C GLY I 85 -65.34 1.52 6.05
N SER I 86 -65.47 0.58 6.99
CA SER I 86 -64.86 -0.73 6.88
C SER I 86 -65.63 -1.70 7.76
N GLY I 87 -65.25 -2.97 7.68
CA GLY I 87 -65.93 -3.95 8.51
C GLY I 87 -67.34 -4.19 8.01
N THR I 88 -68.33 -3.66 8.73
CA THR I 88 -69.71 -3.89 8.31
C THR I 88 -70.38 -2.58 7.89
N GLU I 89 -70.39 -1.58 8.75
CA GLU I 89 -71.11 -0.35 8.47
C GLU I 89 -70.30 0.50 7.52
N PHE I 90 -70.91 0.89 6.41
CA PHE I 90 -70.23 1.50 5.28
C PHE I 90 -70.97 2.79 4.97
N THR I 91 -70.29 3.76 4.39
CA THR I 91 -70.88 5.08 4.26
C THR I 91 -70.44 5.77 2.98
N LEU I 92 -71.39 6.43 2.33
CA LEU I 92 -71.14 7.30 1.19
C LEU I 92 -71.49 8.70 1.65
N THR I 93 -70.88 9.71 1.03
CA THR I 93 -71.16 11.09 1.41
C THR I 93 -70.72 12.05 0.32
N ILE I 94 -71.56 13.04 0.05
CA ILE I 94 -71.30 14.07 -0.94
C ILE I 94 -71.36 15.42 -0.25
N SER I 95 -70.49 16.34 -0.66
CA SER I 95 -70.43 17.63 0.03
C SER I 95 -71.58 18.53 -0.39
N SER I 96 -71.61 18.91 -1.67
CA SER I 96 -72.63 19.79 -2.18
C SER I 96 -73.56 18.97 -3.07
N LEU I 97 -74.85 19.29 -3.04
CA LEU I 97 -75.84 18.49 -3.74
C LEU I 97 -76.14 19.15 -5.07
N GLN I 98 -75.61 18.59 -6.15
CA GLN I 98 -75.84 19.08 -7.50
C GLN I 98 -77.10 18.42 -8.07
N PRO I 99 -77.67 18.99 -9.13
CA PRO I 99 -78.87 18.36 -9.72
C PRO I 99 -78.63 16.93 -10.16
N ASP I 100 -77.44 16.63 -10.70
CA ASP I 100 -77.19 15.31 -11.24
C ASP I 100 -77.14 14.25 -10.16
N ASP I 101 -77.46 14.61 -8.92
CA ASP I 101 -77.43 13.66 -7.82
C ASP I 101 -78.79 13.06 -7.55
N PHE I 102 -79.79 13.38 -8.35
CA PHE I 102 -81.18 13.04 -8.05
C PHE I 102 -81.53 11.68 -8.64
N ALA I 103 -81.19 10.63 -7.90
CA ALA I 103 -81.53 9.27 -8.28
C ALA I 103 -81.23 8.36 -7.10
N THR I 104 -81.53 7.07 -7.28
CA THR I 104 -81.25 6.12 -6.21
C THR I 104 -79.77 5.86 -6.12
N TYR I 105 -79.38 5.06 -5.13
CA TYR I 105 -77.99 4.60 -4.99
C TYR I 105 -77.99 3.24 -4.33
N TYR I 106 -77.20 2.32 -4.88
CA TYR I 106 -77.17 0.95 -4.40
C TYR I 106 -75.79 0.64 -3.87
N CYS I 107 -75.72 -0.30 -2.94
CA CYS I 107 -74.44 -0.83 -2.49
C CYS I 107 -74.33 -2.29 -2.89
N GLN I 108 -73.17 -2.65 -3.44
CA GLN I 108 -72.86 -4.02 -3.85
C GLN I 108 -71.82 -4.59 -2.90
N GLN I 109 -72.10 -5.75 -2.33
CA GLN I 109 -71.03 -6.45 -1.67
C GLN I 109 -70.32 -7.35 -2.66
N TYR I 110 -69.03 -7.55 -2.45
CA TYR I 110 -68.33 -8.62 -3.15
C TYR I 110 -67.32 -9.31 -2.25
N ASN I 111 -67.72 -9.57 -1.01
CA ASN I 111 -66.88 -10.35 -0.11
C ASN I 111 -66.84 -11.80 -0.52
N GLY I 112 -68.00 -12.37 -0.85
CA GLY I 112 -68.10 -13.78 -1.17
C GLY I 112 -68.88 -14.01 -2.44
N TYR I 113 -69.28 -15.25 -2.61
CA TYR I 113 -70.15 -15.66 -3.70
C TYR I 113 -71.59 -15.29 -3.42
N PRO I 114 -72.54 -15.82 -4.16
CA PRO I 114 -73.33 -14.99 -5.07
C PRO I 114 -73.49 -13.57 -4.60
N TRP I 115 -73.02 -12.69 -5.46
CA TRP I 115 -72.92 -11.28 -5.13
C TRP I 115 -74.31 -10.66 -5.13
N THR I 116 -74.63 -9.94 -4.08
CA THR I 116 -75.97 -9.40 -3.93
C THR I 116 -75.92 -7.89 -4.08
N PHE I 117 -77.04 -7.25 -3.81
CA PHE I 117 -77.13 -5.80 -3.91
C PHE I 117 -77.95 -5.29 -2.74
N GLY I 118 -78.11 -3.99 -2.68
CA GLY I 118 -78.87 -3.38 -1.60
C GLY I 118 -80.36 -3.37 -1.84
N GLN I 119 -80.99 -2.31 -1.35
CA GLN I 119 -82.43 -2.16 -1.49
C GLN I 119 -82.77 -0.97 -2.37
N GLY I 120 -81.95 0.05 -2.34
CA GLY I 120 -82.31 1.27 -3.02
C GLY I 120 -82.53 2.41 -2.05
N THR I 121 -81.84 3.52 -2.32
CA THR I 121 -81.86 4.68 -1.46
C THR I 121 -82.04 5.90 -2.35
N LYS I 122 -83.24 6.44 -2.38
CA LYS I 122 -83.61 7.40 -3.41
C LYS I 122 -83.77 8.80 -2.84
N VAL I 123 -83.15 9.77 -3.50
CA VAL I 123 -83.19 11.15 -3.06
C VAL I 123 -84.35 11.87 -3.73
N GLU I 124 -84.63 13.07 -3.24
CA GLU I 124 -85.79 13.84 -3.69
C GLU I 124 -85.44 15.32 -3.66
N ILE I 125 -86.42 16.18 -3.96
CA ILE I 125 -86.19 17.66 -3.99
C ILE I 125 -87.16 18.30 -3.00
N LYS I 126 -86.69 18.61 -1.78
CA LYS I 126 -87.61 19.13 -0.72
C LYS I 126 -88.17 20.51 -1.12
N ARG I 127 -89.45 20.73 -0.78
CA ARG I 127 -90.18 22.00 -1.00
C ARG I 127 -91.27 22.06 0.07
N THR I 128 -91.94 23.21 0.22
CA THR I 128 -93.06 23.30 1.19
C THR I 128 -94.10 22.26 0.77
N VAL I 129 -94.70 21.56 1.74
CA VAL I 129 -95.63 20.44 1.38
C VAL I 129 -96.77 21.01 0.51
N ALA I 130 -97.13 20.29 -0.55
CA ALA I 130 -98.18 20.78 -1.47
C ALA I 130 -99.47 20.00 -1.21
N ALA I 131 -100.57 20.74 -1.00
CA ALA I 131 -101.88 20.08 -0.75
C ALA I 131 -102.39 19.45 -2.04
N PRO I 132 -102.83 18.15 -2.10
CA PRO I 132 -103.39 17.61 -3.33
C PRO I 132 -104.67 18.31 -3.74
N SER I 133 -105.02 18.11 -5.00
CA SER I 133 -106.33 18.43 -5.53
C SER I 133 -107.00 17.12 -5.94
N VAL I 134 -108.17 16.85 -5.37
CA VAL I 134 -108.81 15.55 -5.50
C VAL I 134 -109.81 15.58 -6.64
N PHE I 135 -109.93 14.47 -7.36
CA PHE I 135 -110.88 14.35 -8.45
C PHE I 135 -111.34 12.91 -8.58
N ILE I 136 -112.59 12.72 -8.98
CA ILE I 136 -113.19 11.42 -9.20
C ILE I 136 -113.81 11.40 -10.58
N PHE I 137 -113.82 10.23 -11.22
CA PHE I 137 -114.52 10.09 -12.48
C PHE I 137 -115.46 8.90 -12.41
N PRO I 138 -116.75 9.09 -12.70
CA PRO I 138 -117.64 7.94 -12.79
C PRO I 138 -117.31 7.11 -14.01
N PRO I 139 -117.70 5.84 -14.04
CA PRO I 139 -117.45 5.02 -15.23
C PRO I 139 -118.19 5.59 -16.43
N SER I 140 -117.59 5.40 -17.61
CA SER I 140 -118.24 5.83 -18.84
C SER I 140 -119.26 4.80 -19.29
N ASP I 141 -120.34 5.28 -19.90
CA ASP I 141 -121.41 4.37 -20.30
C ASP I 141 -120.93 3.41 -21.39
N GLU I 142 -119.97 3.84 -22.21
CA GLU I 142 -119.39 2.90 -23.17
C GLU I 142 -118.72 1.75 -22.44
N GLN I 143 -117.97 2.06 -21.39
CA GLN I 143 -117.46 1.01 -20.52
C GLN I 143 -118.60 0.21 -19.91
N LEU I 144 -119.74 0.87 -19.68
CA LEU I 144 -120.89 0.17 -19.14
C LEU I 144 -121.48 -0.81 -20.14
N LYS I 145 -121.19 -0.61 -21.43
CA LYS I 145 -121.61 -1.59 -22.42
C LYS I 145 -120.75 -2.85 -22.33
N SER I 146 -119.47 -2.69 -22.02
CA SER I 146 -118.54 -3.82 -22.08
C SER I 146 -118.90 -4.92 -21.09
N GLY I 147 -119.07 -4.58 -19.82
CA GLY I 147 -119.33 -5.58 -18.81
C GLY I 147 -118.47 -5.54 -17.57
N THR I 148 -117.49 -4.65 -17.51
CA THR I 148 -116.73 -4.40 -16.28
C THR I 148 -116.80 -2.91 -15.96
N ALA I 149 -116.70 -2.58 -14.69
CA ALA I 149 -116.82 -1.21 -14.22
C ALA I 149 -115.46 -0.71 -13.74
N SER I 150 -115.12 0.53 -14.11
CA SER I 150 -113.89 1.17 -13.69
C SER I 150 -114.21 2.51 -13.08
N VAL I 151 -113.57 2.83 -11.96
CA VAL I 151 -113.74 4.11 -11.27
C VAL I 151 -112.37 4.69 -10.98
N VAL I 152 -112.22 5.99 -11.24
CA VAL I 152 -110.94 6.66 -11.12
C VAL I 152 -111.04 7.76 -10.07
N CYS I 153 -110.18 7.67 -9.05
CA CYS I 153 -110.01 8.72 -8.06
C CYS I 153 -108.60 9.27 -8.24
N LEU I 154 -108.49 10.59 -8.35
CA LEU I 154 -107.25 11.21 -8.78
C LEU I 154 -106.74 12.19 -7.74
N LEU I 155 -105.41 12.27 -7.61
CA LEU I 155 -104.74 13.20 -6.75
C LEU I 155 -103.60 13.83 -7.54
N ASN I 156 -103.53 15.15 -7.57
CA ASN I 156 -102.52 15.84 -8.36
C ASN I 156 -101.73 16.81 -7.50
N ASN I 157 -100.42 16.86 -7.74
CA ASN I 157 -99.54 17.85 -7.12
C ASN I 157 -99.62 17.81 -5.61
N PHE I 158 -99.24 16.67 -5.03
CA PHE I 158 -99.10 16.59 -3.55
C PHE I 158 -97.61 16.31 -3.30
N TYR I 159 -96.89 17.23 -2.65
CA TYR I 159 -95.41 17.06 -2.53
C TYR I 159 -95.01 15.78 -1.79
N PRO I 160 -95.60 15.39 -0.64
CA PRO I 160 -95.22 14.12 -0.01
C PRO I 160 -95.59 12.97 -0.96
N ARG I 161 -94.67 12.02 -1.17
CA ARG I 161 -94.97 10.85 -2.04
C ARG I 161 -95.87 9.90 -1.24
N GLU I 162 -95.57 9.71 0.05
CA GLU I 162 -96.36 8.83 0.89
C GLU I 162 -97.73 9.44 1.15
N ALA I 163 -98.76 8.61 1.05
CA ALA I 163 -100.13 9.00 1.27
C ALA I 163 -100.95 7.73 1.39
N LYS I 164 -102.26 7.89 1.54
CA LYS I 164 -103.16 6.76 1.69
C LYS I 164 -104.49 7.11 1.04
N VAL I 165 -105.06 6.16 0.31
CA VAL I 165 -106.36 6.31 -0.30
C VAL I 165 -107.18 5.06 0.00
N GLN I 166 -108.43 5.25 0.39
CA GLN I 166 -109.35 4.16 0.62
C GLN I 166 -110.66 4.44 -0.08
N TRP I 167 -111.37 3.37 -0.41
CA TRP I 167 -112.63 3.45 -1.15
C TRP I 167 -113.78 3.13 -0.21
N LYS I 168 -114.84 3.92 -0.31
CA LYS I 168 -116.02 3.75 0.52
C LYS I 168 -117.21 3.64 -0.43
N VAL I 169 -117.79 2.44 -0.51
CA VAL I 169 -118.92 2.17 -1.39
C VAL I 169 -120.10 1.73 -0.56
N ASP I 170 -121.23 2.41 -0.72
CA ASP I 170 -122.43 2.17 0.08
C ASP I 170 -122.10 2.21 1.57
N ASN I 171 -121.28 3.18 1.96
CA ASN I 171 -120.81 3.33 3.34
C ASN I 171 -120.15 2.05 3.85
N ALA I 172 -119.29 1.45 3.04
CA ALA I 172 -118.47 0.31 3.44
C ALA I 172 -117.09 0.48 2.83
N LEU I 173 -116.07 -0.02 3.53
CA LEU I 173 -114.73 -0.03 2.97
C LEU I 173 -114.60 -1.15 1.95
N GLN I 174 -113.67 -0.99 1.02
CA GLN I 174 -113.44 -1.96 -0.03
C GLN I 174 -111.95 -2.27 -0.13
N SER I 175 -111.63 -3.55 -0.36
CA SER I 175 -110.27 -4.03 -0.30
C SER I 175 -109.99 -4.98 -1.46
N GLY I 176 -108.71 -5.09 -1.82
CA GLY I 176 -108.25 -6.08 -2.77
C GLY I 176 -108.50 -5.73 -4.23
N ASN I 177 -109.65 -5.14 -4.53
CA ASN I 177 -110.03 -4.86 -5.90
C ASN I 177 -109.52 -3.52 -6.40
N SER I 178 -108.72 -2.82 -5.61
CA SER I 178 -108.22 -1.50 -5.97
C SER I 178 -106.74 -1.59 -6.32
N GLN I 179 -106.34 -0.80 -7.31
CA GLN I 179 -104.94 -0.70 -7.72
C GLN I 179 -104.50 0.74 -7.62
N GLU I 180 -103.25 0.95 -7.22
CA GLU I 180 -102.69 2.27 -7.05
C GLU I 180 -101.49 2.41 -7.97
N SER I 181 -101.46 3.48 -8.75
CA SER I 181 -100.33 3.80 -9.60
C SER I 181 -99.91 5.23 -9.33
N VAL I 182 -98.63 5.44 -9.05
CA VAL I 182 -98.11 6.73 -8.64
C VAL I 182 -97.10 7.20 -9.67
N THR I 183 -97.20 8.46 -10.07
CA THR I 183 -96.28 8.99 -11.06
C THR I 183 -94.89 9.12 -10.46
N GLU I 184 -93.94 9.51 -11.29
CA GLU I 184 -92.64 9.91 -10.78
C GLU I 184 -92.56 11.43 -10.71
N GLN I 185 -91.83 11.93 -9.72
CA GLN I 185 -91.75 13.36 -9.50
C GLN I 185 -91.15 14.06 -10.70
N ASP I 186 -91.76 15.18 -11.10
CA ASP I 186 -91.28 15.95 -12.22
C ASP I 186 -90.17 16.91 -11.81
N SER I 187 -89.22 17.13 -12.71
CA SER I 187 -88.15 18.08 -12.43
C SER I 187 -88.70 19.49 -12.28
N LYS I 188 -89.47 19.95 -13.26
CA LYS I 188 -90.01 21.31 -13.19
C LYS I 188 -91.08 21.42 -12.11
N ASP I 189 -91.99 20.45 -12.05
CA ASP I 189 -93.07 20.53 -11.10
C ASP I 189 -92.58 20.27 -9.68
N SER I 190 -91.77 19.23 -9.50
CA SER I 190 -91.25 18.84 -8.19
C SER I 190 -92.36 18.40 -7.24
N THR I 191 -93.45 17.86 -7.77
CA THR I 191 -94.51 17.32 -6.93
C THR I 191 -94.83 15.90 -7.39
N TYR I 192 -95.93 15.37 -6.87
CA TYR I 192 -96.34 14.01 -7.16
C TYR I 192 -97.83 13.97 -7.49
N SER I 193 -98.24 12.96 -8.25
CA SER I 193 -99.61 12.79 -8.66
C SER I 193 -99.98 11.31 -8.63
N LEU I 194 -101.24 11.02 -8.32
CA LEU I 194 -101.67 9.66 -8.01
C LEU I 194 -103.04 9.38 -8.60
N SER I 195 -103.26 8.14 -9.04
CA SER I 195 -104.58 7.68 -9.44
C SER I 195 -104.96 6.44 -8.65
N SER I 196 -106.19 6.43 -8.15
CA SER I 196 -106.77 5.25 -7.51
C SER I 196 -107.86 4.71 -8.41
N THR I 197 -107.78 3.43 -8.74
CA THR I 197 -108.74 2.82 -9.64
C THR I 197 -109.50 1.72 -8.91
N LEU I 198 -110.82 1.75 -9.03
CA LEU I 198 -111.67 0.72 -8.47
C LEU I 198 -112.36 0.00 -9.62
N THR I 199 -112.17 -1.30 -9.70
CA THR I 199 -112.72 -2.11 -10.77
C THR I 199 -113.66 -3.13 -10.18
N LEU I 200 -114.71 -3.47 -10.93
CA LEU I 200 -115.71 -4.41 -10.46
C LEU I 200 -116.55 -4.85 -11.66
N SER I 201 -117.26 -5.96 -11.46
CA SER I 201 -118.17 -6.46 -12.48
C SER I 201 -119.53 -5.77 -12.36
N LYS I 202 -120.25 -5.73 -13.49
CA LYS I 202 -121.51 -5.01 -13.54
C LYS I 202 -122.43 -5.40 -12.39
N ALA I 203 -122.57 -6.70 -12.13
CA ALA I 203 -123.53 -7.14 -11.11
C ALA I 203 -123.32 -6.42 -9.79
N ASP I 204 -122.07 -6.10 -9.47
CA ASP I 204 -121.79 -5.32 -8.27
C ASP I 204 -122.16 -3.86 -8.47
N TYR I 205 -122.06 -3.37 -9.71
CA TYR I 205 -122.23 -1.93 -9.96
C TYR I 205 -123.59 -1.43 -9.51
N GLU I 206 -124.66 -1.85 -10.20
CA GLU I 206 -125.98 -1.34 -9.85
C GLU I 206 -126.42 -1.80 -8.48
N LYS I 207 -125.85 -2.90 -7.99
CA LYS I 207 -126.13 -3.34 -6.63
C LYS I 207 -125.79 -2.25 -5.63
N HIS I 208 -124.88 -1.35 -5.97
CA HIS I 208 -124.42 -0.32 -5.07
C HIS I 208 -124.95 1.02 -5.57
N LYS I 209 -125.23 1.94 -4.64
CA LYS I 209 -125.82 3.21 -5.03
C LYS I 209 -124.83 4.36 -4.96
N VAL I 210 -124.02 4.41 -3.90
CA VAL I 210 -123.15 5.55 -3.65
C VAL I 210 -121.70 5.08 -3.59
N TYR I 211 -120.82 5.90 -4.17
CA TYR I 211 -119.40 5.59 -4.28
C TYR I 211 -118.58 6.73 -3.71
N ALA I 212 -117.51 6.41 -3.00
CA ALA I 212 -116.65 7.42 -2.40
C ALA I 212 -115.24 6.89 -2.24
N CYS I 213 -114.27 7.69 -2.66
CA CYS I 213 -112.87 7.46 -2.33
C CYS I 213 -112.48 8.50 -1.31
N GLU I 214 -111.69 8.11 -0.32
CA GLU I 214 -111.23 9.01 0.73
C GLU I 214 -109.71 8.97 0.78
N VAL I 215 -109.11 10.13 1.00
CA VAL I 215 -107.66 10.28 1.03
C VAL I 215 -107.24 10.90 2.35
N THR I 216 -106.16 10.39 2.93
CA THR I 216 -105.56 10.95 4.12
C THR I 216 -104.18 11.47 3.76
N HIS I 217 -103.93 12.74 4.03
CA HIS I 217 -102.69 13.37 3.63
C HIS I 217 -102.13 14.21 4.76
N GLN I 218 -100.78 14.26 4.82
CA GLN I 218 -100.11 15.06 5.83
C GLN I 218 -100.44 16.54 5.68
N GLY I 219 -100.39 17.05 4.46
CA GLY I 219 -100.63 18.48 4.26
C GLY I 219 -102.05 18.89 4.60
N LEU I 220 -103.02 18.00 4.38
CA LEU I 220 -104.41 18.31 4.66
C LEU I 220 -104.65 18.43 6.16
N SER I 221 -105.46 19.41 6.54
CA SER I 221 -105.85 19.55 7.94
C SER I 221 -106.63 18.33 8.42
N SER I 222 -107.58 17.86 7.61
CA SER I 222 -108.46 16.78 7.98
C SER I 222 -108.59 15.80 6.83
N PRO I 223 -108.95 14.54 7.10
CA PRO I 223 -109.27 13.62 6.00
C PRO I 223 -110.39 14.17 5.14
N VAL I 224 -110.24 14.02 3.83
CA VAL I 224 -111.14 14.60 2.86
C VAL I 224 -111.82 13.50 2.07
N THR I 225 -113.15 13.55 2.02
CA THR I 225 -113.95 12.57 1.29
C THR I 225 -114.54 13.23 0.07
N LYS I 226 -114.43 12.57 -1.08
CA LYS I 226 -115.11 12.97 -2.29
C LYS I 226 -115.90 11.79 -2.80
N SER I 227 -117.07 12.04 -3.39
CA SER I 227 -118.02 10.98 -3.67
C SER I 227 -119.01 11.39 -4.74
N PHE I 228 -119.73 10.40 -5.26
CA PHE I 228 -120.93 10.65 -6.06
C PHE I 228 -121.81 9.41 -5.98
N ASN I 229 -122.97 9.51 -6.61
CA ASN I 229 -123.86 8.37 -6.81
C ASN I 229 -124.19 8.26 -8.30
N ARG I 230 -124.86 7.16 -8.66
CA ARG I 230 -125.20 6.92 -10.05
C ARG I 230 -126.11 8.00 -10.60
N GLY I 231 -125.66 8.66 -11.67
CA GLY I 231 -126.43 9.73 -12.29
C GLY I 231 -126.41 11.01 -11.48
C1 NAG J . -51.49 -1.57 8.55
C2 NAG J . -50.20 -1.82 9.31
C3 NAG J . -50.51 -2.51 10.64
C4 NAG J . -51.59 -1.76 11.41
C5 NAG J . -52.78 -1.38 10.52
C6 NAG J . -53.74 -0.41 11.18
C7 NAG J . -47.99 -2.32 8.38
C8 NAG J . -47.18 -3.28 7.58
N2 NAG J . -49.28 -2.64 8.54
O3 NAG J . -49.32 -2.60 11.41
O4 NAG J . -52.10 -2.64 12.42
O5 NAG J . -52.33 -0.74 9.31
O6 NAG J . -53.19 0.90 11.25
O7 NAG J . -47.51 -1.30 8.85
C1 NAG J . -51.56 -2.38 13.71
C2 NAG J . -52.76 -2.47 14.65
C3 NAG J . -52.33 -2.29 16.11
C4 NAG J . -51.18 -3.25 16.44
C5 NAG J . -50.05 -3.12 15.42
C6 NAG J . -48.95 -4.12 15.63
C7 NAG J . -55.00 -1.44 14.75
C8 NAG J . -55.87 -0.33 14.24
N2 NAG J . -53.74 -1.46 14.29
O3 NAG J . -53.42 -2.58 16.96
O4 NAG J . -50.68 -2.95 17.74
O5 NAG J . -50.58 -3.34 14.10
O6 NAG J . -49.32 -5.42 15.17
O7 NAG J . -55.40 -2.28 15.55
C1 NAG K . 22.23 72.22 47.38
C2 NAG K . 22.20 73.64 46.83
C3 NAG K . 22.03 74.65 47.96
C4 NAG K . 20.79 74.29 48.77
C5 NAG K . 20.88 72.84 49.23
C6 NAG K . 19.66 72.38 50.00
C7 NAG K . 24.66 73.88 46.22
C8 NAG K . 25.10 73.52 47.60
N2 NAG K . 23.34 73.94 45.95
O3 NAG K . 21.89 75.95 47.39
O4 NAG K . 20.63 75.14 49.89
O5 NAG K . 21.02 71.97 48.10
O6 NAG K . 18.71 71.73 49.16
O7 NAG K . 25.48 74.14 45.34
C1 NAG K . 19.53 76.01 49.58
C2 NAG K . 18.85 76.48 50.85
C3 NAG K . 17.75 77.47 50.51
C4 NAG K . 18.32 78.62 49.68
C5 NAG K . 19.03 78.07 48.45
C6 NAG K . 19.73 79.14 47.65
C7 NAG K . 18.56 75.16 52.89
C8 NAG K . 17.93 73.95 53.51
N2 NAG K . 18.31 75.35 51.60
O3 NAG K . 17.16 77.98 51.70
O4 NAG K . 17.28 79.50 49.27
O5 NAG K . 20.04 77.14 48.85
O6 NAG K . 21.13 78.94 47.69
O7 NAG K . 19.27 75.92 53.54
C1 NAG L . 41.53 48.18 58.26
C2 NAG L . 41.92 48.65 59.65
C3 NAG L . 42.81 47.61 60.32
C4 NAG L . 42.13 46.25 60.33
C5 NAG L . 41.67 45.88 58.91
C6 NAG L . 40.80 44.65 58.87
C7 NAG L . 42.02 51.06 60.03
C8 NAG L . 42.84 52.30 59.92
N2 NAG L . 42.60 49.94 59.60
O3 NAG L . 43.06 48.01 61.66
O4 NAG L . 43.06 45.27 60.76
O5 NAG L . 40.89 46.93 58.35
O6 NAG L . 41.27 43.72 57.93
O7 NAG L . 40.88 51.07 60.47
C1 NAG L . 42.57 44.40 61.81
C2 NAG L . 43.61 43.32 62.10
C3 NAG L . 43.17 42.46 63.29
C4 NAG L . 42.82 43.35 64.49
C5 NAG L . 41.78 44.38 64.07
C6 NAG L . 41.44 45.35 65.17
C7 NAG L . 45.02 42.35 60.35
C8 NAG L . 45.07 41.45 59.16
N2 NAG L . 43.83 42.48 60.95
O3 NAG L . 44.19 41.55 63.65
O4 NAG L . 42.31 42.56 65.55
O5 NAG L . 42.31 45.16 62.99
O6 NAG L . 40.06 45.28 65.49
O7 NAG L . 46.02 42.95 60.75
C1 NAG M . 52.45 29.15 53.55
C2 NAG M . 53.56 29.02 54.60
C3 NAG M . 53.79 27.56 54.97
C4 NAG M . 52.48 26.88 55.34
C5 NAG M . 51.47 27.08 54.23
C6 NAG M . 50.13 26.48 54.52
C7 NAG M . 55.47 30.55 54.80
C8 NAG M . 56.73 31.05 54.16
N2 NAG M . 54.81 29.62 54.12
O3 NAG M . 54.72 27.48 56.04
O4 NAG M . 52.69 25.49 55.52
O5 NAG M . 51.28 28.48 54.02
O6 NAG M . 49.10 27.46 54.59
O7 NAG M . 55.06 31.00 55.87
C1 NAG M . 52.42 25.09 56.88
C2 NAG M . 52.18 23.59 56.93
C3 NAG M . 51.91 23.15 58.35
C4 NAG M . 53.04 23.60 59.26
C5 NAG M . 53.34 25.09 59.10
C6 NAG M . 54.61 25.49 59.80
C7 NAG M . 49.84 23.52 56.16
C8 NAG M . 48.90 22.98 55.12
N2 NAG M . 51.12 23.17 56.02
O3 NAG M . 51.78 21.73 58.40
O4 NAG M . 52.71 23.35 60.62
O5 NAG M . 53.52 25.44 57.71
O6 NAG M . 55.71 24.73 59.29
O7 NAG M . 49.44 24.27 57.06
C1 NAG N . 26.17 60.05 56.18
C2 NAG N . 26.11 58.68 56.85
C3 NAG N . 24.71 58.06 56.69
C4 NAG N . 23.61 59.04 57.12
C5 NAG N . 23.82 60.36 56.39
C6 NAG N . 22.82 61.43 56.78
C7 NAG N . 28.13 57.27 56.97
C8 NAG N . 29.07 56.40 56.19
N2 NAG N . 27.11 57.80 56.28
O3 NAG N . 24.63 56.87 57.47
O4 NAG N . 22.34 58.53 56.75
O5 NAG N . 25.12 60.87 56.68
O6 NAG N . 23.15 62.03 58.03
O7 NAG N . 28.26 57.46 58.17
C1 NAG N . 21.62 57.92 57.84
C2 NAG N . 20.45 58.83 58.29
C3 NAG N . 19.50 58.13 59.26
C4 NAG N . 19.10 56.76 58.74
C5 NAG N . 20.34 55.96 58.41
C6 NAG N . 20.04 54.58 57.83
C7 NAG N . 21.65 60.38 59.91
C8 NAG N . 22.15 59.22 60.71
N2 NAG N . 20.89 60.12 58.82
O3 NAG N . 18.35 58.93 59.45
O4 NAG N . 18.33 56.07 59.72
O5 NAG N . 21.10 56.66 57.42
O6 NAG N . 20.25 53.56 58.79
O7 NAG N . 21.93 61.54 60.22
C1 NAG O . 39.63 69.06 61.01
C2 NAG O . 39.31 69.06 62.51
C3 NAG O . 40.20 70.07 63.24
C4 NAG O . 41.66 69.88 62.87
C5 NAG O . 41.83 69.84 61.36
C6 NAG O . 43.24 69.53 60.90
C7 NAG O . 37.02 68.51 63.20
C8 NAG O . 35.62 69.02 63.35
N2 NAG O . 37.91 69.39 62.73
O3 NAG O . 40.03 69.92 64.64
O4 NAG O . 42.42 70.98 63.38
O5 NAG O . 41.00 68.82 60.82
O6 NAG O . 43.46 68.13 60.87
O7 NAG O . 37.33 67.36 63.49
C1 NAG O . 43.49 70.55 64.23
C2 NAG O . 44.17 71.80 64.75
C3 NAG O . 45.28 71.45 65.74
C4 NAG O . 44.72 70.58 66.85
C5 NAG O . 44.01 69.36 66.25
C6 NAG O . 43.33 68.52 67.31
C7 NAG O . 45.59 72.51 62.75
C8 NAG O . 46.27 71.16 62.71
N2 NAG O . 44.65 72.71 63.70
O3 NAG O . 45.85 72.64 66.28
O4 NAG O . 45.77 70.15 67.71
O5 NAG O . 43.00 69.78 65.33
O6 NAG O . 44.26 67.97 68.21
O7 NAG O . 45.88 73.39 61.94
C1 NAG P . 33.62 85.10 49.48
C2 NAG P . 32.20 85.56 49.73
C3 NAG P . 31.81 86.63 48.72
C4 NAG P . 32.83 87.76 48.73
C5 NAG P . 34.24 87.19 48.55
C6 NAG P . 35.32 88.24 48.69
C7 NAG P . 31.13 83.55 50.66
C8 NAG P . 30.12 82.47 50.43
N2 NAG P . 31.27 84.43 49.65
O3 NAG P . 30.52 87.12 49.05
O4 NAG P . 32.58 88.65 47.64
O5 NAG P . 34.50 86.20 49.55
O6 NAG P . 36.62 87.71 48.49
O7 NAG P . 31.77 83.64 51.70
C1 NAG P . 31.84 89.79 48.08
C2 NAG P . 32.19 90.97 47.17
C3 NAG P . 31.33 92.19 47.52
C4 NAG P . 29.85 91.82 47.50
C5 NAG P . 29.61 90.62 48.41
C6 NAG P . 28.18 90.12 48.35
C7 NAG P . 34.53 90.85 46.43
C8 NAG P . 35.93 91.29 46.69
N2 NAG P . 33.60 91.31 47.28
O3 NAG P . 31.58 93.22 46.58
O4 NAG P . 29.07 92.92 47.94
O5 NAG P . 30.43 89.53 47.99
O6 NAG P . 27.94 89.34 47.20
O7 NAG P . 34.25 90.12 45.49
C1 NAG Q . 66.18 40.22 50.18
C2 NAG Q . 66.09 41.17 51.35
C3 NAG Q . 67.42 41.24 52.07
C4 NAG Q . 67.87 39.84 52.48
C5 NAG Q . 67.84 38.91 51.28
C6 NAG Q . 68.11 37.47 51.66
C7 NAG Q . 64.59 43.11 51.36
C8 NAG Q . 64.28 44.45 50.75
N2 NAG Q . 65.67 42.49 50.90
O3 NAG Q . 67.29 42.07 53.23
O4 NAG Q . 69.20 39.89 52.97
O5 NAG Q . 66.54 38.93 50.66
O6 NAG Q . 68.49 36.70 50.53
O7 NAG Q . 63.89 42.62 52.24
C1 NAG Q . 69.24 39.61 54.39
C2 NAG Q . 70.64 39.08 54.77
C3 NAG Q . 70.72 38.86 56.28
C4 NAG Q . 70.32 40.12 57.03
C5 NAG Q . 68.93 40.56 56.56
C6 NAG Q . 68.44 41.83 57.21
C7 NAG Q . 71.69 37.79 52.97
C8 NAG Q . 71.89 36.42 52.37
N2 NAG Q . 70.93 37.84 54.07
O3 NAG Q . 72.06 38.49 56.63
O4 NAG Q . 70.27 39.89 58.43
O5 NAG Q . 68.95 40.80 55.15
O6 NAG Q . 67.02 41.89 57.20
O7 NAG Q . 72.19 38.79 52.47
C1 NAG R . 68.08 49.17 18.32
C2 NAG R . 69.58 49.27 18.20
C3 NAG R . 69.94 49.84 16.85
C4 NAG R . 69.45 48.90 15.78
C5 NAG R . 67.94 48.65 15.93
C6 NAG R . 67.46 47.50 15.08
C7 NAG R . 70.02 51.34 19.49
C8 NAG R . 70.73 51.90 20.68
N2 NAG R . 70.18 50.03 19.30
O3 NAG R . 71.36 50.01 16.74
O4 NAG R . 69.70 49.47 14.50
O5 NAG R . 67.59 48.30 17.28
O6 NAG R . 66.05 47.54 14.89
O7 NAG R . 69.34 52.04 18.75
C1 NAG R . 70.52 48.62 13.65
C2 NAG R . 70.33 49.10 12.21
C3 NAG R . 71.22 48.32 11.26
C4 NAG R . 72.67 48.35 11.74
C5 NAG R . 72.74 47.88 13.18
C6 NAG R . 74.13 47.99 13.76
C7 NAG R . 68.20 50.01 11.41
C8 NAG R . 66.78 49.71 11.03
N2 NAG R . 68.93 48.97 11.81
O3 NAG R . 71.14 48.86 9.95
O4 NAG R . 73.48 47.52 10.92
O5 NAG R . 71.90 48.70 14.00
O6 NAG R . 74.53 49.35 13.90
O7 NAG R . 68.65 51.15 11.38
C1 NAG S . 57.22 52.11 -0.82
C2 NAG S . 58.07 53.03 -1.67
C3 NAG S . 58.14 52.52 -3.09
C4 NAG S . 58.65 51.07 -3.11
C5 NAG S . 57.81 50.21 -2.18
C6 NAG S . 58.38 48.82 -2.00
C7 NAG S . 58.31 55.47 -1.55
C8 NAG S . 57.60 56.79 -1.56
N2 NAG S . 57.54 54.38 -1.66
O3 NAG S . 59.02 53.35 -3.84
O4 NAG S . 58.56 50.58 -4.44
O5 NAG S . 57.76 50.79 -0.87
O6 NAG S . 57.37 47.87 -1.67
O7 NAG S . 59.53 55.39 -1.45
C1 NAG S . 59.77 49.91 -4.86
C2 NAG S . 59.55 49.46 -6.30
C3 NAG S . 60.79 48.74 -6.81
C4 NAG S . 62.01 49.62 -6.64
C5 NAG S . 62.12 50.09 -5.19
C6 NAG S . 63.25 51.07 -4.97
C7 NAG S . 57.25 49.02 -7.00
C8 NAG S . 57.25 50.41 -7.57
N2 NAG S . 58.37 48.61 -6.41
O3 NAG S . 60.60 48.43 -8.19
O4 NAG S . 63.18 48.89 -6.98
O5 NAG S . 60.92 50.75 -4.79
O6 NAG S . 63.07 51.81 -3.77
O7 NAG S . 56.27 48.30 -7.09
C1 NAG T . 76.76 55.20 36.62
C2 NAG T . 78.19 54.76 36.35
C3 NAG T . 79.16 55.87 36.72
C4 NAG T . 78.74 57.23 36.18
C5 NAG T . 77.24 57.49 36.30
C6 NAG T . 76.76 58.63 35.45
C7 NAG T . 78.61 52.34 36.53
C8 NAG T . 79.00 51.23 37.46
N2 NAG T . 78.52 53.56 37.09
O3 NAG T . 80.45 55.53 36.23
O4 NAG T . 79.40 58.18 37.01
O5 NAG T . 76.49 56.34 35.88
O6 NAG T . 76.10 59.61 36.23
O7 NAG T . 78.40 52.16 35.35
C1 NAG T . 80.20 59.29 36.54
C2 NAG T . 80.27 59.49 35.02
C3 NAG T . 80.96 60.82 34.70
C4 NAG T . 80.29 61.97 35.44
C5 NAG T . 80.22 61.66 36.93
C6 NAG T . 79.44 62.70 37.71
C7 NAG T . 82.27 58.13 34.46
C8 NAG T . 82.76 56.96 33.67
N2 NAG T . 80.95 58.39 34.34
O3 NAG T . 80.92 61.05 33.29
O4 NAG T . 81.03 63.16 35.24
O5 NAG T . 79.56 60.41 37.14
O6 NAG T . 78.12 62.23 38.01
O7 NAG T . 83.00 58.79 35.18
C1 NAG U . 70.20 55.63 55.99
C2 NAG U . 70.82 54.52 56.83
C3 NAG U . 70.23 54.53 58.22
C4 NAG U . 70.41 55.90 58.85
C5 NAG U . 69.81 56.97 57.93
C6 NAG U . 70.02 58.39 58.42
C7 NAG U . 71.61 52.39 55.90
C8 NAG U . 71.22 51.11 55.23
N2 NAG U . 70.62 53.23 56.18
O3 NAG U . 70.87 53.52 59.00
O4 NAG U . 69.78 55.96 60.12
O5 NAG U . 70.42 56.88 56.64
O6 NAG U . 71.12 58.48 59.31
O7 NAG U . 72.78 52.65 56.16
C1 NAG U . 70.78 55.70 61.14
C2 NAG U . 70.37 56.39 62.45
C3 NAG U . 71.36 56.04 63.55
C4 NAG U . 71.57 54.53 63.64
C5 NAG U . 71.92 53.96 62.28
C6 NAG U . 72.02 52.45 62.28
C7 NAG U . 69.17 58.53 62.39
C8 NAG U . 69.29 60.00 62.18
N2 NAG U . 70.31 57.83 62.28
O3 NAG U . 70.85 56.51 64.79
O4 NAG U . 72.63 54.25 64.55
O5 NAG U . 70.89 54.30 61.34
O6 NAG U . 70.79 51.85 61.91
O7 NAG U . 68.10 57.99 62.64
C1 NAG V . 28.14 75.69 21.37
C2 NAG V . 28.10 77.21 21.28
C3 NAG V . 26.83 77.75 21.93
C4 NAG V . 25.60 77.08 21.35
C5 NAG V . 25.74 75.57 21.42
C6 NAG V . 24.63 74.84 20.71
C7 NAG V . 30.25 78.39 21.18
C8 NAG V . 31.39 78.95 21.96
N2 NAG V . 29.28 77.80 21.89
O3 NAG V . 26.76 79.15 21.74
O4 NAG V . 24.45 77.47 22.10
O5 NAG V . 26.96 75.15 20.80
O6 NAG V . 24.66 73.45 21.02
O7 NAG V . 30.20 78.45 19.96
C1 NAG V . 23.35 77.89 21.26
C2 NAG V . 22.03 77.70 22.04
C3 NAG V . 20.86 78.24 21.22
C4 NAG V . 21.13 79.64 20.68
C5 NAG V . 22.48 79.70 20.00
C6 NAG V . 22.88 81.10 19.61
C7 NAG V . 21.56 75.90 23.63
C8 NAG V . 21.34 74.43 23.80
N2 NAG V . 21.81 76.32 22.39
O3 NAG V . 19.71 78.27 22.06
O4 NAG V . 20.11 79.98 19.75
O5 NAG V . 23.50 79.25 20.90
O6 NAG V . 23.36 81.81 20.73
O7 NAG V . 21.54 76.68 24.57
C1 NAG W . 11.41 67.38 33.82
C2 NAG W . 10.84 68.54 34.61
C3 NAG W . 9.34 68.38 34.75
C4 NAG W . 8.68 68.22 33.39
C5 NAG W . 9.37 67.12 32.57
C6 NAG W . 8.93 67.09 31.13
C7 NAG W . 11.94 69.76 36.43
C8 NAG W . 12.53 69.69 37.79
N2 NAG W . 11.47 68.62 35.93
O3 NAG W . 8.80 69.52 35.40
O4 NAG W . 7.34 67.80 33.63
O5 NAG W . 10.80 67.34 32.54
O6 NAG W . 8.84 65.76 30.64
O7 NAG W . 11.88 70.81 35.79
C1 NAG W . 6.28 68.41 32.85
C2 NAG W . 4.99 68.16 33.64
C3 NAG W . 3.78 68.74 32.90
C4 NAG W . 4.01 70.20 32.56
C5 NAG W . 5.35 70.39 31.85
C6 NAG W . 5.70 71.84 31.65
C7 NAG W . 4.64 65.68 33.30
C8 NAG W . 4.66 65.84 31.80
N2 NAG W . 4.79 66.78 34.06
O3 NAG W . 2.61 68.58 33.69
O4 NAG W . 2.97 70.68 31.72
O5 NAG W . 6.44 69.81 32.61
O6 NAG W . 5.52 72.58 32.86
O7 NAG W . 4.48 64.58 33.81
C1 NAG X . 41.06 73.56 7.00
C2 NAG X . 39.59 73.88 6.80
C3 NAG X . 39.11 73.30 5.46
C4 NAG X . 40.07 73.61 4.31
C5 NAG X . 41.55 73.46 4.71
C6 NAG X . 42.51 74.05 3.70
C7 NAG X . 38.13 74.08 8.77
C8 NAG X . 37.40 73.32 9.83
N2 NAG X . 38.82 73.33 7.89
O3 NAG X . 37.82 73.83 5.17
O4 NAG X . 39.84 72.65 3.28
O5 NAG X . 41.80 74.12 5.96
O6 NAG X . 41.91 75.12 2.96
O7 NAG X . 38.13 75.30 8.72
C1 NAG X . 39.54 73.23 2.00
C2 NAG X . 39.51 72.12 0.94
C3 NAG X . 39.07 72.67 -0.43
C4 NAG X . 37.76 73.42 -0.29
C5 NAG X . 37.86 74.49 0.80
C6 NAG X . 36.54 75.16 1.07
C7 NAG X . 41.98 71.73 0.49
C8 NAG X . 42.19 73.18 0.13
N2 NAG X . 40.74 71.33 0.84
O3 NAG X . 38.92 71.60 -1.35
O4 NAG X . 37.41 74.02 -1.53
O5 NAG X . 38.27 73.89 2.04
O6 NAG X . 35.70 74.33 1.86
O7 NAG X . 42.91 70.93 0.45
C1 NAG Y . 46.47 85.25 18.11
C2 NAG Y . 45.97 86.43 17.30
C3 NAG Y . 46.57 87.71 17.86
C4 NAG Y . 46.32 87.83 19.36
C5 NAG Y . 46.66 86.53 20.10
C6 NAG Y . 46.15 86.50 21.51
C7 NAG Y . 45.41 86.00 14.96
C8 NAG Y . 45.94 85.87 13.56
N2 NAG Y . 46.31 86.29 15.89
O3 NAG Y . 46.00 88.83 17.19
O4 NAG Y . 47.16 88.87 19.85
O5 NAG Y . 46.09 85.40 19.44
O6 NAG Y . 47.21 86.34 22.44
O7 NAG Y . 44.23 85.85 15.22
C1 NAG Y . 46.53 89.77 20.77
C2 NAG Y . 47.50 90.91 21.03
C3 NAG Y . 46.87 91.94 21.97
C4 NAG Y . 45.53 92.40 21.42
C5 NAG Y . 44.64 91.21 21.08
C6 NAG Y . 43.37 91.61 20.36
C7 NAG Y . 48.93 89.80 22.72
C8 NAG Y . 50.33 89.40 23.07
N2 NAG Y . 48.77 90.43 21.55
O3 NAG Y . 47.75 93.04 22.10
O4 NAG Y . 44.88 93.22 22.39
O5 NAG Y . 45.33 90.29 20.22
O6 NAG Y . 43.59 91.69 18.96
O7 NAG Y . 47.98 89.55 23.46
C1 NAG Z . 66.09 78.84 15.37
C2 NAG Z . 66.47 79.10 13.92
C3 NAG Z . 67.92 78.71 13.68
C4 NAG Z . 68.82 79.47 14.64
C5 NAG Z . 68.39 79.18 16.06
C6 NAG Z . 69.19 79.95 17.09
C7 NAG Z . 64.88 79.03 12.07
C8 NAG Z . 64.03 78.17 11.19
N2 NAG Z . 65.59 78.40 13.00
O3 NAG Z . 68.27 78.99 12.33
O4 NAG Z . 70.17 79.06 14.44
O5 NAG Z . 67.01 79.53 16.24
O6 NAG Z . 68.65 81.25 17.29
O7 NAG Z . 64.90 80.25 11.95
C1 NAG Z . 70.91 80.06 13.73
C2 NAG Z . 72.38 79.70 13.83
C3 NAG Z . 73.23 80.70 13.06
C4 NAG Z . 72.74 80.82 11.63
C5 NAG Z . 71.24 81.12 11.59
C6 NAG Z . 70.67 81.10 10.19
C7 NAG Z . 72.81 78.46 15.88
C8 NAG Z . 73.26 78.54 17.32
N2 NAG Z . 72.80 79.62 15.22
O3 NAG Z . 74.58 80.27 13.09
O4 NAG Z . 73.44 81.86 10.96
O5 NAG Z . 70.52 80.13 12.35
O6 NAG Z . 70.63 79.78 9.65
O7 NAG Z . 72.46 77.41 15.37
C1 NAG AA . -10.03 -3.59 55.36
C2 NAG AA . -10.05 -2.30 56.21
C3 NAG AA . -11.42 -2.11 56.86
C4 NAG AA . -12.53 -2.18 55.82
C5 NAG AA . -12.45 -3.51 55.09
C6 NAG AA . -13.46 -3.64 53.98
C7 NAG AA . -8.22 -1.27 57.46
C8 NAG AA . -7.21 -1.46 58.55
N2 NAG AA . -9.02 -2.32 57.22
O3 NAG AA . -11.45 -0.86 57.52
O4 NAG AA . -13.80 -2.05 56.45
O5 NAG AA . -11.15 -3.62 54.47
O6 NAG AA . -14.73 -3.14 54.40
O7 NAG AA . -8.31 -0.23 56.82
C1 NAG BA . -0.44 -38.62 51.08
C2 NAG BA . -0.48 -40.13 51.07
C3 NAG BA . -0.88 -40.60 49.68
C4 NAG BA . -2.21 -39.97 49.30
C5 NAG BA . -2.24 -38.46 49.55
C6 NAG BA . -3.64 -37.87 49.47
C7 NAG BA . 0.95 -41.43 52.59
C8 NAG BA . 2.33 -41.93 52.86
N2 NAG BA . 0.80 -40.69 51.47
O3 NAG BA . -0.97 -42.02 49.67
O4 NAG BA . -2.46 -40.20 47.93
O5 NAG BA . -1.74 -38.12 50.85
O6 NAG BA . -4.55 -38.62 50.26
O7 NAG BA . 0.01 -41.66 53.33
C1 NAG CA . -14.94 -38.55 31.73
C2 NAG CA . -14.45 -38.82 30.31
C3 NAG CA . -15.57 -39.46 29.49
C4 NAG CA . -16.19 -40.65 30.21
C5 NAG CA . -16.54 -40.28 31.65
C6 NAG CA . -16.97 -41.49 32.47
C7 NAG CA . -13.33 -37.54 28.53
C8 NAG CA . -12.95 -36.17 28.05
N2 NAG CA . -14.00 -37.59 29.69
O3 NAG CA . -15.05 -39.89 28.24
O4 NAG CA . -17.38 -41.06 29.54
O5 NAG CA . -15.39 -39.75 32.32
O6 NAG CA . -15.84 -42.15 33.02
O7 NAG CA . -13.04 -38.56 27.90
C1 NAG DA . -12.82 -20.44 32.21
C2 NAG DA . -13.00 -20.95 30.78
C3 NAG DA . -13.64 -19.87 29.91
C4 NAG DA . -14.91 -19.33 30.55
C5 NAG DA . -14.63 -18.88 31.97
C6 NAG DA . -15.87 -18.41 32.70
C7 NAG DA . -11.37 -22.62 30.02
C8 NAG DA . -9.99 -22.84 29.46
N2 NAG DA . -11.71 -21.35 30.23
O3 NAG DA . -13.94 -20.44 28.63
O4 NAG DA . -15.39 -18.22 29.80
O5 NAG DA . -14.09 -19.97 32.73
O6 NAG DA . -16.39 -17.23 32.10
O7 NAG DA . -12.12 -23.55 30.28
C1 NAG EA . 26.29 -10.82 48.71
C2 NAG EA . 27.43 -11.82 48.96
C3 NAG EA . 28.35 -11.35 50.08
C4 NAG EA . 28.83 -9.93 49.79
C5 NAG EA . 27.64 -9.02 49.54
C6 NAG EA . 28.05 -7.61 49.15
C7 NAG EA . 26.20 -13.71 50.16
C8 NAG EA . 25.70 -12.76 51.22
N2 NAG EA . 26.96 -13.20 49.17
O3 NAG EA . 29.44 -12.25 50.20
O4 NAG EA . 29.60 -9.44 50.89
O5 NAG EA . 26.85 -9.53 48.46
O6 NAG EA . 29.19 -7.63 48.31
O7 NAG EA . 25.90 -14.89 50.19
C1 NAG FA . 22.69 13.48 53.41
C2 NAG FA . 23.31 14.70 54.09
C3 NAG FA . 24.69 14.34 54.65
C4 NAG FA . 24.63 13.08 55.51
C5 NAG FA . 23.90 11.95 54.79
C6 NAG FA . 23.68 10.74 55.65
C7 NAG FA . 23.02 17.06 53.45
C8 NAG FA . 22.45 17.27 54.83
N2 NAG FA . 23.41 15.81 53.16
O3 NAG FA . 25.17 15.44 55.42
O4 NAG FA . 25.95 12.66 55.83
O5 NAG FA . 22.61 12.40 54.35
O6 NAG FA . 22.80 11.02 56.73
O7 NAG FA . 23.13 17.97 52.65
C1 NAG GA . -11.24 29.33 39.19
C2 NAG GA . -11.24 30.70 38.50
C3 NAG GA . -12.08 31.71 39.28
C4 NAG GA . -13.47 31.15 39.54
C5 NAG GA . -13.36 29.80 40.25
C6 NAG GA . -14.70 29.14 40.46
C7 NAG GA . -9.06 31.58 39.29
C8 NAG GA . -7.72 32.09 38.87
N2 NAG GA . -9.89 31.21 38.29
O3 NAG GA . -12.20 32.91 38.53
O4 NAG GA . -14.22 32.05 40.37
O5 NAG GA . -12.59 28.90 39.43
O6 NAG GA . -15.63 29.52 39.45
O7 NAG GA . -9.38 31.49 40.47
C1 NAG HA . -1.17 38.03 54.64
C2 NAG HA . -2.29 37.42 55.46
C3 NAG HA . -3.64 37.94 54.98
C4 NAG HA . -3.66 39.45 55.02
C5 NAG HA . -2.47 40.03 54.23
C6 NAG HA . -2.35 41.52 54.35
C7 NAG HA . -1.71 35.23 56.39
C8 NAG HA . -1.75 33.74 56.19
N2 NAG HA . -2.25 35.97 55.43
O3 NAG HA . -4.66 37.41 55.83
O4 NAG HA . -4.88 39.95 54.48
O5 NAG HA . -1.25 39.46 54.72
O6 NAG HA . -3.09 42.21 53.35
O7 NAG HA . -1.20 35.73 57.38
C1 NAG IA . -13.89 37.45 -25.56
C2 NAG IA . -13.23 38.79 -25.87
C3 NAG IA . -13.50 39.19 -27.31
C4 NAG IA . -13.11 38.06 -28.26
C5 NAG IA . -13.78 36.76 -27.85
C6 NAG IA . -13.35 35.58 -28.69
C7 NAG IA . -12.92 40.40 -24.04
C8 NAG IA . -13.57 41.42 -23.17
N2 NAG IA . -13.69 39.82 -24.96
O3 NAG IA . -12.79 40.38 -27.64
O4 NAG IA . -13.51 38.38 -29.60
O5 NAG IA . -13.43 36.45 -26.49
O6 NAG IA . -13.09 35.98 -30.04
O7 NAG IA . -11.73 40.11 -23.92
C1 NAG JA . -47.35 25.71 -12.16
C2 NAG JA . -48.80 25.27 -12.01
C3 NAG JA . -48.85 23.92 -11.32
C4 NAG JA . -48.02 22.91 -12.10
C5 NAG JA . -46.60 23.42 -12.33
C6 NAG JA . -45.82 22.54 -13.26
C7 NAG JA . -50.93 26.29 -11.42
C8 NAG JA . -51.64 27.33 -10.61
N2 NAG JA . -49.60 26.24 -11.29
O3 NAG JA . -50.20 23.47 -11.24
O4 NAG JA . -47.95 21.68 -11.38
O5 NAG JA . -46.62 24.74 -12.92
O6 NAG JA . -46.37 21.22 -13.30
O7 NAG JA . -51.54 25.52 -12.16
C1 NAG KA . -38.80 4.49 -19.10
C2 NAG KA . -38.96 3.11 -18.48
C3 NAG KA . -38.97 2.05 -19.57
C4 NAG KA . -40.02 2.36 -20.62
C5 NAG KA . -39.87 3.80 -21.12
C6 NAG KA . -41.00 4.22 -22.02
C7 NAG KA . -38.03 2.00 -16.50
C8 NAG KA . -36.82 1.84 -15.62
N2 NAG KA . -37.89 2.84 -17.52
O3 NAG KA . -39.26 0.78 -18.98
O4 NAG KA . -39.89 1.47 -21.72
O5 NAG KA . -39.86 4.71 -20.02
O6 NAG KA . -42.10 4.74 -21.27
O7 NAG KA . -39.07 1.39 -16.29
C1 NAG LA . -21.85 10.07 -17.71
C2 NAG LA . -22.07 8.69 -17.06
C3 NAG LA . -20.80 7.84 -17.16
C4 NAG LA . -20.29 7.78 -18.59
C5 NAG LA . -20.06 9.20 -19.08
C6 NAG LA . -19.57 9.27 -20.51
C7 NAG LA . -23.09 7.88 -14.98
C8 NAG LA . -23.41 8.20 -13.56
N2 NAG LA . -22.47 8.84 -15.68
O3 NAG LA . -21.09 6.52 -16.70
O4 NAG LA . -19.07 7.06 -18.66
O5 NAG LA . -21.31 9.92 -19.04
O6 NAG LA . -18.15 9.22 -20.57
O7 NAG LA . -23.36 6.80 -15.48
C1 NAG MA . -22.76 42.51 11.56
C2 NAG MA . -23.05 42.65 13.07
C3 NAG MA . -23.12 44.12 13.49
C4 NAG MA . -21.90 44.89 12.99
C5 NAG MA . -21.75 44.67 11.49
C6 NAG MA . -20.52 45.33 10.92
C7 NAG MA . -25.53 42.07 13.16
C8 NAG MA . -25.86 43.16 12.15
N2 NAG MA . -24.24 41.91 13.51
O3 NAG MA . -23.18 44.19 14.91
O4 NAG MA . -22.05 46.28 13.25
O5 NAG MA . -21.62 43.27 11.22
O6 NAG MA . -19.47 44.40 10.74
O7 NAG MA . -26.41 41.36 13.64
C1 NAG NA . -0.12 54.32 4.95
C2 NAG NA . 0.88 55.42 4.73
C3 NAG NA . 0.66 56.54 5.74
C4 NAG NA . -0.79 57.00 5.71
C5 NAG NA . -1.74 55.82 5.84
C6 NAG NA . -3.19 56.20 5.64
C7 NAG NA . 3.11 55.07 3.80
C8 NAG NA . 4.49 54.49 4.03
N2 NAG NA . 2.23 54.92 4.79
O3 NAG NA . 1.53 57.62 5.44
O4 NAG NA . -1.02 57.91 6.79
O5 NAG NA . -1.44 54.83 4.84
O6 NAG NA . -3.69 55.75 4.38
O7 NAG NA . 2.83 55.65 2.76
C1 NAG OA . 21.52 35.76 -23.56
C2 NAG OA . 22.91 36.16 -23.08
C3 NAG OA . 23.56 37.08 -24.10
C4 NAG OA . 23.58 36.43 -25.47
C5 NAG OA . 22.18 35.99 -25.86
C6 NAG OA . 22.14 35.20 -27.15
C7 NAG OA . 23.92 36.94 -20.98
C8 NAG OA . 23.67 37.60 -19.67
N2 NAG OA . 22.85 36.79 -21.78
O3 NAG OA . 24.89 37.40 -23.70
O4 NAG OA . 24.06 37.35 -26.43
O5 NAG OA . 21.61 35.14 -24.85
O6 NAG OA . 23.19 34.23 -27.18
O7 NAG OA . 25.04 36.56 -21.32
C1 NAG PA . 24.49 56.42 -18.85
C2 NAG PA . 23.61 56.57 -20.09
C3 NAG PA . 24.25 55.91 -21.30
C4 NAG PA . 25.68 56.41 -21.49
C5 NAG PA . 26.46 56.21 -20.20
C6 NAG PA . 27.87 56.72 -20.28
C7 NAG PA . 21.16 56.71 -19.98
C8 NAG PA . 19.89 55.96 -19.69
N2 NAG PA . 22.29 56.01 -19.85
O3 NAG PA . 23.48 56.20 -22.47
O4 NAG PA . 26.32 55.71 -22.55
O5 NAG PA . 25.81 56.91 -19.14
O6 NAG PA . 28.74 55.77 -20.89
O7 NAG PA . 21.15 57.88 -20.31
C1 NAG QA . 56.37 69.28 5.62
C2 NAG QA . 57.83 69.24 6.07
C3 NAG QA . 58.59 70.42 5.45
C4 NAG QA . 58.36 70.50 3.96
C5 NAG QA . 56.87 70.48 3.66
C6 NAG QA . 56.54 70.48 2.19
C7 NAG QA . 57.78 68.17 8.28
C8 NAG QA . 57.87 68.39 9.75
N2 NAG QA . 57.91 69.26 7.52
O3 NAG QA . 59.98 70.25 5.71
O4 NAG QA . 58.91 71.69 3.43
O5 NAG QA . 56.29 69.29 4.21
O6 NAG QA . 55.48 71.37 1.90
O7 NAG QA . 57.61 67.06 7.80
C1 NAG RA . 52.27 -19.14 -6.87
C2 NAG RA . 53.70 -19.16 -6.31
C3 NAG RA . 54.21 -20.59 -6.21
C4 NAG RA . 53.25 -21.48 -5.46
C5 NAG RA . 51.85 -21.37 -6.05
C6 NAG RA . 50.81 -22.11 -5.24
C7 NAG RA . 55.56 -17.59 -6.62
C8 NAG RA . 56.38 -16.83 -7.62
N2 NAG RA . 54.59 -18.36 -7.12
O3 NAG RA . 55.48 -20.60 -5.55
O4 NAG RA . 53.68 -22.83 -5.51
O5 NAG RA . 51.44 -20.00 -6.09
O6 NAG RA . 50.13 -23.09 -6.01
O7 NAG RA . 55.76 -17.51 -5.41
C1 NAG SA . 39.23 -21.53 -41.32
C2 NAG SA . 39.07 -21.85 -42.79
C3 NAG SA . 37.74 -21.32 -43.28
C4 NAG SA . 36.62 -21.93 -42.44
C5 NAG SA . 36.88 -21.82 -40.93
C6 NAG SA . 35.96 -22.69 -40.12
C7 NAG SA . 41.15 -22.05 -44.06
C8 NAG SA . 42.22 -21.35 -44.84
N2 NAG SA . 40.17 -21.30 -43.58
O3 NAG SA . 37.57 -21.67 -44.65
O4 NAG SA . 35.40 -21.25 -42.72
O5 NAG SA . 38.22 -22.21 -40.59
O6 NAG SA . 34.73 -22.93 -40.80
O7 NAG SA . 41.18 -23.28 -43.89
C1 NAG TA . 22.28 -33.05 -32.07
C2 NAG TA . 20.83 -33.03 -32.54
C3 NAG TA . 20.20 -34.41 -32.36
C4 NAG TA . 21.05 -35.48 -33.04
C5 NAG TA . 22.49 -35.39 -32.53
C6 NAG TA . 23.42 -36.36 -33.21
C7 NAG TA . 18.97 -31.44 -32.34
C8 NAG TA . 18.29 -30.43 -31.46
N2 NAG TA . 20.06 -32.03 -31.83
O3 NAG TA . 18.88 -34.42 -32.90
O4 NAG TA . 20.52 -36.76 -32.77
O5 NAG TA . 23.00 -34.08 -32.76
O6 NAG TA . 23.88 -35.84 -34.45
O7 NAG TA . 18.54 -31.72 -33.46
C1 NAG UA . 25.20 -23.71 -15.63
C2 NAG UA . 23.72 -23.46 -15.91
C3 NAG UA . 22.91 -23.49 -14.61
C4 NAG UA . 23.17 -24.80 -13.88
C5 NAG UA . 24.66 -24.97 -13.64
C6 NAG UA . 24.99 -26.30 -13.00
C7 NAG UA . 22.47 -21.89 -17.34
C8 NAG UA . 22.46 -20.52 -17.95
N2 NAG UA . 23.54 -22.18 -16.59
O3 NAG UA . 21.53 -23.38 -14.90
O4 NAG UA . 22.49 -24.79 -12.63
O5 NAG UA . 25.35 -24.93 -14.90
O6 NAG UA . 25.43 -26.15 -11.65
O7 NAG UA . 21.56 -22.69 -17.50
C1 NAG VA . 44.86 13.87 -26.49
C2 NAG VA . 46.36 13.69 -26.20
C3 NAG VA . 47.19 14.72 -26.96
C4 NAG VA . 46.86 14.63 -28.45
C5 NAG VA . 45.36 14.79 -28.66
C6 NAG VA . 44.95 14.61 -30.10
C7 NAG VA . 46.51 14.64 -23.85
C8 NAG VA . 45.92 15.94 -24.31
N2 NAG VA . 46.69 13.68 -24.77
O3 NAG VA . 48.58 14.49 -26.73
O4 NAG VA . 47.55 15.66 -29.16
O5 NAG VA . 44.65 13.80 -27.91
O6 NAG VA . 43.61 14.18 -30.21
O7 NAG VA . 46.83 14.47 -22.68
C1 NAG WA . 0.64 -41.48 9.53
C2 NAG WA . 2.07 -41.92 9.86
C3 NAG WA . 2.92 -42.01 8.59
C4 NAG WA . 2.25 -42.93 7.59
C5 NAG WA . 0.84 -42.44 7.29
C6 NAG WA . 0.06 -43.37 6.37
C7 NAG WA . 2.99 -39.75 10.64
C8 NAG WA . 3.64 -39.03 11.78
N2 NAG WA . 2.69 -41.04 10.84
O3 NAG WA . 4.21 -42.50 8.92
O4 NAG WA . 3.00 -42.98 6.38
O5 NAG WA . 0.08 -42.34 8.51
O6 NAG WA . 0.44 -44.72 6.57
O7 NAG WA . 2.73 -39.17 9.57
C1 NAG XA . 58.18 17.85 -1.74
C2 NAG XA . 57.93 18.96 -2.80
C3 NAG XA . 59.06 19.99 -2.76
C4 NAG XA . 59.27 20.51 -1.34
C5 NAG XA . 59.51 19.34 -0.39
C6 NAG XA . 59.62 19.79 1.05
C7 NAG XA . 58.77 17.77 -4.80
C8 NAG XA . 58.40 17.27 -6.16
N2 NAG XA . 57.80 18.40 -4.13
O3 NAG XA . 58.74 21.07 -3.63
O4 NAG XA . 60.40 21.40 -1.31
O5 NAG XA . 58.41 18.44 -0.47
O6 NAG XA . 58.35 19.70 1.70
O7 NAG XA . 59.89 17.59 -4.32
C1 NAG YA . 47.29 -7.03 27.16
C2 NAG YA . 48.43 -7.96 27.59
C3 NAG YA . 48.60 -7.93 29.10
C4 NAG YA . 48.75 -6.49 29.59
C5 NAG YA . 47.60 -5.64 29.07
C6 NAG YA . 47.74 -4.18 29.40
C7 NAG YA . 49.18 -10.11 26.67
C8 NAG YA . 48.78 -11.49 26.25
N2 NAG YA . 48.21 -9.33 27.14
O3 NAG YA . 49.72 -8.70 29.48
O4 NAG YA . 48.75 -6.45 31.00
O5 NAG YA . 47.55 -5.72 27.63
O6 NAG YA . 47.91 -3.41 28.23
O7 NAG YA . 50.33 -9.72 26.56
C1 NAG ZA . 66.00 5.09 26.66
C2 NAG ZA . 67.35 4.48 26.33
C3 NAG ZA . 67.36 3.02 26.74
C4 NAG ZA . 66.98 2.87 28.20
C5 NAG ZA . 65.68 3.62 28.51
C6 NAG ZA . 65.37 3.67 29.99
C7 NAG ZA . 68.82 5.12 24.46
C8 NAG ZA . 68.96 5.20 22.97
N2 NAG ZA . 67.66 4.64 24.92
O3 NAG ZA . 68.66 2.47 26.51
O4 NAG ZA . 66.80 1.49 28.53
O5 NAG ZA . 65.76 4.98 28.06
O6 NAG ZA . 66.58 3.69 30.76
O7 NAG ZA . 69.72 5.46 25.23
C1 NAG AB . 70.46 39.48 34.50
C2 NAG AB . 70.68 38.80 33.13
C3 NAG AB . 70.20 37.35 33.22
C4 NAG AB . 70.96 36.63 34.35
C5 NAG AB . 70.73 37.40 35.66
C6 NAG AB . 71.52 36.73 36.78
C7 NAG AB . 70.44 40.60 31.51
C8 NAG AB . 69.66 41.34 30.46
N2 NAG AB . 69.91 39.52 32.11
O3 NAG AB . 70.47 36.70 31.97
O4 NAG AB . 70.47 35.30 34.48
O5 NAG AB . 71.16 38.75 35.51
O6 NAG AB . 71.22 37.36 38.03
O7 NAG AB . 71.56 40.99 31.82
C1 NAG BB . 71.85 34.43 34.49
C2 NAG BB . 71.58 33.09 35.18
C3 NAG BB . 72.62 32.06 34.78
C4 NAG BB . 72.74 31.98 33.26
C5 NAG BB . 72.99 33.37 32.69
C6 NAG BB . 73.05 33.40 31.18
C7 NAG BB . 70.74 32.55 37.42
C8 NAG BB . 70.86 32.83 38.89
N2 NAG BB . 71.55 33.25 36.62
O3 NAG BB . 72.27 30.80 35.32
O4 NAG BB . 73.80 31.10 32.92
O5 NAG BB . 71.92 34.23 33.07
O6 NAG BB . 71.80 33.12 30.59
O7 NAG BB . 69.96 31.72 36.98
#